data_7TGM
#
_entry.id   7TGM
#
_cell.length_a   125.800
_cell.length_b   237.400
_cell.length_c   329.700
_cell.angle_alpha   90.000
_cell.angle_beta   90.000
_cell.angle_gamma   90.000
#
_symmetry.space_group_name_H-M   'C 2 2 21'
#
loop_
_entity.id
_entity.type
_entity.pdbx_description
1 polymer 'Desferrioxamine synthetase DesD'
2 non-polymer GLYCEROL
3 non-polymer '4-[(5-aminopentyl)(hydroxy)amino]-4-oxobutanoic acid'
4 non-polymer '[(2R,3S,4R,5R)-5-(6-AMINO-9H-PURIN-9-YL)-3,4-DIHYDROXYTETRAHYDRO-2-FURANYL]METHYL SULFAMATE'
5 non-polymer 'PHOSPHATE ION'
6 non-polymer 'MAGNESIUM ION'
7 non-polymer 'SULFATE ION'
8 water water
#
_entity_poly.entity_id   1
_entity_poly.type   'polypeptide(L)'
_entity_poly.pdbx_seq_one_letter_code
;MGSSHHHHHHSSGLVPRGSHMSLTDAVAHLSPERWEEANRLLVRKALAEFAHERLFTPEPADGQDGRYVVRSDDGLTSYR
FTAVRRALDHWQVDAGSITRTRDGAELPLAALDFFIELRHTLGLSDEILPVYLEEISSTLSGTCYKLTKPQVTAAGLLEG
GFQALESGMTEGHPCFVANNGRLGFGVDEYLAYAPETAHPVRLVWLAAHRSRAAFTAGAGIDYASFVRQELGEETVERFD
GVLRGRGLDPADYLLIPVHPWQWWNKLSVTFAAEVARQNLVCLGESDDEYLAQQSIRTFFNATHPEKHYVKTALSVLNMG
FMRGLSAAYMEATPAINDWLDRLIDNDPVLKSTGLSIIRERAAVGYRHLEYEAATDRYSPYRKMLAALWRESPVPALRDG
ESLTTMAALVHVDHEGRSVAGELIARSGLAPTAWLRHYLRAYYTPLLHSFYAYDLAFMPHGENTILVLKDGVVQRAVYKD
IAEEIVVMDPDAVLPPEVRRVRAEVPEDMKLLSIFTDVFDCFFRFLAAGLATEEVLAEDDFWRTVAEVTREYQEAHPELD
DRFRQYDLFAPEFALSCLNRLQLRDNRQMVDLADPSAALQLVGTLRNPLAGL
;
_entity_poly.pdbx_strand_id   A,B,C,E,D
#
# COMPACT_ATOMS: atom_id res chain seq x y z
N HIS A 20 -11.24 40.96 -10.09
CA HIS A 20 -12.59 41.30 -9.64
C HIS A 20 -12.56 42.11 -8.35
N MET A 21 -11.81 41.64 -7.35
CA MET A 21 -11.76 42.31 -6.05
C MET A 21 -10.32 42.48 -5.59
N SER A 22 -10.21 43.03 -4.38
CA SER A 22 -8.96 43.42 -3.77
C SER A 22 -8.09 42.23 -3.38
N LEU A 23 -6.77 42.42 -3.45
CA LEU A 23 -5.85 41.47 -2.87
C LEU A 23 -6.16 41.21 -1.40
N THR A 24 -6.32 42.28 -0.60
CA THR A 24 -6.51 42.06 0.83
C THR A 24 -7.93 41.59 1.14
N ASP A 25 -8.92 42.04 0.39
CA ASP A 25 -10.27 41.53 0.62
C ASP A 25 -10.36 40.03 0.36
N ALA A 26 -9.63 39.51 -0.62
CA ALA A 26 -9.82 38.12 -1.03
C ALA A 26 -9.34 37.15 0.06
N VAL A 27 -8.40 37.57 0.90
CA VAL A 27 -7.91 36.72 1.98
C VAL A 27 -8.34 37.27 3.34
N ALA A 28 -9.33 38.16 3.36
CA ALA A 28 -9.77 38.72 4.63
C ALA A 28 -10.36 37.65 5.55
N HIS A 29 -10.93 36.58 4.98
CA HIS A 29 -11.50 35.55 5.84
C HIS A 29 -10.44 34.77 6.59
N LEU A 30 -9.18 34.81 6.15
CA LEU A 30 -8.11 34.07 6.81
C LEU A 30 -7.53 34.97 7.90
N SER A 31 -7.99 34.78 9.13
CA SER A 31 -7.59 35.58 10.28
C SER A 31 -7.17 34.61 11.37
N PRO A 32 -6.36 35.06 12.34
CA PRO A 32 -5.91 34.13 13.38
C PRO A 32 -7.05 33.47 14.14
N GLU A 33 -8.10 34.23 14.46
CA GLU A 33 -9.18 33.68 15.29
C GLU A 33 -9.95 32.60 14.54
N ARG A 34 -10.37 32.90 13.31
CA ARG A 34 -11.10 31.92 12.50
C ARG A 34 -10.24 30.73 12.15
N TRP A 35 -8.94 30.94 11.88
CA TRP A 35 -8.06 29.81 11.64
C TRP A 35 -7.96 28.91 12.87
N GLU A 36 -7.83 29.50 14.06
CA GLU A 36 -7.78 28.70 15.27
C GLU A 36 -9.06 27.88 15.46
N GLU A 37 -10.21 28.53 15.26
CA GLU A 37 -11.48 27.82 15.41
C GLU A 37 -11.58 26.68 14.39
N ALA A 38 -11.24 26.97 13.12
CA ALA A 38 -11.32 25.96 12.09
C ALA A 38 -10.45 24.76 12.42
N ASN A 39 -9.27 24.99 13.02
CA ASN A 39 -8.34 23.90 13.29
C ASN A 39 -8.85 23.02 14.42
N ARG A 40 -9.46 23.62 15.44
CA ARG A 40 -10.08 22.84 16.51
C ARG A 40 -11.20 21.96 15.97
N LEU A 41 -12.06 22.54 15.13
CA LEU A 41 -13.15 21.77 14.51
C LEU A 41 -12.61 20.63 13.64
N LEU A 42 -11.54 20.86 12.86
CA LEU A 42 -11.06 19.79 11.99
C LEU A 42 -10.36 18.69 12.78
N VAL A 43 -9.53 19.05 13.77
CA VAL A 43 -8.94 18.05 14.64
C VAL A 43 -10.01 17.25 15.37
N ARG A 44 -11.05 17.94 15.88
CA ARG A 44 -12.15 17.25 16.52
C ARG A 44 -12.69 16.14 15.62
N LYS A 45 -12.98 16.47 14.38
CA LYS A 45 -13.50 15.50 13.43
C LYS A 45 -12.48 14.42 13.10
N ALA A 46 -11.20 14.78 13.03
CA ALA A 46 -10.17 13.79 12.73
C ALA A 46 -10.07 12.77 13.87
N LEU A 47 -10.07 13.24 15.11
CA LEU A 47 -10.10 12.33 16.26
C LEU A 47 -11.33 11.43 16.21
N ALA A 48 -12.51 12.04 15.98
CA ALA A 48 -13.75 11.26 15.94
C ALA A 48 -13.74 10.22 14.83
N GLU A 49 -13.45 10.63 13.60
CA GLU A 49 -13.68 9.71 12.50
C GLU A 49 -12.52 8.72 12.34
N PHE A 50 -11.30 9.09 12.68
CA PHE A 50 -10.22 8.12 12.65
C PHE A 50 -10.34 7.12 13.80
N ALA A 51 -10.88 7.53 14.96
CA ALA A 51 -11.14 6.52 15.98
C ALA A 51 -12.20 5.53 15.51
N HIS A 52 -13.25 6.04 14.85
CA HIS A 52 -14.28 5.18 14.29
C HIS A 52 -13.71 4.17 13.31
N GLU A 53 -12.75 4.57 12.48
CA GLU A 53 -12.16 3.66 11.50
C GLU A 53 -11.00 2.87 12.08
N ARG A 54 -10.72 3.02 13.38
CA ARG A 54 -9.69 2.26 14.09
C ARG A 54 -8.28 2.52 13.54
N LEU A 55 -8.09 3.71 12.95
CA LEU A 55 -6.73 4.14 12.63
C LEU A 55 -5.92 4.36 13.90
N PHE A 56 -6.58 4.85 14.96
CA PHE A 56 -5.99 4.78 16.28
C PHE A 56 -7.10 4.42 17.27
N THR A 57 -6.68 3.94 18.43
CA THR A 57 -7.61 3.47 19.45
C THR A 57 -7.40 4.33 20.70
N PRO A 58 -8.27 5.30 20.94
CA PRO A 58 -8.05 6.22 22.07
C PRO A 58 -8.09 5.48 23.39
N GLU A 59 -7.07 5.73 24.24
CA GLU A 59 -6.97 5.15 25.56
C GLU A 59 -7.41 6.15 26.63
N PRO A 60 -8.09 5.71 27.70
CA PRO A 60 -8.43 6.64 28.79
C PRO A 60 -7.19 7.11 29.51
N ALA A 61 -7.14 8.40 29.77
CA ALA A 61 -5.92 9.06 30.25
C ALA A 61 -6.02 9.28 31.75
N ASP A 62 -5.06 8.73 32.49
CA ASP A 62 -4.99 8.83 33.94
C ASP A 62 -6.23 8.23 34.62
N GLY A 63 -7.09 7.56 33.86
CA GLY A 63 -8.27 6.94 34.40
C GLY A 63 -9.53 7.79 34.43
N GLN A 64 -9.39 9.12 34.33
CA GLN A 64 -10.55 10.02 34.41
C GLN A 64 -11.61 9.64 33.41
N ASP A 65 -12.79 9.29 33.93
CA ASP A 65 -13.89 8.87 33.09
C ASP A 65 -14.17 9.93 32.03
N GLY A 66 -14.31 9.48 30.77
CA GLY A 66 -14.55 10.36 29.66
C GLY A 66 -13.29 10.88 28.98
N ARG A 67 -12.20 11.07 29.74
CA ARG A 67 -10.95 11.63 29.21
C ARG A 67 -10.18 10.54 28.46
N TYR A 68 -9.95 10.74 27.16
CA TYR A 68 -9.19 9.80 26.34
C TYR A 68 -7.92 10.47 25.83
N VAL A 69 -6.97 9.66 25.37
CA VAL A 69 -5.73 10.19 24.80
C VAL A 69 -5.39 9.47 23.51
N VAL A 70 -4.90 10.23 22.53
CA VAL A 70 -4.34 9.74 21.28
C VAL A 70 -2.98 10.39 21.11
N ARG A 71 -1.96 9.59 20.82
CA ARG A 71 -0.58 10.06 20.78
C ARG A 71 -0.06 10.09 19.34
N SER A 72 1.02 10.85 19.13
CA SER A 72 1.65 10.89 17.82
C SER A 72 2.39 9.59 17.51
N ASP A 73 2.86 9.48 16.26
CA ASP A 73 3.63 8.31 15.82
C ASP A 73 4.73 7.93 16.81
N ASP A 74 5.50 8.90 17.28
CA ASP A 74 6.59 8.59 18.18
C ASP A 74 6.16 8.48 19.64
N GLY A 75 4.92 8.86 19.97
CA GLY A 75 4.44 8.81 21.34
C GLY A 75 4.79 10.00 22.21
N LEU A 76 5.58 10.96 21.72
CA LEU A 76 5.99 12.08 22.54
C LEU A 76 4.94 13.19 22.63
N THR A 77 3.98 13.22 21.71
CA THR A 77 2.93 14.22 21.70
C THR A 77 1.60 13.57 22.09
N SER A 78 0.83 14.27 22.92
CA SER A 78 -0.45 13.72 23.36
C SER A 78 -1.58 14.64 22.92
N TYR A 79 -2.62 14.05 22.34
CA TYR A 79 -3.90 14.72 22.12
C TYR A 79 -4.89 14.15 23.13
N ARG A 80 -5.25 14.96 24.13
CA ARG A 80 -6.22 14.58 25.14
C ARG A 80 -7.53 15.28 24.83
N PHE A 81 -8.63 14.58 25.11
CA PHE A 81 -9.96 15.08 24.79
C PHE A 81 -10.98 14.24 25.54
N THR A 82 -12.20 14.78 25.67
CA THR A 82 -13.32 14.02 26.18
C THR A 82 -14.29 13.71 25.05
N ALA A 83 -15.00 12.60 25.20
CA ALA A 83 -15.93 12.15 24.17
C ALA A 83 -17.05 11.35 24.81
N VAL A 84 -18.22 11.46 24.21
CA VAL A 84 -19.36 10.61 24.50
C VAL A 84 -19.42 9.55 23.41
N ARG A 85 -19.49 8.28 23.80
CA ARG A 85 -19.50 7.21 22.81
C ARG A 85 -20.94 6.75 22.57
N ARG A 86 -21.23 6.44 21.31
CA ARG A 86 -22.58 6.12 20.91
C ARG A 86 -22.56 4.99 19.89
N ALA A 87 -23.75 4.64 19.42
CA ALA A 87 -23.93 3.45 18.60
C ALA A 87 -23.08 3.51 17.34
N LEU A 88 -22.70 2.33 16.85
CA LEU A 88 -21.88 2.17 15.65
C LEU A 88 -20.49 2.77 15.85
N ASP A 89 -19.91 2.57 17.03
CA ASP A 89 -18.58 3.08 17.36
C ASP A 89 -18.44 4.53 16.95
N HIS A 90 -19.41 5.34 17.37
CA HIS A 90 -19.42 6.76 17.07
C HIS A 90 -18.80 7.50 18.23
N TRP A 91 -17.89 8.45 17.91
CA TRP A 91 -17.16 9.22 18.90
C TRP A 91 -17.59 10.67 18.82
N GLN A 92 -18.35 11.12 19.82
CA GLN A 92 -18.76 12.52 19.93
C GLN A 92 -17.68 13.25 20.71
N VAL A 93 -16.61 13.60 20.01
CA VAL A 93 -15.49 14.32 20.61
C VAL A 93 -15.90 15.77 20.83
N ASP A 94 -15.65 16.26 22.04
CA ASP A 94 -15.92 17.66 22.36
C ASP A 94 -14.78 18.56 21.85
N ALA A 95 -15.12 19.51 20.97
CA ALA A 95 -14.10 20.37 20.37
C ALA A 95 -13.39 21.22 21.43
N GLY A 96 -14.13 21.79 22.38
CA GLY A 96 -13.49 22.59 23.41
C GLY A 96 -12.54 21.82 24.30
N SER A 97 -12.67 20.49 24.38
CA SER A 97 -11.86 19.73 25.33
C SER A 97 -10.46 19.43 24.81
N ILE A 98 -10.20 19.56 23.50
CA ILE A 98 -8.96 19.02 22.94
C ILE A 98 -7.77 19.84 23.44
N THR A 99 -6.73 19.15 23.90
CA THR A 99 -5.43 19.76 24.16
C THR A 99 -4.34 18.96 23.46
N ARG A 100 -3.21 19.61 23.23
CA ARG A 100 -2.05 19.02 22.58
C ARG A 100 -0.85 19.24 23.49
N THR A 101 -0.14 18.17 23.82
CA THR A 101 0.92 18.25 24.81
C THR A 101 2.13 17.46 24.36
N ARG A 102 3.29 18.10 24.42
CA ARG A 102 4.56 17.46 24.09
C ARG A 102 5.60 18.05 25.02
N ASP A 103 6.52 17.19 25.48
CA ASP A 103 7.62 17.59 26.35
C ASP A 103 7.14 18.28 27.62
N GLY A 104 5.89 18.07 28.02
CA GLY A 104 5.36 18.67 29.22
C GLY A 104 4.65 20.00 29.04
N ALA A 105 4.66 20.59 27.84
CA ALA A 105 4.05 21.91 27.61
C ALA A 105 2.90 21.83 26.61
N GLU A 106 1.92 22.71 26.78
CA GLU A 106 0.81 22.73 25.83
C GLU A 106 1.26 23.38 24.53
N LEU A 107 0.73 22.86 23.43
CA LEU A 107 1.04 23.29 22.08
C LEU A 107 -0.23 23.76 21.40
N PRO A 108 -0.14 24.58 20.38
CA PRO A 108 -1.35 24.97 19.65
C PRO A 108 -1.91 23.81 18.82
N LEU A 109 -3.24 23.76 18.73
CA LEU A 109 -3.91 22.82 17.84
C LEU A 109 -3.70 23.23 16.39
N ALA A 110 -2.89 22.47 15.67
CA ALA A 110 -2.62 22.73 14.26
C ALA A 110 -2.91 21.47 13.47
N ALA A 111 -3.88 21.52 12.56
CA ALA A 111 -4.23 20.34 11.78
C ALA A 111 -3.05 19.82 10.97
N LEU A 112 -2.24 20.72 10.39
CA LEU A 112 -1.07 20.30 9.61
C LEU A 112 -0.08 19.49 10.45
N ASP A 113 0.30 20.01 11.63
CA ASP A 113 1.23 19.25 12.47
C ASP A 113 0.62 17.92 12.91
N PHE A 114 -0.70 17.89 13.09
CA PHE A 114 -1.38 16.66 13.48
C PHE A 114 -1.16 15.56 12.45
N PHE A 115 -1.42 15.86 11.18
CA PHE A 115 -1.23 14.88 10.12
C PHE A 115 0.25 14.53 9.94
N ILE A 116 1.15 15.50 10.06
CA ILE A 116 2.57 15.16 9.96
C ILE A 116 2.98 14.25 11.13
N GLU A 117 2.58 14.60 12.36
CA GLU A 117 2.89 13.80 13.54
C GLU A 117 2.32 12.39 13.45
N LEU A 118 1.23 12.20 12.70
CA LEU A 118 0.57 10.89 12.61
C LEU A 118 0.70 10.28 11.23
N ARG A 119 1.64 10.74 10.41
CA ARG A 119 1.71 10.33 9.00
C ARG A 119 1.80 8.81 8.85
N HIS A 120 2.60 8.14 9.68
CA HIS A 120 2.71 6.69 9.54
C HIS A 120 1.48 5.98 10.09
N THR A 121 0.94 6.44 11.23
CA THR A 121 -0.26 5.86 11.82
C THR A 121 -1.43 5.91 10.85
N LEU A 122 -1.55 7.01 10.11
CA LEU A 122 -2.61 7.19 9.13
C LEU A 122 -2.25 6.62 7.77
N GLY A 123 -1.02 6.19 7.57
CA GLY A 123 -0.66 5.59 6.30
C GLY A 123 -0.56 6.60 5.16
N LEU A 124 -0.08 7.80 5.45
CA LEU A 124 0.14 8.81 4.44
C LEU A 124 1.55 8.64 3.87
N SER A 125 1.64 8.13 2.65
CA SER A 125 2.94 8.00 1.99
C SER A 125 3.57 9.38 1.78
N ASP A 126 4.89 9.37 1.54
CA ASP A 126 5.59 10.60 1.23
C ASP A 126 5.04 11.26 -0.04
N GLU A 127 4.49 10.46 -0.95
CA GLU A 127 3.94 11.00 -2.20
C GLU A 127 2.62 11.73 -1.98
N ILE A 128 1.78 11.27 -1.06
CA ILE A 128 0.44 11.79 -0.89
C ILE A 128 0.40 12.88 0.18
N LEU A 129 1.24 12.75 1.22
CA LEU A 129 1.14 13.69 2.36
C LEU A 129 1.11 15.15 1.95
N PRO A 130 2.01 15.67 1.10
CA PRO A 130 2.00 17.12 0.83
C PRO A 130 0.76 17.57 0.10
N VAL A 131 0.20 16.73 -0.77
CA VAL A 131 -1.05 17.08 -1.43
C VAL A 131 -2.21 17.03 -0.45
N TYR A 132 -2.24 15.98 0.38
CA TYR A 132 -3.26 15.87 1.43
C TYR A 132 -3.23 17.09 2.35
N LEU A 133 -2.04 17.58 2.68
CA LEU A 133 -1.94 18.80 3.47
C LEU A 133 -2.58 19.98 2.75
N GLU A 134 -2.33 20.10 1.44
CA GLU A 134 -3.04 21.11 0.66
C GLU A 134 -4.56 20.97 0.77
N GLU A 135 -5.07 19.73 0.71
CA GLU A 135 -6.51 19.53 0.82
C GLU A 135 -7.01 19.93 2.20
N ILE A 136 -6.26 19.61 3.26
CA ILE A 136 -6.58 20.07 4.60
C ILE A 136 -6.55 21.61 4.67
N SER A 137 -5.49 22.23 4.16
CA SER A 137 -5.39 23.70 4.22
C SER A 137 -6.56 24.36 3.53
N SER A 138 -6.97 23.79 2.40
CA SER A 138 -8.07 24.38 1.65
C SER A 138 -9.39 24.15 2.38
N THR A 139 -9.60 22.97 2.94
CA THR A 139 -10.80 22.74 3.75
C THR A 139 -10.87 23.70 4.95
N LEU A 140 -9.73 23.96 5.60
CA LEU A 140 -9.69 24.93 6.69
C LEU A 140 -10.01 26.34 6.19
N SER A 141 -9.50 26.71 5.01
CA SER A 141 -9.80 28.03 4.48
C SER A 141 -11.29 28.19 4.21
N GLY A 142 -11.93 27.11 3.77
CA GLY A 142 -13.36 27.15 3.56
C GLY A 142 -14.13 27.34 4.84
N THR A 143 -13.73 26.61 5.89
CA THR A 143 -14.31 26.84 7.22
C THR A 143 -14.09 28.28 7.66
N CYS A 144 -12.92 28.86 7.37
CA CYS A 144 -12.70 30.26 7.73
C CYS A 144 -13.66 31.17 6.99
N TYR A 145 -13.90 30.92 5.70
CA TYR A 145 -14.87 31.73 4.96
C TYR A 145 -16.26 31.56 5.56
N LYS A 146 -16.67 30.31 5.82
CA LYS A 146 -18.00 30.06 6.35
C LYS A 146 -18.19 30.70 7.72
N LEU A 147 -17.10 30.85 8.49
CA LEU A 147 -17.19 31.51 9.78
C LEU A 147 -17.40 33.03 9.66
N THR A 148 -17.16 33.63 8.48
CA THR A 148 -17.47 35.05 8.34
C THR A 148 -18.93 35.29 7.95
N LYS A 149 -19.65 34.28 7.51
CA LYS A 149 -21.02 34.48 7.03
C LYS A 149 -21.95 34.87 8.18
N PRO A 150 -23.01 35.64 7.89
CA PRO A 150 -24.05 35.86 8.90
C PRO A 150 -24.54 34.54 9.46
N GLN A 151 -24.65 34.46 10.78
CA GLN A 151 -25.15 33.25 11.42
C GLN A 151 -26.64 33.09 11.15
N VAL A 152 -27.04 31.89 10.76
CA VAL A 152 -28.45 31.61 10.50
C VAL A 152 -28.87 30.42 11.33
N THR A 153 -30.05 30.49 11.92
CA THR A 153 -30.56 29.36 12.68
C THR A 153 -31.23 28.36 11.74
N ALA A 154 -31.47 27.16 12.28
CA ALA A 154 -32.22 26.15 11.54
C ALA A 154 -33.57 26.68 11.06
N ALA A 155 -34.28 27.41 11.93
CA ALA A 155 -35.50 28.10 11.49
C ALA A 155 -35.18 29.10 10.39
N GLY A 156 -34.08 29.84 10.54
CA GLY A 156 -33.72 30.81 9.52
C GLY A 156 -33.43 30.18 8.18
N LEU A 157 -32.74 29.04 8.18
CA LEU A 157 -32.46 28.38 6.91
C LEU A 157 -33.75 27.91 6.24
N LEU A 158 -34.63 27.27 7.01
CA LEU A 158 -35.91 26.84 6.45
C LEU A 158 -36.68 28.03 5.89
N GLU A 159 -36.66 29.17 6.57
CA GLU A 159 -37.38 30.33 6.06
C GLU A 159 -36.72 30.88 4.80
N GLY A 160 -35.40 30.72 4.66
CA GLY A 160 -34.74 31.22 3.48
C GLY A 160 -35.02 30.38 2.25
N GLY A 161 -35.27 29.10 2.43
CA GLY A 161 -35.69 28.25 1.33
C GLY A 161 -34.61 27.33 0.83
N PHE A 162 -34.89 26.78 -0.37
CA PHE A 162 -34.11 25.69 -0.93
C PHE A 162 -32.63 26.06 -1.08
N GLN A 163 -32.34 27.20 -1.71
CA GLN A 163 -30.94 27.56 -1.96
C GLN A 163 -30.26 28.14 -0.72
N ALA A 164 -31.03 28.73 0.21
CA ALA A 164 -30.43 29.16 1.47
C ALA A 164 -29.95 27.95 2.27
N LEU A 165 -30.68 26.83 2.17
CA LEU A 165 -30.27 25.59 2.81
C LEU A 165 -29.06 24.97 2.10
N GLU A 166 -29.06 25.00 0.77
CA GLU A 166 -27.96 24.42 0.00
C GLU A 166 -26.65 25.10 0.31
N SER A 167 -26.63 26.45 0.22
CA SER A 167 -25.42 27.22 0.46
C SER A 167 -25.16 27.45 1.94
N GLY A 168 -26.12 27.15 2.80
CA GLY A 168 -25.93 27.28 4.24
C GLY A 168 -25.32 26.07 4.91
N MET A 169 -25.18 24.97 4.18
CA MET A 169 -24.54 23.78 4.72
C MET A 169 -23.09 24.08 5.07
N THR A 170 -22.57 23.44 6.11
CA THR A 170 -21.20 23.78 6.50
C THR A 170 -20.30 22.57 6.62
N GLU A 171 -20.86 21.40 6.97
CA GLU A 171 -20.00 20.27 7.26
C GLU A 171 -19.42 19.64 5.99
N GLY A 172 -20.23 19.52 4.94
CA GLY A 172 -19.87 18.63 3.86
C GLY A 172 -20.09 17.20 4.29
N HIS A 173 -19.47 16.27 3.58
CA HIS A 173 -19.60 14.86 3.89
C HIS A 173 -19.23 14.65 5.36
N PRO A 174 -20.05 13.93 6.13
CA PRO A 174 -19.80 13.85 7.59
C PRO A 174 -18.71 12.88 8.00
N CYS A 175 -18.26 11.99 7.12
CA CYS A 175 -17.19 11.09 7.48
C CYS A 175 -15.81 11.62 7.11
N PHE A 176 -15.69 12.17 5.89
CA PHE A 176 -14.39 12.50 5.31
C PHE A 176 -13.83 13.75 5.96
N VAL A 177 -12.58 13.65 6.42
CA VAL A 177 -11.94 14.79 7.08
C VAL A 177 -11.50 15.82 6.05
N ALA A 178 -10.82 15.37 4.99
CA ALA A 178 -10.41 16.31 3.94
C ALA A 178 -11.49 16.33 2.86
N ASN A 179 -12.64 16.87 3.23
CA ASN A 179 -13.80 16.74 2.35
C ASN A 179 -14.04 17.95 1.45
N ASN A 180 -13.47 19.12 1.75
CA ASN A 180 -13.79 20.34 0.99
C ASN A 180 -12.53 20.97 0.39
N GLY A 181 -11.72 20.14 -0.29
CA GLY A 181 -10.45 20.61 -0.82
C GLY A 181 -10.62 21.50 -2.04
N ARG A 182 -11.38 21.03 -3.04
CA ARG A 182 -11.54 21.77 -4.29
C ARG A 182 -10.18 22.19 -4.87
N LEU A 183 -9.18 21.31 -4.77
CA LEU A 183 -7.82 21.67 -5.17
C LEU A 183 -7.76 22.02 -6.65
N GLY A 184 -7.28 23.23 -6.94
CA GLY A 184 -7.32 23.80 -8.26
C GLY A 184 -7.96 25.18 -8.26
N PHE A 185 -8.76 25.48 -7.24
CA PHE A 185 -9.29 26.82 -7.07
C PHE A 185 -8.21 27.70 -6.47
N GLY A 186 -7.87 28.82 -7.13
CA GLY A 186 -7.20 29.88 -6.41
C GLY A 186 -8.17 30.57 -5.47
N VAL A 187 -7.65 31.46 -4.62
CA VAL A 187 -8.55 32.09 -3.65
C VAL A 187 -9.63 32.89 -4.38
N ASP A 188 -9.31 33.55 -5.50
CA ASP A 188 -10.37 34.28 -6.18
C ASP A 188 -11.41 33.33 -6.77
N GLU A 189 -10.95 32.19 -7.30
CA GLU A 189 -11.88 31.23 -7.88
C GLU A 189 -12.68 30.53 -6.79
N TYR A 190 -12.09 30.34 -5.61
CA TYR A 190 -12.86 29.87 -4.47
C TYR A 190 -14.05 30.81 -4.20
N LEU A 191 -13.78 32.12 -4.11
CA LEU A 191 -14.83 33.09 -3.80
C LEU A 191 -15.86 33.14 -4.92
N ALA A 192 -15.44 32.97 -6.17
CA ALA A 192 -16.40 32.98 -7.26
C ALA A 192 -17.26 31.72 -7.24
N TYR A 193 -16.67 30.55 -7.03
CA TYR A 193 -17.32 29.30 -7.42
C TYR A 193 -17.76 28.38 -6.28
N ALA A 194 -17.29 28.58 -5.06
CA ALA A 194 -17.62 27.64 -3.99
C ALA A 194 -19.11 27.76 -3.64
N PRO A 195 -19.80 26.64 -3.47
CA PRO A 195 -21.23 26.72 -3.16
C PRO A 195 -21.55 27.48 -1.87
N GLU A 196 -20.71 27.37 -0.84
CA GLU A 196 -20.98 28.11 0.38
C GLU A 196 -20.89 29.63 0.19
N THR A 197 -20.33 30.10 -0.94
CA THR A 197 -20.34 31.55 -1.17
C THR A 197 -21.61 32.00 -1.89
N ALA A 198 -22.31 31.10 -2.58
CA ALA A 198 -23.58 31.43 -3.23
C ALA A 198 -23.44 32.61 -4.18
N HIS A 199 -22.27 32.76 -4.82
CA HIS A 199 -22.20 33.86 -5.77
C HIS A 199 -22.68 33.40 -7.14
N PRO A 200 -23.55 34.15 -7.80
CA PRO A 200 -24.00 33.75 -9.15
C PRO A 200 -22.84 33.47 -10.09
N VAL A 201 -23.05 32.49 -10.97
CA VAL A 201 -22.10 32.15 -12.01
C VAL A 201 -22.82 32.14 -13.36
N ARG A 202 -22.16 32.66 -14.40
CA ARG A 202 -22.67 32.49 -15.75
C ARG A 202 -21.85 31.41 -16.44
N LEU A 203 -22.54 30.39 -16.95
CA LEU A 203 -21.87 29.35 -17.70
C LEU A 203 -21.31 29.90 -19.00
N VAL A 204 -20.20 29.31 -19.44
CA VAL A 204 -19.60 29.55 -20.75
C VAL A 204 -20.21 28.57 -21.74
N TRP A 205 -20.56 29.03 -22.94
CA TRP A 205 -21.15 28.15 -23.95
C TRP A 205 -20.16 27.94 -25.10
N LEU A 206 -19.98 26.68 -25.47
CA LEU A 206 -19.19 26.30 -26.63
C LEU A 206 -20.09 25.71 -27.72
N ALA A 207 -19.77 26.03 -28.98
CA ALA A 207 -20.26 25.26 -30.12
C ALA A 207 -19.24 24.19 -30.43
N ALA A 208 -19.68 22.94 -30.45
CA ALA A 208 -18.80 21.80 -30.69
C ALA A 208 -19.19 21.14 -31.99
N HIS A 209 -18.20 20.90 -32.85
CA HIS A 209 -18.47 20.32 -34.16
C HIS A 209 -18.99 18.90 -33.99
N ARG A 210 -19.92 18.52 -34.85
CA ARG A 210 -20.58 17.24 -34.68
C ARG A 210 -19.73 16.06 -35.15
N SER A 211 -18.54 16.32 -35.70
CA SER A 211 -17.57 15.24 -35.92
C SER A 211 -16.90 14.80 -34.63
N ARG A 212 -16.99 15.59 -33.55
CA ARG A 212 -16.39 15.21 -32.27
C ARG A 212 -17.36 15.18 -31.11
N ALA A 213 -18.55 15.74 -31.24
CA ALA A 213 -19.45 15.89 -30.11
C ALA A 213 -20.79 15.25 -30.43
N ALA A 214 -21.41 14.66 -29.42
CA ALA A 214 -22.68 13.97 -29.52
C ALA A 214 -23.65 14.52 -28.47
N PHE A 215 -24.90 14.74 -28.89
CA PHE A 215 -25.99 15.11 -27.99
C PHE A 215 -26.89 13.90 -27.82
N THR A 216 -27.09 13.47 -26.58
CA THR A 216 -27.88 12.29 -26.26
C THR A 216 -29.13 12.77 -25.54
N ALA A 217 -30.30 12.43 -26.09
CA ALA A 217 -31.57 12.92 -25.59
C ALA A 217 -32.33 11.82 -24.89
N GLY A 218 -32.91 12.13 -23.74
CA GLY A 218 -33.80 11.21 -23.09
C GLY A 218 -35.13 11.19 -23.80
N ALA A 219 -36.00 10.30 -23.33
CA ALA A 219 -37.30 10.07 -23.94
C ALA A 219 -38.12 11.36 -24.01
N GLY A 220 -38.43 11.81 -25.22
CA GLY A 220 -39.21 13.01 -25.42
C GLY A 220 -38.44 14.29 -25.65
N ILE A 221 -37.11 14.23 -25.76
CA ILE A 221 -36.30 15.43 -25.92
C ILE A 221 -35.94 15.57 -27.39
N ASP A 222 -36.10 16.78 -27.92
CA ASP A 222 -35.66 17.14 -29.27
C ASP A 222 -34.59 18.22 -29.13
N TYR A 223 -33.46 18.08 -29.85
CA TYR A 223 -32.34 19.01 -29.63
C TYR A 223 -32.74 20.45 -29.86
N ALA A 224 -33.39 20.73 -30.99
CA ALA A 224 -33.67 22.11 -31.38
C ALA A 224 -34.63 22.77 -30.42
N SER A 225 -35.65 22.03 -29.96
CA SER A 225 -36.59 22.61 -29.02
C SER A 225 -35.99 22.68 -27.62
N PHE A 226 -35.17 21.68 -27.27
CA PHE A 226 -34.57 21.64 -25.94
C PHE A 226 -33.69 22.86 -25.69
N VAL A 227 -32.80 23.17 -26.63
CA VAL A 227 -31.93 24.32 -26.39
C VAL A 227 -32.70 25.63 -26.50
N ARG A 228 -33.87 25.66 -27.14
CA ARG A 228 -34.68 26.88 -27.19
C ARG A 228 -35.48 27.08 -25.91
N GLN A 229 -35.94 25.99 -25.27
CA GLN A 229 -36.50 26.12 -23.92
C GLN A 229 -35.45 26.61 -22.93
N GLU A 230 -34.26 26.00 -22.97
CA GLU A 230 -33.24 26.29 -21.97
C GLU A 230 -32.55 27.65 -22.18
N LEU A 231 -32.50 28.15 -23.41
CA LEU A 231 -31.83 29.42 -23.69
C LEU A 231 -32.74 30.52 -24.21
N GLY A 232 -33.92 30.20 -24.75
CA GLY A 232 -34.67 31.20 -25.48
C GLY A 232 -34.21 31.37 -26.92
N GLU A 233 -35.17 31.55 -27.83
CA GLU A 233 -34.84 31.70 -29.25
C GLU A 233 -33.86 32.84 -29.50
N GLU A 234 -33.94 33.92 -28.73
CA GLU A 234 -33.08 35.07 -28.98
C GLU A 234 -31.61 34.71 -28.82
N THR A 235 -31.26 34.05 -27.72
CA THR A 235 -29.88 33.62 -27.49
C THR A 235 -29.44 32.59 -28.51
N VAL A 236 -30.31 31.62 -28.81
CA VAL A 236 -29.99 30.60 -29.81
C VAL A 236 -29.69 31.26 -31.15
N GLU A 237 -30.52 32.22 -31.58
CA GLU A 237 -30.21 32.90 -32.84
C GLU A 237 -28.91 33.68 -32.73
N ARG A 238 -28.64 34.30 -31.58
CA ARG A 238 -27.38 35.00 -31.43
C ARG A 238 -26.19 34.05 -31.57
N PHE A 239 -26.28 32.86 -30.94
CA PHE A 239 -25.17 31.91 -31.03
C PHE A 239 -24.95 31.44 -32.47
N ASP A 240 -26.05 31.21 -33.21
CA ASP A 240 -25.92 30.89 -34.63
C ASP A 240 -25.28 32.04 -35.40
N GLY A 241 -25.61 33.29 -35.03
CA GLY A 241 -24.96 34.42 -35.65
C GLY A 241 -23.46 34.42 -35.44
N VAL A 242 -23.01 34.03 -34.23
CA VAL A 242 -21.57 33.93 -33.99
C VAL A 242 -20.94 32.96 -34.99
N LEU A 243 -21.58 31.80 -35.19
CA LEU A 243 -21.01 30.83 -36.13
C LEU A 243 -21.01 31.38 -37.56
N ARG A 244 -22.16 31.92 -37.99
CA ARG A 244 -22.23 32.50 -39.34
C ARG A 244 -21.18 33.59 -39.53
N GLY A 245 -21.02 34.47 -38.53
CA GLY A 245 -19.97 35.47 -38.60
C GLY A 245 -18.59 34.88 -38.86
N ARG A 246 -18.34 33.65 -38.41
CA ARG A 246 -17.06 32.99 -38.61
C ARG A 246 -17.03 32.14 -39.89
N GLY A 247 -18.07 32.22 -40.71
CA GLY A 247 -18.17 31.41 -41.91
C GLY A 247 -18.64 29.98 -41.70
N LEU A 248 -19.28 29.68 -40.58
CA LEU A 248 -19.59 28.31 -40.21
C LEU A 248 -21.10 28.07 -40.28
N ASP A 249 -21.47 26.80 -40.33
CA ASP A 249 -22.87 26.40 -40.44
C ASP A 249 -23.33 25.95 -39.06
N PRO A 250 -24.36 26.58 -38.49
CA PRO A 250 -24.92 26.08 -37.23
C PRO A 250 -25.34 24.61 -37.28
N ALA A 251 -25.77 24.14 -38.46
CA ALA A 251 -26.20 22.75 -38.60
C ALA A 251 -25.09 21.76 -38.28
N ASP A 252 -23.82 22.17 -38.40
CA ASP A 252 -22.68 21.31 -38.14
C ASP A 252 -22.25 21.27 -36.67
N TYR A 253 -22.97 21.95 -35.78
CA TYR A 253 -22.48 22.17 -34.41
C TYR A 253 -23.58 21.82 -33.43
N LEU A 254 -23.16 21.62 -32.18
CA LEU A 254 -24.08 21.54 -31.07
C LEU A 254 -23.51 22.33 -29.90
N LEU A 255 -24.36 22.59 -28.91
CA LEU A 255 -24.01 23.46 -27.79
C LEU A 255 -23.56 22.64 -26.57
N ILE A 256 -22.48 23.08 -25.92
CA ILE A 256 -22.00 22.45 -24.70
C ILE A 256 -21.77 23.55 -23.65
N PRO A 257 -22.44 23.51 -22.50
CA PRO A 257 -22.11 24.46 -21.44
C PRO A 257 -20.93 23.98 -20.60
N VAL A 258 -20.01 24.90 -20.29
CA VAL A 258 -18.85 24.54 -19.49
C VAL A 258 -18.70 25.45 -18.30
N HIS A 259 -18.08 24.92 -17.24
CA HIS A 259 -17.74 25.69 -16.06
C HIS A 259 -16.65 26.72 -16.42
N PRO A 260 -16.83 28.00 -16.07
CA PRO A 260 -15.81 29.03 -16.40
C PRO A 260 -14.40 28.63 -15.99
N TRP A 261 -14.26 28.03 -14.81
CA TRP A 261 -12.96 27.58 -14.34
C TRP A 261 -12.34 26.61 -15.32
N GLN A 262 -13.14 25.64 -15.79
CA GLN A 262 -12.71 24.65 -16.76
C GLN A 262 -12.34 25.29 -18.08
N TRP A 263 -13.12 26.31 -18.50
CA TRP A 263 -12.82 26.99 -19.75
C TRP A 263 -11.50 27.77 -19.66
N TRP A 264 -11.37 28.61 -18.63
CA TRP A 264 -10.23 29.54 -18.57
C TRP A 264 -8.92 28.83 -18.25
N ASN A 265 -8.98 27.75 -17.46
CA ASN A 265 -7.78 27.11 -16.97
C ASN A 265 -7.41 25.84 -17.74
N LYS A 266 -8.39 25.12 -18.29
CA LYS A 266 -8.12 23.85 -18.94
C LYS A 266 -8.46 23.86 -20.42
N LEU A 267 -9.74 24.03 -20.80
CA LEU A 267 -10.15 23.80 -22.18
C LEU A 267 -9.44 24.74 -23.14
N SER A 268 -9.30 26.01 -22.78
CA SER A 268 -8.70 27.01 -23.65
C SER A 268 -7.23 26.75 -23.90
N VAL A 269 -6.58 25.94 -23.09
CA VAL A 269 -5.18 25.61 -23.26
C VAL A 269 -5.01 24.16 -23.73
N THR A 270 -5.51 23.21 -22.95
CA THR A 270 -5.42 21.79 -23.27
C THR A 270 -6.11 21.48 -24.59
N PHE A 271 -7.25 22.12 -24.88
CA PHE A 271 -7.98 21.88 -26.11
C PHE A 271 -7.76 22.98 -27.14
N ALA A 272 -6.63 23.69 -27.05
CA ALA A 272 -6.42 24.84 -27.93
C ALA A 272 -6.41 24.43 -29.39
N ALA A 273 -5.95 23.21 -29.69
CA ALA A 273 -6.02 22.74 -31.07
C ALA A 273 -7.47 22.70 -31.57
N GLU A 274 -8.38 22.23 -30.71
CA GLU A 274 -9.78 22.14 -31.11
C GLU A 274 -10.40 23.52 -31.28
N VAL A 275 -10.04 24.46 -30.38
CA VAL A 275 -10.51 25.83 -30.50
C VAL A 275 -9.95 26.49 -31.78
N ALA A 276 -8.64 26.36 -32.01
CA ALA A 276 -8.05 27.03 -33.17
C ALA A 276 -8.64 26.53 -34.48
N ARG A 277 -8.85 25.22 -34.59
CA ARG A 277 -9.40 24.66 -35.82
C ARG A 277 -10.91 24.83 -35.93
N GLN A 278 -11.55 25.51 -34.99
CA GLN A 278 -13.00 25.72 -34.98
C GLN A 278 -13.78 24.41 -34.83
N ASN A 279 -13.16 23.37 -34.31
CA ASN A 279 -13.94 22.25 -33.77
C ASN A 279 -14.71 22.65 -32.53
N LEU A 280 -14.15 23.56 -31.70
CA LEU A 280 -14.86 24.21 -30.62
C LEU A 280 -14.86 25.70 -30.89
N VAL A 281 -16.00 26.35 -30.70
CA VAL A 281 -16.08 27.81 -30.85
C VAL A 281 -16.64 28.38 -29.55
N CYS A 282 -15.93 29.33 -28.98
CA CYS A 282 -16.42 29.98 -27.77
C CYS A 282 -17.52 30.96 -28.15
N LEU A 283 -18.74 30.72 -27.67
CA LEU A 283 -19.87 31.57 -28.02
C LEU A 283 -20.04 32.73 -27.06
N GLY A 284 -19.67 32.59 -25.78
CA GLY A 284 -19.92 33.61 -24.79
C GLY A 284 -20.65 33.09 -23.56
N GLU A 285 -21.40 33.95 -22.89
CA GLU A 285 -22.01 33.62 -21.61
C GLU A 285 -23.51 33.46 -21.72
N SER A 286 -24.05 32.57 -20.88
CA SER A 286 -25.48 32.48 -20.66
C SER A 286 -26.00 33.77 -20.01
N ASP A 287 -27.25 34.10 -20.30
CA ASP A 287 -27.92 35.20 -19.60
C ASP A 287 -28.32 34.81 -18.18
N ASP A 288 -28.83 33.59 -18.00
CA ASP A 288 -29.27 33.15 -16.69
C ASP A 288 -28.12 33.07 -15.70
N GLU A 289 -28.45 33.25 -14.43
CA GLU A 289 -27.47 33.16 -13.35
C GLU A 289 -27.65 31.84 -12.62
N TYR A 290 -26.54 31.14 -12.45
CA TYR A 290 -26.51 29.81 -11.86
C TYR A 290 -25.84 29.87 -10.48
N LEU A 291 -26.23 28.92 -9.63
CA LEU A 291 -25.71 28.78 -8.28
C LEU A 291 -25.12 27.39 -8.13
N ALA A 292 -23.86 27.34 -7.72
CA ALA A 292 -23.21 26.06 -7.56
C ALA A 292 -23.82 25.32 -6.37
N GLN A 293 -24.18 24.04 -6.57
CA GLN A 293 -24.72 23.19 -5.53
C GLN A 293 -23.57 22.55 -4.75
N GLN A 294 -23.90 21.71 -3.76
CA GLN A 294 -22.87 21.12 -2.91
C GLN A 294 -21.87 20.25 -3.67
N SER A 295 -22.24 19.70 -4.84
CA SER A 295 -21.26 18.96 -5.65
C SER A 295 -20.29 19.86 -6.40
N ILE A 296 -20.44 21.18 -6.28
CA ILE A 296 -19.56 22.18 -6.89
C ILE A 296 -19.76 22.27 -8.40
N ARG A 297 -19.70 21.14 -9.10
CA ARG A 297 -19.72 21.17 -10.57
C ARG A 297 -21.14 21.18 -11.17
N THR A 298 -22.18 21.10 -10.34
CA THR A 298 -23.58 21.11 -10.78
C THR A 298 -24.24 22.41 -10.34
N PHE A 299 -24.99 23.03 -11.25
CA PHE A 299 -25.53 24.37 -11.08
C PHE A 299 -27.05 24.36 -11.12
N PHE A 300 -27.65 25.05 -10.17
CA PHE A 300 -29.08 25.32 -10.12
C PHE A 300 -29.34 26.66 -10.77
N ASN A 301 -30.44 26.77 -11.50
CA ASN A 301 -30.73 27.99 -12.25
C ASN A 301 -31.47 28.94 -11.32
N ALA A 302 -30.75 29.94 -10.81
CA ALA A 302 -31.35 30.87 -9.85
C ALA A 302 -32.39 31.75 -10.55
N THR A 303 -32.08 32.21 -11.76
CA THR A 303 -32.98 33.08 -12.50
C THR A 303 -34.29 32.38 -12.83
N HIS A 304 -34.22 31.14 -13.28
CA HIS A 304 -35.40 30.34 -13.64
C HIS A 304 -35.30 28.98 -12.98
N PRO A 305 -35.70 28.88 -11.71
CA PRO A 305 -35.59 27.61 -10.98
C PRO A 305 -36.35 26.45 -11.63
N GLU A 306 -37.34 26.74 -12.47
CA GLU A 306 -38.04 25.68 -13.18
C GLU A 306 -37.16 25.01 -14.24
N LYS A 307 -36.08 25.66 -14.67
CA LYS A 307 -35.22 25.10 -15.72
C LYS A 307 -34.26 24.06 -15.14
N HIS A 308 -33.55 23.39 -16.05
CA HIS A 308 -32.71 22.27 -15.69
C HIS A 308 -31.51 22.72 -14.89
N TYR A 309 -31.09 21.88 -13.94
CA TYR A 309 -29.72 21.95 -13.48
C TYR A 309 -28.79 21.67 -14.65
N VAL A 310 -27.59 22.23 -14.59
CA VAL A 310 -26.53 21.92 -15.53
C VAL A 310 -25.36 21.33 -14.74
N LYS A 311 -24.93 20.13 -15.12
CA LYS A 311 -23.80 19.43 -14.53
C LYS A 311 -22.62 19.50 -15.49
N THR A 312 -21.48 20.01 -15.02
CA THR A 312 -20.33 20.32 -15.87
C THR A 312 -19.12 19.52 -15.43
N ALA A 313 -18.17 19.38 -16.36
CA ALA A 313 -16.87 18.79 -16.07
C ALA A 313 -15.97 19.83 -15.40
N LEU A 314 -15.35 19.44 -14.30
CA LEU A 314 -14.55 20.38 -13.51
C LEU A 314 -13.33 19.62 -12.99
N SER A 315 -12.22 19.76 -13.72
CA SER A 315 -11.02 18.99 -13.41
C SER A 315 -10.36 19.52 -12.14
N VAL A 316 -11.10 19.47 -11.05
CA VAL A 316 -10.62 19.84 -9.73
C VAL A 316 -10.68 18.59 -8.84
N LEU A 317 -9.71 18.48 -7.94
CA LEU A 317 -9.64 17.36 -7.00
C LEU A 317 -10.50 17.67 -5.77
N ASN A 318 -11.51 16.84 -5.52
CA ASN A 318 -12.30 17.02 -4.31
C ASN A 318 -12.73 15.68 -3.73
N MET A 319 -12.37 15.47 -2.48
CA MET A 319 -12.80 14.33 -1.67
C MET A 319 -12.63 13.01 -2.42
N GLY A 320 -11.39 12.73 -2.83
CA GLY A 320 -11.03 11.42 -3.33
C GLY A 320 -11.17 11.21 -4.81
N PHE A 321 -11.69 12.19 -5.56
CA PHE A 321 -11.87 12.03 -7.00
C PHE A 321 -11.68 13.37 -7.69
N MET A 322 -11.05 13.34 -8.86
CA MET A 322 -11.16 14.43 -9.80
C MET A 322 -12.60 14.47 -10.30
N ARG A 323 -13.15 15.67 -10.44
CA ARG A 323 -14.58 15.79 -10.67
C ARG A 323 -14.90 16.21 -12.10
N GLY A 324 -14.21 15.63 -13.07
CA GLY A 324 -14.61 15.76 -14.45
C GLY A 324 -15.84 14.92 -14.74
N LEU A 325 -16.17 14.84 -16.02
CA LEU A 325 -17.37 14.13 -16.45
C LEU A 325 -17.06 13.42 -17.76
N SER A 326 -17.20 12.09 -17.79
CA SER A 326 -16.83 11.31 -18.96
C SER A 326 -17.78 11.56 -20.13
N ALA A 327 -17.24 11.94 -21.29
CA ALA A 327 -18.07 12.09 -22.48
C ALA A 327 -18.56 10.75 -22.98
N ALA A 328 -17.74 9.70 -22.86
CA ALA A 328 -18.15 8.37 -23.29
C ALA A 328 -19.44 7.95 -22.60
N TYR A 329 -19.48 8.11 -21.27
CA TYR A 329 -20.62 7.66 -20.48
C TYR A 329 -21.88 8.49 -20.69
N MET A 330 -21.80 9.62 -21.40
CA MET A 330 -22.99 10.43 -21.62
C MET A 330 -23.98 9.77 -22.58
N GLU A 331 -23.47 8.97 -23.54
CA GLU A 331 -24.37 8.34 -24.50
C GLU A 331 -25.39 7.45 -23.83
N ALA A 332 -25.04 6.83 -22.70
CA ALA A 332 -25.94 5.94 -21.99
C ALA A 332 -26.72 6.61 -20.87
N THR A 333 -26.46 7.89 -20.59
CA THR A 333 -26.92 8.47 -19.32
C THR A 333 -28.42 8.73 -19.30
N PRO A 334 -29.02 9.43 -20.27
CA PRO A 334 -30.49 9.60 -20.22
C PRO A 334 -31.24 8.28 -20.24
N ALA A 335 -30.77 7.30 -21.02
CA ALA A 335 -31.46 6.02 -21.10
C ALA A 335 -31.55 5.34 -19.74
N ILE A 336 -30.47 5.42 -18.94
CA ILE A 336 -30.48 4.78 -17.63
C ILE A 336 -31.50 5.47 -16.73
N ASN A 337 -31.64 6.78 -16.88
CA ASN A 337 -32.65 7.47 -16.08
C ASN A 337 -34.05 7.15 -16.58
N ASP A 338 -34.24 7.00 -17.89
CA ASP A 338 -35.56 6.66 -18.43
C ASP A 338 -36.00 5.28 -17.97
N TRP A 339 -35.06 4.35 -17.94
CA TRP A 339 -35.30 3.01 -17.41
C TRP A 339 -35.75 3.05 -15.96
N LEU A 340 -34.94 3.69 -15.08
CA LEU A 340 -35.26 3.71 -13.66
C LEU A 340 -36.55 4.49 -13.36
N ASP A 341 -36.82 5.54 -14.12
CA ASP A 341 -38.07 6.29 -13.96
C ASP A 341 -39.27 5.40 -14.24
N ARG A 342 -39.24 4.68 -15.36
CA ARG A 342 -40.29 3.72 -15.70
C ARG A 342 -40.41 2.65 -14.64
N LEU A 343 -39.27 2.18 -14.14
CA LEU A 343 -39.28 1.10 -13.15
C LEU A 343 -39.99 1.51 -11.88
N ILE A 344 -39.84 2.78 -11.49
CA ILE A 344 -40.48 3.29 -10.27
C ILE A 344 -41.98 3.50 -10.53
N ASP A 345 -42.32 4.04 -11.71
CA ASP A 345 -43.72 4.23 -12.05
C ASP A 345 -44.48 2.91 -12.03
N ASN A 346 -43.84 1.83 -12.48
CA ASN A 346 -44.48 0.53 -12.62
C ASN A 346 -44.32 -0.36 -11.41
N ASP A 347 -44.01 0.20 -10.26
CA ASP A 347 -43.87 -0.57 -9.03
C ASP A 347 -44.67 0.07 -7.90
N PRO A 348 -45.73 -0.59 -7.42
CA PRO A 348 -46.63 0.07 -6.46
C PRO A 348 -46.04 0.26 -5.09
N VAL A 349 -45.03 -0.53 -4.72
CA VAL A 349 -44.36 -0.29 -3.44
C VAL A 349 -43.63 1.04 -3.50
N LEU A 350 -42.91 1.29 -4.60
CA LEU A 350 -42.19 2.56 -4.73
C LEU A 350 -43.17 3.72 -4.95
N LYS A 351 -44.20 3.52 -5.78
CA LYS A 351 -45.14 4.60 -6.01
C LYS A 351 -45.84 5.01 -4.72
N SER A 352 -46.01 4.09 -3.78
CA SER A 352 -46.68 4.40 -2.52
C SER A 352 -45.77 5.12 -1.54
N THR A 353 -44.46 4.90 -1.63
CA THR A 353 -43.55 5.72 -0.84
C THR A 353 -43.47 7.15 -1.36
N GLY A 354 -43.87 7.40 -2.60
CA GLY A 354 -43.74 8.71 -3.21
C GLY A 354 -42.45 8.94 -3.97
N LEU A 355 -41.54 7.98 -3.99
CA LEU A 355 -40.22 8.14 -4.57
C LEU A 355 -40.28 8.64 -6.01
N SER A 356 -39.44 9.62 -6.31
CA SER A 356 -39.19 10.03 -7.68
C SER A 356 -37.70 10.28 -7.85
N ILE A 357 -37.28 10.37 -9.09
CA ILE A 357 -35.95 10.89 -9.39
C ILE A 357 -36.12 12.13 -10.24
N ILE A 358 -35.21 13.08 -10.07
CA ILE A 358 -35.06 14.12 -11.07
C ILE A 358 -34.13 13.54 -12.14
N ARG A 359 -34.70 13.23 -13.30
CA ARG A 359 -33.96 12.54 -14.34
C ARG A 359 -32.87 13.41 -14.91
N GLU A 360 -31.75 12.77 -15.25
CA GLU A 360 -30.80 13.35 -16.20
C GLU A 360 -31.40 13.19 -17.59
N ARG A 361 -31.88 14.32 -18.15
CA ARG A 361 -32.73 14.35 -19.33
C ARG A 361 -31.97 14.46 -20.65
N ALA A 362 -30.79 15.07 -20.65
CA ALA A 362 -30.02 15.22 -21.88
C ALA A 362 -28.55 15.36 -21.53
N ALA A 363 -27.69 14.97 -22.47
CA ALA A 363 -26.25 14.99 -22.20
C ALA A 363 -25.50 15.30 -23.49
N VAL A 364 -24.32 15.87 -23.35
CA VAL A 364 -23.41 16.15 -24.46
C VAL A 364 -22.03 15.71 -24.06
N GLY A 365 -21.35 15.04 -24.98
CA GLY A 365 -19.96 14.70 -24.78
C GLY A 365 -19.13 15.11 -25.98
N TYR A 366 -17.89 15.47 -25.69
CA TYR A 366 -16.89 15.79 -26.70
C TYR A 366 -15.83 14.70 -26.67
N ARG A 367 -15.59 14.06 -27.82
CA ARG A 367 -14.59 13.00 -27.93
C ARG A 367 -13.33 13.64 -28.49
N HIS A 368 -12.30 13.80 -27.65
CA HIS A 368 -11.03 14.33 -28.11
C HIS A 368 -10.24 13.17 -28.69
N LEU A 369 -10.13 13.13 -30.02
CA LEU A 369 -9.55 11.96 -30.67
C LEU A 369 -8.10 11.77 -30.28
N GLU A 370 -7.31 12.85 -30.28
CA GLU A 370 -5.89 12.72 -30.01
C GLU A 370 -5.63 12.29 -28.57
N TYR A 371 -6.31 12.91 -27.60
CA TYR A 371 -6.10 12.48 -26.21
C TYR A 371 -6.65 11.08 -25.96
N GLU A 372 -7.63 10.65 -26.76
CA GLU A 372 -8.01 9.24 -26.69
C GLU A 372 -6.85 8.36 -27.13
N ALA A 373 -6.26 8.66 -28.28
CA ALA A 373 -5.13 7.90 -28.78
C ALA A 373 -3.95 7.90 -27.81
N ALA A 374 -3.85 8.91 -26.94
CA ALA A 374 -2.69 9.09 -26.09
C ALA A 374 -2.89 8.61 -24.67
N THR A 375 -4.07 8.08 -24.33
CA THR A 375 -4.37 7.72 -22.96
C THR A 375 -5.18 6.42 -22.93
N ASP A 376 -5.34 5.88 -21.72
CA ASP A 376 -6.18 4.73 -21.42
C ASP A 376 -7.63 5.19 -21.20
N ARG A 377 -8.52 4.21 -20.98
CA ARG A 377 -9.94 4.49 -20.79
C ARG A 377 -10.20 5.34 -19.54
N TYR A 378 -9.37 5.20 -18.52
CA TYR A 378 -9.61 5.80 -17.22
C TYR A 378 -8.79 7.07 -17.00
N SER A 379 -8.28 7.67 -18.05
CA SER A 379 -7.45 8.85 -17.91
C SER A 379 -8.32 10.08 -17.66
N PRO A 380 -7.90 10.97 -16.76
CA PRO A 380 -8.66 12.22 -16.58
C PRO A 380 -8.69 13.09 -17.83
N TYR A 381 -7.83 12.84 -18.82
CA TYR A 381 -7.90 13.62 -20.05
C TYR A 381 -9.14 13.30 -20.88
N ARG A 382 -9.79 12.18 -20.63
CA ARG A 382 -11.05 11.86 -21.29
C ARG A 382 -12.26 12.37 -20.54
N LYS A 383 -12.07 13.10 -19.45
CA LYS A 383 -13.17 13.56 -18.61
C LYS A 383 -13.25 15.08 -18.51
N MET A 384 -12.70 15.78 -19.49
CA MET A 384 -12.52 17.22 -19.41
C MET A 384 -13.63 18.02 -20.11
N LEU A 385 -14.49 17.38 -20.91
CA LEU A 385 -15.47 18.16 -21.67
C LEU A 385 -16.73 17.32 -21.91
N ALA A 386 -17.79 17.64 -21.17
CA ALA A 386 -19.04 16.91 -21.15
C ALA A 386 -19.96 17.63 -20.17
N ALA A 387 -21.27 17.50 -20.39
CA ALA A 387 -22.25 18.12 -19.52
C ALA A 387 -23.56 17.34 -19.65
N LEU A 388 -24.46 17.56 -18.69
CA LEU A 388 -25.80 17.00 -18.78
C LEU A 388 -26.78 17.96 -18.14
N TRP A 389 -28.05 17.80 -18.48
CA TRP A 389 -29.13 18.61 -17.92
C TRP A 389 -30.03 17.71 -17.08
N ARG A 390 -30.33 18.15 -15.86
CA ARG A 390 -31.15 17.40 -14.92
C ARG A 390 -32.42 18.18 -14.59
N GLU A 391 -33.56 17.48 -14.50
CA GLU A 391 -34.84 18.08 -14.13
C GLU A 391 -34.73 18.87 -12.83
N SER A 392 -35.42 19.98 -12.78
CA SER A 392 -35.57 20.69 -11.51
C SER A 392 -36.68 20.06 -10.68
N PRO A 393 -36.50 19.91 -9.38
CA PRO A 393 -37.59 19.36 -8.54
C PRO A 393 -38.64 20.40 -8.18
N VAL A 394 -38.51 21.63 -8.67
CA VAL A 394 -39.36 22.74 -8.21
C VAL A 394 -40.76 22.67 -8.79
N PRO A 395 -40.96 22.56 -10.11
CA PRO A 395 -42.33 22.68 -10.63
C PRO A 395 -43.27 21.57 -10.19
N ALA A 396 -42.76 20.46 -9.63
CA ALA A 396 -43.66 19.41 -9.16
C ALA A 396 -44.19 19.68 -7.75
N LEU A 397 -43.86 20.82 -7.16
CA LEU A 397 -44.25 21.11 -5.79
C LEU A 397 -45.72 21.54 -5.72
N ARG A 398 -46.44 20.97 -4.77
CA ARG A 398 -47.82 21.37 -4.51
C ARG A 398 -47.87 22.47 -3.46
N ASP A 399 -49.07 22.98 -3.21
CA ASP A 399 -49.22 24.06 -2.24
C ASP A 399 -48.67 23.66 -0.87
N GLY A 400 -47.82 24.52 -0.30
CA GLY A 400 -47.27 24.27 1.01
C GLY A 400 -46.00 23.43 1.05
N GLU A 401 -45.49 22.98 -0.09
CA GLU A 401 -44.32 22.10 -0.13
C GLU A 401 -43.02 22.87 -0.35
N SER A 402 -41.95 22.39 0.27
CA SER A 402 -40.64 23.02 0.15
C SER A 402 -39.57 21.94 -0.04
N LEU A 403 -38.41 22.35 -0.54
CA LEU A 403 -37.33 21.42 -0.81
C LEU A 403 -36.17 21.65 0.14
N THR A 404 -35.42 20.57 0.41
CA THR A 404 -34.16 20.70 1.14
C THR A 404 -33.24 19.52 0.81
N THR A 405 -31.95 19.79 0.77
CA THR A 405 -30.99 18.69 0.72
C THR A 405 -31.08 17.86 2.01
N MET A 406 -30.93 16.54 1.88
CA MET A 406 -30.99 15.69 3.07
C MET A 406 -29.85 15.99 4.02
N ALA A 407 -28.77 16.58 3.52
CA ALA A 407 -27.66 16.99 4.38
C ALA A 407 -28.13 17.93 5.48
N ALA A 408 -29.23 18.66 5.25
CA ALA A 408 -29.73 19.57 6.25
C ALA A 408 -30.11 18.85 7.54
N LEU A 409 -30.50 17.57 7.47
CA LEU A 409 -30.94 16.90 8.68
C LEU A 409 -29.81 16.82 9.71
N VAL A 410 -28.57 16.67 9.25
CA VAL A 410 -27.42 16.60 10.13
C VAL A 410 -26.67 17.94 10.19
N HIS A 411 -27.33 19.04 9.84
CA HIS A 411 -26.74 20.38 9.94
C HIS A 411 -27.14 20.97 11.29
N VAL A 412 -26.14 21.32 12.10
CA VAL A 412 -26.35 21.90 13.42
C VAL A 412 -25.98 23.36 13.38
N ASP A 413 -26.87 24.21 13.86
CA ASP A 413 -26.63 25.64 13.77
C ASP A 413 -25.81 26.09 14.97
N HIS A 414 -25.62 27.41 15.11
CA HIS A 414 -24.74 27.92 16.14
C HIS A 414 -25.36 27.87 17.53
N GLU A 415 -26.63 27.48 17.63
CA GLU A 415 -27.34 27.40 18.90
C GLU A 415 -27.53 25.96 19.38
N GLY A 416 -26.98 24.98 18.68
CA GLY A 416 -27.14 23.60 19.04
C GLY A 416 -28.32 22.90 18.41
N ARG A 417 -29.09 23.57 17.56
CA ARG A 417 -30.30 23.00 16.97
C ARG A 417 -30.00 22.46 15.59
N SER A 418 -30.40 21.22 15.33
CA SER A 418 -30.31 20.71 13.97
C SER A 418 -31.59 21.06 13.20
N VAL A 419 -31.48 21.04 11.87
CA VAL A 419 -32.66 21.31 11.05
C VAL A 419 -33.67 20.17 11.20
N ALA A 420 -33.20 18.94 11.47
CA ALA A 420 -34.13 17.88 11.85
C ALA A 420 -34.83 18.21 13.16
N GLY A 421 -34.12 18.78 14.13
CA GLY A 421 -34.72 19.25 15.35
C GLY A 421 -35.83 20.25 15.11
N GLU A 422 -35.56 21.31 14.32
CA GLU A 422 -36.57 22.32 14.02
C GLU A 422 -37.76 21.74 13.27
N LEU A 423 -37.51 20.82 12.36
CA LEU A 423 -38.62 20.22 11.63
C LEU A 423 -39.53 19.45 12.56
N ILE A 424 -38.95 18.67 13.48
CA ILE A 424 -39.76 17.91 14.44
C ILE A 424 -40.61 18.86 15.27
N ALA A 425 -40.00 19.95 15.77
CA ALA A 425 -40.75 20.93 16.53
C ALA A 425 -41.92 21.48 15.71
N ARG A 426 -41.61 22.08 14.56
CA ARG A 426 -42.63 22.67 13.70
C ARG A 426 -43.75 21.69 13.37
N SER A 427 -43.43 20.40 13.23
CA SER A 427 -44.44 19.44 12.82
C SER A 427 -45.47 19.18 13.90
N GLY A 428 -45.10 19.41 15.17
CA GLY A 428 -45.93 19.05 16.30
C GLY A 428 -46.00 17.57 16.57
N LEU A 429 -45.46 16.73 15.71
CA LEU A 429 -45.54 15.29 15.91
C LEU A 429 -44.54 14.85 16.99
N ALA A 430 -44.72 13.66 17.43
CA ALA A 430 -43.74 13.00 18.29
C ALA A 430 -42.55 12.58 17.44
N PRO A 431 -41.32 12.72 17.97
CA PRO A 431 -40.11 12.41 17.16
C PRO A 431 -40.16 11.08 16.40
N THR A 432 -40.67 10.01 17.03
CA THR A 432 -40.75 8.71 16.35
C THR A 432 -41.73 8.74 15.18
N ALA A 433 -42.80 9.54 15.28
CA ALA A 433 -43.71 9.64 14.15
C ALA A 433 -43.11 10.47 13.02
N TRP A 434 -42.48 11.60 13.37
CA TRP A 434 -41.76 12.35 12.35
C TRP A 434 -40.75 11.45 11.66
N LEU A 435 -39.94 10.73 12.44
CA LEU A 435 -38.91 9.85 11.90
C LEU A 435 -39.50 8.78 10.99
N ARG A 436 -40.69 8.29 11.35
CA ARG A 436 -41.33 7.25 10.54
C ARG A 436 -41.70 7.79 9.15
N HIS A 437 -42.29 9.00 9.11
CA HIS A 437 -42.53 9.63 7.81
C HIS A 437 -41.25 9.74 7.00
N TYR A 438 -40.16 10.16 7.64
CA TYR A 438 -38.89 10.27 6.94
C TYR A 438 -38.42 8.91 6.45
N LEU A 439 -38.50 7.90 7.32
CA LEU A 439 -37.99 6.58 6.95
C LEU A 439 -38.78 5.97 5.80
N ARG A 440 -40.09 6.21 5.75
CA ARG A 440 -40.88 5.65 4.65
C ARG A 440 -40.59 6.34 3.34
N ALA A 441 -40.29 7.64 3.37
CA ALA A 441 -39.99 8.34 2.13
C ALA A 441 -38.59 8.00 1.62
N TYR A 442 -37.61 7.88 2.51
CA TYR A 442 -36.21 7.77 2.11
C TYR A 442 -35.65 6.36 2.23
N TYR A 443 -35.94 5.68 3.33
CA TYR A 443 -35.23 4.44 3.67
C TYR A 443 -35.90 3.22 3.06
N THR A 444 -37.22 3.10 3.23
CA THR A 444 -37.95 1.98 2.67
C THR A 444 -37.74 1.79 1.17
N PRO A 445 -37.71 2.84 0.33
CA PRO A 445 -37.46 2.58 -1.09
C PRO A 445 -36.11 1.92 -1.34
N LEU A 446 -35.09 2.23 -0.52
CA LEU A 446 -33.82 1.53 -0.64
C LEU A 446 -33.98 0.04 -0.31
N LEU A 447 -34.72 -0.27 0.75
CA LEU A 447 -34.95 -1.68 1.09
C LEU A 447 -35.57 -2.44 -0.08
N HIS A 448 -36.65 -1.90 -0.63
CA HIS A 448 -37.32 -2.56 -1.74
C HIS A 448 -36.40 -2.67 -2.94
N SER A 449 -35.60 -1.62 -3.20
CA SER A 449 -34.70 -1.62 -4.34
C SER A 449 -33.68 -2.74 -4.22
N PHE A 450 -33.08 -2.87 -3.03
CA PHE A 450 -32.10 -3.92 -2.84
C PHE A 450 -32.73 -5.30 -2.99
N TYR A 451 -33.81 -5.55 -2.24
CA TYR A 451 -34.40 -6.88 -2.15
C TYR A 451 -35.14 -7.28 -3.42
N ALA A 452 -35.92 -6.38 -3.99
CA ALA A 452 -36.71 -6.71 -5.17
C ALA A 452 -35.97 -6.48 -6.49
N TYR A 453 -34.86 -5.74 -6.50
CA TYR A 453 -34.21 -5.47 -7.77
C TYR A 453 -32.69 -5.56 -7.77
N ASP A 454 -32.06 -5.93 -6.65
CA ASP A 454 -30.60 -5.92 -6.51
C ASP A 454 -30.00 -4.54 -6.80
N LEU A 455 -30.77 -3.48 -6.55
CA LEU A 455 -30.42 -2.13 -6.96
C LEU A 455 -29.93 -1.30 -5.78
N ALA A 456 -28.69 -0.81 -5.87
CA ALA A 456 -28.12 0.09 -4.87
C ALA A 456 -27.84 1.46 -5.48
N PHE A 457 -27.91 2.47 -4.61
CA PHE A 457 -27.61 3.87 -4.94
C PHE A 457 -26.37 4.30 -4.18
N MET A 458 -26.09 5.61 -4.24
CA MET A 458 -25.16 6.31 -3.36
C MET A 458 -25.97 7.36 -2.57
N PRO A 459 -26.84 6.92 -1.65
CA PRO A 459 -27.91 7.80 -1.14
C PRO A 459 -27.51 8.63 0.08
N HIS A 460 -26.44 9.41 -0.05
CA HIS A 460 -25.99 10.22 1.07
C HIS A 460 -26.74 11.56 1.05
N GLY A 461 -26.31 12.49 1.90
CA GLY A 461 -27.06 13.73 2.07
C GLY A 461 -27.06 14.58 0.81
N GLU A 462 -25.96 14.55 0.06
CA GLU A 462 -25.87 15.41 -1.11
C GLU A 462 -26.63 14.85 -2.31
N ASN A 463 -26.88 13.54 -2.36
CA ASN A 463 -27.62 12.93 -3.46
C ASN A 463 -29.11 12.77 -3.18
N THR A 464 -29.60 13.28 -2.05
CA THR A 464 -31.01 13.08 -1.71
C THR A 464 -31.63 14.42 -1.36
N ILE A 465 -32.81 14.68 -1.93
CA ILE A 465 -33.60 15.87 -1.66
C ILE A 465 -34.90 15.43 -1.00
N LEU A 466 -35.31 16.15 0.04
CA LEU A 466 -36.55 15.85 0.75
C LEU A 466 -37.59 16.91 0.42
N VAL A 467 -38.85 16.48 0.28
CA VAL A 467 -39.97 17.41 0.11
C VAL A 467 -40.66 17.54 1.46
N LEU A 468 -40.85 18.77 1.92
CA LEU A 468 -41.40 19.05 3.23
C LEU A 468 -42.75 19.75 3.11
N LYS A 469 -43.65 19.45 4.04
CA LYS A 469 -44.91 20.15 4.19
C LYS A 469 -45.30 20.06 5.65
N ASP A 470 -45.62 21.21 6.26
CA ASP A 470 -45.98 21.26 7.67
C ASP A 470 -44.93 20.59 8.56
N GLY A 471 -43.67 20.67 8.14
CA GLY A 471 -42.55 20.15 8.90
C GLY A 471 -42.25 18.69 8.73
N VAL A 472 -42.96 17.99 7.85
CA VAL A 472 -42.91 16.53 7.79
C VAL A 472 -42.41 16.13 6.42
N VAL A 473 -41.55 15.11 6.38
CA VAL A 473 -41.08 14.64 5.08
C VAL A 473 -42.24 13.99 4.36
N GLN A 474 -42.61 14.55 3.21
CA GLN A 474 -43.68 14.00 2.38
C GLN A 474 -43.15 12.91 1.46
N ARG A 475 -42.02 13.16 0.81
CA ARG A 475 -41.46 12.20 -0.14
C ARG A 475 -39.99 12.56 -0.39
N ALA A 476 -39.24 11.58 -0.86
CA ALA A 476 -37.84 11.77 -1.24
C ALA A 476 -37.69 11.84 -2.75
N VAL A 477 -36.64 12.56 -3.14
CA VAL A 477 -36.21 12.73 -4.53
C VAL A 477 -34.76 12.32 -4.59
N TYR A 478 -34.46 11.34 -5.43
CA TYR A 478 -33.10 10.87 -5.67
C TYR A 478 -32.53 11.50 -6.94
N LYS A 479 -31.23 11.79 -6.91
CA LYS A 479 -30.53 12.32 -8.07
C LYS A 479 -29.13 11.72 -8.15
N ASP A 480 -28.43 12.02 -9.24
CA ASP A 480 -27.11 11.45 -9.53
C ASP A 480 -27.23 9.93 -9.73
N ILE A 481 -27.87 9.58 -10.84
CA ILE A 481 -28.33 8.21 -11.08
C ILE A 481 -27.35 7.41 -11.93
N ALA A 482 -27.11 7.86 -13.16
CA ALA A 482 -26.34 7.06 -14.12
C ALA A 482 -24.96 6.70 -13.59
N GLU A 483 -24.32 7.64 -12.89
CA GLU A 483 -22.96 7.44 -12.43
C GLU A 483 -22.86 6.60 -11.16
N GLU A 484 -23.95 6.45 -10.42
CA GLU A 484 -23.86 5.88 -9.08
C GLU A 484 -24.58 4.57 -8.90
N ILE A 485 -25.67 4.30 -9.63
CA ILE A 485 -26.45 3.09 -9.34
C ILE A 485 -25.67 1.86 -9.79
N VAL A 486 -25.95 0.74 -9.13
CA VAL A 486 -25.42 -0.56 -9.50
C VAL A 486 -26.53 -1.58 -9.34
N VAL A 487 -26.70 -2.43 -10.35
CA VAL A 487 -27.56 -3.59 -10.27
C VAL A 487 -26.64 -4.77 -10.00
N MET A 488 -26.74 -5.33 -8.78
CA MET A 488 -25.79 -6.36 -8.33
C MET A 488 -26.30 -7.74 -8.76
N ASP A 489 -26.26 -7.96 -10.07
CA ASP A 489 -26.71 -9.17 -10.73
C ASP A 489 -26.23 -9.09 -12.17
N PRO A 490 -25.09 -9.72 -12.50
CA PRO A 490 -24.60 -9.67 -13.89
C PRO A 490 -25.57 -10.26 -14.90
N ASP A 491 -26.37 -11.25 -14.50
CA ASP A 491 -27.25 -11.94 -15.42
C ASP A 491 -28.67 -11.36 -15.42
N ALA A 492 -28.83 -10.13 -14.95
CA ALA A 492 -30.14 -9.50 -14.91
C ALA A 492 -30.50 -8.95 -16.28
N VAL A 493 -31.78 -9.03 -16.62
CA VAL A 493 -32.23 -8.64 -17.95
C VAL A 493 -32.51 -7.14 -17.95
N LEU A 494 -31.83 -6.42 -18.84
CA LEU A 494 -31.91 -4.98 -18.95
C LEU A 494 -31.77 -4.57 -20.41
N PRO A 495 -32.27 -3.40 -20.77
CA PRO A 495 -32.01 -2.85 -22.11
C PRO A 495 -30.53 -2.63 -22.33
N PRO A 496 -30.07 -2.58 -23.58
CA PRO A 496 -28.62 -2.60 -23.82
C PRO A 496 -27.86 -1.46 -23.17
N GLU A 497 -28.39 -0.24 -23.23
CA GLU A 497 -27.66 0.90 -22.69
C GLU A 497 -27.54 0.86 -21.17
N VAL A 498 -28.35 0.05 -20.49
CA VAL A 498 -28.29 -0.06 -19.04
C VAL A 498 -27.38 -1.18 -18.54
N ARG A 499 -27.13 -2.21 -19.36
CA ARG A 499 -26.38 -3.37 -18.91
C ARG A 499 -25.05 -3.02 -18.25
N ARG A 500 -24.49 -1.82 -18.52
CA ARG A 500 -23.18 -1.52 -17.96
C ARG A 500 -23.23 -1.20 -16.47
N VAL A 501 -24.41 -0.95 -15.91
CA VAL A 501 -24.48 -0.73 -14.47
C VAL A 501 -24.54 -2.04 -13.68
N ARG A 502 -24.61 -3.17 -14.36
CA ARG A 502 -24.50 -4.45 -13.67
C ARG A 502 -23.08 -4.64 -13.14
N ALA A 503 -22.97 -5.37 -12.04
CA ALA A 503 -21.67 -5.59 -11.42
C ALA A 503 -21.74 -6.82 -10.53
N GLU A 504 -20.60 -7.51 -10.40
CA GLU A 504 -20.49 -8.65 -9.51
C GLU A 504 -19.95 -8.12 -8.19
N VAL A 505 -20.78 -8.13 -7.16
CA VAL A 505 -20.40 -7.71 -5.81
C VAL A 505 -20.39 -8.97 -4.94
N PRO A 506 -19.35 -9.20 -4.13
CA PRO A 506 -19.35 -10.36 -3.23
C PRO A 506 -20.63 -10.47 -2.42
N GLU A 507 -20.99 -11.72 -2.09
CA GLU A 507 -22.23 -12.01 -1.39
C GLU A 507 -22.28 -11.32 -0.04
N ASP A 508 -21.22 -11.46 0.75
CA ASP A 508 -21.12 -10.88 2.08
C ASP A 508 -20.95 -9.36 2.05
N MET A 509 -20.94 -8.74 0.86
CA MET A 509 -20.80 -7.31 0.76
C MET A 509 -22.01 -6.61 0.15
N LYS A 510 -22.93 -7.35 -0.48
CA LYS A 510 -24.05 -6.71 -1.18
C LYS A 510 -24.90 -5.87 -0.23
N LEU A 511 -25.04 -6.31 1.01
CA LEU A 511 -25.88 -5.58 1.96
C LEU A 511 -25.20 -4.36 2.55
N LEU A 512 -23.87 -4.27 2.47
CA LEU A 512 -23.17 -3.07 2.94
C LEU A 512 -23.68 -1.80 2.26
N SER A 513 -24.32 -1.92 1.10
CA SER A 513 -24.93 -0.76 0.48
C SER A 513 -26.00 -0.13 1.37
N ILE A 514 -26.57 -0.88 2.32
CA ILE A 514 -27.46 -0.33 3.35
C ILE A 514 -26.69 -0.05 4.64
N PHE A 515 -25.93 -1.04 5.11
CA PHE A 515 -25.25 -0.91 6.40
C PHE A 515 -24.25 0.24 6.39
N THR A 516 -23.44 0.32 5.33
CA THR A 516 -22.42 1.36 5.25
C THR A 516 -23.01 2.68 4.78
N ASP A 517 -23.62 2.70 3.59
CA ASP A 517 -24.06 3.97 3.02
C ASP A 517 -25.21 4.60 3.81
N VAL A 518 -26.04 3.82 4.49
CA VAL A 518 -27.18 4.41 5.22
C VAL A 518 -26.92 4.47 6.71
N PHE A 519 -26.59 3.33 7.32
CA PHE A 519 -26.47 3.29 8.79
C PHE A 519 -25.17 3.93 9.26
N ASP A 520 -24.03 3.44 8.77
CA ASP A 520 -22.76 3.91 9.29
C ASP A 520 -22.39 5.30 8.81
N CYS A 521 -22.92 5.75 7.66
CA CYS A 521 -22.46 6.98 7.05
C CYS A 521 -23.49 8.10 7.10
N PHE A 522 -24.75 7.81 7.45
CA PHE A 522 -25.71 8.89 7.64
C PHE A 522 -26.51 8.73 8.94
N PHE A 523 -27.15 7.58 9.17
CA PHE A 523 -27.93 7.42 10.41
C PHE A 523 -27.05 7.49 11.65
N ARG A 524 -25.79 7.06 11.55
CA ARG A 524 -24.91 7.17 12.71
C ARG A 524 -24.86 8.59 13.23
N PHE A 525 -24.77 9.57 12.32
CA PHE A 525 -24.71 10.98 12.71
C PHE A 525 -26.07 11.52 13.10
N LEU A 526 -27.12 11.16 12.35
CA LEU A 526 -28.45 11.69 12.62
C LEU A 526 -28.99 11.20 13.96
N ALA A 527 -28.74 9.93 14.30
CA ALA A 527 -29.19 9.40 15.57
C ALA A 527 -28.39 9.99 16.73
N ALA A 528 -27.09 10.15 16.54
CA ALA A 528 -26.26 10.76 17.57
C ALA A 528 -26.63 12.23 17.77
N GLY A 529 -26.88 12.96 16.68
CA GLY A 529 -27.26 14.34 16.79
C GLY A 529 -28.53 14.55 17.56
N LEU A 530 -29.63 13.91 17.11
CA LEU A 530 -30.89 14.01 17.84
C LEU A 530 -30.79 13.56 19.29
N ALA A 531 -29.88 12.64 19.61
CA ALA A 531 -29.72 12.24 21.00
C ALA A 531 -29.07 13.35 21.82
N THR A 532 -27.98 13.92 21.32
CA THR A 532 -27.31 15.03 22.02
C THR A 532 -28.23 16.24 22.15
N GLU A 533 -29.06 16.49 21.14
CA GLU A 533 -30.01 17.58 21.11
C GLU A 533 -31.16 17.36 22.08
N GLU A 534 -31.25 16.16 22.67
CA GLU A 534 -32.31 15.80 23.62
C GLU A 534 -33.68 15.78 22.94
N VAL A 535 -33.72 15.37 21.68
CA VAL A 535 -34.95 15.26 20.93
C VAL A 535 -35.44 13.81 20.85
N LEU A 536 -34.52 12.86 20.65
CA LEU A 536 -34.89 11.47 20.44
C LEU A 536 -33.74 10.60 20.92
N ALA A 537 -34.01 9.65 21.81
CA ALA A 537 -32.94 8.79 22.30
C ALA A 537 -32.51 7.82 21.21
N GLU A 538 -31.25 7.38 21.29
CA GLU A 538 -30.75 6.44 20.29
C GLU A 538 -31.65 5.22 20.20
N ASP A 539 -31.96 4.61 21.35
CA ASP A 539 -32.74 3.39 21.34
C ASP A 539 -34.07 3.58 20.60
N ASP A 540 -34.70 4.74 20.79
CA ASP A 540 -35.95 5.00 20.11
C ASP A 540 -35.74 5.20 18.61
N PHE A 541 -34.65 5.87 18.23
CA PHE A 541 -34.29 5.99 16.82
C PHE A 541 -34.20 4.60 16.17
N TRP A 542 -33.32 3.75 16.70
CA TRP A 542 -33.06 2.47 16.06
C TRP A 542 -34.26 1.53 16.14
N ARG A 543 -35.02 1.58 17.25
CA ARG A 543 -36.28 0.85 17.31
C ARG A 543 -37.21 1.25 16.16
N THR A 544 -37.33 2.55 15.89
CA THR A 544 -38.18 2.99 14.79
C THR A 544 -37.67 2.44 13.45
N VAL A 545 -36.35 2.46 13.24
CA VAL A 545 -35.79 1.88 12.02
C VAL A 545 -36.11 0.39 11.94
N ALA A 546 -35.86 -0.34 13.02
CA ALA A 546 -36.23 -1.77 13.07
C ALA A 546 -37.70 -1.97 12.76
N GLU A 547 -38.58 -1.19 13.40
CA GLU A 547 -40.01 -1.33 13.19
C GLU A 547 -40.39 -1.05 11.74
N VAL A 548 -39.81 -0.01 11.13
CA VAL A 548 -40.10 0.26 9.72
C VAL A 548 -39.55 -0.86 8.84
N THR A 549 -38.46 -1.50 9.26
CA THR A 549 -37.91 -2.62 8.49
C THR A 549 -38.83 -3.83 8.55
N ARG A 550 -39.35 -4.15 9.74
CA ARG A 550 -40.29 -5.26 9.84
C ARG A 550 -41.60 -4.94 9.12
N GLU A 551 -42.08 -3.70 9.24
CA GLU A 551 -43.28 -3.31 8.49
C GLU A 551 -43.12 -3.61 7.00
N TYR A 552 -41.97 -3.25 6.42
CA TYR A 552 -41.74 -3.54 5.00
C TYR A 552 -41.66 -5.04 4.74
N GLN A 553 -40.93 -5.76 5.61
CA GLN A 553 -40.70 -7.18 5.34
C GLN A 553 -41.96 -8.00 5.52
N GLU A 554 -42.71 -7.76 6.61
CA GLU A 554 -43.95 -8.48 6.84
C GLU A 554 -44.99 -8.23 5.75
N ALA A 555 -44.89 -7.10 5.04
CA ALA A 555 -45.85 -6.80 3.99
C ALA A 555 -45.50 -7.43 2.66
N HIS A 556 -44.37 -8.14 2.56
CA HIS A 556 -43.92 -8.76 1.32
C HIS A 556 -43.30 -10.11 1.60
N PRO A 557 -44.12 -11.12 1.93
CA PRO A 557 -43.55 -12.46 2.20
C PRO A 557 -42.97 -13.16 0.99
N GLU A 558 -43.33 -12.74 -0.22
CA GLU A 558 -42.80 -13.33 -1.44
C GLU A 558 -41.29 -13.15 -1.54
N LEU A 559 -40.72 -12.37 -0.62
CA LEU A 559 -39.28 -12.12 -0.59
C LEU A 559 -38.62 -12.67 0.67
N ASP A 560 -39.32 -13.50 1.46
CA ASP A 560 -38.74 -13.99 2.71
C ASP A 560 -37.40 -14.68 2.50
N ASP A 561 -37.21 -15.31 1.34
CA ASP A 561 -35.94 -15.96 1.05
C ASP A 561 -34.79 -14.97 1.07
N ARG A 562 -34.94 -13.88 0.34
CA ARG A 562 -33.89 -12.87 0.31
C ARG A 562 -33.75 -12.16 1.65
N PHE A 563 -34.87 -11.98 2.37
CA PHE A 563 -34.80 -11.36 3.70
C PHE A 563 -33.94 -12.18 4.64
N ARG A 564 -34.03 -13.51 4.57
CA ARG A 564 -33.14 -14.37 5.36
C ARG A 564 -31.74 -14.42 4.76
N GLN A 565 -31.64 -14.34 3.43
CA GLN A 565 -30.33 -14.42 2.76
C GLN A 565 -29.48 -13.18 3.04
N TYR A 566 -30.09 -12.00 3.13
CA TYR A 566 -29.41 -10.77 3.51
C TYR A 566 -30.08 -10.27 4.79
N ASP A 567 -29.50 -10.64 5.92
CA ASP A 567 -30.13 -10.42 7.22
C ASP A 567 -29.76 -9.03 7.72
N LEU A 568 -30.67 -8.08 7.55
CA LEU A 568 -30.52 -6.77 8.15
C LEU A 568 -30.52 -6.80 9.68
N PHE A 569 -30.96 -7.90 10.30
CA PHE A 569 -30.97 -8.00 11.76
C PHE A 569 -29.85 -8.87 12.31
N ALA A 570 -28.83 -9.18 11.50
CA ALA A 570 -27.58 -9.80 11.96
C ALA A 570 -27.01 -9.09 13.19
N PRO A 571 -26.26 -9.78 14.04
CA PRO A 571 -25.69 -9.11 15.22
C PRO A 571 -24.57 -8.15 14.89
N GLU A 572 -23.89 -8.34 13.77
CA GLU A 572 -22.73 -7.53 13.43
C GLU A 572 -22.62 -7.44 11.92
N PHE A 573 -21.99 -6.37 11.44
CA PHE A 573 -21.65 -6.28 10.02
C PHE A 573 -20.29 -5.62 9.91
N ALA A 574 -19.76 -5.61 8.69
CA ALA A 574 -18.40 -5.15 8.45
C ALA A 574 -18.27 -3.64 8.68
N LEU A 575 -17.17 -3.24 9.32
CA LEU A 575 -16.78 -1.83 9.40
C LEU A 575 -16.10 -1.46 8.10
N SER A 576 -16.82 -0.75 7.24
CA SER A 576 -16.30 -0.28 5.96
C SER A 576 -15.79 1.15 6.15
N CYS A 577 -14.47 1.33 6.09
CA CYS A 577 -13.85 2.61 6.45
C CYS A 577 -13.72 3.54 5.25
N LEU A 578 -14.11 4.80 5.41
CA LEU A 578 -14.10 5.75 4.31
C LEU A 578 -12.81 6.57 4.22
N ASN A 579 -12.37 7.22 5.31
CA ASN A 579 -11.16 8.04 5.24
C ASN A 579 -9.95 7.22 4.78
N ARG A 580 -9.90 5.93 5.17
CA ARG A 580 -8.77 5.07 4.80
C ARG A 580 -8.61 4.98 3.28
N LEU A 581 -9.72 5.03 2.55
CA LEU A 581 -9.69 5.05 1.09
C LEU A 581 -9.00 6.30 0.57
N GLN A 582 -9.37 7.48 1.09
CA GLN A 582 -8.75 8.72 0.64
C GLN A 582 -7.31 8.84 1.11
N LEU A 583 -6.96 8.24 2.25
CA LEU A 583 -5.58 8.31 2.71
C LEU A 583 -4.68 7.41 1.88
N ARG A 584 -5.23 6.33 1.33
CA ARG A 584 -4.44 5.42 0.52
C ARG A 584 -4.23 5.96 -0.89
N ASP A 585 -5.28 6.57 -1.47
CA ASP A 585 -5.21 7.15 -2.81
C ASP A 585 -6.19 8.33 -2.86
N ASN A 586 -5.66 9.54 -2.74
CA ASN A 586 -6.53 10.70 -2.60
C ASN A 586 -6.93 11.29 -3.94
N ARG A 587 -6.46 10.73 -5.06
CA ARG A 587 -6.88 11.11 -6.40
C ARG A 587 -7.90 10.18 -7.03
N GLN A 588 -8.01 8.94 -6.55
CA GLN A 588 -8.93 7.96 -7.11
C GLN A 588 -9.19 6.92 -6.00
N MET A 589 -10.11 7.27 -5.10
CA MET A 589 -10.36 6.48 -3.89
C MET A 589 -10.71 5.03 -4.22
N VAL A 590 -11.50 4.81 -5.28
CA VAL A 590 -11.87 3.48 -5.73
C VAL A 590 -11.64 3.40 -7.23
N ASP A 591 -11.22 2.22 -7.69
CA ASP A 591 -11.20 1.90 -9.11
C ASP A 591 -12.62 1.68 -9.57
N LEU A 592 -12.97 2.24 -10.73
CA LEU A 592 -14.35 2.16 -11.22
C LEU A 592 -14.66 0.79 -11.81
N ALA A 593 -13.63 0.10 -12.32
CA ALA A 593 -13.84 -1.24 -12.87
C ALA A 593 -14.17 -2.25 -11.78
N ASP A 594 -13.58 -2.10 -10.60
CA ASP A 594 -13.77 -3.05 -9.50
C ASP A 594 -13.85 -2.28 -8.17
N PRO A 595 -14.98 -1.62 -7.90
CA PRO A 595 -15.06 -0.76 -6.71
C PRO A 595 -15.09 -1.52 -5.40
N SER A 596 -15.45 -2.79 -5.41
CA SER A 596 -15.39 -3.58 -4.19
C SER A 596 -13.93 -3.80 -3.76
N ALA A 597 -13.00 -3.81 -4.72
CA ALA A 597 -11.62 -4.11 -4.38
C ALA A 597 -11.02 -3.06 -3.45
N ALA A 598 -11.39 -1.79 -3.64
CA ALA A 598 -10.73 -0.73 -2.87
C ALA A 598 -11.23 -0.69 -1.43
N LEU A 599 -12.41 -1.25 -1.15
CA LEU A 599 -12.97 -1.14 0.20
C LEU A 599 -12.00 -1.70 1.22
N GLN A 600 -12.08 -1.15 2.43
CA GLN A 600 -11.15 -1.48 3.52
C GLN A 600 -12.02 -1.82 4.73
N LEU A 601 -12.20 -3.13 4.94
CA LEU A 601 -13.00 -3.66 6.01
C LEU A 601 -12.10 -3.97 7.20
N VAL A 602 -12.46 -3.44 8.37
CA VAL A 602 -11.62 -3.48 9.56
C VAL A 602 -12.53 -3.91 10.71
N GLY A 603 -12.65 -5.22 10.93
CA GLY A 603 -13.49 -5.71 12.01
C GLY A 603 -14.96 -5.52 11.70
N THR A 604 -15.76 -5.50 12.75
CA THR A 604 -17.20 -5.43 12.61
C THR A 604 -17.77 -4.38 13.55
N LEU A 605 -19.02 -4.02 13.30
CA LEU A 605 -19.80 -3.11 14.13
C LEU A 605 -20.99 -3.87 14.69
N ARG A 606 -21.33 -3.57 15.94
CA ARG A 606 -22.55 -4.11 16.55
C ARG A 606 -23.77 -3.44 15.90
N ASN A 607 -24.57 -4.23 15.18
CA ASN A 607 -25.77 -3.71 14.54
C ASN A 607 -26.77 -3.25 15.59
N PRO A 608 -27.25 -2.00 15.53
CA PRO A 608 -28.28 -1.56 16.49
C PRO A 608 -29.62 -2.23 16.32
N LEU A 609 -29.90 -2.84 15.16
CA LEU A 609 -31.13 -3.57 14.93
C LEU A 609 -31.09 -4.99 15.45
N ALA A 610 -29.98 -5.42 16.05
CA ALA A 610 -29.84 -6.81 16.48
C ALA A 610 -30.86 -7.16 17.55
N GLY A 611 -30.90 -6.41 18.63
CA GLY A 611 -31.88 -6.69 19.66
C GLY A 611 -33.29 -6.48 19.15
N LEU A 612 -33.51 -5.32 18.55
CA LEU A 612 -34.83 -4.87 18.12
C LEU A 612 -35.44 -5.71 16.98
N MET B 21 -10.36 40.75 -21.04
CA MET B 21 -11.65 40.70 -20.36
C MET B 21 -12.59 39.69 -21.04
N SER B 22 -12.75 39.87 -22.35
CA SER B 22 -13.78 39.18 -23.13
C SER B 22 -13.46 37.69 -23.25
N LEU B 23 -14.51 36.87 -23.18
CA LEU B 23 -14.34 35.44 -23.45
C LEU B 23 -13.78 35.24 -24.85
N THR B 24 -14.37 35.90 -25.84
CA THR B 24 -13.99 35.65 -27.20
C THR B 24 -12.67 36.33 -27.57
N ASP B 25 -12.35 37.48 -26.97
CA ASP B 25 -11.08 38.12 -27.29
C ASP B 25 -9.91 37.35 -26.73
N ALA B 26 -10.10 36.60 -25.65
CA ALA B 26 -8.95 35.96 -25.03
C ALA B 26 -8.43 34.81 -25.90
N VAL B 27 -9.27 34.18 -26.72
CA VAL B 27 -8.79 33.12 -27.63
C VAL B 27 -8.81 33.57 -29.09
N ALA B 28 -9.06 34.85 -29.36
CA ALA B 28 -9.09 35.34 -30.73
C ALA B 28 -7.80 35.03 -31.49
N HIS B 29 -6.65 34.97 -30.79
CA HIS B 29 -5.43 34.66 -31.50
C HIS B 29 -5.40 33.23 -32.01
N LEU B 30 -6.23 32.34 -31.48
CA LEU B 30 -6.32 30.96 -31.95
C LEU B 30 -7.26 30.91 -33.16
N SER B 31 -6.71 31.04 -34.36
CA SER B 31 -7.43 30.96 -35.62
C SER B 31 -6.86 29.81 -36.46
N PRO B 32 -7.65 29.27 -37.39
CA PRO B 32 -7.14 28.17 -38.22
C PRO B 32 -5.85 28.48 -38.98
N GLU B 33 -5.70 29.69 -39.53
CA GLU B 33 -4.50 29.97 -40.34
C GLU B 33 -3.26 30.09 -39.47
N ARG B 34 -3.36 30.80 -38.34
CA ARG B 34 -2.24 30.88 -37.43
C ARG B 34 -1.91 29.53 -36.80
N TRP B 35 -2.93 28.74 -36.49
CA TRP B 35 -2.66 27.41 -35.94
C TRP B 35 -1.90 26.54 -36.94
N GLU B 36 -2.26 26.66 -38.22
CA GLU B 36 -1.59 25.90 -39.27
C GLU B 36 -0.14 26.32 -39.43
N GLU B 37 0.14 27.64 -39.37
CA GLU B 37 1.52 28.10 -39.49
C GLU B 37 2.34 27.69 -38.28
N ALA B 38 1.75 27.77 -37.08
CA ALA B 38 2.46 27.37 -35.88
C ALA B 38 2.84 25.89 -35.93
N ASN B 39 1.94 25.05 -36.43
CA ASN B 39 2.18 23.61 -36.50
C ASN B 39 3.25 23.26 -37.52
N ARG B 40 3.24 23.95 -38.66
CA ARG B 40 4.31 23.76 -39.64
C ARG B 40 5.66 24.12 -39.03
N LEU B 41 5.76 25.31 -38.41
CA LEU B 41 7.02 25.74 -37.80
C LEU B 41 7.46 24.78 -36.69
N LEU B 42 6.53 24.30 -35.87
CA LEU B 42 6.93 23.40 -34.79
C LEU B 42 7.39 22.05 -35.32
N VAL B 43 6.68 21.49 -36.30
CA VAL B 43 7.09 20.20 -36.87
C VAL B 43 8.45 20.33 -37.56
N ARG B 44 8.64 21.43 -38.30
CA ARG B 44 9.95 21.71 -38.89
C ARG B 44 11.05 21.63 -37.83
N LYS B 45 10.84 22.31 -36.70
CA LYS B 45 11.83 22.26 -35.63
C LYS B 45 11.96 20.85 -35.05
N ALA B 46 10.84 20.12 -34.95
CA ALA B 46 10.92 18.78 -34.42
C ALA B 46 11.71 17.85 -35.34
N LEU B 47 11.44 17.91 -36.65
CA LEU B 47 12.24 17.15 -37.61
C LEU B 47 13.72 17.50 -37.50
N ALA B 48 14.02 18.78 -37.49
CA ALA B 48 15.42 19.22 -37.44
C ALA B 48 16.12 18.75 -36.18
N GLU B 49 15.53 19.03 -35.01
CA GLU B 49 16.24 18.80 -33.75
C GLU B 49 16.17 17.35 -33.29
N PHE B 50 15.15 16.58 -33.70
CA PHE B 50 15.20 15.17 -33.38
C PHE B 50 16.14 14.42 -34.31
N ALA B 51 16.25 14.87 -35.57
CA ALA B 51 17.33 14.38 -36.43
C ALA B 51 18.68 14.60 -35.76
N HIS B 52 18.96 15.86 -35.40
CA HIS B 52 20.22 16.20 -34.74
C HIS B 52 20.52 15.26 -33.58
N GLU B 53 19.51 14.93 -32.78
CA GLU B 53 19.75 14.06 -31.63
C GLU B 53 19.68 12.59 -32.00
N ARG B 54 19.61 12.28 -33.30
CA ARG B 54 19.59 10.92 -33.80
C ARG B 54 18.44 10.10 -33.23
N LEU B 55 17.39 10.78 -32.74
CA LEU B 55 16.17 10.08 -32.39
C LEU B 55 15.60 9.35 -33.58
N PHE B 56 15.73 9.93 -34.77
CA PHE B 56 15.46 9.19 -35.99
C PHE B 56 16.42 9.65 -37.06
N THR B 57 16.66 8.77 -38.01
CA THR B 57 17.60 9.04 -39.10
C THR B 57 16.83 9.20 -40.40
N PRO B 58 16.69 10.42 -40.93
CA PRO B 58 15.94 10.61 -42.17
C PRO B 58 16.64 9.88 -43.30
N GLU B 59 15.95 8.89 -43.89
CA GLU B 59 16.57 8.19 -45.00
C GLU B 59 16.57 9.07 -46.23
N PRO B 60 17.67 9.03 -47.01
CA PRO B 60 17.70 9.79 -48.27
C PRO B 60 16.46 9.52 -49.12
N ALA B 61 16.16 10.43 -50.05
CA ALA B 61 14.84 10.49 -50.67
C ALA B 61 14.65 9.50 -51.81
N ASP B 62 13.37 9.38 -52.18
CA ASP B 62 12.95 8.74 -53.42
C ASP B 62 13.42 9.62 -54.59
N GLY B 63 14.68 9.45 -54.97
CA GLY B 63 15.24 10.09 -56.15
C GLY B 63 15.78 11.51 -55.98
N GLN B 64 15.11 12.34 -55.19
CA GLN B 64 15.50 13.74 -55.07
C GLN B 64 16.73 13.89 -54.18
N ASP B 65 17.52 14.93 -54.47
CA ASP B 65 18.82 15.10 -53.84
C ASP B 65 18.70 15.62 -52.41
N GLY B 66 18.20 16.84 -52.24
CA GLY B 66 18.05 17.34 -50.90
C GLY B 66 16.82 16.88 -50.12
N ARG B 67 16.06 15.92 -50.65
CA ARG B 67 14.81 15.45 -50.03
C ARG B 67 15.09 14.28 -49.09
N TYR B 68 14.27 14.17 -48.05
CA TYR B 68 14.40 13.14 -47.02
C TYR B 68 13.02 12.71 -46.55
N VAL B 69 12.97 11.65 -45.76
CA VAL B 69 11.70 11.16 -45.21
C VAL B 69 11.93 10.56 -43.83
N VAL B 70 10.94 10.74 -42.97
CA VAL B 70 10.90 10.20 -41.60
C VAL B 70 9.55 9.55 -41.41
N ARG B 71 9.54 8.38 -40.80
CA ARG B 71 8.32 7.59 -40.70
C ARG B 71 7.87 7.42 -39.26
N SER B 72 6.57 7.27 -39.08
CA SER B 72 5.95 7.05 -37.77
C SER B 72 6.43 5.74 -37.17
N ASP B 73 5.95 5.47 -35.95
CA ASP B 73 6.28 4.21 -35.29
C ASP B 73 5.88 3.00 -36.15
N ASP B 74 4.71 3.04 -36.78
CA ASP B 74 4.18 1.90 -37.54
C ASP B 74 4.55 1.93 -39.02
N GLY B 75 5.35 2.90 -39.45
CA GLY B 75 5.76 3.06 -40.84
C GLY B 75 4.72 3.63 -41.78
N LEU B 76 3.45 3.75 -41.34
CA LEU B 76 2.36 4.07 -42.25
C LEU B 76 2.18 5.56 -42.51
N THR B 77 2.62 6.44 -41.61
CA THR B 77 2.59 7.87 -41.87
C THR B 77 4.01 8.33 -42.16
N SER B 78 4.18 9.09 -43.25
CA SER B 78 5.49 9.54 -43.70
C SER B 78 5.52 11.05 -43.71
N TYR B 79 6.61 11.61 -43.18
CA TYR B 79 6.88 13.04 -43.21
C TYR B 79 8.06 13.23 -44.15
N ARG B 80 7.80 13.82 -45.30
CA ARG B 80 8.82 14.08 -46.30
C ARG B 80 9.11 15.58 -46.27
N PHE B 81 10.39 15.93 -46.48
CA PHE B 81 10.85 17.30 -46.36
C PHE B 81 12.20 17.45 -47.06
N THR B 82 12.55 18.67 -47.43
CA THR B 82 13.92 18.99 -47.85
C THR B 82 14.67 19.66 -46.71
N ALA B 83 16.00 19.56 -46.76
CA ALA B 83 16.83 20.04 -45.66
C ALA B 83 18.24 20.26 -46.16
N VAL B 84 18.85 21.37 -45.74
CA VAL B 84 20.27 21.65 -45.97
C VAL B 84 21.04 21.23 -44.72
N ARG B 85 22.01 20.35 -44.89
CA ARG B 85 22.75 19.82 -43.76
C ARG B 85 24.00 20.64 -43.56
N ARG B 86 24.33 20.95 -42.31
CA ARG B 86 25.40 21.89 -42.02
C ARG B 86 26.18 21.39 -40.82
N ALA B 87 27.16 22.18 -40.41
CA ALA B 87 28.13 21.71 -39.44
C ALA B 87 27.48 21.46 -38.09
N LEU B 88 28.08 20.52 -37.34
CA LEU B 88 27.54 20.00 -36.08
C LEU B 88 26.22 19.26 -36.28
N ASP B 89 26.13 18.46 -37.33
CA ASP B 89 24.94 17.67 -37.61
C ASP B 89 23.70 18.54 -37.57
N HIS B 90 23.81 19.74 -38.13
CA HIS B 90 22.67 20.65 -38.18
C HIS B 90 21.81 20.30 -39.39
N TRP B 91 20.51 20.32 -39.19
CA TRP B 91 19.52 20.11 -40.23
C TRP B 91 18.66 21.36 -40.28
N GLN B 92 18.79 22.16 -41.34
CA GLN B 92 17.83 23.25 -41.53
C GLN B 92 16.77 22.74 -42.51
N VAL B 93 15.68 22.26 -41.93
CA VAL B 93 14.52 21.78 -42.65
C VAL B 93 13.75 22.96 -43.21
N ASP B 94 13.37 22.89 -44.49
CA ASP B 94 12.49 23.88 -45.07
C ASP B 94 11.06 23.65 -44.59
N ALA B 95 10.46 24.66 -43.96
CA ALA B 95 9.12 24.51 -43.40
C ALA B 95 8.08 24.25 -44.50
N GLY B 96 8.19 24.97 -45.63
CA GLY B 96 7.22 24.84 -46.70
C GLY B 96 7.28 23.52 -47.43
N SER B 97 8.38 22.78 -47.26
CA SER B 97 8.62 21.53 -47.95
C SER B 97 7.96 20.33 -47.27
N ILE B 98 7.52 20.46 -46.02
CA ILE B 98 7.10 19.30 -45.23
C ILE B 98 5.73 18.83 -45.70
N THR B 99 5.60 17.52 -45.90
CA THR B 99 4.33 16.91 -46.28
C THR B 99 4.08 15.69 -45.42
N ARG B 100 2.84 15.51 -45.03
CA ARG B 100 2.42 14.37 -44.22
C ARG B 100 1.58 13.45 -45.08
N THR B 101 2.06 12.23 -45.30
CA THR B 101 1.45 11.30 -46.24
C THR B 101 1.06 10.00 -45.54
N ARG B 102 -0.15 9.53 -45.82
CA ARG B 102 -0.60 8.22 -45.37
C ARG B 102 -1.50 7.61 -46.44
N ASP B 103 -1.23 6.35 -46.80
CA ASP B 103 -2.00 5.67 -47.85
C ASP B 103 -1.95 6.45 -49.17
N GLY B 104 -0.84 7.14 -49.43
CA GLY B 104 -0.72 7.97 -50.60
C GLY B 104 -1.50 9.26 -50.58
N ALA B 105 -2.24 9.56 -49.50
CA ALA B 105 -2.98 10.80 -49.38
C ALA B 105 -2.26 11.79 -48.48
N GLU B 106 -2.29 13.07 -48.84
CA GLU B 106 -1.75 14.11 -47.98
C GLU B 106 -2.70 14.41 -46.82
N LEU B 107 -2.12 14.56 -45.63
CA LEU B 107 -2.83 14.91 -44.42
C LEU B 107 -2.34 16.25 -43.90
N PRO B 108 -3.16 16.95 -43.13
CA PRO B 108 -2.69 18.20 -42.53
C PRO B 108 -1.60 17.96 -41.50
N LEU B 109 -0.66 18.90 -41.43
CA LEU B 109 0.39 18.86 -40.43
C LEU B 109 -0.20 19.16 -39.06
N ALA B 110 0.05 18.27 -38.11
CA ALA B 110 -0.48 18.42 -36.75
C ALA B 110 0.59 17.95 -35.78
N ALA B 111 1.12 18.88 -34.98
CA ALA B 111 2.16 18.54 -34.04
C ALA B 111 1.70 17.44 -33.07
N LEU B 112 0.44 17.50 -32.62
CA LEU B 112 -0.05 16.50 -31.66
C LEU B 112 -0.05 15.10 -32.27
N ASP B 113 -0.51 14.98 -33.51
CA ASP B 113 -0.50 13.68 -34.15
C ASP B 113 0.93 13.19 -34.32
N PHE B 114 1.82 14.09 -34.74
CA PHE B 114 3.24 13.78 -34.91
C PHE B 114 3.83 13.10 -33.69
N PHE B 115 3.62 13.68 -32.50
CA PHE B 115 4.19 13.11 -31.29
C PHE B 115 3.52 11.81 -30.90
N ILE B 116 2.22 11.66 -31.19
CA ILE B 116 1.58 10.38 -30.87
C ILE B 116 2.08 9.29 -31.81
N GLU B 117 2.16 9.58 -33.11
CA GLU B 117 2.65 8.61 -34.08
C GLU B 117 4.09 8.20 -33.81
N LEU B 118 4.87 9.08 -33.18
CA LEU B 118 6.26 8.79 -32.84
C LEU B 118 6.46 8.57 -31.34
N ARG B 119 5.39 8.23 -30.61
CA ARG B 119 5.49 8.16 -29.16
C ARG B 119 6.57 7.18 -28.71
N HIS B 120 6.82 6.12 -29.47
CA HIS B 120 7.76 5.10 -29.03
C HIS B 120 9.17 5.36 -29.56
N THR B 121 9.28 5.91 -30.77
CA THR B 121 10.58 6.35 -31.29
C THR B 121 11.21 7.38 -30.36
N LEU B 122 10.41 8.35 -29.93
CA LEU B 122 10.81 9.25 -28.88
C LEU B 122 10.58 8.53 -27.56
N GLY B 123 11.24 8.98 -26.51
CA GLY B 123 11.07 8.14 -25.32
C GLY B 123 9.86 8.49 -24.49
N LEU B 124 8.72 8.74 -25.13
CA LEU B 124 7.57 9.34 -24.44
C LEU B 124 6.73 8.26 -23.76
N SER B 125 6.89 8.13 -22.44
CA SER B 125 6.11 7.16 -21.68
C SER B 125 4.63 7.53 -21.71
N ASP B 126 3.80 6.51 -21.42
CA ASP B 126 2.35 6.70 -21.29
C ASP B 126 2.00 7.80 -20.28
N GLU B 127 2.81 7.95 -19.24
CA GLU B 127 2.55 8.94 -18.20
C GLU B 127 2.88 10.34 -18.69
N ILE B 128 4.02 10.49 -19.38
CA ILE B 128 4.50 11.83 -19.76
C ILE B 128 3.74 12.37 -20.97
N LEU B 129 3.37 11.49 -21.92
CA LEU B 129 2.80 11.92 -23.20
C LEU B 129 1.68 12.95 -23.10
N PRO B 130 0.63 12.76 -22.30
CA PRO B 130 -0.45 13.76 -22.30
C PRO B 130 0.00 15.11 -21.75
N VAL B 131 0.94 15.14 -20.80
CA VAL B 131 1.47 16.41 -20.32
C VAL B 131 2.31 17.07 -21.39
N TYR B 132 3.20 16.29 -22.02
CA TYR B 132 4.00 16.81 -23.12
C TYR B 132 3.13 17.39 -24.22
N LEU B 133 1.98 16.75 -24.50
CA LEU B 133 1.09 17.30 -25.51
C LEU B 133 0.52 18.63 -25.07
N GLU B 134 0.22 18.78 -23.78
CA GLU B 134 -0.18 20.07 -23.26
C GLU B 134 0.90 21.12 -23.48
N GLU B 135 2.15 20.79 -23.14
CA GLU B 135 3.25 21.72 -23.40
C GLU B 135 3.30 22.09 -24.87
N ILE B 136 3.11 21.10 -25.75
CA ILE B 136 3.12 21.35 -27.19
C ILE B 136 1.94 22.25 -27.58
N SER B 137 0.74 21.95 -27.06
CA SER B 137 -0.41 22.80 -27.36
C SER B 137 -0.16 24.21 -26.87
N SER B 138 0.50 24.34 -25.73
CA SER B 138 0.69 25.67 -25.16
C SER B 138 1.71 26.46 -25.96
N THR B 139 2.82 25.80 -26.32
CA THR B 139 3.80 26.41 -27.22
C THR B 139 3.16 26.88 -28.52
N LEU B 140 2.32 26.02 -29.13
CA LEU B 140 1.63 26.40 -30.37
C LEU B 140 0.70 27.60 -30.15
N SER B 141 -0.01 27.65 -29.02
CA SER B 141 -0.84 28.81 -28.72
C SER B 141 0.00 30.09 -28.63
N GLY B 142 1.15 30.02 -27.95
CA GLY B 142 2.05 31.16 -27.91
C GLY B 142 2.46 31.63 -29.29
N THR B 143 2.84 30.70 -30.16
CA THR B 143 3.21 31.09 -31.52
C THR B 143 2.05 31.80 -32.22
N CYS B 144 0.82 31.30 -32.03
CA CYS B 144 -0.35 31.98 -32.57
C CYS B 144 -0.46 33.40 -32.05
N TYR B 145 -0.30 33.58 -30.74
CA TYR B 145 -0.33 34.95 -30.21
C TYR B 145 0.75 35.79 -30.87
N LYS B 146 1.98 35.25 -30.97
CA LYS B 146 3.07 36.02 -31.54
C LYS B 146 2.78 36.40 -32.99
N LEU B 147 2.13 35.50 -33.74
CA LEU B 147 1.71 35.82 -35.10
C LEU B 147 0.72 36.98 -35.17
N THR B 148 -0.01 37.29 -34.10
CA THR B 148 -0.92 38.42 -34.14
C THR B 148 -0.22 39.73 -33.85
N LYS B 149 1.03 39.70 -33.46
CA LYS B 149 1.68 40.96 -33.12
C LYS B 149 2.07 41.71 -34.39
N PRO B 150 2.19 43.03 -34.34
CA PRO B 150 2.67 43.78 -35.50
C PRO B 150 4.00 43.23 -35.98
N GLN B 151 4.17 43.16 -37.31
CA GLN B 151 5.45 42.70 -37.83
C GLN B 151 6.51 43.76 -37.57
N VAL B 152 7.67 43.30 -37.10
CA VAL B 152 8.78 44.18 -36.79
C VAL B 152 10.05 43.58 -37.38
N THR B 153 10.82 44.39 -38.10
CA THR B 153 12.09 43.94 -38.65
C THR B 153 13.17 43.94 -37.56
N ALA B 154 14.33 43.36 -37.92
CA ALA B 154 15.49 43.45 -37.06
C ALA B 154 15.85 44.90 -36.76
N ALA B 155 15.74 45.78 -37.76
CA ALA B 155 16.00 47.20 -37.53
C ALA B 155 15.00 47.80 -36.56
N GLY B 156 13.72 47.43 -36.68
CA GLY B 156 12.72 47.97 -35.79
C GLY B 156 12.91 47.53 -34.35
N LEU B 157 13.27 46.25 -34.13
CA LEU B 157 13.57 45.80 -32.79
C LEU B 157 14.73 46.60 -32.19
N LEU B 158 15.79 46.81 -32.96
CA LEU B 158 16.92 47.59 -32.44
C LEU B 158 16.49 49.02 -32.13
N GLU B 159 15.69 49.63 -33.01
CA GLU B 159 15.23 50.98 -32.76
C GLU B 159 14.23 51.00 -31.64
N GLY B 160 13.57 49.87 -31.38
CA GLY B 160 12.66 49.80 -30.26
C GLY B 160 13.37 49.81 -28.93
N GLY B 161 14.53 49.16 -28.86
CA GLY B 161 15.35 49.16 -27.66
C GLY B 161 15.31 47.83 -26.91
N PHE B 162 15.79 47.90 -25.67
CA PHE B 162 16.14 46.71 -24.89
C PHE B 162 14.93 45.78 -24.70
N GLN B 163 13.82 46.33 -24.18
CA GLN B 163 12.62 45.55 -23.94
C GLN B 163 11.86 45.22 -25.22
N ALA B 164 11.94 46.09 -26.23
CA ALA B 164 11.45 45.75 -27.56
C ALA B 164 12.08 44.44 -28.06
N LEU B 165 13.39 44.29 -27.86
CA LEU B 165 14.08 43.05 -28.20
C LEU B 165 13.64 41.89 -27.30
N GLU B 166 13.58 42.11 -25.98
CA GLU B 166 13.22 41.06 -25.03
C GLU B 166 11.85 40.45 -25.33
N SER B 167 10.83 41.30 -25.47
CA SER B 167 9.46 40.87 -25.75
C SER B 167 9.23 40.58 -27.22
N GLY B 168 10.14 41.00 -28.10
CA GLY B 168 10.04 40.68 -29.51
C GLY B 168 10.65 39.36 -29.92
N MET B 169 11.40 38.71 -29.04
CA MET B 169 11.89 37.37 -29.35
C MET B 169 10.73 36.40 -29.56
N THR B 170 10.83 35.56 -30.57
CA THR B 170 9.78 34.59 -30.85
C THR B 170 10.17 33.13 -30.62
N GLU B 171 11.44 32.77 -30.81
CA GLU B 171 11.78 31.35 -30.84
C GLU B 171 11.82 30.73 -29.45
N GLY B 172 12.41 31.40 -28.47
CA GLY B 172 12.76 30.73 -27.22
C GLY B 172 14.03 29.92 -27.41
N HIS B 173 14.30 29.04 -26.48
CA HIS B 173 15.48 28.19 -26.57
C HIS B 173 15.49 27.45 -27.91
N PRO B 174 16.58 27.53 -28.67
CA PRO B 174 16.58 26.96 -30.04
C PRO B 174 16.67 25.44 -30.10
N CYS B 175 17.10 24.75 -29.05
CA CYS B 175 17.15 23.29 -29.11
C CYS B 175 15.80 22.67 -28.76
N PHE B 176 15.21 23.08 -27.63
CA PHE B 176 14.03 22.40 -27.11
C PHE B 176 12.80 22.69 -27.97
N VAL B 177 12.13 21.62 -28.39
CA VAL B 177 10.89 21.76 -29.16
C VAL B 177 9.77 22.26 -28.26
N ALA B 178 9.56 21.60 -27.11
CA ALA B 178 8.49 22.00 -26.19
C ALA B 178 9.04 23.02 -25.19
N ASN B 179 9.43 24.18 -25.71
CA ASN B 179 10.21 25.13 -24.94
C ASN B 179 9.40 26.24 -24.29
N ASN B 180 8.15 26.46 -24.70
CA ASN B 180 7.34 27.58 -24.22
C ASN B 180 5.98 27.12 -23.71
N GLY B 181 5.95 26.07 -22.87
CA GLY B 181 4.67 25.60 -22.35
C GLY B 181 4.01 26.46 -21.27
N ARG B 182 4.80 26.96 -20.31
CA ARG B 182 4.26 27.76 -19.21
C ARG B 182 3.03 27.08 -18.58
N LEU B 183 3.11 25.76 -18.36
CA LEU B 183 1.96 25.01 -17.86
C LEU B 183 1.56 25.48 -16.47
N GLY B 184 0.32 25.93 -16.36
CA GLY B 184 -0.20 26.49 -15.14
C GLY B 184 -0.95 27.77 -15.46
N PHE B 185 -0.52 28.45 -16.53
CA PHE B 185 -1.19 29.65 -17.02
C PHE B 185 -2.49 29.25 -17.70
N GLY B 186 -3.63 29.76 -17.22
CA GLY B 186 -4.81 29.81 -18.04
C GLY B 186 -4.63 30.82 -19.17
N VAL B 187 -5.57 30.84 -20.12
CA VAL B 187 -5.38 31.70 -21.28
C VAL B 187 -5.31 33.17 -20.86
N ASP B 188 -6.14 33.58 -19.89
CA ASP B 188 -6.08 34.94 -19.37
C ASP B 188 -4.76 35.19 -18.66
N GLU B 189 -4.21 34.19 -17.98
CA GLU B 189 -2.92 34.40 -17.34
C GLU B 189 -1.80 34.45 -18.36
N TYR B 190 -1.89 33.67 -19.43
CA TYR B 190 -0.93 33.77 -20.53
C TYR B 190 -0.88 35.21 -21.05
N LEU B 191 -2.05 35.77 -21.38
CA LEU B 191 -2.07 37.14 -21.89
C LEU B 191 -1.46 38.12 -20.88
N ALA B 192 -1.80 37.96 -19.61
CA ALA B 192 -1.30 38.87 -18.59
C ALA B 192 0.21 38.75 -18.35
N TYR B 193 0.75 37.54 -18.32
CA TYR B 193 2.06 37.35 -17.73
C TYR B 193 3.15 36.90 -18.69
N ALA B 194 2.81 36.50 -19.92
CA ALA B 194 3.84 35.94 -20.78
C ALA B 194 4.73 37.06 -21.30
N PRO B 195 6.04 36.83 -21.41
CA PRO B 195 6.94 37.93 -21.80
C PRO B 195 6.65 38.47 -23.18
N GLU B 196 6.32 37.59 -24.12
CA GLU B 196 6.06 38.02 -25.49
C GLU B 196 4.83 38.93 -25.60
N THR B 197 3.95 38.98 -24.57
CA THR B 197 2.84 39.93 -24.63
C THR B 197 3.23 41.28 -24.07
N ALA B 198 4.25 41.33 -23.21
CA ALA B 198 4.78 42.60 -22.69
C ALA B 198 3.71 43.44 -22.00
N HIS B 199 2.77 42.82 -21.29
CA HIS B 199 1.80 43.59 -20.51
C HIS B 199 2.38 43.90 -19.13
N PRO B 200 2.33 45.16 -18.70
CA PRO B 200 2.86 45.52 -17.38
C PRO B 200 2.21 44.71 -16.27
N VAL B 201 3.04 44.30 -15.32
CA VAL B 201 2.62 43.50 -14.17
C VAL B 201 3.00 44.27 -12.91
N ARG B 202 2.09 44.32 -11.95
CA ARG B 202 2.41 44.82 -10.62
C ARG B 202 2.62 43.65 -9.68
N LEU B 203 3.82 43.58 -9.10
CA LEU B 203 4.14 42.51 -8.16
C LEU B 203 3.30 42.63 -6.90
N VAL B 204 3.04 41.48 -6.26
CA VAL B 204 2.35 41.46 -4.97
C VAL B 204 3.41 41.49 -3.87
N TRP B 205 3.19 42.33 -2.85
CA TRP B 205 4.11 42.45 -1.72
C TRP B 205 3.52 41.79 -0.49
N LEU B 206 4.32 40.97 0.15
CA LEU B 206 3.95 40.30 1.39
C LEU B 206 4.95 40.70 2.45
N ALA B 207 4.47 40.76 3.68
CA ALA B 207 5.30 40.88 4.86
C ALA B 207 5.45 39.50 5.46
N ALA B 208 6.69 39.08 5.70
CA ALA B 208 6.98 37.74 6.16
C ALA B 208 7.68 37.83 7.50
N HIS B 209 7.17 37.06 8.48
CA HIS B 209 7.68 37.08 9.83
C HIS B 209 9.08 36.47 9.89
N ARG B 210 9.96 37.13 10.65
CA ARG B 210 11.38 36.77 10.76
C ARG B 210 11.61 35.39 11.37
N SER B 211 10.61 34.78 12.00
CA SER B 211 10.80 33.41 12.45
C SER B 211 10.85 32.43 11.29
N ARG B 212 10.26 32.78 10.14
CA ARG B 212 10.24 31.93 8.95
C ARG B 212 11.00 32.50 7.77
N ALA B 213 11.25 33.79 7.73
CA ALA B 213 11.85 34.41 6.56
C ALA B 213 13.21 34.98 6.90
N ALA B 214 14.08 35.11 5.89
CA ALA B 214 15.38 35.73 6.11
C ALA B 214 15.83 36.47 4.86
N PHE B 215 16.46 37.62 5.10
CA PHE B 215 16.99 38.51 4.08
C PHE B 215 18.50 38.42 4.10
N THR B 216 19.09 38.16 2.95
CA THR B 216 20.54 38.06 2.78
C THR B 216 21.00 39.19 1.88
N ALA B 217 21.97 39.96 2.36
CA ALA B 217 22.41 41.18 1.71
C ALA B 217 23.75 40.95 1.05
N GLY B 218 23.88 41.35 -0.21
CA GLY B 218 25.19 41.43 -0.82
C GLY B 218 26.04 42.49 -0.13
N ALA B 219 27.34 42.44 -0.41
CA ALA B 219 28.29 43.41 0.13
C ALA B 219 27.82 44.85 -0.14
N GLY B 220 27.80 45.67 0.90
CA GLY B 220 27.34 47.04 0.77
C GLY B 220 25.84 47.22 0.76
N ILE B 221 25.07 46.19 1.11
CA ILE B 221 23.61 46.27 1.11
C ILE B 221 23.14 46.27 2.55
N ASP B 222 22.17 47.12 2.83
CA ASP B 222 21.53 47.23 4.12
C ASP B 222 20.03 47.07 3.87
N TYR B 223 19.36 46.24 4.67
CA TYR B 223 17.95 45.99 4.44
C TYR B 223 17.15 47.29 4.40
N ALA B 224 17.22 48.07 5.48
CA ALA B 224 16.43 49.29 5.58
C ALA B 224 16.66 50.24 4.42
N SER B 225 17.93 50.51 4.05
CA SER B 225 18.14 51.41 2.92
C SER B 225 17.75 50.74 1.60
N PHE B 226 17.97 49.43 1.50
CA PHE B 226 17.60 48.74 0.26
C PHE B 226 16.11 48.85 -0.01
N VAL B 227 15.28 48.63 1.01
CA VAL B 227 13.84 48.68 0.71
C VAL B 227 13.38 50.12 0.51
N ARG B 228 14.04 51.11 1.12
CA ARG B 228 13.69 52.50 0.84
C ARG B 228 13.97 52.85 -0.62
N GLN B 229 15.18 52.51 -1.10
CA GLN B 229 15.55 52.80 -2.48
C GLN B 229 14.59 52.14 -3.46
N GLU B 230 14.24 50.89 -3.22
CA GLU B 230 13.52 50.11 -4.19
C GLU B 230 12.03 50.40 -4.18
N LEU B 231 11.44 50.69 -3.01
CA LEU B 231 10.01 50.95 -2.90
C LEU B 231 9.64 52.41 -2.72
N GLY B 232 10.54 53.23 -2.17
CA GLY B 232 10.16 54.57 -1.76
C GLY B 232 9.80 54.65 -0.29
N GLU B 233 10.30 55.68 0.38
CA GLU B 233 9.98 55.89 1.79
C GLU B 233 8.48 55.92 2.03
N GLU B 234 7.71 56.46 1.09
CA GLU B 234 6.27 56.58 1.28
C GLU B 234 5.62 55.20 1.34
N THR B 235 6.03 54.29 0.48
CA THR B 235 5.38 52.98 0.45
C THR B 235 5.84 52.12 1.62
N VAL B 236 7.11 52.19 1.98
CA VAL B 236 7.58 51.47 3.17
C VAL B 236 6.75 51.86 4.38
N GLU B 237 6.48 53.16 4.55
CA GLU B 237 5.70 53.64 5.69
C GLU B 237 4.24 53.22 5.58
N ARG B 238 3.66 53.24 4.38
CA ARG B 238 2.32 52.71 4.23
C ARG B 238 2.27 51.23 4.60
N PHE B 239 3.30 50.47 4.21
CA PHE B 239 3.34 49.05 4.55
C PHE B 239 3.48 48.88 6.06
N ASP B 240 4.38 49.65 6.67
CA ASP B 240 4.50 49.61 8.12
C ASP B 240 3.19 50.00 8.81
N GLY B 241 2.47 50.97 8.22
CA GLY B 241 1.17 51.32 8.75
C GLY B 241 0.18 50.18 8.74
N VAL B 242 0.14 49.41 7.65
CA VAL B 242 -0.79 48.28 7.58
C VAL B 242 -0.43 47.24 8.63
N LEU B 243 0.85 46.95 8.80
CA LEU B 243 1.23 46.00 9.84
C LEU B 243 0.83 46.52 11.23
N ARG B 244 1.14 47.78 11.56
CA ARG B 244 0.80 48.28 12.89
C ARG B 244 -0.69 48.31 13.13
N GLY B 245 -1.50 48.55 12.10
CA GLY B 245 -2.94 48.50 12.28
C GLY B 245 -3.45 47.11 12.62
N ARG B 246 -2.77 46.05 12.16
CA ARG B 246 -3.10 44.67 12.51
C ARG B 246 -2.45 44.24 13.82
N GLY B 247 -1.81 45.15 14.55
CA GLY B 247 -1.17 44.79 15.81
C GLY B 247 0.19 44.14 15.65
N LEU B 248 0.84 44.33 14.51
CA LEU B 248 2.10 43.66 14.21
C LEU B 248 3.21 44.70 14.17
N ASP B 249 4.32 44.38 14.79
CA ASP B 249 5.48 45.25 14.76
C ASP B 249 6.24 45.09 13.44
N PRO B 250 6.42 46.16 12.66
CA PRO B 250 7.14 46.01 11.39
C PRO B 250 8.56 45.48 11.54
N ALA B 251 9.20 45.70 12.69
CA ALA B 251 10.53 45.15 12.93
C ALA B 251 10.57 43.63 12.96
N ASP B 252 9.41 42.97 13.03
CA ASP B 252 9.36 41.51 13.01
C ASP B 252 9.21 40.94 11.61
N TYR B 253 9.17 41.79 10.57
CA TYR B 253 8.76 41.35 9.25
C TYR B 253 9.77 41.80 8.21
N LEU B 254 9.80 41.06 7.12
CA LEU B 254 10.61 41.35 5.95
C LEU B 254 9.69 41.38 4.74
N LEU B 255 10.08 42.18 3.74
CA LEU B 255 9.31 42.29 2.52
C LEU B 255 9.72 41.19 1.53
N ILE B 256 8.72 40.52 0.97
CA ILE B 256 8.92 39.57 -0.11
C ILE B 256 8.02 39.92 -1.29
N PRO B 257 8.57 40.26 -2.45
CA PRO B 257 7.77 40.40 -3.68
C PRO B 257 7.45 39.05 -4.29
N VAL B 258 6.20 38.91 -4.75
CA VAL B 258 5.76 37.65 -5.33
C VAL B 258 5.04 37.94 -6.64
N HIS B 259 5.21 37.00 -7.57
CA HIS B 259 4.47 36.99 -8.81
C HIS B 259 2.96 36.86 -8.52
N PRO B 260 2.11 37.67 -9.17
CA PRO B 260 0.66 37.59 -8.89
C PRO B 260 0.08 36.21 -9.10
N TRP B 261 0.52 35.51 -10.14
CA TRP B 261 0.04 34.14 -10.38
C TRP B 261 0.32 33.26 -9.18
N GLN B 262 1.53 33.36 -8.62
CA GLN B 262 1.94 32.52 -7.49
C GLN B 262 1.10 32.83 -6.27
N TRP B 263 0.80 34.11 -6.06
CA TRP B 263 -0.03 34.50 -4.93
C TRP B 263 -1.45 33.98 -5.07
N TRP B 264 -2.10 34.26 -6.22
CA TRP B 264 -3.53 33.98 -6.31
C TRP B 264 -3.81 32.48 -6.36
N ASN B 265 -2.95 31.73 -7.05
CA ASN B 265 -3.18 30.32 -7.32
C ASN B 265 -2.48 29.40 -6.33
N LYS B 266 -1.41 29.85 -5.69
CA LYS B 266 -0.64 28.94 -4.86
C LYS B 266 -0.55 29.40 -3.41
N LEU B 267 0.08 30.56 -3.15
CA LEU B 267 0.39 30.92 -1.78
C LEU B 267 -0.88 31.15 -0.97
N SER B 268 -1.89 31.79 -1.56
CA SER B 268 -3.10 32.08 -0.82
C SER B 268 -3.84 30.82 -0.39
N VAL B 269 -3.57 29.69 -1.03
CA VAL B 269 -4.21 28.42 -0.68
C VAL B 269 -3.22 27.49 0.01
N THR B 270 -2.16 27.08 -0.70
CA THR B 270 -1.16 26.20 -0.12
C THR B 270 -0.60 26.75 1.18
N PHE B 271 -0.36 28.08 1.27
CA PHE B 271 0.22 28.67 2.47
C PHE B 271 -0.83 29.36 3.33
N ALA B 272 -2.09 28.93 3.25
CA ALA B 272 -3.18 29.60 3.96
C ALA B 272 -2.94 29.65 5.46
N ALA B 273 -2.29 28.62 6.02
CA ALA B 273 -1.96 28.65 7.44
C ALA B 273 -1.03 29.82 7.76
N GLU B 274 -0.01 30.03 6.93
CA GLU B 274 0.94 31.10 7.21
C GLU B 274 0.27 32.46 7.10
N VAL B 275 -0.61 32.63 6.12
CA VAL B 275 -1.34 33.88 5.96
C VAL B 275 -2.28 34.10 7.15
N ALA B 276 -3.12 33.12 7.47
CA ALA B 276 -4.09 33.29 8.56
C ALA B 276 -3.42 33.62 9.89
N ARG B 277 -2.29 32.98 10.19
CA ARG B 277 -1.56 33.16 11.43
C ARG B 277 -0.71 34.42 11.44
N GLN B 278 -0.71 35.17 10.34
CA GLN B 278 0.05 36.41 10.16
C GLN B 278 1.55 36.17 10.10
N ASN B 279 1.99 34.94 9.87
CA ASN B 279 3.38 34.78 9.43
C ASN B 279 3.58 35.39 8.06
N LEU B 280 2.54 35.46 7.24
CA LEU B 280 2.56 36.22 6.00
C LEU B 280 1.37 37.17 6.03
N VAL B 281 1.61 38.39 5.57
CA VAL B 281 0.56 39.40 5.53
C VAL B 281 0.61 39.97 4.13
N CYS B 282 -0.53 39.91 3.44
CA CYS B 282 -0.58 40.50 2.12
C CYS B 282 -0.68 42.01 2.27
N LEU B 283 0.28 42.74 1.70
CA LEU B 283 0.28 44.20 1.74
C LEU B 283 -0.40 44.83 0.53
N GLY B 284 -0.25 44.28 -0.67
CA GLY B 284 -0.87 44.85 -1.85
C GLY B 284 0.11 44.98 -3.00
N GLU B 285 -0.24 45.78 -4.00
CA GLU B 285 0.52 45.86 -5.24
C GLU B 285 1.66 46.87 -5.15
N SER B 286 2.68 46.62 -5.97
CA SER B 286 3.75 47.58 -6.22
C SER B 286 3.20 48.77 -7.02
N ASP B 287 3.76 49.94 -6.77
CA ASP B 287 3.41 51.08 -7.59
C ASP B 287 4.10 51.03 -8.95
N ASP B 288 5.34 50.54 -9.03
CA ASP B 288 6.03 50.44 -10.30
C ASP B 288 5.43 49.34 -11.16
N GLU B 289 5.56 49.51 -12.48
CA GLU B 289 5.13 48.53 -13.45
C GLU B 289 6.33 47.73 -13.92
N TYR B 290 6.18 46.40 -13.95
CA TYR B 290 7.25 45.46 -14.26
C TYR B 290 6.91 44.70 -15.52
N LEU B 291 7.95 44.28 -16.25
CA LEU B 291 7.81 43.52 -17.50
C LEU B 291 8.52 42.18 -17.35
N ALA B 292 7.81 41.09 -17.65
CA ALA B 292 8.41 39.77 -17.59
C ALA B 292 9.49 39.61 -18.65
N GLN B 293 10.64 39.08 -18.25
CA GLN B 293 11.73 38.78 -19.17
C GLN B 293 11.55 37.36 -19.72
N GLN B 294 12.49 36.92 -20.56
CA GLN B 294 12.27 35.65 -21.25
C GLN B 294 12.18 34.46 -20.29
N SER B 295 12.79 34.54 -19.09
CA SER B 295 12.69 33.47 -18.10
C SER B 295 11.34 33.47 -17.41
N ILE B 296 10.46 34.42 -17.76
CA ILE B 296 9.07 34.49 -17.32
C ILE B 296 8.95 34.98 -15.89
N ARG B 297 9.65 34.33 -14.96
CA ARG B 297 9.53 34.64 -13.53
C ARG B 297 10.36 35.85 -13.10
N THR B 298 11.18 36.42 -13.97
CA THR B 298 12.08 37.51 -13.64
C THR B 298 11.60 38.78 -14.33
N PHE B 299 11.49 39.86 -13.57
CA PHE B 299 10.85 41.09 -14.02
C PHE B 299 11.84 42.25 -14.08
N PHE B 300 11.68 43.07 -15.12
CA PHE B 300 12.42 44.30 -15.34
C PHE B 300 11.51 45.46 -14.98
N ASN B 301 12.08 46.50 -14.38
CA ASN B 301 11.26 47.59 -13.87
C ASN B 301 11.07 48.62 -14.98
N ALA B 302 9.89 48.60 -15.61
CA ALA B 302 9.64 49.50 -16.73
C ALA B 302 9.50 50.93 -16.26
N THR B 303 8.87 51.14 -15.09
CA THR B 303 8.75 52.49 -14.56
C THR B 303 10.11 53.11 -14.28
N HIS B 304 11.03 52.33 -13.70
CA HIS B 304 12.37 52.81 -13.34
C HIS B 304 13.42 51.80 -13.78
N PRO B 305 13.89 51.89 -15.02
CA PRO B 305 14.84 50.87 -15.53
C PRO B 305 16.11 50.74 -14.73
N GLU B 306 16.48 51.76 -13.94
CA GLU B 306 17.69 51.74 -13.12
C GLU B 306 17.55 50.83 -11.89
N LYS B 307 16.34 50.60 -11.42
CA LYS B 307 16.09 49.76 -10.26
C LYS B 307 16.30 48.29 -10.60
N HIS B 308 16.33 47.47 -9.55
CA HIS B 308 16.68 46.07 -9.71
C HIS B 308 15.61 45.31 -10.48
N TYR B 309 16.08 44.30 -11.21
CA TYR B 309 15.23 43.17 -11.56
C TYR B 309 14.76 42.49 -10.28
N VAL B 310 13.56 41.94 -10.34
CA VAL B 310 13.04 41.07 -9.29
C VAL B 310 12.82 39.68 -9.89
N LYS B 311 13.46 38.67 -9.28
CA LYS B 311 13.30 37.27 -9.66
C LYS B 311 12.38 36.61 -8.64
N THR B 312 11.23 36.10 -9.10
CA THR B 312 10.24 35.52 -8.21
C THR B 312 10.16 33.99 -8.38
N ALA B 313 9.50 33.36 -7.42
CA ALA B 313 9.17 31.95 -7.48
C ALA B 313 7.88 31.74 -8.27
N LEU B 314 7.93 30.94 -9.33
CA LEU B 314 6.74 30.72 -10.16
C LEU B 314 6.54 29.24 -10.40
N SER B 315 5.61 28.63 -9.66
CA SER B 315 5.40 27.17 -9.71
C SER B 315 4.70 26.75 -11.00
N VAL B 316 5.28 27.15 -12.10
CA VAL B 316 4.82 26.82 -13.45
C VAL B 316 5.83 25.91 -14.12
N LEU B 317 5.34 24.97 -14.93
CA LEU B 317 6.22 24.05 -15.66
C LEU B 317 6.58 24.67 -17.00
N ASN B 318 7.88 24.85 -17.22
CA ASN B 318 8.41 25.31 -18.49
C ASN B 318 9.72 24.63 -18.79
N MET B 319 9.78 24.01 -19.98
CA MET B 319 11.03 23.50 -20.55
C MET B 319 11.84 22.68 -19.55
N GLY B 320 11.20 21.66 -18.99
CA GLY B 320 11.94 20.67 -18.23
C GLY B 320 12.01 20.91 -16.73
N PHE B 321 11.59 22.06 -16.22
CA PHE B 321 11.71 22.38 -14.81
C PHE B 321 10.50 23.16 -14.31
N MET B 322 10.11 22.90 -13.07
CA MET B 322 9.27 23.83 -12.34
C MET B 322 10.10 25.07 -12.02
N ARG B 323 9.50 26.24 -12.17
CA ARG B 323 10.30 27.46 -12.11
C ARG B 323 10.09 28.20 -10.80
N GLY B 324 10.12 27.44 -9.73
CA GLY B 324 10.17 28.01 -8.40
C GLY B 324 11.55 28.52 -8.09
N LEU B 325 11.73 28.93 -6.85
CA LEU B 325 13.01 29.44 -6.37
C LEU B 325 13.24 28.93 -4.96
N SER B 326 14.43 28.36 -4.72
CA SER B 326 14.70 27.70 -3.45
C SER B 326 14.93 28.72 -2.34
N ALA B 327 14.14 28.62 -1.27
CA ALA B 327 14.37 29.46 -0.11
C ALA B 327 15.74 29.19 0.52
N ALA B 328 16.14 27.93 0.59
CA ALA B 328 17.41 27.60 1.23
C ALA B 328 18.60 28.20 0.48
N TYR B 329 18.55 28.19 -0.85
CA TYR B 329 19.70 28.64 -1.60
C TYR B 329 19.86 30.15 -1.58
N MET B 330 18.84 30.90 -1.13
CA MET B 330 18.98 32.35 -1.09
C MET B 330 20.06 32.80 -0.11
N GLU B 331 20.25 32.06 0.99
CA GLU B 331 21.21 32.43 2.03
C GLU B 331 22.58 32.76 1.43
N ALA B 332 23.04 31.98 0.46
CA ALA B 332 24.39 32.15 -0.07
C ALA B 332 24.44 32.77 -1.46
N THR B 333 23.30 33.12 -2.06
CA THR B 333 23.31 33.65 -3.42
C THR B 333 24.11 34.95 -3.55
N PRO B 334 23.89 35.99 -2.76
CA PRO B 334 24.69 37.22 -2.97
C PRO B 334 26.17 37.00 -2.73
N ALA B 335 26.53 36.14 -1.78
CA ALA B 335 27.95 35.88 -1.53
C ALA B 335 28.62 35.26 -2.76
N ILE B 336 27.88 34.44 -3.50
CA ILE B 336 28.46 33.83 -4.70
C ILE B 336 28.65 34.90 -5.78
N ASN B 337 27.73 35.87 -5.85
CA ASN B 337 27.88 37.00 -6.77
C ASN B 337 29.02 37.93 -6.34
N ASP B 338 29.16 38.19 -5.03
CA ASP B 338 30.23 39.07 -4.57
C ASP B 338 31.61 38.46 -4.87
N TRP B 339 31.72 37.13 -4.71
CA TRP B 339 32.94 36.39 -5.01
C TRP B 339 33.30 36.45 -6.50
N LEU B 340 32.34 36.13 -7.36
CA LEU B 340 32.61 36.12 -8.80
C LEU B 340 32.94 37.52 -9.31
N ASP B 341 32.22 38.53 -8.80
CA ASP B 341 32.49 39.91 -9.20
C ASP B 341 33.93 40.31 -8.88
N ARG B 342 34.39 40.03 -7.65
CA ARG B 342 35.75 40.36 -7.28
C ARG B 342 36.75 39.53 -8.07
N LEU B 343 36.42 38.27 -8.36
CA LEU B 343 37.28 37.45 -9.20
C LEU B 343 37.50 38.08 -10.57
N ILE B 344 36.45 38.61 -11.18
CA ILE B 344 36.59 39.26 -12.49
C ILE B 344 37.39 40.55 -12.35
N ASP B 345 37.10 41.34 -11.33
CA ASP B 345 37.79 42.62 -11.18
C ASP B 345 39.28 42.41 -10.95
N ASN B 346 39.68 41.31 -10.32
CA ASN B 346 41.08 41.08 -9.99
C ASN B 346 41.81 40.20 -11.01
N ASP B 347 41.20 39.93 -12.16
CA ASP B 347 41.86 39.16 -13.21
C ASP B 347 41.98 40.02 -14.46
N PRO B 348 43.18 40.48 -14.82
CA PRO B 348 43.30 41.36 -15.99
C PRO B 348 42.87 40.71 -17.28
N VAL B 349 42.88 39.38 -17.38
CA VAL B 349 42.39 38.72 -18.59
C VAL B 349 40.88 38.91 -18.74
N LEU B 350 40.13 38.75 -17.65
CA LEU B 350 38.69 38.99 -17.72
C LEU B 350 38.38 40.48 -17.84
N LYS B 351 39.08 41.33 -17.06
CA LYS B 351 38.84 42.77 -17.13
C LYS B 351 39.09 43.31 -18.54
N SER B 352 40.00 42.69 -19.29
CA SER B 352 40.31 43.19 -20.62
C SER B 352 39.28 42.76 -21.65
N THR B 353 38.58 41.65 -21.42
CA THR B 353 37.43 41.31 -22.26
C THR B 353 36.27 42.27 -22.05
N GLY B 354 36.26 43.01 -20.95
CA GLY B 354 35.12 43.83 -20.60
C GLY B 354 34.01 43.11 -19.87
N LEU B 355 34.21 41.83 -19.54
CA LEU B 355 33.17 41.03 -18.91
C LEU B 355 32.65 41.67 -17.64
N SER B 356 31.35 41.57 -17.42
CA SER B 356 30.75 41.93 -16.16
C SER B 356 29.61 40.97 -15.86
N ILE B 357 29.25 40.87 -14.59
CA ILE B 357 28.01 40.23 -14.19
C ILE B 357 27.08 41.30 -13.67
N ILE B 358 25.78 41.15 -13.91
CA ILE B 358 24.81 41.89 -13.12
C ILE B 358 24.53 41.04 -11.88
N ARG B 359 25.04 41.50 -10.74
CA ARG B 359 24.99 40.74 -9.52
C ARG B 359 23.57 40.58 -9.00
N GLU B 360 23.28 39.37 -8.52
CA GLU B 360 22.21 39.16 -7.56
C GLU B 360 22.63 39.77 -6.23
N ARG B 361 22.00 40.90 -5.87
CA ARG B 361 22.45 41.77 -4.78
C ARG B 361 21.78 41.50 -3.43
N ALA B 362 20.53 41.07 -3.43
CA ALA B 362 19.83 40.74 -2.20
C ALA B 362 18.85 39.61 -2.47
N ALA B 363 18.52 38.85 -1.42
CA ALA B 363 17.62 37.72 -1.57
C ALA B 363 16.83 37.52 -0.28
N VAL B 364 15.60 37.01 -0.42
CA VAL B 364 14.73 36.66 0.70
C VAL B 364 14.24 35.25 0.48
N GLY B 365 14.23 34.46 1.55
CA GLY B 365 13.65 33.14 1.53
C GLY B 365 12.65 32.96 2.66
N TYR B 366 11.63 32.16 2.39
CA TYR B 366 10.65 31.77 3.39
C TYR B 366 10.74 30.26 3.60
N ARG B 367 11.05 29.85 4.84
CA ARG B 367 11.16 28.43 5.18
C ARG B 367 9.84 27.95 5.79
N HIS B 368 9.07 27.19 5.01
CA HIS B 368 7.80 26.63 5.47
C HIS B 368 8.11 25.37 6.29
N LEU B 369 8.02 25.48 7.63
CA LEU B 369 8.43 24.38 8.50
C LEU B 369 7.65 23.11 8.22
N GLU B 370 6.33 23.22 8.07
CA GLU B 370 5.50 22.03 7.92
C GLU B 370 5.75 21.34 6.58
N TYR B 371 5.80 22.10 5.47
CA TYR B 371 6.04 21.43 4.19
C TYR B 371 7.46 20.89 4.12
N GLU B 372 8.41 21.51 4.80
CA GLU B 372 9.76 20.93 4.88
C GLU B 372 9.74 19.60 5.62
N ALA B 373 9.02 19.53 6.74
CA ALA B 373 8.88 18.27 7.47
C ALA B 373 8.28 17.18 6.59
N ALA B 374 7.36 17.55 5.71
CA ALA B 374 6.58 16.59 4.94
C ALA B 374 7.24 16.21 3.62
N THR B 375 8.37 16.81 3.27
CA THR B 375 8.97 16.61 1.96
C THR B 375 10.47 16.39 2.14
N ASP B 376 11.17 16.17 1.02
CA ASP B 376 12.61 15.99 1.06
C ASP B 376 13.28 17.22 0.41
N ARG B 377 14.61 17.25 0.43
CA ARG B 377 15.33 18.45 0.00
C ARG B 377 15.01 18.80 -1.45
N TYR B 378 14.64 17.83 -2.27
CA TYR B 378 14.45 18.08 -3.71
C TYR B 378 13.02 18.53 -4.07
N SER B 379 12.13 18.69 -3.10
CA SER B 379 10.70 18.87 -3.36
C SER B 379 10.40 20.27 -3.91
N PRO B 380 9.48 20.39 -4.87
CA PRO B 380 9.04 21.74 -5.30
C PRO B 380 8.25 22.48 -4.23
N TYR B 381 7.74 21.80 -3.21
CA TYR B 381 7.10 22.48 -2.10
C TYR B 381 8.07 23.34 -1.30
N ARG B 382 9.36 23.13 -1.44
CA ARG B 382 10.32 23.99 -0.78
C ARG B 382 10.74 25.17 -1.64
N LYS B 383 10.18 25.33 -2.84
CA LYS B 383 10.62 26.34 -3.80
C LYS B 383 9.50 27.30 -4.17
N MET B 384 8.54 27.50 -3.28
CA MET B 384 7.33 28.26 -3.59
C MET B 384 7.38 29.71 -3.13
N LEU B 385 8.29 30.10 -2.22
CA LEU B 385 8.28 31.49 -1.78
C LEU B 385 9.70 31.95 -1.49
N ALA B 386 10.24 32.72 -2.44
CA ALA B 386 11.57 33.30 -2.35
C ALA B 386 11.69 34.33 -3.46
N ALA B 387 12.67 35.21 -3.33
CA ALA B 387 12.82 36.27 -4.32
C ALA B 387 14.23 36.82 -4.18
N LEU B 388 14.81 37.25 -5.29
CA LEU B 388 16.08 37.98 -5.24
C LEU B 388 16.02 39.18 -6.15
N TRP B 389 16.89 40.14 -5.87
CA TRP B 389 17.00 41.36 -6.65
C TRP B 389 18.33 41.36 -7.38
N ARG B 390 18.29 41.71 -8.66
CA ARG B 390 19.45 41.70 -9.53
C ARG B 390 19.66 43.08 -10.14
N GLU B 391 20.92 43.54 -10.09
CA GLU B 391 21.32 44.82 -10.68
C GLU B 391 20.78 45.01 -12.08
N SER B 392 20.43 46.25 -12.41
CA SER B 392 20.05 46.60 -13.79
C SER B 392 21.29 46.97 -14.60
N PRO B 393 21.43 46.48 -15.84
CA PRO B 393 22.58 46.86 -16.66
C PRO B 393 22.46 48.23 -17.31
N VAL B 394 21.37 48.96 -17.10
CA VAL B 394 21.11 50.24 -17.77
C VAL B 394 22.02 51.36 -17.25
N PRO B 395 22.09 51.64 -15.94
CA PRO B 395 22.91 52.78 -15.50
C PRO B 395 24.39 52.72 -15.90
N ALA B 396 24.94 51.54 -16.16
CA ALA B 396 26.34 51.44 -16.55
C ALA B 396 26.60 51.86 -17.99
N LEU B 397 25.56 52.08 -18.78
CA LEU B 397 25.75 52.39 -20.19
C LEU B 397 26.43 53.75 -20.36
N ARG B 398 27.32 53.83 -21.34
CA ARG B 398 27.93 55.07 -21.78
C ARG B 398 27.21 55.57 -23.03
N ASP B 399 27.54 56.80 -23.43
CA ASP B 399 26.90 57.43 -24.58
C ASP B 399 26.95 56.53 -25.82
N GLY B 400 25.79 56.32 -26.44
CA GLY B 400 25.69 55.52 -27.64
C GLY B 400 25.59 54.02 -27.42
N GLU B 401 25.64 53.54 -26.17
CA GLU B 401 25.61 52.12 -25.89
C GLU B 401 24.17 51.66 -25.64
N SER B 402 23.89 50.42 -26.05
CA SER B 402 22.56 49.86 -25.89
C SER B 402 22.68 48.37 -25.54
N LEU B 403 21.59 47.80 -25.03
CA LEU B 403 21.56 46.42 -24.59
C LEU B 403 20.68 45.55 -25.47
N THR B 404 21.12 44.31 -25.68
CA THR B 404 20.24 43.29 -26.23
C THR B 404 20.53 41.96 -25.56
N THR B 405 19.47 41.14 -25.41
CA THR B 405 19.66 39.73 -25.09
C THR B 405 20.46 39.06 -26.20
N MET B 406 21.44 38.23 -25.81
CA MET B 406 22.18 37.49 -26.83
C MET B 406 21.25 36.63 -27.70
N ALA B 407 20.09 36.25 -27.17
CA ALA B 407 19.16 35.49 -28.00
C ALA B 407 18.75 36.22 -29.28
N ALA B 408 18.92 37.54 -29.35
CA ALA B 408 18.54 38.25 -30.58
C ALA B 408 19.42 37.88 -31.76
N LEU B 409 20.67 37.47 -31.50
CA LEU B 409 21.57 37.17 -32.60
C LEU B 409 20.99 36.12 -33.53
N VAL B 410 20.23 35.17 -32.96
CA VAL B 410 19.62 34.09 -33.73
C VAL B 410 18.11 34.30 -33.87
N HIS B 411 17.63 35.52 -33.70
CA HIS B 411 16.25 35.87 -34.04
C HIS B 411 16.18 36.34 -35.48
N VAL B 412 15.30 35.73 -36.27
CA VAL B 412 15.11 36.06 -37.69
C VAL B 412 13.74 36.67 -37.88
N ASP B 413 13.66 37.80 -38.59
CA ASP B 413 12.39 38.47 -38.78
C ASP B 413 11.66 37.96 -40.01
N HIS B 414 10.53 38.58 -40.32
CA HIS B 414 9.65 38.13 -41.39
C HIS B 414 10.22 38.41 -42.76
N GLU B 415 11.29 39.18 -42.86
CA GLU B 415 11.97 39.37 -44.13
C GLU B 415 13.21 38.48 -44.26
N GLY B 416 13.50 37.65 -43.27
CA GLY B 416 14.64 36.77 -43.32
C GLY B 416 15.94 37.36 -42.83
N ARG B 417 15.91 38.56 -42.26
CA ARG B 417 17.09 39.21 -41.70
C ARG B 417 17.17 38.87 -40.20
N SER B 418 18.33 38.36 -39.77
CA SER B 418 18.55 38.15 -38.36
C SER B 418 19.05 39.44 -37.73
N VAL B 419 18.92 39.54 -36.40
CA VAL B 419 19.40 40.75 -35.73
C VAL B 419 20.92 40.83 -35.81
N ALA B 420 21.61 39.68 -35.88
CA ALA B 420 23.05 39.73 -36.11
C ALA B 420 23.36 40.28 -37.50
N GLY B 421 22.63 39.82 -38.51
CA GLY B 421 22.76 40.39 -39.84
C GLY B 421 22.62 41.90 -39.84
N GLU B 422 21.58 42.42 -39.17
CA GLU B 422 21.37 43.86 -39.14
C GLU B 422 22.51 44.57 -38.44
N LEU B 423 23.04 43.99 -37.37
CA LEU B 423 24.14 44.62 -36.64
C LEU B 423 25.41 44.67 -37.50
N ILE B 424 25.81 43.53 -38.08
CA ILE B 424 26.94 43.52 -39.01
C ILE B 424 26.78 44.63 -40.06
N ALA B 425 25.64 44.64 -40.75
CA ALA B 425 25.38 45.64 -41.78
C ALA B 425 25.58 47.06 -41.25
N ARG B 426 24.88 47.41 -40.17
CA ARG B 426 25.01 48.75 -39.60
C ARG B 426 26.43 49.05 -39.15
N SER B 427 27.19 48.03 -38.77
CA SER B 427 28.53 48.29 -38.25
C SER B 427 29.48 48.76 -39.34
N GLY B 428 29.22 48.41 -40.61
CA GLY B 428 30.18 48.70 -41.66
C GLY B 428 31.40 47.81 -41.70
N LEU B 429 31.54 46.86 -40.74
CA LEU B 429 32.67 45.93 -40.68
C LEU B 429 32.45 44.73 -41.57
N ALA B 430 33.56 44.10 -41.93
CA ALA B 430 33.50 42.76 -42.50
C ALA B 430 32.91 41.80 -41.46
N PRO B 431 32.07 40.86 -41.88
CA PRO B 431 31.47 39.91 -40.92
C PRO B 431 32.47 39.27 -39.95
N THR B 432 33.62 38.81 -40.42
CA THR B 432 34.56 38.15 -39.51
C THR B 432 35.11 39.13 -38.46
N ALA B 433 35.30 40.40 -38.83
CA ALA B 433 35.71 41.42 -37.88
C ALA B 433 34.63 41.67 -36.84
N TRP B 434 33.37 41.73 -37.29
CA TRP B 434 32.27 41.86 -36.35
C TRP B 434 32.18 40.65 -35.44
N LEU B 435 32.30 39.46 -36.04
CA LEU B 435 32.21 38.24 -35.27
C LEU B 435 33.35 38.14 -34.27
N ARG B 436 34.50 38.71 -34.59
CA ARG B 436 35.63 38.63 -33.68
C ARG B 436 35.37 39.45 -32.41
N HIS B 437 34.78 40.64 -32.56
CA HIS B 437 34.42 41.45 -31.40
C HIS B 437 33.43 40.72 -30.50
N TYR B 438 32.45 40.07 -31.11
CA TYR B 438 31.46 39.36 -30.32
C TYR B 438 32.10 38.23 -29.53
N LEU B 439 32.91 37.41 -30.21
CA LEU B 439 33.60 36.30 -29.57
C LEU B 439 34.55 36.79 -28.48
N ARG B 440 35.22 37.93 -28.69
CA ARG B 440 36.11 38.37 -27.61
C ARG B 440 35.34 38.80 -26.40
N ALA B 441 34.14 39.36 -26.58
CA ALA B 441 33.41 39.81 -25.41
C ALA B 441 32.70 38.64 -24.71
N TYR B 442 32.20 37.68 -25.49
CA TYR B 442 31.34 36.60 -24.97
C TYR B 442 32.06 35.28 -24.76
N TYR B 443 32.85 34.83 -25.75
CA TYR B 443 33.40 33.47 -25.74
C TYR B 443 34.71 33.41 -24.95
N THR B 444 35.62 34.35 -25.19
CA THR B 444 36.91 34.36 -24.48
C THR B 444 36.81 34.24 -22.97
N PRO B 445 35.96 35.00 -22.25
CA PRO B 445 35.86 34.76 -20.80
C PRO B 445 35.46 33.35 -20.44
N LEU B 446 34.68 32.67 -21.29
CA LEU B 446 34.37 31.27 -21.01
C LEU B 446 35.63 30.43 -21.04
N LEU B 447 36.47 30.63 -22.06
CA LEU B 447 37.71 29.88 -22.13
C LEU B 447 38.56 30.15 -20.88
N HIS B 448 38.75 31.42 -20.53
CA HIS B 448 39.57 31.71 -19.37
C HIS B 448 38.93 31.16 -18.09
N SER B 449 37.60 31.28 -17.94
CA SER B 449 36.93 30.70 -16.78
C SER B 449 37.19 29.20 -16.69
N PHE B 450 37.10 28.50 -17.82
CA PHE B 450 37.33 27.07 -17.81
C PHE B 450 38.78 26.74 -17.45
N TYR B 451 39.73 27.29 -18.20
CA TYR B 451 41.12 26.85 -18.10
C TYR B 451 41.82 27.36 -16.84
N ALA B 452 41.52 28.58 -16.42
CA ALA B 452 42.18 29.14 -15.24
C ALA B 452 41.45 28.87 -13.94
N TYR B 453 40.16 28.50 -13.98
CA TYR B 453 39.37 28.39 -12.76
C TYR B 453 38.46 27.18 -12.67
N ASP B 454 38.43 26.29 -13.67
CA ASP B 454 37.50 25.16 -13.66
C ASP B 454 36.06 25.61 -13.56
N LEU B 455 35.80 26.85 -13.96
CA LEU B 455 34.51 27.47 -13.79
C LEU B 455 33.69 27.35 -15.07
N ALA B 456 32.41 27.04 -14.93
CA ALA B 456 31.50 26.98 -16.07
C ALA B 456 30.20 27.68 -15.71
N PHE B 457 29.52 28.17 -16.74
CA PHE B 457 28.26 28.89 -16.64
C PHE B 457 27.15 28.08 -17.31
N MET B 458 26.01 28.73 -17.50
CA MET B 458 24.94 28.26 -18.38
C MET B 458 24.70 29.39 -19.40
N PRO B 459 25.67 29.63 -20.31
CA PRO B 459 25.71 30.91 -21.03
C PRO B 459 24.91 30.88 -22.33
N HIS B 460 23.62 30.58 -22.24
CA HIS B 460 22.83 30.55 -23.47
C HIS B 460 22.34 31.98 -23.78
N GLY B 461 21.49 32.11 -24.79
CA GLY B 461 21.06 33.43 -25.22
C GLY B 461 20.26 34.18 -24.16
N GLU B 462 19.55 33.44 -23.29
CA GLU B 462 18.75 34.09 -22.26
C GLU B 462 19.58 34.54 -21.04
N ASN B 463 20.70 33.88 -20.77
CA ASN B 463 21.54 34.25 -19.63
C ASN B 463 22.61 35.27 -19.98
N THR B 464 22.66 35.73 -21.21
CA THR B 464 23.71 36.61 -21.67
C THR B 464 23.08 37.86 -22.27
N ILE B 465 23.61 39.02 -21.90
CA ILE B 465 23.21 40.30 -22.48
C ILE B 465 24.44 40.88 -23.17
N LEU B 466 24.21 41.57 -24.29
CA LEU B 466 25.30 42.19 -25.03
C LEU B 466 25.18 43.71 -25.01
N VAL B 467 26.31 44.39 -24.85
CA VAL B 467 26.36 45.85 -24.95
C VAL B 467 26.81 46.19 -26.36
N LEU B 468 26.01 46.98 -27.05
CA LEU B 468 26.19 47.36 -28.44
C LEU B 468 26.54 48.83 -28.54
N LYS B 469 27.46 49.16 -29.45
CA LYS B 469 27.73 50.53 -29.84
C LYS B 469 28.15 50.50 -31.30
N ASP B 470 27.58 51.39 -32.12
CA ASP B 470 27.90 51.47 -33.55
C ASP B 470 27.71 50.14 -34.26
N GLY B 471 26.79 49.31 -33.77
CA GLY B 471 26.55 48.01 -34.33
C GLY B 471 27.48 46.92 -33.86
N VAL B 472 28.41 47.20 -32.94
CA VAL B 472 29.48 46.29 -32.59
C VAL B 472 29.36 45.91 -31.13
N VAL B 473 29.60 44.63 -30.82
CA VAL B 473 29.54 44.16 -29.45
C VAL B 473 30.75 44.67 -28.69
N GLN B 474 30.50 45.48 -27.66
CA GLN B 474 31.57 46.07 -26.86
C GLN B 474 31.99 45.12 -25.75
N ARG B 475 31.00 44.49 -25.11
CA ARG B 475 31.24 43.63 -23.97
C ARG B 475 29.97 42.81 -23.75
N ALA B 476 30.13 41.77 -22.95
CA ALA B 476 29.07 40.84 -22.61
C ALA B 476 28.78 40.96 -21.12
N VAL B 477 27.52 40.76 -20.75
CA VAL B 477 27.06 40.77 -19.37
C VAL B 477 26.41 39.42 -19.07
N TYR B 478 26.89 38.72 -18.03
CA TYR B 478 26.33 37.43 -17.66
C TYR B 478 25.39 37.58 -16.47
N LYS B 479 24.35 36.78 -16.48
CA LYS B 479 23.43 36.80 -15.36
C LYS B 479 23.01 35.38 -15.06
N ASP B 480 22.18 35.24 -14.03
CA ASP B 480 21.80 33.93 -13.48
C ASP B 480 23.04 33.14 -13.06
N ILE B 481 23.61 33.60 -11.95
CA ILE B 481 24.93 33.16 -11.51
C ILE B 481 24.80 32.05 -10.47
N ALA B 482 24.21 32.37 -9.31
CA ALA B 482 24.28 31.46 -8.18
C ALA B 482 23.62 30.11 -8.48
N GLU B 483 22.53 30.12 -9.25
CA GLU B 483 21.85 28.86 -9.54
C GLU B 483 22.58 28.05 -10.59
N GLU B 484 23.51 28.63 -11.33
CA GLU B 484 23.98 27.99 -12.55
C GLU B 484 25.46 27.69 -12.58
N ILE B 485 26.32 28.47 -11.92
CA ILE B 485 27.74 28.25 -12.07
C ILE B 485 28.16 26.96 -11.35
N VAL B 486 29.32 26.45 -11.74
CA VAL B 486 29.90 25.25 -11.18
C VAL B 486 31.41 25.37 -11.26
N VAL B 487 32.08 25.06 -10.15
CA VAL B 487 33.53 24.96 -10.14
C VAL B 487 33.84 23.47 -10.20
N MET B 488 34.43 23.03 -11.31
CA MET B 488 34.59 21.60 -11.57
C MET B 488 35.90 21.10 -10.98
N ASP B 489 35.97 21.22 -9.66
CA ASP B 489 37.14 20.85 -8.88
C ASP B 489 36.69 20.70 -7.42
N PRO B 490 36.41 19.50 -6.94
CA PRO B 490 35.85 19.36 -5.59
C PRO B 490 36.78 19.89 -4.51
N ASP B 491 38.08 19.95 -4.78
CA ASP B 491 39.07 20.37 -3.79
C ASP B 491 39.46 21.83 -3.96
N ALA B 492 38.64 22.62 -4.63
CA ALA B 492 39.01 23.99 -4.97
C ALA B 492 38.94 24.90 -3.76
N VAL B 493 39.93 25.78 -3.64
CA VAL B 493 40.03 26.69 -2.51
C VAL B 493 39.09 27.87 -2.76
N LEU B 494 38.01 27.95 -1.98
CA LEU B 494 37.00 28.97 -2.07
C LEU B 494 36.60 29.41 -0.68
N PRO B 495 36.05 30.62 -0.53
CA PRO B 495 35.42 30.99 0.73
C PRO B 495 34.24 30.09 1.03
N PRO B 496 33.88 29.91 2.31
CA PRO B 496 32.88 28.87 2.65
C PRO B 496 31.50 29.04 2.02
N GLU B 497 30.98 30.27 1.94
CA GLU B 497 29.66 30.53 1.33
C GLU B 497 29.55 30.03 -0.10
N VAL B 498 30.68 29.90 -0.80
CA VAL B 498 30.71 29.56 -2.20
C VAL B 498 30.97 28.07 -2.44
N ARG B 499 31.52 27.35 -1.46
CA ARG B 499 31.99 26.00 -1.70
C ARG B 499 30.91 25.06 -2.22
N ARG B 500 29.63 25.39 -2.03
CA ARG B 500 28.57 24.54 -2.53
C ARG B 500 28.52 24.50 -4.05
N VAL B 501 29.19 25.42 -4.74
CA VAL B 501 29.17 25.40 -6.20
C VAL B 501 30.20 24.45 -6.79
N ARG B 502 31.01 23.81 -5.96
CA ARG B 502 31.92 22.80 -6.45
C ARG B 502 31.15 21.53 -6.81
N ALA B 503 31.76 20.71 -7.66
CA ALA B 503 31.13 19.49 -8.13
C ALA B 503 32.18 18.62 -8.77
N GLU B 504 31.97 17.31 -8.68
CA GLU B 504 32.78 16.33 -9.38
C GLU B 504 32.11 16.08 -10.73
N VAL B 505 32.80 16.46 -11.81
CA VAL B 505 32.37 16.16 -13.17
C VAL B 505 33.42 15.21 -13.76
N PRO B 506 33.02 14.15 -14.47
CA PRO B 506 34.00 13.29 -15.13
C PRO B 506 34.90 14.09 -16.06
N GLU B 507 36.18 13.70 -16.14
CA GLU B 507 37.13 14.43 -16.97
C GLU B 507 36.63 14.61 -18.39
N ASP B 508 36.22 13.51 -19.03
CA ASP B 508 35.80 13.55 -20.43
C ASP B 508 34.49 14.28 -20.62
N MET B 509 33.94 14.90 -19.58
CA MET B 509 32.75 15.72 -19.70
C MET B 509 32.95 17.17 -19.31
N LYS B 510 34.04 17.51 -18.62
CA LYS B 510 34.23 18.90 -18.21
C LYS B 510 34.16 19.84 -19.40
N LEU B 511 34.76 19.46 -20.52
CA LEU B 511 34.82 20.37 -21.67
C LEU B 511 33.50 20.50 -22.39
N LEU B 512 32.50 19.67 -22.04
CA LEU B 512 31.16 19.84 -22.61
C LEU B 512 30.55 21.18 -22.23
N SER B 513 31.02 21.80 -21.14
CA SER B 513 30.55 23.14 -20.82
C SER B 513 30.82 24.12 -21.96
N ILE B 514 31.88 23.91 -22.74
CA ILE B 514 32.07 24.68 -23.97
C ILE B 514 31.41 23.98 -25.16
N PHE B 515 31.71 22.69 -25.34
CA PHE B 515 31.28 21.96 -26.54
C PHE B 515 29.76 21.94 -26.69
N THR B 516 29.03 21.71 -25.60
CA THR B 516 27.59 21.59 -25.70
C THR B 516 26.93 22.96 -25.63
N ASP B 517 27.22 23.70 -24.56
CA ASP B 517 26.47 24.92 -24.28
C ASP B 517 26.79 26.05 -25.25
N VAL B 518 28.02 26.12 -25.74
CA VAL B 518 28.33 27.19 -26.68
C VAL B 518 28.26 26.69 -28.11
N PHE B 519 29.08 25.70 -28.47
CA PHE B 519 29.16 25.26 -29.87
C PHE B 519 27.85 24.63 -30.35
N ASP B 520 27.41 23.54 -29.70
CA ASP B 520 26.28 22.79 -30.23
C ASP B 520 24.92 23.39 -29.89
N CYS B 521 24.82 24.22 -28.86
CA CYS B 521 23.52 24.77 -28.48
C CYS B 521 23.37 26.24 -28.84
N PHE B 522 24.40 26.90 -29.34
CA PHE B 522 24.20 28.27 -29.77
C PHE B 522 24.94 28.58 -31.08
N PHE B 523 26.26 28.37 -31.13
CA PHE B 523 27.00 28.70 -32.35
C PHE B 523 26.49 27.91 -33.54
N ARG B 524 26.06 26.67 -33.31
CA ARG B 524 25.46 25.86 -34.37
C ARG B 524 24.35 26.62 -35.10
N PHE B 525 23.49 27.34 -34.34
CA PHE B 525 22.38 28.08 -34.94
C PHE B 525 22.84 29.40 -35.53
N LEU B 526 23.79 30.04 -34.87
CA LEU B 526 24.29 31.33 -35.37
C LEU B 526 25.06 31.14 -36.68
N ALA B 527 25.93 30.15 -36.73
CA ALA B 527 26.68 29.90 -37.96
C ALA B 527 25.75 29.52 -39.10
N ALA B 528 24.84 28.58 -38.85
CA ALA B 528 23.88 28.18 -39.89
C ALA B 528 22.99 29.35 -40.30
N GLY B 529 22.53 30.16 -39.35
CA GLY B 529 21.75 31.34 -39.70
C GLY B 529 22.49 32.29 -40.62
N LEU B 530 23.70 32.70 -40.23
CA LEU B 530 24.47 33.64 -41.05
C LEU B 530 24.84 33.07 -42.42
N ALA B 531 24.97 31.74 -42.55
CA ALA B 531 25.26 31.15 -43.85
C ALA B 531 24.04 31.24 -44.77
N THR B 532 22.88 30.79 -44.28
CA THR B 532 21.65 30.86 -45.06
C THR B 532 21.30 32.28 -45.45
N GLU B 533 21.66 33.23 -44.60
CA GLU B 533 21.41 34.64 -44.80
C GLU B 533 22.40 35.27 -45.77
N GLU B 534 23.36 34.48 -46.26
CA GLU B 534 24.41 34.95 -47.19
C GLU B 534 25.21 36.10 -46.59
N VAL B 535 25.45 36.04 -45.28
CA VAL B 535 26.26 37.02 -44.57
C VAL B 535 27.65 36.48 -44.29
N LEU B 536 27.76 35.21 -43.90
CA LEU B 536 29.03 34.60 -43.50
C LEU B 536 28.94 33.10 -43.74
N ALA B 537 29.84 32.56 -44.56
CA ALA B 537 29.84 31.12 -44.78
C ALA B 537 30.28 30.41 -43.50
N GLU B 538 29.86 29.15 -43.36
CA GLU B 538 30.14 28.37 -42.16
C GLU B 538 31.63 28.32 -41.88
N ASP B 539 32.43 27.96 -42.91
CA ASP B 539 33.86 27.76 -42.72
C ASP B 539 34.51 29.01 -42.16
N ASP B 540 34.09 30.19 -42.64
CA ASP B 540 34.66 31.43 -42.13
C ASP B 540 34.23 31.72 -40.71
N PHE B 541 33.01 31.32 -40.33
CA PHE B 541 32.58 31.43 -38.93
C PHE B 541 33.48 30.61 -38.01
N TRP B 542 33.62 29.31 -38.31
CA TRP B 542 34.36 28.41 -37.44
C TRP B 542 35.86 28.68 -37.47
N ARG B 543 36.38 29.20 -38.58
CA ARG B 543 37.76 29.66 -38.57
C ARG B 543 37.94 30.81 -37.59
N THR B 544 37.00 31.76 -37.59
CA THR B 544 37.07 32.86 -36.63
C THR B 544 37.03 32.32 -35.19
N VAL B 545 36.18 31.31 -34.94
CA VAL B 545 36.12 30.73 -33.60
C VAL B 545 37.45 30.09 -33.24
N ALA B 546 38.06 29.39 -34.19
CA ALA B 546 39.37 28.81 -33.94
C ALA B 546 40.41 29.90 -33.69
N GLU B 547 40.36 30.97 -34.51
CA GLU B 547 41.34 32.05 -34.38
C GLU B 547 41.26 32.69 -33.01
N VAL B 548 40.03 32.91 -32.50
CA VAL B 548 39.88 33.51 -31.19
C VAL B 548 40.29 32.54 -30.09
N THR B 549 40.01 31.24 -30.26
CA THR B 549 40.51 30.24 -29.33
C THR B 549 42.04 30.27 -29.26
N ARG B 550 42.71 30.30 -30.41
CA ARG B 550 44.17 30.41 -30.41
C ARG B 550 44.66 31.76 -29.90
N GLU B 551 43.93 32.85 -30.18
CA GLU B 551 44.33 34.14 -29.64
C GLU B 551 44.41 34.10 -28.12
N TYR B 552 43.52 33.35 -27.48
CA TYR B 552 43.58 33.16 -26.03
C TYR B 552 44.73 32.25 -25.63
N GLN B 553 44.76 31.03 -26.20
CA GLN B 553 45.68 30.01 -25.72
C GLN B 553 47.15 30.44 -25.88
N GLU B 554 47.51 31.05 -27.02
CA GLU B 554 48.89 31.46 -27.22
C GLU B 554 49.30 32.56 -26.25
N ALA B 555 48.34 33.27 -25.68
CA ALA B 555 48.67 34.33 -24.74
C ALA B 555 49.05 33.81 -23.36
N HIS B 556 48.80 32.52 -23.07
CA HIS B 556 48.98 31.96 -21.74
C HIS B 556 49.63 30.59 -21.85
N PRO B 557 50.93 30.56 -22.20
CA PRO B 557 51.65 29.27 -22.25
C PRO B 557 51.73 28.55 -20.92
N GLU B 558 51.58 29.27 -19.80
CA GLU B 558 51.61 28.61 -18.50
C GLU B 558 50.47 27.62 -18.32
N LEU B 559 49.44 27.68 -19.18
CA LEU B 559 48.30 26.79 -19.14
C LEU B 559 48.36 25.73 -20.23
N ASP B 560 49.51 25.57 -20.89
CA ASP B 560 49.60 24.65 -22.03
C ASP B 560 49.22 23.23 -21.66
N ASP B 561 49.53 22.80 -20.44
CA ASP B 561 49.13 21.47 -19.99
C ASP B 561 47.62 21.31 -20.08
N ARG B 562 46.88 22.27 -19.52
CA ARG B 562 45.43 22.18 -19.50
C ARG B 562 44.83 22.28 -20.89
N PHE B 563 45.44 23.08 -21.78
CA PHE B 563 45.04 23.12 -23.19
C PHE B 563 45.19 21.75 -23.84
N ARG B 564 46.22 20.99 -23.47
CA ARG B 564 46.38 19.64 -23.99
C ARG B 564 45.41 18.67 -23.33
N GLN B 565 45.22 18.80 -22.02
CA GLN B 565 44.30 17.92 -21.29
C GLN B 565 42.85 18.09 -21.75
N TYR B 566 42.44 19.31 -22.10
CA TYR B 566 41.10 19.61 -22.58
C TYR B 566 41.20 20.24 -23.96
N ASP B 567 41.27 19.40 -24.98
CA ASP B 567 41.60 19.83 -26.32
C ASP B 567 40.36 20.38 -27.01
N LEU B 568 40.28 21.71 -27.14
CA LEU B 568 39.19 22.27 -27.93
C LEU B 568 39.32 21.97 -29.41
N PHE B 569 40.48 21.49 -29.84
CA PHE B 569 40.71 21.17 -31.24
C PHE B 569 40.65 19.66 -31.53
N ALA B 570 40.17 18.86 -30.59
CA ALA B 570 40.07 17.42 -30.81
C ALA B 570 39.17 17.13 -32.02
N PRO B 571 39.37 15.99 -32.70
CA PRO B 571 38.61 15.73 -33.94
C PRO B 571 37.12 15.58 -33.72
N GLU B 572 36.71 15.02 -32.58
CA GLU B 572 35.31 14.81 -32.26
C GLU B 572 35.06 15.18 -30.80
N PHE B 573 33.81 15.50 -30.50
CA PHE B 573 33.37 15.52 -29.11
C PHE B 573 32.01 14.87 -29.02
N ALA B 574 31.54 14.64 -27.79
CA ALA B 574 30.32 13.88 -27.59
C ALA B 574 29.09 14.68 -28.00
N LEU B 575 28.09 13.97 -28.55
CA LEU B 575 26.79 14.55 -28.84
C LEU B 575 25.94 14.44 -27.58
N SER B 576 25.72 15.58 -26.92
CA SER B 576 24.97 15.66 -25.68
C SER B 576 23.56 16.14 -26.03
N CYS B 577 22.57 15.26 -25.95
CA CYS B 577 21.24 15.55 -26.43
C CYS B 577 20.41 16.28 -25.40
N LEU B 578 19.64 17.27 -25.86
CA LEU B 578 18.85 18.11 -24.97
C LEU B 578 17.37 17.73 -24.97
N ASN B 579 16.73 17.55 -26.13
CA ASN B 579 15.32 17.15 -26.11
C ASN B 579 15.13 15.80 -25.43
N ARG B 580 16.12 14.90 -25.54
CA ARG B 580 16.00 13.58 -24.91
C ARG B 580 15.82 13.70 -23.40
N LEU B 581 16.46 14.70 -22.78
CA LEU B 581 16.30 14.93 -21.36
C LEU B 581 14.86 15.25 -21.03
N GLN B 582 14.28 16.20 -21.75
CA GLN B 582 12.89 16.58 -21.50
C GLN B 582 11.92 15.46 -21.86
N LEU B 583 12.21 14.68 -22.90
CA LEU B 583 11.35 13.55 -23.24
C LEU B 583 11.36 12.49 -22.15
N ARG B 584 12.51 12.24 -21.53
CA ARG B 584 12.59 11.24 -20.48
C ARG B 584 11.90 11.71 -19.21
N ASP B 585 12.04 12.99 -18.88
CA ASP B 585 11.46 13.54 -17.66
C ASP B 585 11.16 15.03 -17.88
N ASN B 586 9.91 15.35 -18.13
CA ASN B 586 9.58 16.73 -18.44
C ASN B 586 9.31 17.57 -17.20
N ARG B 587 9.27 16.96 -16.01
CA ARG B 587 9.15 17.71 -14.76
C ARG B 587 10.51 18.13 -14.22
N GLN B 588 11.54 17.32 -14.43
CA GLN B 588 12.87 17.54 -13.85
C GLN B 588 13.91 16.87 -14.76
N MET B 589 14.33 17.61 -15.81
CA MET B 589 15.24 17.10 -16.84
C MET B 589 16.53 16.52 -16.26
N VAL B 590 17.13 17.20 -15.28
CA VAL B 590 18.36 16.77 -14.65
C VAL B 590 18.12 16.67 -13.14
N ASP B 591 18.69 15.65 -12.50
CA ASP B 591 18.75 15.63 -11.04
C ASP B 591 19.79 16.66 -10.60
N LEU B 592 19.39 17.54 -9.68
CA LEU B 592 20.32 18.57 -9.24
C LEU B 592 21.38 18.02 -8.28
N ALA B 593 21.14 16.87 -7.66
CA ALA B 593 22.18 16.20 -6.89
C ALA B 593 23.34 15.76 -7.78
N ASP B 594 23.04 15.20 -8.96
CA ASP B 594 24.04 14.68 -9.89
C ASP B 594 23.66 15.03 -11.32
N PRO B 595 23.96 16.26 -11.77
CA PRO B 595 23.52 16.67 -13.11
C PRO B 595 24.24 15.98 -14.24
N SER B 596 25.45 15.48 -14.02
CA SER B 596 26.14 14.74 -15.07
C SER B 596 25.46 13.41 -15.38
N ALA B 597 24.71 12.86 -14.41
CA ALA B 597 24.07 11.57 -14.59
C ALA B 597 22.95 11.63 -15.61
N ALA B 598 22.23 12.74 -15.67
CA ALA B 598 21.07 12.78 -16.55
C ALA B 598 21.46 12.93 -18.01
N LEU B 599 22.71 13.29 -18.31
CA LEU B 599 23.07 13.55 -19.69
C LEU B 599 22.99 12.28 -20.52
N GLN B 600 22.53 12.43 -21.76
CA GLN B 600 22.38 11.33 -22.69
C GLN B 600 23.31 11.63 -23.86
N LEU B 601 24.49 11.01 -23.84
CA LEU B 601 25.45 11.14 -24.93
C LEU B 601 25.15 10.05 -25.94
N VAL B 602 25.00 10.43 -27.20
CA VAL B 602 24.61 9.51 -28.25
C VAL B 602 25.58 9.67 -29.42
N GLY B 603 26.70 8.95 -29.37
CA GLY B 603 27.70 9.09 -30.40
C GLY B 603 28.47 10.40 -30.31
N THR B 604 29.07 10.78 -31.44
CA THR B 604 29.99 11.90 -31.49
C THR B 604 29.62 12.86 -32.62
N LEU B 605 30.17 14.06 -32.52
CA LEU B 605 30.06 15.09 -33.54
C LEU B 605 31.46 15.40 -34.04
N ARG B 606 31.56 15.68 -35.34
CA ARG B 606 32.78 16.25 -35.90
C ARG B 606 32.96 17.67 -35.38
N ASN B 607 34.10 17.93 -34.74
CA ASN B 607 34.39 19.25 -34.21
C ASN B 607 34.81 20.20 -35.34
N PRO B 608 34.07 21.30 -35.58
CA PRO B 608 34.49 22.23 -36.65
C PRO B 608 35.88 22.82 -36.44
N LEU B 609 36.36 22.91 -35.20
CA LEU B 609 37.65 23.54 -34.94
C LEU B 609 38.81 22.62 -35.35
N ALA B 610 38.54 21.34 -35.55
CA ALA B 610 39.61 20.38 -35.83
C ALA B 610 40.22 20.66 -37.19
N GLY B 611 41.56 20.69 -37.22
CA GLY B 611 42.28 21.09 -38.41
C GLY B 611 42.37 22.58 -38.61
N LEU B 612 41.93 23.37 -37.63
CA LEU B 612 41.82 24.82 -37.79
C LEU B 612 42.64 25.56 -36.72
N MET C 21 29.05 2.88 50.41
CA MET C 21 27.65 2.46 50.54
C MET C 21 26.75 3.65 50.91
N SER C 22 27.26 4.87 50.75
CA SER C 22 26.45 6.07 50.91
C SER C 22 25.45 6.20 49.76
N LEU C 23 24.20 6.51 50.10
CA LEU C 23 23.20 6.74 49.05
C LEU C 23 23.65 7.85 48.10
N THR C 24 24.13 8.99 48.63
CA THR C 24 24.44 10.13 47.79
C THR C 24 25.76 9.94 47.04
N ASP C 25 26.73 9.27 47.66
CA ASP C 25 28.01 9.08 47.00
C ASP C 25 27.89 8.18 45.77
N ALA C 26 27.05 7.13 45.87
CA ALA C 26 26.99 6.13 44.80
C ALA C 26 26.49 6.73 43.49
N VAL C 27 25.66 7.77 43.55
CA VAL C 27 25.15 8.41 42.35
C VAL C 27 25.82 9.76 42.12
N ALA C 28 26.89 10.06 42.86
CA ALA C 28 27.55 11.35 42.72
C ALA C 28 28.03 11.59 41.30
N HIS C 29 28.44 10.52 40.61
CA HIS C 29 28.94 10.70 39.25
C HIS C 29 27.86 11.20 38.30
N LEU C 30 26.58 11.13 38.71
CA LEU C 30 25.47 11.58 37.87
C LEU C 30 25.22 13.06 38.16
N SER C 31 25.85 13.92 37.41
CA SER C 31 25.70 15.36 37.52
C SER C 31 25.18 15.91 36.20
N PRO C 32 24.59 17.10 36.20
CA PRO C 32 24.09 17.67 34.92
C PRO C 32 25.17 17.84 33.84
N GLU C 33 26.37 18.30 34.20
CA GLU C 33 27.39 18.58 33.21
C GLU C 33 27.92 17.29 32.59
N ARG C 34 28.25 16.30 33.42
CA ARG C 34 28.67 15.01 32.90
C ARG C 34 27.57 14.35 32.08
N TRP C 35 26.31 14.44 32.54
CA TRP C 35 25.22 13.87 31.76
C TRP C 35 25.14 14.50 30.37
N GLU C 36 25.20 15.83 30.31
CA GLU C 36 25.12 16.52 29.02
C GLU C 36 26.27 16.10 28.11
N GLU C 37 27.47 15.97 28.66
CA GLU C 37 28.60 15.53 27.84
C GLU C 37 28.41 14.09 27.37
N ALA C 38 27.92 13.22 28.27
CA ALA C 38 27.67 11.83 27.88
C ALA C 38 26.67 11.75 26.72
N ASN C 39 25.59 12.53 26.79
CA ASN C 39 24.59 12.51 25.74
C ASN C 39 25.16 13.02 24.41
N ARG C 40 26.00 14.05 24.44
CA ARG C 40 26.59 14.55 23.20
C ARG C 40 27.49 13.50 22.56
N LEU C 41 28.34 12.84 23.36
CA LEU C 41 29.19 11.77 22.84
C LEU C 41 28.37 10.62 22.28
N LEU C 42 27.31 10.21 22.99
CA LEU C 42 26.55 9.05 22.54
C LEU C 42 25.75 9.37 21.28
N VAL C 43 25.17 10.58 21.20
CA VAL C 43 24.46 10.96 19.97
C VAL C 43 25.46 11.10 18.81
N ARG C 44 26.64 11.70 19.06
CA ARG C 44 27.70 11.76 18.05
C ARG C 44 27.99 10.37 17.47
N LYS C 45 28.16 9.38 18.35
CA LYS C 45 28.43 8.01 17.90
C LYS C 45 27.23 7.40 17.19
N ALA C 46 26.02 7.66 17.69
CA ALA C 46 24.82 7.11 17.05
C ALA C 46 24.64 7.69 15.65
N LEU C 47 24.84 9.01 15.49
CA LEU C 47 24.79 9.60 14.15
C LEU C 47 25.85 8.98 13.23
N ALA C 48 27.08 8.81 13.72
CA ALA C 48 28.13 8.26 12.87
C ALA C 48 27.85 6.82 12.49
N GLU C 49 27.55 5.97 13.48
CA GLU C 49 27.46 4.54 13.22
C GLU C 49 26.15 4.16 12.55
N PHE C 50 25.06 4.89 12.80
CA PHE C 50 23.83 4.59 12.07
C PHE C 50 23.90 5.11 10.64
N ALA C 51 24.63 6.19 10.39
CA ALA C 51 24.91 6.57 9.01
C ALA C 51 25.70 5.47 8.30
N HIS C 52 26.83 5.06 8.90
CA HIS C 52 27.62 3.97 8.35
C HIS C 52 26.76 2.77 7.97
N GLU C 53 25.79 2.40 8.83
CA GLU C 53 24.93 1.26 8.56
C GLU C 53 23.72 1.60 7.70
N ARG C 54 23.61 2.85 7.23
CA ARG C 54 22.53 3.30 6.33
C ARG C 54 21.14 3.18 6.96
N LEU C 55 21.05 3.27 8.29
CA LEU C 55 19.74 3.36 8.93
C LEU C 55 19.11 4.72 8.64
N PHE C 56 19.93 5.74 8.45
CA PHE C 56 19.48 6.96 7.80
C PHE C 56 20.60 7.48 6.91
N THR C 57 20.24 8.33 5.97
CA THR C 57 21.20 8.91 5.04
C THR C 57 21.24 10.42 5.26
N PRO C 58 22.26 10.93 5.95
CA PRO C 58 22.33 12.37 6.21
C PRO C 58 22.39 13.14 4.90
N GLU C 59 21.51 14.12 4.76
CA GLU C 59 21.49 15.00 3.60
C GLU C 59 22.27 16.27 3.89
N PRO C 60 22.80 16.93 2.85
CA PRO C 60 23.45 18.23 3.07
C PRO C 60 22.44 19.30 3.43
N ALA C 61 22.82 20.16 4.39
CA ALA C 61 21.91 21.10 5.02
C ALA C 61 22.09 22.49 4.43
N ASP C 62 21.01 23.02 3.82
CA ASP C 62 20.97 24.37 3.25
C ASP C 62 22.06 24.60 2.22
N GLY C 63 22.65 23.52 1.69
CA GLY C 63 23.72 23.61 0.72
C GLY C 63 25.12 23.72 1.30
N GLN C 64 25.25 24.12 2.56
CA GLN C 64 26.55 24.32 3.19
C GLN C 64 27.37 23.03 3.18
N ASP C 65 28.53 23.10 2.55
CA ASP C 65 29.44 21.96 2.52
C ASP C 65 29.88 21.61 3.94
N GLY C 66 29.90 20.31 4.24
CA GLY C 66 30.23 19.82 5.56
C GLY C 66 29.04 19.67 6.49
N ARG C 67 28.01 20.51 6.35
CA ARG C 67 26.86 20.48 7.25
C ARG C 67 25.85 19.44 6.78
N TYR C 68 25.57 18.45 7.63
CA TYR C 68 24.60 17.41 7.34
C TYR C 68 23.39 17.53 8.26
N VAL C 69 22.27 16.93 7.84
CA VAL C 69 21.08 16.91 8.68
C VAL C 69 20.45 15.51 8.64
N VAL C 70 19.95 15.07 9.80
CA VAL C 70 19.21 13.82 9.96
C VAL C 70 17.90 14.13 10.69
N ARG C 71 16.78 13.74 10.09
CA ARG C 71 15.49 14.13 10.64
C ARG C 71 14.85 12.98 11.42
N SER C 72 13.93 13.34 12.31
CA SER C 72 13.19 12.37 13.09
C SER C 72 12.22 11.61 12.19
N ASP C 73 11.55 10.61 12.77
CA ASP C 73 10.57 9.82 12.02
C ASP C 73 9.52 10.70 11.36
N ASP C 74 9.04 11.72 12.06
CA ASP C 74 8.00 12.56 11.51
C ASP C 74 8.55 13.72 10.69
N GLY C 75 9.86 13.93 10.72
CA GLY C 75 10.50 14.96 9.96
C GLY C 75 10.52 16.32 10.63
N LEU C 76 9.89 16.47 11.79
CA LEU C 76 9.78 17.77 12.44
C LEU C 76 10.99 18.12 13.29
N THR C 77 11.82 17.15 13.67
CA THR C 77 13.04 17.38 14.44
C THR C 77 14.25 17.23 13.53
N SER C 78 15.18 18.20 13.61
CA SER C 78 16.39 18.17 12.79
C SER C 78 17.60 18.03 13.69
N TYR C 79 18.42 17.03 13.39
CA TYR C 79 19.76 16.90 13.97
C TYR C 79 20.75 17.38 12.91
N ARG C 80 21.41 18.49 13.18
CA ARG C 80 22.39 19.06 12.27
C ARG C 80 23.79 18.91 12.87
N PHE C 81 24.76 18.59 12.00
CA PHE C 81 26.12 18.30 12.46
C PHE C 81 27.07 18.43 11.28
N THR C 82 28.36 18.59 11.58
CA THR C 82 29.41 18.53 10.57
C THR C 82 30.16 17.22 10.70
N ALA C 83 30.67 16.71 9.58
CA ALA C 83 31.33 15.42 9.61
C ALA C 83 32.35 15.29 8.49
N VAL C 84 33.47 14.64 8.80
CA VAL C 84 34.50 14.31 7.83
C VAL C 84 34.27 12.85 7.41
N ARG C 85 34.01 12.64 6.13
CA ARG C 85 33.78 11.30 5.61
C ARG C 85 35.11 10.67 5.22
N ARG C 86 35.24 9.37 5.48
CA ARG C 86 36.51 8.68 5.25
C ARG C 86 36.21 7.30 4.70
N ALA C 87 37.26 6.50 4.57
CA ALA C 87 37.18 5.23 3.86
C ALA C 87 36.25 4.26 4.58
N LEU C 88 35.63 3.39 3.78
CA LEU C 88 34.64 2.40 4.25
C LEU C 88 33.37 3.07 4.77
N ASP C 89 32.96 4.18 4.15
CA ASP C 89 31.76 4.92 4.56
C ASP C 89 31.82 5.31 6.02
N HIS C 90 32.98 5.78 6.45
CA HIS C 90 33.18 6.21 7.82
C HIS C 90 32.77 7.68 7.97
N TRP C 91 32.11 8.00 9.09
CA TRP C 91 31.64 9.35 9.41
C TRP C 91 32.31 9.78 10.72
N GLN C 92 33.21 10.75 10.63
CA GLN C 92 33.76 11.39 11.82
C GLN C 92 32.85 12.57 12.13
N VAL C 93 31.78 12.30 12.87
CA VAL C 93 30.86 13.35 13.28
C VAL C 93 31.52 14.16 14.39
N ASP C 94 31.46 15.48 14.27
CA ASP C 94 32.00 16.36 15.30
C ASP C 94 30.97 16.50 16.42
N ALA C 95 31.37 16.14 17.65
CA ALA C 95 30.43 16.18 18.76
C ALA C 95 29.95 17.60 19.07
N GLY C 96 30.84 18.59 18.95
CA GLY C 96 30.46 19.96 19.28
C GLY C 96 29.46 20.55 18.31
N SER C 97 29.47 20.10 17.06
CA SER C 97 28.65 20.72 16.02
C SER C 97 27.18 20.35 16.11
N ILE C 98 26.83 19.34 16.93
CA ILE C 98 25.51 18.75 16.85
C ILE C 98 24.48 19.68 17.46
N THR C 99 23.37 19.89 16.74
CA THR C 99 22.27 20.68 17.25
C THR C 99 20.97 19.93 16.99
N ARG C 100 19.98 20.16 17.85
CA ARG C 100 18.66 19.56 17.73
C ARG C 100 17.64 20.69 17.64
N THR C 101 16.82 20.67 16.58
CA THR C 101 15.88 21.74 16.27
C THR C 101 14.51 21.19 15.90
N ARG C 102 13.47 21.67 16.58
CA ARG C 102 12.09 21.32 16.26
C ARG C 102 11.22 22.55 16.43
N ASP C 103 10.24 22.71 15.54
CA ASP C 103 9.29 23.84 15.56
C ASP C 103 9.98 25.20 15.58
N GLY C 104 11.21 25.25 15.06
CA GLY C 104 11.96 26.47 15.02
C GLY C 104 12.89 26.72 16.18
N ALA C 105 12.77 25.97 17.27
CA ALA C 105 13.56 26.21 18.48
C ALA C 105 14.63 25.14 18.66
N GLU C 106 15.73 25.52 19.30
CA GLU C 106 16.75 24.55 19.66
C GLU C 106 16.34 23.77 20.92
N LEU C 107 16.62 22.48 20.91
CA LEU C 107 16.31 21.57 22.00
C LEU C 107 17.59 20.95 22.53
N PRO C 108 17.58 20.47 23.78
CA PRO C 108 18.78 19.80 24.30
C PRO C 108 19.04 18.47 23.62
N LEU C 109 20.31 18.10 23.55
CA LEU C 109 20.69 16.74 23.18
C LEU C 109 20.26 15.76 24.26
N ALA C 110 19.30 14.87 23.95
CA ALA C 110 18.91 13.80 24.86
C ALA C 110 18.87 12.48 24.11
N ALA C 111 19.81 11.58 24.42
CA ALA C 111 19.84 10.28 23.76
C ALA C 111 18.50 9.55 23.85
N LEU C 112 17.82 9.63 24.99
CA LEU C 112 16.54 8.93 25.11
C LEU C 112 15.54 9.45 24.11
N ASP C 113 15.49 10.78 23.94
CA ASP C 113 14.55 11.36 22.99
C ASP C 113 14.96 11.04 21.56
N PHE C 114 16.27 11.00 21.32
CA PHE C 114 16.78 10.62 20.02
C PHE C 114 16.22 9.27 19.59
N PHE C 115 16.32 8.26 20.46
CA PHE C 115 15.85 6.94 20.05
C PHE C 115 14.34 6.89 19.94
N ILE C 116 13.61 7.56 20.83
CA ILE C 116 12.15 7.59 20.69
C ILE C 116 11.73 8.31 19.40
N GLU C 117 12.36 9.46 19.09
CA GLU C 117 12.03 10.20 17.87
C GLU C 117 12.32 9.38 16.61
N LEU C 118 13.28 8.46 16.65
CA LEU C 118 13.67 7.69 15.47
C LEU C 118 13.32 6.21 15.62
N ARG C 119 12.35 5.88 16.49
CA ARG C 119 12.09 4.49 16.82
C ARG C 119 11.77 3.67 15.57
N HIS C 120 10.97 4.25 14.66
CA HIS C 120 10.62 3.51 13.44
C HIS C 120 11.79 3.46 12.46
N THR C 121 12.52 4.57 12.30
CA THR C 121 13.68 4.60 11.42
C THR C 121 14.70 3.53 11.82
N LEU C 122 14.92 3.36 13.11
CA LEU C 122 15.89 2.39 13.62
C LEU C 122 15.30 1.00 13.83
N GLY C 123 14.02 0.80 13.54
CA GLY C 123 13.44 -0.51 13.69
C GLY C 123 13.37 -1.00 15.11
N LEU C 124 13.17 -0.10 16.07
CA LEU C 124 13.01 -0.48 17.46
C LEU C 124 11.55 -0.82 17.71
N SER C 125 11.27 -2.09 18.02
CA SER C 125 9.92 -2.51 18.31
C SER C 125 9.45 -1.98 19.66
N ASP C 126 8.14 -2.01 19.85
CA ASP C 126 7.58 -1.64 21.15
C ASP C 126 8.11 -2.53 22.26
N GLU C 127 8.41 -3.80 21.95
CA GLU C 127 8.87 -4.74 22.97
C GLU C 127 10.30 -4.46 23.40
N ILE C 128 11.13 -4.00 22.47
CA ILE C 128 12.55 -3.82 22.72
C ILE C 128 12.86 -2.42 23.23
N LEU C 129 12.21 -1.40 22.67
CA LEU C 129 12.57 0.00 22.96
C LEU C 129 12.78 0.30 24.44
N PRO C 130 11.86 -0.04 25.37
CA PRO C 130 12.09 0.36 26.78
C PRO C 130 13.35 -0.27 27.36
N VAL C 131 13.62 -1.51 26.99
CA VAL C 131 14.84 -2.17 27.46
C VAL C 131 16.06 -1.53 26.82
N TYR C 132 15.96 -1.22 25.52
CA TYR C 132 17.05 -0.54 24.83
C TYR C 132 17.34 0.83 25.45
N LEU C 133 16.29 1.54 25.87
CA LEU C 133 16.50 2.84 26.53
C LEU C 133 17.20 2.66 27.86
N GLU C 134 16.88 1.58 28.57
CA GLU C 134 17.62 1.23 29.78
C GLU C 134 19.09 0.97 29.46
N GLU C 135 19.37 0.23 28.38
CA GLU C 135 20.76 0.00 28.00
C GLU C 135 21.47 1.30 27.68
N ILE C 136 20.77 2.22 26.99
CA ILE C 136 21.32 3.54 26.70
C ILE C 136 21.56 4.32 27.99
N SER C 137 20.61 4.28 28.94
CA SER C 137 20.80 5.04 30.18
C SER C 137 22.00 4.51 30.95
N SER C 138 22.22 3.21 30.86
CA SER C 138 23.31 2.62 31.62
C SER C 138 24.64 2.95 30.97
N THR C 139 24.70 2.90 29.64
CA THR C 139 25.89 3.32 28.92
C THR C 139 26.25 4.75 29.31
N LEU C 140 25.23 5.62 29.35
CA LEU C 140 25.46 7.02 29.69
C LEU C 140 25.93 7.17 31.13
N SER C 141 25.38 6.39 32.06
CA SER C 141 25.88 6.48 33.42
C SER C 141 27.34 6.06 33.48
N GLY C 142 27.71 5.02 32.75
CA GLY C 142 29.09 4.58 32.75
C GLY C 142 30.02 5.65 32.21
N THR C 143 29.59 6.36 31.16
CA THR C 143 30.34 7.51 30.67
C THR C 143 30.52 8.57 31.75
N CYS C 144 29.44 8.87 32.50
CA CYS C 144 29.56 9.85 33.58
C CYS C 144 30.61 9.42 34.60
N TYR C 145 30.55 8.16 35.05
CA TYR C 145 31.55 7.70 35.98
C TYR C 145 32.94 7.88 35.41
N LYS C 146 33.13 7.42 34.17
CA LYS C 146 34.45 7.52 33.55
C LYS C 146 34.90 8.97 33.44
N LEU C 147 33.98 9.93 33.33
CA LEU C 147 34.35 11.34 33.35
C LEU C 147 34.81 11.81 34.73
N THR C 148 34.43 11.12 35.81
CA THR C 148 34.94 11.48 37.12
C THR C 148 36.31 10.88 37.40
N LYS C 149 36.85 10.09 36.49
CA LYS C 149 38.17 9.51 36.72
C LYS C 149 39.27 10.53 36.39
N PRO C 150 40.43 10.41 37.03
CA PRO C 150 41.56 11.29 36.69
C PRO C 150 41.89 11.20 35.21
N GLN C 151 41.98 12.36 34.56
CA GLN C 151 42.43 12.39 33.17
C GLN C 151 43.81 11.77 33.07
N VAL C 152 44.04 10.93 32.07
CA VAL C 152 45.31 10.25 31.90
C VAL C 152 45.67 10.23 30.43
N THR C 153 46.91 10.58 30.11
CA THR C 153 47.33 10.59 28.73
C THR C 153 47.64 9.17 28.25
N ALA C 154 47.79 9.04 26.93
CA ALA C 154 48.25 7.78 26.35
C ALA C 154 49.56 7.33 26.98
N ALA C 155 50.52 8.25 27.15
CA ALA C 155 51.78 7.91 27.81
C ALA C 155 51.56 7.52 29.27
N GLY C 156 50.67 8.23 29.97
CA GLY C 156 50.39 7.89 31.35
C GLY C 156 49.84 6.48 31.51
N LEU C 157 48.96 6.05 30.58
CA LEU C 157 48.45 4.69 30.60
C LEU C 157 49.57 3.68 30.35
N LEU C 158 50.41 3.94 29.34
CA LEU C 158 51.51 3.02 29.06
C LEU C 158 52.43 2.87 30.26
N GLU C 159 52.69 3.97 30.98
CA GLU C 159 53.50 3.87 32.18
C GLU C 159 52.74 3.22 33.33
N GLY C 160 51.41 3.31 33.34
CA GLY C 160 50.63 2.64 34.36
C GLY C 160 50.69 1.13 34.24
N GLY C 161 50.71 0.61 33.02
CA GLY C 161 50.84 -0.82 32.79
C GLY C 161 49.58 -1.48 32.24
N PHE C 162 49.57 -2.81 32.34
CA PHE C 162 48.60 -3.64 31.65
C PHE C 162 47.17 -3.40 32.13
N GLN C 163 46.97 -3.44 33.45
CA GLN C 163 45.65 -3.20 34.01
C GLN C 163 45.24 -1.74 33.93
N ALA C 164 46.22 -0.82 33.93
CA ALA C 164 45.89 0.60 33.77
C ALA C 164 45.28 0.86 32.40
N LEU C 165 45.78 0.19 31.37
CA LEU C 165 45.18 0.26 30.05
C LEU C 165 43.82 -0.43 30.00
N GLU C 166 43.69 -1.58 30.67
CA GLU C 166 42.44 -2.37 30.61
C GLU C 166 41.28 -1.60 31.24
N SER C 167 41.46 -1.11 32.46
CA SER C 167 40.44 -0.29 33.10
C SER C 167 40.39 1.12 32.55
N GLY C 168 41.42 1.54 31.80
CA GLY C 168 41.46 2.88 31.26
C GLY C 168 40.77 3.07 29.95
N MET C 169 40.31 1.99 29.32
CA MET C 169 39.56 2.12 28.08
C MET C 169 38.23 2.78 28.37
N THR C 170 37.74 3.60 27.43
CA THR C 170 36.48 4.29 27.68
C THR C 170 35.41 3.97 26.63
N GLU C 171 35.82 3.74 25.38
CA GLU C 171 34.83 3.58 24.31
C GLU C 171 34.06 2.27 24.45
N GLY C 172 34.75 1.17 24.76
CA GLY C 172 34.09 -0.09 24.53
C GLY C 172 34.12 -0.38 23.03
N HIS C 173 33.34 -1.37 22.65
CA HIS C 173 33.25 -1.75 21.25
C HIS C 173 32.94 -0.52 20.39
N PRO C 174 33.69 -0.29 19.31
CA PRO C 174 33.61 1.01 18.62
C PRO C 174 32.44 1.15 17.64
N CYS C 175 31.74 0.07 17.30
CA CYS C 175 30.57 0.13 16.43
C CYS C 175 29.25 0.20 17.21
N PHE C 176 29.10 -0.61 18.26
CA PHE C 176 27.84 -0.72 18.98
C PHE C 176 27.62 0.52 19.84
N VAL C 177 26.46 1.16 19.67
CA VAL C 177 26.14 2.36 20.43
C VAL C 177 25.74 1.99 21.86
N ALA C 178 24.79 1.07 22.01
CA ALA C 178 24.40 0.63 23.35
C ALA C 178 25.29 -0.53 23.78
N ASN C 179 26.54 -0.20 24.06
CA ASN C 179 27.57 -1.23 24.22
C ASN C 179 27.96 -1.50 25.68
N ASN C 180 27.54 -0.67 26.62
CA ASN C 180 28.00 -0.81 28.00
C ASN C 180 26.82 -0.80 28.95
N GLY C 181 25.79 -1.59 28.63
CA GLY C 181 24.56 -1.58 29.42
C GLY C 181 24.69 -2.32 30.74
N ARG C 182 25.27 -3.52 30.72
CA ARG C 182 25.44 -4.31 31.94
C ARG C 182 24.14 -4.41 32.71
N LEU C 183 23.03 -4.62 31.99
CA LEU C 183 21.70 -4.58 32.60
C LEU C 183 21.53 -5.72 33.60
N GLY C 184 21.30 -5.35 34.85
CA GLY C 184 21.30 -6.29 35.96
C GLY C 184 22.07 -5.73 37.13
N PHE C 185 23.02 -4.84 36.84
CA PHE C 185 23.80 -4.17 37.87
C PHE C 185 22.99 -3.04 38.47
N GLY C 186 22.79 -3.07 39.80
CA GLY C 186 22.38 -1.86 40.48
C GLY C 186 23.55 -0.88 40.52
N VAL C 187 23.29 0.35 40.99
CA VAL C 187 24.33 1.36 40.95
C VAL C 187 25.49 0.97 41.86
N ASP C 188 25.20 0.37 43.02
CA ASP C 188 26.29 -0.13 43.86
C ASP C 188 27.02 -1.28 43.19
N GLU C 189 26.31 -2.11 42.42
CA GLU C 189 26.98 -3.24 41.79
C GLU C 189 27.82 -2.80 40.62
N TYR C 190 27.33 -1.82 39.85
CA TYR C 190 28.18 -1.15 38.87
C TYR C 190 29.48 -0.68 39.50
N LEU C 191 29.40 0.08 40.60
CA LEU C 191 30.61 0.63 41.21
C LEU C 191 31.56 -0.46 41.66
N ALA C 192 31.04 -1.61 42.09
CA ALA C 192 31.88 -2.70 42.58
C ALA C 192 32.46 -3.54 41.45
N TYR C 193 31.70 -3.78 40.38
CA TYR C 193 32.03 -4.82 39.42
C TYR C 193 32.39 -4.31 38.03
N ALA C 194 32.07 -3.07 37.70
CA ALA C 194 32.36 -2.57 36.36
C ALA C 194 33.87 -2.49 36.14
N PRO C 195 34.35 -2.89 34.97
CA PRO C 195 35.82 -2.90 34.78
C PRO C 195 36.44 -1.51 34.83
N GLU C 196 35.77 -0.48 34.35
CA GLU C 196 36.35 0.87 34.38
C GLU C 196 36.38 1.46 35.78
N THR C 197 35.81 0.79 36.78
CA THR C 197 36.00 1.22 38.16
C THR C 197 37.20 0.55 38.81
N ALA C 198 37.65 -0.58 38.26
CA ALA C 198 38.86 -1.25 38.70
C ALA C 198 38.86 -1.53 40.20
N HIS C 199 37.69 -1.73 40.78
CA HIS C 199 37.68 -2.07 42.19
C HIS C 199 37.97 -3.57 42.34
N PRO C 200 38.81 -3.96 43.29
CA PRO C 200 39.12 -5.39 43.44
C PRO C 200 37.88 -6.18 43.82
N VAL C 201 37.84 -7.43 43.36
CA VAL C 201 36.73 -8.34 43.62
C VAL C 201 37.30 -9.63 44.19
N ARG C 202 36.63 -10.19 45.19
CA ARG C 202 36.94 -11.52 45.69
C ARG C 202 35.90 -12.47 45.13
N LEU C 203 36.35 -13.48 44.39
CA LEU C 203 35.43 -14.44 43.84
C LEU C 203 34.82 -15.30 44.94
N VAL C 204 33.67 -15.87 44.66
CA VAL C 204 32.97 -16.75 45.58
C VAL C 204 33.26 -18.19 45.15
N TRP C 205 33.50 -19.07 46.10
CA TRP C 205 33.86 -20.45 45.80
C TRP C 205 32.77 -21.39 46.25
N LEU C 206 32.37 -22.31 45.36
CA LEU C 206 31.35 -23.29 45.65
C LEU C 206 31.92 -24.69 45.51
N ALA C 207 31.53 -25.56 46.44
CA ALA C 207 31.79 -26.98 46.29
C ALA C 207 30.56 -27.58 45.60
N ALA C 208 30.79 -28.27 44.49
CA ALA C 208 29.71 -28.84 43.69
C ALA C 208 29.88 -30.35 43.62
N HIS C 209 28.79 -31.05 43.90
CA HIS C 209 28.82 -32.51 43.91
C HIS C 209 29.12 -33.07 42.53
N ARG C 210 29.91 -34.13 42.48
CA ARG C 210 30.36 -34.63 41.18
C ARG C 210 29.22 -35.27 40.37
N SER C 211 28.06 -35.54 40.99
CA SER C 211 26.92 -36.05 40.22
C SER C 211 26.26 -34.99 39.37
N ARG C 212 26.51 -33.71 39.63
CA ARG C 212 26.07 -32.66 38.74
C ARG C 212 27.23 -31.86 38.14
N ALA C 213 28.40 -31.88 38.74
CA ALA C 213 29.50 -31.04 38.29
C ALA C 213 30.58 -31.89 37.66
N ALA C 214 31.27 -31.31 36.68
CA ALA C 214 32.33 -31.97 35.94
C ALA C 214 33.49 -31.00 35.74
N PHE C 215 34.69 -31.44 36.10
CA PHE C 215 35.91 -30.69 35.84
C PHE C 215 36.61 -31.28 34.61
N THR C 216 36.93 -30.44 33.64
CA THR C 216 37.59 -30.85 32.41
C THR C 216 38.97 -30.23 32.39
N ALA C 217 39.99 -31.07 32.33
CA ALA C 217 41.37 -30.62 32.38
C ALA C 217 41.98 -30.67 30.98
N GLY C 218 42.71 -29.63 30.62
CA GLY C 218 43.47 -29.67 29.39
C GLY C 218 44.73 -30.48 29.56
N ALA C 219 45.44 -30.65 28.45
CA ALA C 219 46.69 -31.42 28.43
C ALA C 219 47.64 -30.95 29.51
N GLY C 220 48.09 -31.88 30.35
CA GLY C 220 49.05 -31.55 31.39
C GLY C 220 48.46 -31.05 32.69
N ILE C 221 47.14 -30.99 32.83
CA ILE C 221 46.50 -30.48 34.03
C ILE C 221 45.96 -31.64 34.84
N ASP C 222 46.22 -31.62 36.13
CA ASP C 222 45.62 -32.52 37.10
C ASP C 222 44.80 -31.69 38.08
N TYR C 223 43.57 -32.16 38.38
CA TYR C 223 42.66 -31.37 39.20
C TYR C 223 43.27 -31.01 40.56
N ALA C 224 43.89 -31.98 41.22
CA ALA C 224 44.37 -31.77 42.59
C ALA C 224 45.51 -30.75 42.62
N SER C 225 46.52 -30.96 41.77
CA SER C 225 47.63 -30.01 41.70
C SER C 225 47.15 -28.64 41.26
N PHE C 226 46.26 -28.60 40.26
CA PHE C 226 45.75 -27.35 39.72
C PHE C 226 45.11 -26.46 40.80
N VAL C 227 44.29 -27.04 41.67
CA VAL C 227 43.61 -26.19 42.63
C VAL C 227 44.53 -25.80 43.78
N ARG C 228 45.54 -26.62 44.09
CA ARG C 228 46.52 -26.20 45.08
C ARG C 228 47.41 -25.09 44.53
N GLN C 229 47.76 -25.13 43.24
CA GLN C 229 48.51 -24.02 42.65
C GLN C 229 47.68 -22.75 42.59
N GLU C 230 46.40 -22.88 42.24
CA GLU C 230 45.58 -21.71 42.04
C GLU C 230 45.10 -21.09 43.36
N LEU C 231 45.02 -21.88 44.43
CA LEU C 231 44.50 -21.40 45.70
C LEU C 231 45.44 -21.59 46.88
N GLY C 232 46.44 -22.47 46.80
CA GLY C 232 47.29 -22.73 47.95
C GLY C 232 46.75 -23.81 48.84
N GLU C 233 47.63 -24.69 49.32
CA GLU C 233 47.21 -25.84 50.13
C GLU C 233 46.42 -25.42 51.37
N GLU C 234 46.72 -24.25 51.94
CA GLU C 234 46.06 -23.85 53.17
C GLU C 234 44.58 -23.57 52.95
N THR C 235 44.23 -22.90 51.85
CA THR C 235 42.83 -22.64 51.55
C THR C 235 42.10 -23.91 51.13
N VAL C 236 42.76 -24.77 50.35
CA VAL C 236 42.14 -26.03 49.94
C VAL C 236 41.86 -26.90 51.15
N GLU C 237 42.76 -26.86 52.14
CA GLU C 237 42.49 -27.58 53.38
C GLU C 237 41.37 -26.92 54.18
N ARG C 238 41.26 -25.59 54.11
CA ARG C 238 40.13 -24.92 54.75
C ARG C 238 38.81 -25.34 54.10
N PHE C 239 38.78 -25.42 52.76
CA PHE C 239 37.54 -25.79 52.09
C PHE C 239 37.14 -27.22 52.42
N ASP C 240 38.08 -28.16 52.33
CA ASP C 240 37.80 -29.54 52.73
C ASP C 240 37.31 -29.61 54.17
N GLY C 241 37.83 -28.73 55.04
CA GLY C 241 37.34 -28.69 56.41
C GLY C 241 35.87 -28.33 56.47
N VAL C 242 35.43 -27.39 55.63
CA VAL C 242 34.02 -27.00 55.59
C VAL C 242 33.16 -28.19 55.18
N LEU C 243 33.60 -28.94 54.17
CA LEU C 243 32.84 -30.10 53.72
C LEU C 243 32.76 -31.16 54.80
N ARG C 244 33.91 -31.49 55.41
CA ARG C 244 33.90 -32.47 56.49
C ARG C 244 33.00 -32.00 57.64
N GLY C 245 33.05 -30.71 57.97
CA GLY C 245 32.16 -30.18 58.99
C GLY C 245 30.69 -30.44 58.72
N ARG C 246 30.27 -30.45 57.46
CA ARG C 246 28.91 -30.82 57.10
C ARG C 246 28.72 -32.32 57.00
N GLY C 247 29.76 -33.09 57.32
CA GLY C 247 29.69 -34.53 57.18
C GLY C 247 29.84 -35.02 55.76
N LEU C 248 30.54 -34.29 54.91
CA LEU C 248 30.61 -34.61 53.50
C LEU C 248 32.02 -35.01 53.09
N ASP C 249 32.09 -35.80 52.02
CA ASP C 249 33.35 -36.29 51.49
C ASP C 249 33.91 -35.31 50.47
N PRO C 250 35.03 -34.66 50.73
CA PRO C 250 35.61 -33.73 49.72
C PRO C 250 35.92 -34.39 48.40
N ALA C 251 36.14 -35.71 48.37
CA ALA C 251 36.38 -36.41 47.12
C ALA C 251 35.17 -36.39 46.19
N ASP C 252 33.98 -36.15 46.71
CA ASP C 252 32.76 -36.10 45.92
C ASP C 252 32.42 -34.71 45.43
N TYR C 253 33.29 -33.72 45.65
CA TYR C 253 33.01 -32.34 45.26
C TYR C 253 34.14 -31.79 44.41
N LEU C 254 33.77 -30.80 43.59
CA LEU C 254 34.67 -30.02 42.76
C LEU C 254 34.45 -28.55 43.06
N LEU C 255 35.52 -27.76 42.95
CA LEU C 255 35.45 -26.33 43.24
C LEU C 255 34.97 -25.59 41.99
N ILE C 256 34.02 -24.67 42.17
CA ILE C 256 33.58 -23.76 41.13
C ILE C 256 33.69 -22.33 41.64
N PRO C 257 34.40 -21.44 40.96
CA PRO C 257 34.39 -20.03 41.33
C PRO C 257 33.26 -19.31 40.62
N VAL C 258 32.60 -18.40 41.32
CA VAL C 258 31.49 -17.68 40.72
C VAL C 258 31.64 -16.19 41.00
N HIS C 259 31.17 -15.39 40.04
CA HIS C 259 31.01 -13.97 40.23
C HIS C 259 30.07 -13.68 41.41
N PRO C 260 30.41 -12.74 42.30
CA PRO C 260 29.54 -12.47 43.46
C PRO C 260 28.15 -11.97 43.08
N TRP C 261 28.04 -11.19 42.01
CA TRP C 261 26.72 -10.81 41.53
C TRP C 261 25.88 -12.03 41.18
N GLN C 262 26.47 -13.01 40.47
CA GLN C 262 25.77 -14.24 40.14
C GLN C 262 25.37 -15.00 41.39
N TRP C 263 26.27 -15.09 42.38
CA TRP C 263 25.94 -15.81 43.60
C TRP C 263 24.77 -15.15 44.33
N TRP C 264 24.89 -13.85 44.61
CA TRP C 264 23.94 -13.21 45.52
C TRP C 264 22.56 -13.03 44.90
N ASN C 265 22.49 -12.73 43.60
CA ASN C 265 21.24 -12.38 42.94
C ASN C 265 20.59 -13.53 42.21
N LYS C 266 21.35 -14.59 41.90
CA LYS C 266 20.87 -15.64 41.00
C LYS C 266 20.99 -17.02 41.64
N LEU C 267 22.22 -17.49 41.92
CA LEU C 267 22.37 -18.88 42.29
C LEU C 267 21.80 -19.16 43.67
N SER C 268 21.98 -18.23 44.61
CA SER C 268 21.43 -18.43 45.94
C SER C 268 19.91 -18.59 45.89
N VAL C 269 19.25 -18.11 44.83
CA VAL C 269 17.80 -18.18 44.71
C VAL C 269 17.37 -19.20 43.65
N THR C 270 17.84 -19.05 42.41
CA THR C 270 17.43 -19.97 41.35
C THR C 270 17.92 -21.40 41.60
N PHE C 271 19.09 -21.54 42.22
CA PHE C 271 19.66 -22.85 42.55
C PHE C 271 19.47 -23.20 44.02
N ALA C 272 18.46 -22.62 44.68
CA ALA C 272 18.30 -22.84 46.12
C ALA C 272 18.11 -24.32 46.47
N ALA C 273 17.36 -25.08 45.66
CA ALA C 273 17.30 -26.52 45.82
C ALA C 273 18.69 -27.14 45.87
N GLU C 274 19.57 -26.76 44.94
CA GLU C 274 20.89 -27.39 44.91
C GLU C 274 21.71 -27.04 46.15
N VAL C 275 21.62 -25.80 46.61
CA VAL C 275 22.35 -25.38 47.81
C VAL C 275 21.78 -26.09 49.04
N ALA C 276 20.45 -26.16 49.16
CA ALA C 276 19.87 -26.76 50.35
C ALA C 276 20.21 -28.25 50.43
N ARG C 277 20.29 -28.92 49.30
CA ARG C 277 20.52 -30.36 49.30
C ARG C 277 21.99 -30.71 49.30
N GLN C 278 22.86 -29.71 49.43
CA GLN C 278 24.32 -29.89 49.45
C GLN C 278 24.86 -30.43 48.13
N ASN C 279 24.11 -30.30 47.03
CA ASN C 279 24.78 -30.39 45.73
C ASN C 279 25.69 -29.20 45.49
N LEU C 280 25.37 -28.06 46.11
CA LEU C 280 26.24 -26.90 46.11
C LEU C 280 26.47 -26.49 47.55
N VAL C 281 27.73 -26.24 47.89
CA VAL C 281 28.09 -25.77 49.23
C VAL C 281 28.87 -24.49 49.06
N CYS C 282 28.38 -23.42 49.67
CA CYS C 282 29.05 -22.14 49.63
C CYS C 282 30.23 -22.15 50.60
N LEU C 283 31.43 -22.02 50.06
CA LEU C 283 32.66 -22.13 50.87
C LEU C 283 33.14 -20.80 51.40
N GLY C 284 32.95 -19.70 50.66
CA GLY C 284 33.45 -18.40 51.03
C GLY C 284 34.22 -17.78 49.88
N GLU C 285 35.00 -16.75 50.22
CA GLU C 285 35.69 -15.92 49.25
C GLU C 285 37.12 -16.40 49.02
N SER C 286 37.66 -16.06 47.85
CA SER C 286 39.08 -16.27 47.57
C SER C 286 39.93 -15.30 48.41
N ASP C 287 41.13 -15.72 48.75
CA ASP C 287 42.06 -14.79 49.39
C ASP C 287 42.64 -13.81 48.39
N ASP C 288 42.90 -14.23 47.16
CA ASP C 288 43.41 -13.33 46.13
C ASP C 288 42.35 -12.29 45.74
N GLU C 289 42.84 -11.16 45.22
CA GLU C 289 42.01 -10.07 44.70
C GLU C 289 42.03 -10.09 43.17
N TYR C 290 40.84 -9.99 42.54
CA TYR C 290 40.71 -10.07 41.09
C TYR C 290 40.16 -8.76 40.52
N LEU C 291 40.52 -8.47 39.27
CA LEU C 291 40.07 -7.26 38.57
C LEU C 291 39.26 -7.67 37.34
N ALA C 292 38.05 -7.13 37.23
CA ALA C 292 37.22 -7.37 36.06
C ALA C 292 37.90 -6.81 34.80
N GLN C 293 37.94 -7.62 33.74
CA GLN C 293 38.48 -7.16 32.47
C GLN C 293 37.35 -6.57 31.63
N GLN C 294 37.65 -6.22 30.39
CA GLN C 294 36.65 -5.51 29.61
C GLN C 294 35.43 -6.38 29.34
N SER C 295 35.59 -7.71 29.32
CA SER C 295 34.43 -8.58 29.11
C SER C 295 33.54 -8.66 30.35
N ILE C 296 33.90 -7.96 31.42
CA ILE C 296 33.16 -7.89 32.69
C ILE C 296 33.22 -9.20 33.46
N ARG C 297 32.86 -10.32 32.81
CA ARG C 297 32.71 -11.59 33.51
C ARG C 297 34.03 -12.32 33.72
N THR C 298 35.12 -11.86 33.09
CA THR C 298 36.45 -12.47 33.18
C THR C 298 37.35 -11.62 34.04
N PHE C 299 38.13 -12.29 34.90
CA PHE C 299 38.87 -11.62 35.95
C PHE C 299 40.36 -11.90 35.83
N PHE C 300 41.15 -10.86 36.01
CA PHE C 300 42.60 -10.94 36.09
C PHE C 300 42.99 -11.03 37.55
N ASN C 301 44.05 -11.78 37.85
CA ASN C 301 44.49 -11.94 39.23
C ASN C 301 45.51 -10.84 39.53
N ALA C 302 45.05 -9.80 40.23
CA ALA C 302 45.95 -8.70 40.58
C ALA C 302 46.99 -9.14 41.59
N THR C 303 46.56 -9.90 42.61
CA THR C 303 47.47 -10.33 43.66
C THR C 303 48.63 -11.16 43.12
N HIS C 304 48.38 -11.96 42.08
CA HIS C 304 49.39 -12.83 41.50
C HIS C 304 49.15 -12.87 39.99
N PRO C 305 49.70 -11.90 39.26
CA PRO C 305 49.43 -11.85 37.81
C PRO C 305 49.85 -13.09 37.06
N GLU C 306 50.65 -13.97 37.65
CA GLU C 306 51.08 -15.20 36.98
C GLU C 306 49.96 -16.24 36.96
N LYS C 307 49.04 -16.18 37.93
CA LYS C 307 47.95 -17.15 38.02
C LYS C 307 46.95 -16.95 36.88
N HIS C 308 46.04 -17.90 36.73
CA HIS C 308 45.11 -17.91 35.63
C HIS C 308 44.07 -16.79 35.74
N TYR C 309 43.62 -16.32 34.58
CA TYR C 309 42.32 -15.65 34.48
C TYR C 309 41.22 -16.61 34.94
N VAL C 310 40.17 -16.06 35.53
CA VAL C 310 38.96 -16.81 35.86
C VAL C 310 37.81 -16.19 35.07
N LYS C 311 37.21 -16.97 34.18
CA LYS C 311 36.03 -16.57 33.42
C LYS C 311 34.78 -17.15 34.09
N THR C 312 33.84 -16.29 34.46
CA THR C 312 32.64 -16.70 35.20
C THR C 312 31.38 -16.49 34.37
N ALA C 313 30.31 -17.10 34.84
CA ALA C 313 29.00 -16.96 34.25
C ALA C 313 28.31 -15.76 34.91
N LEU C 314 27.79 -14.85 34.10
CA LEU C 314 27.23 -13.61 34.64
C LEU C 314 25.92 -13.31 33.90
N SER C 315 24.80 -13.69 34.51
CA SER C 315 23.50 -13.56 33.84
C SER C 315 23.07 -12.10 33.78
N VAL C 316 23.85 -11.29 33.07
CA VAL C 316 23.63 -9.88 32.89
C VAL C 316 23.63 -9.61 31.38
N LEU C 317 22.85 -8.63 30.95
CA LEU C 317 22.71 -8.34 29.52
C LEU C 317 23.71 -7.26 29.10
N ASN C 318 24.57 -7.59 28.14
CA ASN C 318 25.50 -6.59 27.64
C ASN C 318 25.76 -6.79 26.16
N MET C 319 25.47 -5.76 25.37
CA MET C 319 25.85 -5.72 23.97
C MET C 319 25.35 -6.95 23.21
N GLY C 320 24.05 -7.20 23.34
CA GLY C 320 23.40 -8.18 22.49
C GLY C 320 23.37 -9.59 23.01
N PHE C 321 23.97 -9.89 24.15
CA PHE C 321 23.97 -11.25 24.68
C PHE C 321 23.89 -11.20 26.20
N MET C 322 23.08 -12.08 26.76
CA MET C 322 23.31 -12.52 28.13
C MET C 322 24.69 -13.18 28.23
N ARG C 323 25.44 -12.83 29.27
CA ARG C 323 26.83 -13.22 29.40
C ARG C 323 27.04 -14.34 30.41
N GLY C 324 26.18 -15.35 30.36
CA GLY C 324 26.40 -16.58 31.10
C GLY C 324 27.43 -17.44 30.39
N LEU C 325 27.66 -18.61 30.96
CA LEU C 325 28.68 -19.52 30.46
C LEU C 325 28.07 -20.92 30.43
N SER C 326 28.04 -21.55 29.27
CA SER C 326 27.34 -22.83 29.13
C SER C 326 28.13 -23.96 29.77
N ALA C 327 27.48 -24.70 30.67
CA ALA C 327 28.14 -25.84 31.28
C ALA C 327 28.41 -26.94 30.25
N ALA C 328 27.59 -27.05 29.21
CA ALA C 328 27.77 -28.12 28.24
C ALA C 328 29.02 -27.88 27.41
N TYR C 329 29.22 -26.64 26.96
CA TYR C 329 30.38 -26.34 26.14
C TYR C 329 31.69 -26.42 26.92
N MET C 330 31.64 -26.41 28.26
CA MET C 330 32.87 -26.52 29.04
C MET C 330 33.58 -27.86 28.81
N GLU C 331 32.82 -28.93 28.58
CA GLU C 331 33.44 -30.26 28.49
C GLU C 331 34.46 -30.35 27.36
N ALA C 332 34.22 -29.61 26.26
CA ALA C 332 35.10 -29.61 25.10
C ALA C 332 36.04 -28.42 25.03
N THR C 333 35.97 -27.49 25.98
CA THR C 333 36.67 -26.22 25.78
C THR C 333 38.19 -26.36 25.87
N PRO C 334 38.77 -27.01 26.89
CA PRO C 334 40.24 -27.16 26.89
C PRO C 334 40.77 -27.90 25.66
N ALA C 335 40.05 -28.91 25.19
CA ALA C 335 40.49 -29.69 24.04
C ALA C 335 40.64 -28.81 22.80
N ILE C 336 39.69 -27.90 22.57
CA ILE C 336 39.76 -27.01 21.42
C ILE C 336 40.98 -26.08 21.51
N ASN C 337 41.35 -25.68 22.73
CA ASN C 337 42.55 -24.86 22.91
C ASN C 337 43.80 -25.70 22.68
N ASP C 338 43.81 -26.92 23.23
CA ASP C 338 44.94 -27.82 23.05
C ASP C 338 45.17 -28.12 21.58
N TRP C 339 44.10 -28.30 20.82
CA TRP C 339 44.19 -28.48 19.37
C TRP C 339 44.83 -27.27 18.69
N LEU C 340 44.29 -26.06 18.92
CA LEU C 340 44.78 -24.89 18.20
C LEU C 340 46.20 -24.53 18.61
N ASP C 341 46.54 -24.75 19.88
CA ASP C 341 47.91 -24.56 20.33
C ASP C 341 48.85 -25.45 19.53
N ARG C 342 48.47 -26.72 19.36
CA ARG C 342 49.25 -27.65 18.54
C ARG C 342 49.34 -27.18 17.09
N LEU C 343 48.21 -26.72 16.53
CA LEU C 343 48.18 -26.27 15.15
C LEU C 343 49.13 -25.09 14.92
N ILE C 344 49.29 -24.21 15.91
CA ILE C 344 50.20 -23.08 15.75
C ILE C 344 51.65 -23.54 15.87
N ASP C 345 51.92 -24.47 16.79
CA ASP C 345 53.27 -24.96 16.98
C ASP C 345 53.79 -25.65 15.72
N ASN C 346 52.91 -26.35 15.00
CA ASN C 346 53.28 -27.11 13.82
C ASN C 346 53.10 -26.34 12.52
N ASP C 347 53.05 -25.01 12.59
CA ASP C 347 52.96 -24.20 11.39
C ASP C 347 54.09 -23.18 11.45
N PRO C 348 55.04 -23.22 10.51
CA PRO C 348 56.14 -22.24 10.56
C PRO C 348 55.70 -20.84 10.18
N VAL C 349 54.67 -20.70 9.34
CA VAL C 349 54.10 -19.39 9.06
C VAL C 349 53.66 -18.71 10.36
N LEU C 350 52.86 -19.42 11.17
CA LEU C 350 52.38 -18.84 12.41
C LEU C 350 53.50 -18.72 13.43
N LYS C 351 54.37 -19.72 13.51
CA LYS C 351 55.51 -19.61 14.41
C LYS C 351 56.35 -18.38 14.09
N SER C 352 56.46 -18.01 12.81
CA SER C 352 57.30 -16.87 12.46
C SER C 352 56.61 -15.55 12.77
N THR C 353 55.28 -15.50 12.72
CA THR C 353 54.58 -14.30 13.17
C THR C 353 54.68 -14.13 14.68
N GLY C 354 55.10 -15.17 15.39
CA GLY C 354 55.12 -15.14 16.84
C GLY C 354 53.79 -15.32 17.51
N LEU C 355 52.76 -15.74 16.77
CA LEU C 355 51.42 -15.86 17.33
C LEU C 355 51.39 -16.82 18.49
N SER C 356 50.58 -16.50 19.50
CA SER C 356 50.25 -17.48 20.53
C SER C 356 48.82 -17.26 20.99
N ILE C 357 48.33 -18.17 21.81
CA ILE C 357 47.05 -18.02 22.49
C ILE C 357 47.30 -18.21 23.97
N ILE C 358 46.57 -17.48 24.80
CA ILE C 358 46.48 -17.83 26.20
C ILE C 358 45.39 -18.89 26.29
N ARG C 359 45.79 -20.13 26.49
CA ARG C 359 44.86 -21.26 26.39
C ARG C 359 43.86 -21.24 27.52
N GLU C 360 42.63 -21.63 27.22
CA GLU C 360 41.70 -21.99 28.27
C GLU C 360 42.12 -23.38 28.74
N ARG C 361 42.64 -23.47 29.98
CA ARG C 361 43.38 -24.65 30.46
C ARG C 361 42.49 -25.65 31.19
N ALA C 362 41.52 -25.18 31.95
CA ALA C 362 40.59 -26.05 32.65
C ALA C 362 39.26 -25.34 32.71
N ALA C 363 38.20 -26.14 32.79
CA ALA C 363 36.84 -25.65 32.85
C ALA C 363 36.08 -26.50 33.86
N VAL C 364 34.94 -25.98 34.29
CA VAL C 364 34.06 -26.68 35.21
C VAL C 364 32.62 -26.26 34.92
N GLY C 365 31.73 -27.24 34.85
CA GLY C 365 30.34 -26.98 34.54
C GLY C 365 29.43 -27.67 35.54
N TYR C 366 28.27 -27.06 35.77
CA TYR C 366 27.25 -27.63 36.64
C TYR C 366 26.00 -27.89 35.80
N ARG C 367 25.61 -29.17 35.69
CA ARG C 367 24.43 -29.55 34.91
C ARG C 367 23.24 -29.62 35.85
N HIS C 368 22.38 -28.62 35.79
CA HIS C 368 21.17 -28.56 36.59
C HIS C 368 20.12 -29.45 35.93
N LEU C 369 19.85 -30.62 36.53
CA LEU C 369 19.00 -31.61 35.86
C LEU C 369 17.58 -31.08 35.67
N GLU C 370 17.01 -30.46 36.71
CA GLU C 370 15.64 -29.99 36.61
C GLU C 370 15.49 -28.89 35.56
N TYR C 371 16.42 -27.92 35.53
CA TYR C 371 16.28 -26.86 34.52
C TYR C 371 16.54 -27.39 33.12
N GLU C 372 17.38 -28.42 32.99
CA GLU C 372 17.53 -29.06 31.69
C GLU C 372 16.25 -29.75 31.27
N ALA C 373 15.57 -30.42 32.21
CA ALA C 373 14.27 -31.00 31.90
C ALA C 373 13.24 -29.94 31.51
N ALA C 374 13.38 -28.70 31.98
CA ALA C 374 12.35 -27.68 31.79
C ALA C 374 12.66 -26.72 30.66
N THR C 375 13.80 -26.84 29.99
CA THR C 375 14.21 -25.90 28.96
C THR C 375 14.76 -26.66 27.75
N ASP C 376 15.11 -25.91 26.70
CA ASP C 376 15.76 -26.47 25.52
C ASP C 376 17.27 -26.21 25.59
N ARG C 377 18.00 -26.69 24.55
CA ARG C 377 19.45 -26.51 24.51
C ARG C 377 19.86 -25.07 24.71
N TYR C 378 19.16 -24.14 24.07
CA TYR C 378 19.59 -22.75 23.95
C TYR C 378 19.10 -21.86 25.08
N SER C 379 18.65 -22.43 26.21
CA SER C 379 18.03 -21.57 27.22
C SER C 379 19.10 -20.95 28.13
N PRO C 380 18.94 -19.68 28.49
CA PRO C 380 19.93 -19.10 29.42
C PRO C 380 19.91 -19.74 30.78
N TYR C 381 18.84 -20.45 31.13
CA TYR C 381 18.85 -21.21 32.38
C TYR C 381 19.90 -22.33 32.39
N ARG C 382 20.45 -22.69 31.24
CA ARG C 382 21.53 -23.66 31.21
C ARG C 382 22.89 -23.01 31.19
N LYS C 383 22.94 -21.67 31.28
CA LYS C 383 24.17 -20.90 31.19
C LYS C 383 24.46 -20.13 32.48
N MET C 384 23.97 -20.63 33.64
CA MET C 384 24.08 -19.88 34.89
C MET C 384 25.20 -20.32 35.81
N LEU C 385 25.80 -21.49 35.61
CA LEU C 385 26.84 -21.93 36.53
C LEU C 385 27.93 -22.65 35.75
N ALA C 386 29.07 -21.97 35.57
CA ALA C 386 30.19 -22.52 34.83
C ALA C 386 31.35 -21.55 34.98
N ALA C 387 32.55 -22.06 34.72
CA ALA C 387 33.76 -21.27 34.86
C ALA C 387 34.86 -21.95 34.07
N LEU C 388 35.81 -21.16 33.61
CA LEU C 388 37.04 -21.71 33.06
C LEU C 388 38.20 -20.87 33.54
N TRP C 389 39.39 -21.45 33.47
CA TRP C 389 40.64 -20.78 33.81
C TRP C 389 41.49 -20.63 32.55
N ARG C 390 42.03 -19.42 32.33
CA ARG C 390 42.83 -19.10 31.16
C ARG C 390 44.25 -18.68 31.57
N GLU C 391 45.24 -19.07 30.77
CA GLU C 391 46.64 -18.75 31.01
C GLU C 391 46.87 -17.25 31.12
N SER C 392 47.75 -16.85 32.02
CA SER C 392 48.18 -15.44 32.07
C SER C 392 49.30 -15.20 31.06
N PRO C 393 49.23 -14.13 30.27
CA PRO C 393 50.34 -13.80 29.36
C PRO C 393 51.50 -13.08 30.02
N VAL C 394 51.51 -12.96 31.34
CA VAL C 394 52.56 -12.22 32.06
C VAL C 394 53.85 -13.03 32.18
N PRO C 395 53.83 -14.29 32.66
CA PRO C 395 55.10 -15.00 32.85
C PRO C 395 55.91 -15.23 31.57
N ALA C 396 55.30 -15.21 30.39
CA ALA C 396 56.04 -15.39 29.14
C ALA C 396 56.70 -14.09 28.65
N LEU C 397 56.76 -13.05 29.47
CA LEU C 397 57.38 -11.82 29.04
C LEU C 397 58.89 -11.88 29.27
N ARG C 398 59.66 -11.46 28.27
CA ARG C 398 61.08 -11.23 28.43
C ARG C 398 61.33 -9.76 28.74
N ASP C 399 62.59 -9.45 29.06
CA ASP C 399 62.95 -8.11 29.50
C ASP C 399 62.54 -7.07 28.45
N GLY C 400 61.98 -5.96 28.94
CA GLY C 400 61.53 -4.88 28.08
C GLY C 400 60.15 -5.03 27.50
N GLU C 401 59.46 -6.15 27.74
CA GLU C 401 58.17 -6.44 27.12
C GLU C 401 56.99 -6.09 28.02
N SER C 402 55.94 -5.55 27.40
CA SER C 402 54.75 -5.12 28.11
C SER C 402 53.50 -5.57 27.35
N LEU C 403 52.36 -5.55 28.04
CA LEU C 403 51.10 -6.03 27.49
C LEU C 403 50.10 -4.89 27.36
N THR C 404 49.26 -4.97 26.32
CA THR C 404 48.12 -4.08 26.22
C THR C 404 47.00 -4.75 25.43
N THR C 405 45.77 -4.43 25.81
CA THR C 405 44.61 -4.72 24.95
C THR C 405 44.75 -4.02 23.60
N MET C 406 44.46 -4.74 22.51
CA MET C 406 44.42 -4.10 21.21
C MET C 406 43.43 -2.95 21.14
N ALA C 407 42.40 -2.95 22.00
CA ALA C 407 41.49 -1.82 22.07
C ALA C 407 42.23 -0.51 22.31
N ALA C 408 43.42 -0.55 22.92
CA ALA C 408 44.13 0.70 23.21
C ALA C 408 44.53 1.44 21.94
N LEU C 409 44.73 0.71 20.84
CA LEU C 409 45.12 1.35 19.59
C LEU C 409 44.10 2.40 19.14
N VAL C 410 42.83 2.21 19.48
CA VAL C 410 41.79 3.18 19.12
C VAL C 410 41.32 3.97 20.32
N HIS C 411 42.06 3.97 21.42
CA HIS C 411 41.75 4.83 22.54
C HIS C 411 42.42 6.19 22.33
N VAL C 412 41.63 7.26 22.42
CA VAL C 412 42.08 8.64 22.29
C VAL C 412 41.95 9.29 23.66
N ASP C 413 43.05 9.89 24.16
CA ASP C 413 42.96 10.58 25.44
C ASP C 413 42.35 11.96 25.25
N HIS C 414 42.29 12.72 26.35
CA HIS C 414 41.68 14.05 26.34
C HIS C 414 42.49 15.06 25.52
N GLU C 415 43.73 14.75 25.15
CA GLU C 415 44.55 15.63 24.35
C GLU C 415 44.52 15.28 22.86
N GLY C 416 43.63 14.36 22.45
CA GLY C 416 43.56 13.94 21.07
C GLY C 416 44.61 12.92 20.66
N ARG C 417 45.43 12.45 21.59
CA ARG C 417 46.50 11.52 21.30
C ARG C 417 46.00 10.08 21.48
N SER C 418 46.04 9.29 20.40
CA SER C 418 45.74 7.88 20.55
C SER C 418 46.96 7.15 21.11
N VAL C 419 46.71 5.95 21.68
CA VAL C 419 47.80 5.12 22.19
C VAL C 419 48.61 4.56 21.02
N ALA C 420 48.02 4.46 19.83
CA ALA C 420 48.79 4.16 18.63
C ALA C 420 49.78 5.28 18.33
N GLY C 421 49.34 6.53 18.46
CA GLY C 421 50.21 7.68 18.33
C GLY C 421 51.41 7.66 19.26
N GLU C 422 51.18 7.58 20.58
CA GLU C 422 52.29 7.58 21.52
C GLU C 422 53.25 6.42 21.26
N LEU C 423 52.74 5.28 20.79
CA LEU C 423 53.61 4.14 20.55
C LEU C 423 54.44 4.33 19.28
N ILE C 424 53.88 5.00 18.28
CA ILE C 424 54.65 5.32 17.08
C ILE C 424 55.73 6.35 17.42
N ALA C 425 55.39 7.35 18.24
CA ALA C 425 56.37 8.33 18.67
C ALA C 425 57.53 7.68 19.40
N ARG C 426 57.24 6.94 20.47
CA ARG C 426 58.27 6.30 21.27
C ARG C 426 59.11 5.30 20.48
N SER C 427 58.58 4.78 19.37
CA SER C 427 59.33 3.82 18.58
C SER C 427 60.31 4.48 17.64
N GLY C 428 60.12 5.77 17.36
CA GLY C 428 61.00 6.49 16.45
C GLY C 428 60.89 6.06 15.00
N LEU C 429 60.09 5.03 14.74
CA LEU C 429 60.01 4.54 13.38
C LEU C 429 59.05 5.40 12.55
N ALA C 430 59.07 5.15 11.25
CA ALA C 430 58.06 5.73 10.38
C ALA C 430 56.73 5.04 10.63
N PRO C 431 55.62 5.79 10.59
CA PRO C 431 54.31 5.15 10.83
C PRO C 431 54.10 3.88 10.02
N THR C 432 54.46 3.88 8.74
CA THR C 432 54.27 2.69 7.92
C THR C 432 55.12 1.52 8.41
N ALA C 433 56.26 1.80 9.03
CA ALA C 433 57.09 0.72 9.56
C ALA C 433 56.49 0.13 10.83
N TRP C 434 56.04 1.00 11.73
CA TRP C 434 55.35 0.54 12.93
C TRP C 434 54.12 -0.27 12.56
N LEU C 435 53.34 0.23 11.62
CA LEU C 435 52.16 -0.49 11.16
C LEU C 435 52.51 -1.85 10.58
N ARG C 436 53.67 -1.95 9.92
CA ARG C 436 54.10 -3.20 9.33
C ARG C 436 54.36 -4.26 10.39
N HIS C 437 54.97 -3.87 11.51
CA HIS C 437 55.21 -4.81 12.60
C HIS C 437 53.90 -5.26 13.21
N TYR C 438 53.01 -4.30 13.50
CA TYR C 438 51.69 -4.63 13.99
C TYR C 438 50.96 -5.58 13.04
N LEU C 439 50.91 -5.24 11.75
CA LEU C 439 50.19 -6.07 10.78
C LEU C 439 50.79 -7.47 10.68
N ARG C 440 52.13 -7.59 10.72
CA ARG C 440 52.76 -8.90 10.68
C ARG C 440 52.42 -9.72 11.93
N ALA C 441 52.18 -9.05 13.06
CA ALA C 441 51.90 -9.76 14.30
C ALA C 441 50.43 -10.16 14.40
N TYR C 442 49.51 -9.26 14.00
CA TYR C 442 48.08 -9.43 14.18
C TYR C 442 47.34 -9.82 12.91
N TYR C 443 47.64 -9.18 11.77
CA TYR C 443 46.81 -9.34 10.59
C TYR C 443 47.21 -10.57 9.78
N THR C 444 48.51 -10.75 9.53
CA THR C 444 48.94 -11.89 8.75
C THR C 444 48.49 -13.23 9.34
N PRO C 445 48.56 -13.47 10.65
CA PRO C 445 48.08 -14.77 11.15
C PRO C 445 46.62 -15.03 10.86
N LEU C 446 45.79 -13.99 10.71
CA LEU C 446 44.39 -14.22 10.34
C LEU C 446 44.25 -14.59 8.86
N LEU C 447 45.11 -14.04 7.99
CA LEU C 447 45.09 -14.46 6.59
C LEU C 447 45.44 -15.94 6.47
N HIS C 448 46.55 -16.33 7.09
CA HIS C 448 47.00 -17.71 6.96
C HIS C 448 46.00 -18.68 7.58
N SER C 449 45.45 -18.33 8.76
CA SER C 449 44.38 -19.13 9.34
C SER C 449 43.23 -19.32 8.37
N PHE C 450 42.86 -18.26 7.66
CA PHE C 450 41.76 -18.36 6.71
C PHE C 450 42.11 -19.25 5.53
N TYR C 451 43.20 -18.92 4.83
CA TYR C 451 43.51 -19.59 3.57
C TYR C 451 44.03 -21.02 3.76
N ALA C 452 44.81 -21.27 4.81
CA ALA C 452 45.38 -22.59 5.03
C ALA C 452 44.50 -23.51 5.87
N TYR C 453 43.52 -22.97 6.60
CA TYR C 453 42.71 -23.78 7.50
C TYR C 453 41.21 -23.49 7.49
N ASP C 454 40.71 -22.55 6.66
CA ASP C 454 39.31 -22.12 6.74
C ASP C 454 38.93 -21.68 8.16
N LEU C 455 39.91 -21.18 8.91
CA LEU C 455 39.75 -20.85 10.32
C LEU C 455 39.58 -19.34 10.52
N ALA C 456 38.52 -18.95 11.26
CA ALA C 456 38.28 -17.57 11.66
C ALA C 456 38.15 -17.44 13.18
N PHE C 457 38.51 -16.27 13.67
CA PHE C 457 38.37 -15.87 15.06
C PHE C 457 37.29 -14.79 15.17
N MET C 458 37.17 -14.22 16.38
CA MET C 458 36.46 -12.96 16.61
C MET C 458 37.49 -11.96 17.11
N PRO C 459 38.38 -11.47 16.23
CA PRO C 459 39.62 -10.81 16.69
C PRO C 459 39.49 -9.30 16.85
N HIS C 460 38.57 -8.88 17.72
CA HIS C 460 38.43 -7.44 17.95
C HIS C 460 39.39 -7.00 19.06
N GLY C 461 39.21 -5.76 19.54
CA GLY C 461 40.14 -5.21 20.51
C GLY C 461 40.10 -5.88 21.86
N GLU C 462 38.93 -6.41 22.25
CA GLU C 462 38.86 -7.06 23.56
C GLU C 462 39.41 -8.48 23.51
N ASN C 463 39.38 -9.12 22.35
CA ASN C 463 39.86 -10.51 22.27
C ASN C 463 41.33 -10.60 21.83
N THR C 464 42.02 -9.47 21.65
CA THR C 464 43.41 -9.45 21.20
C THR C 464 44.27 -8.65 22.18
N ILE C 465 45.41 -9.23 22.55
CA ILE C 465 46.41 -8.58 23.40
C ILE C 465 47.69 -8.44 22.57
N LEU C 466 48.34 -7.29 22.70
CA LEU C 466 49.57 -7.01 21.98
C LEU C 466 50.74 -6.99 22.95
N VAL C 467 51.88 -7.53 22.51
CA VAL C 467 53.12 -7.50 23.27
C VAL C 467 54.01 -6.41 22.67
N LEU C 468 54.55 -5.57 23.54
CA LEU C 468 55.22 -4.33 23.13
C LEU C 468 56.64 -4.31 23.67
N LYS C 469 57.56 -3.93 22.81
CA LYS C 469 58.94 -3.66 23.20
C LYS C 469 59.38 -2.43 22.43
N ASP C 470 59.93 -1.42 23.10
CA ASP C 470 60.42 -0.19 22.45
C ASP C 470 59.35 0.42 21.55
N GLY C 471 58.10 0.36 22.01
CA GLY C 471 56.98 0.94 21.29
C GLY C 471 56.57 0.23 20.01
N VAL C 472 57.07 -0.97 19.76
CA VAL C 472 56.76 -1.71 18.54
C VAL C 472 56.05 -3.01 18.90
N VAL C 473 55.10 -3.41 18.07
CA VAL C 473 54.32 -4.63 18.32
C VAL C 473 55.21 -5.83 18.04
N GLN C 474 55.56 -6.58 19.08
CA GLN C 474 56.40 -7.76 18.89
C GLN C 474 55.59 -8.93 18.38
N ARG C 475 54.42 -9.19 18.98
CA ARG C 475 53.61 -10.35 18.63
C ARG C 475 52.20 -10.15 19.16
N ALA C 476 51.27 -10.92 18.60
CA ALA C 476 49.87 -10.87 19.02
C ALA C 476 49.51 -12.10 19.84
N VAL C 477 48.66 -11.89 20.83
CA VAL C 477 48.08 -12.94 21.65
C VAL C 477 46.58 -12.94 21.42
N TYR C 478 46.03 -14.13 21.18
CA TYR C 478 44.59 -14.31 20.99
C TYR C 478 44.00 -15.04 22.18
N LYS C 479 42.79 -14.64 22.58
CA LYS C 479 42.06 -15.34 23.62
C LYS C 479 40.60 -15.43 23.22
N ASP C 480 39.80 -16.04 24.10
CA ASP C 480 38.39 -16.32 23.84
C ASP C 480 38.27 -17.21 22.60
N ILE C 481 38.67 -18.47 22.78
CA ILE C 481 38.92 -19.32 21.63
C ILE C 481 37.75 -20.24 21.36
N ALA C 482 37.35 -21.03 22.37
CA ALA C 482 36.44 -22.14 22.09
C ALA C 482 35.05 -21.64 21.74
N GLU C 483 34.59 -20.54 22.36
CA GLU C 483 33.29 -19.96 22.07
C GLU C 483 33.25 -19.20 20.77
N GLU C 484 34.39 -18.83 20.20
CA GLU C 484 34.39 -17.92 19.07
C GLU C 484 34.92 -18.49 17.77
N ILE C 485 35.92 -19.39 17.80
CA ILE C 485 36.51 -19.85 16.55
C ILE C 485 35.48 -20.65 15.75
N VAL C 486 35.70 -20.70 14.44
CA VAL C 486 34.88 -21.49 13.53
C VAL C 486 35.78 -21.99 12.41
N VAL C 487 35.62 -23.26 12.06
CA VAL C 487 36.21 -23.83 10.86
C VAL C 487 35.12 -23.88 9.81
N MET C 488 35.32 -23.15 8.71
CA MET C 488 34.28 -22.97 7.69
C MET C 488 34.46 -24.00 6.58
N ASP C 489 34.31 -25.27 6.97
CA ASP C 489 34.37 -26.45 6.14
C ASP C 489 33.71 -27.57 6.92
N PRO C 490 32.46 -27.92 6.63
CA PRO C 490 31.83 -29.01 7.39
C PRO C 490 32.54 -30.34 7.24
N ASP C 491 33.25 -30.56 6.13
CA ASP C 491 33.89 -31.84 5.85
C ASP C 491 35.35 -31.91 6.32
N ALA C 492 35.82 -30.90 7.06
CA ALA C 492 37.22 -30.84 7.44
C ALA C 492 37.55 -31.88 8.51
N VAL C 493 38.78 -32.40 8.43
CA VAL C 493 39.22 -33.46 9.34
C VAL C 493 39.67 -32.84 10.65
N LEU C 494 39.03 -33.25 11.75
CA LEU C 494 39.27 -32.64 13.04
C LEU C 494 39.08 -33.69 14.11
N PRO C 495 39.83 -33.62 15.21
CA PRO C 495 39.59 -34.50 16.37
C PRO C 495 38.14 -34.46 16.81
N PRO C 496 37.65 -35.52 17.46
CA PRO C 496 36.23 -35.53 17.89
C PRO C 496 35.83 -34.37 18.78
N GLU C 497 36.60 -34.07 19.84
CA GLU C 497 36.18 -33.02 20.78
C GLU C 497 36.11 -31.65 20.13
N VAL C 498 36.79 -31.47 19.00
CA VAL C 498 36.93 -30.18 18.33
C VAL C 498 35.93 -30.02 17.19
N ARG C 499 35.36 -31.11 16.67
CA ARG C 499 34.57 -31.08 15.44
C ARG C 499 33.38 -30.12 15.50
N ARG C 500 32.97 -29.71 16.69
CA ARG C 500 31.80 -28.83 16.84
C ARG C 500 32.06 -27.39 16.43
N VAL C 501 33.30 -26.98 16.19
CA VAL C 501 33.56 -25.64 15.65
C VAL C 501 33.37 -25.58 14.15
N ARG C 502 33.00 -26.69 13.51
CA ARG C 502 32.68 -26.65 12.10
C ARG C 502 31.34 -25.96 11.87
N ALA C 503 31.22 -25.27 10.74
CA ALA C 503 29.98 -24.63 10.36
C ALA C 503 29.98 -24.40 8.86
N GLU C 504 28.78 -24.47 8.27
CA GLU C 504 28.58 -24.22 6.85
C GLU C 504 28.26 -22.75 6.65
N VAL C 505 29.23 -21.99 6.13
CA VAL C 505 29.06 -20.58 5.79
C VAL C 505 28.98 -20.47 4.27
N PRO C 506 28.08 -19.64 3.72
CA PRO C 506 28.05 -19.47 2.27
C PRO C 506 29.38 -18.95 1.77
N GLU C 507 29.77 -19.40 0.57
CA GLU C 507 31.08 -19.05 0.02
C GLU C 507 31.27 -17.54 0.00
N ASP C 508 30.23 -16.79 -0.34
CA ASP C 508 30.34 -15.35 -0.47
C ASP C 508 30.34 -14.63 0.87
N MET C 509 30.18 -15.33 1.99
CA MET C 509 30.27 -14.69 3.29
C MET C 509 31.47 -15.16 4.09
N LYS C 510 32.23 -16.13 3.58
CA LYS C 510 33.40 -16.63 4.32
C LYS C 510 34.45 -15.56 4.50
N LEU C 511 34.68 -14.71 3.50
CA LEU C 511 35.73 -13.71 3.60
C LEU C 511 35.33 -12.52 4.44
N LEU C 512 34.06 -12.42 4.85
CA LEU C 512 33.64 -11.34 5.73
C LEU C 512 34.35 -11.40 7.07
N SER C 513 34.90 -12.57 7.44
CA SER C 513 35.68 -12.69 8.67
C SER C 513 36.93 -11.83 8.63
N ILE C 514 37.40 -11.47 7.45
CA ILE C 514 38.43 -10.45 7.30
C ILE C 514 37.83 -9.09 6.99
N PHE C 515 36.87 -9.03 6.04
CA PHE C 515 36.32 -7.75 5.60
C PHE C 515 35.57 -7.04 6.73
N THR C 516 34.60 -7.73 7.34
CA THR C 516 33.83 -7.13 8.44
C THR C 516 34.68 -7.01 9.71
N ASP C 517 35.15 -8.14 10.21
CA ASP C 517 35.72 -8.17 11.56
C ASP C 517 37.00 -7.35 11.67
N VAL C 518 37.83 -7.33 10.64
CA VAL C 518 39.13 -6.66 10.68
C VAL C 518 39.09 -5.29 10.01
N PHE C 519 38.63 -5.22 8.77
CA PHE C 519 38.64 -3.96 8.05
C PHE C 519 37.55 -3.02 8.54
N ASP C 520 36.30 -3.49 8.57
CA ASP C 520 35.19 -2.58 8.80
C ASP C 520 34.94 -2.31 10.28
N CYS C 521 35.42 -3.17 11.18
CA CYS C 521 35.12 -2.98 12.60
C CYS C 521 36.31 -2.55 13.43
N PHE C 522 37.53 -2.64 12.90
CA PHE C 522 38.65 -2.16 13.67
C PHE C 522 39.57 -1.25 12.86
N PHE C 523 39.96 -1.66 11.65
CA PHE C 523 40.86 -0.83 10.85
C PHE C 523 40.18 0.47 10.44
N ARG C 524 38.90 0.41 10.09
CA ARG C 524 38.09 1.60 9.79
C ARG C 524 38.32 2.68 10.83
N PHE C 525 38.42 2.29 12.10
CA PHE C 525 38.60 3.27 13.17
C PHE C 525 40.06 3.66 13.34
N LEU C 526 40.98 2.68 13.26
CA LEU C 526 42.40 2.99 13.45
C LEU C 526 42.95 3.87 12.33
N ALA C 527 42.60 3.56 11.07
CA ALA C 527 43.07 4.38 9.96
C ALA C 527 42.53 5.79 10.05
N ALA C 528 41.21 5.93 10.24
CA ALA C 528 40.61 7.25 10.31
C ALA C 528 41.13 8.04 11.51
N GLY C 529 41.41 7.36 12.62
CA GLY C 529 41.91 8.06 13.79
C GLY C 529 43.33 8.57 13.60
N LEU C 530 44.19 7.75 12.99
CA LEU C 530 45.57 8.17 12.77
C LEU C 530 45.67 9.26 11.72
N ALA C 531 44.68 9.35 10.83
CA ALA C 531 44.66 10.44 9.86
C ALA C 531 44.25 11.76 10.51
N THR C 532 43.13 11.76 11.23
CA THR C 532 42.77 12.95 12.01
C THR C 532 43.88 13.35 12.97
N GLU C 533 44.62 12.37 13.52
CA GLU C 533 45.73 12.62 14.41
C GLU C 533 46.98 13.10 13.68
N GLU C 534 46.93 13.19 12.34
CA GLU C 534 48.06 13.66 11.53
C GLU C 534 49.30 12.80 11.76
N VAL C 535 49.10 11.48 11.78
CA VAL C 535 50.18 10.54 12.01
C VAL C 535 50.34 9.66 10.77
N LEU C 536 49.23 9.39 10.07
CA LEU C 536 49.31 8.55 8.89
C LEU C 536 48.11 8.78 8.00
N ALA C 537 48.36 9.09 6.73
CA ALA C 537 47.28 9.28 5.77
C ALA C 537 46.59 7.95 5.49
N GLU C 538 45.31 8.03 5.15
CA GLU C 538 44.54 6.82 4.87
C GLU C 538 45.18 6.03 3.73
N ASP C 539 45.60 6.73 2.67
CA ASP C 539 46.20 6.05 1.53
C ASP C 539 47.39 5.22 1.97
N ASP C 540 48.28 5.80 2.79
CA ASP C 540 49.47 5.09 3.23
C ASP C 540 49.12 3.90 4.13
N PHE C 541 48.15 4.09 5.03
CA PHE C 541 47.66 2.99 5.84
C PHE C 541 47.24 1.82 4.98
N TRP C 542 46.27 2.04 4.10
CA TRP C 542 45.70 0.95 3.33
C TRP C 542 46.70 0.36 2.34
N ARG C 543 47.58 1.19 1.78
CA ARG C 543 48.63 0.65 0.94
C ARG C 543 49.54 -0.27 1.73
N THR C 544 49.89 0.10 2.97
CA THR C 544 50.69 -0.78 3.82
C THR C 544 49.98 -2.10 4.07
N VAL C 545 48.66 -2.06 4.26
CA VAL C 545 47.89 -3.28 4.41
C VAL C 545 47.94 -4.11 3.14
N ALA C 546 47.74 -3.46 1.98
CA ALA C 546 47.79 -4.16 0.71
C ALA C 546 49.17 -4.77 0.46
N GLU C 547 50.22 -4.05 0.85
CA GLU C 547 51.58 -4.57 0.69
C GLU C 547 51.81 -5.79 1.57
N VAL C 548 51.39 -5.73 2.83
CA VAL C 548 51.56 -6.87 3.73
C VAL C 548 50.77 -8.08 3.24
N THR C 549 49.62 -7.84 2.61
CA THR C 549 48.80 -8.93 2.08
C THR C 549 49.46 -9.59 0.86
N ARG C 550 49.93 -8.79 -0.10
CA ARG C 550 50.66 -9.37 -1.23
C ARG C 550 51.95 -10.03 -0.77
N GLU C 551 52.66 -9.39 0.17
CA GLU C 551 53.83 -10.02 0.78
C GLU C 551 53.51 -11.43 1.26
N TYR C 552 52.36 -11.61 1.92
CA TYR C 552 51.95 -12.95 2.35
C TYR C 552 51.62 -13.84 1.16
N GLN C 553 50.85 -13.33 0.20
CA GLN C 553 50.37 -14.16 -0.90
C GLN C 553 51.50 -14.57 -1.83
N GLU C 554 52.45 -13.67 -2.09
CA GLU C 554 53.54 -14.02 -3.00
C GLU C 554 54.45 -15.09 -2.39
N ALA C 555 54.53 -15.14 -1.06
CA ALA C 555 55.36 -16.12 -0.39
C ALA C 555 54.73 -17.51 -0.30
N HIS C 556 53.50 -17.68 -0.77
CA HIS C 556 52.81 -18.97 -0.73
C HIS C 556 51.98 -19.19 -1.99
N PRO C 557 52.65 -19.47 -3.12
CA PRO C 557 51.90 -19.75 -4.36
C PRO C 557 51.13 -21.06 -4.35
N GLU C 558 51.39 -21.96 -3.40
CA GLU C 558 50.57 -23.16 -3.28
C GLU C 558 49.14 -22.86 -2.87
N LEU C 559 48.80 -21.59 -2.64
CA LEU C 559 47.43 -21.21 -2.30
C LEU C 559 46.82 -20.24 -3.31
N ASP C 560 47.49 -19.99 -4.44
CA ASP C 560 46.97 -19.00 -5.40
C ASP C 560 45.53 -19.31 -5.76
N ASP C 561 45.17 -20.59 -5.86
CA ASP C 561 43.79 -20.95 -6.15
C ASP C 561 42.84 -20.31 -5.14
N ARG C 562 43.15 -20.45 -3.86
CA ARG C 562 42.32 -19.89 -2.81
C ARG C 562 42.38 -18.36 -2.77
N PHE C 563 43.53 -17.78 -3.14
CA PHE C 563 43.63 -16.32 -3.23
C PHE C 563 42.68 -15.78 -4.29
N ARG C 564 42.49 -16.53 -5.39
CA ARG C 564 41.53 -16.13 -6.41
C ARG C 564 40.10 -16.48 -6.02
N GLN C 565 39.91 -17.54 -5.24
CA GLN C 565 38.57 -17.90 -4.78
C GLN C 565 38.03 -16.91 -3.76
N TYR C 566 38.91 -16.31 -2.96
CA TYR C 566 38.56 -15.30 -1.97
C TYR C 566 39.43 -14.08 -2.24
N ASP C 567 38.95 -13.20 -3.11
CA ASP C 567 39.74 -12.08 -3.61
C ASP C 567 39.71 -10.95 -2.59
N LEU C 568 40.83 -10.75 -1.90
CA LEU C 568 40.92 -9.65 -0.95
C LEU C 568 41.04 -8.30 -1.63
N PHE C 569 41.23 -8.27 -2.95
CA PHE C 569 41.40 -7.02 -3.68
C PHE C 569 40.21 -6.74 -4.60
N ALA C 570 39.09 -7.45 -4.42
CA ALA C 570 37.88 -7.14 -5.16
C ALA C 570 37.53 -5.66 -4.97
N PRO C 571 36.80 -5.08 -5.92
CA PRO C 571 36.46 -3.66 -5.78
C PRO C 571 35.51 -3.37 -4.62
N GLU C 572 34.64 -4.32 -4.27
CA GLU C 572 33.61 -4.04 -3.29
C GLU C 572 33.34 -5.29 -2.46
N PHE C 573 33.00 -5.10 -1.19
CA PHE C 573 32.53 -6.20 -0.37
C PHE C 573 31.31 -5.76 0.43
N ALA C 574 30.58 -6.75 0.95
CA ALA C 574 29.27 -6.49 1.55
C ALA C 574 29.41 -5.66 2.82
N LEU C 575 28.45 -4.76 3.02
CA LEU C 575 28.33 -3.98 4.24
C LEU C 575 27.51 -4.79 5.26
N SER C 576 28.19 -5.33 6.27
CA SER C 576 27.55 -6.14 7.31
C SER C 576 27.28 -5.25 8.51
N CYS C 577 26.00 -4.97 8.78
CA CYS C 577 25.62 -3.97 9.78
C CYS C 577 25.50 -4.58 11.16
N LEU C 578 26.22 -4.00 12.14
CA LEU C 578 26.26 -4.53 13.50
C LEU C 578 25.13 -4.02 14.39
N ASN C 579 25.00 -2.69 14.53
CA ASN C 579 23.94 -2.14 15.38
C ASN C 579 22.56 -2.68 14.97
N ARG C 580 22.33 -2.91 13.67
CA ARG C 580 21.06 -3.47 13.23
C ARG C 580 20.77 -4.79 13.92
N LEU C 581 21.81 -5.56 14.24
CA LEU C 581 21.61 -6.81 14.96
C LEU C 581 21.07 -6.55 16.37
N GLN C 582 21.71 -5.66 17.13
CA GLN C 582 21.23 -5.35 18.47
C GLN C 582 19.85 -4.70 18.45
N LEU C 583 19.56 -3.88 17.43
CA LEU C 583 18.24 -3.23 17.37
C LEU C 583 17.13 -4.24 17.13
N ARG C 584 17.37 -5.26 16.29
CA ARG C 584 16.33 -6.24 16.01
C ARG C 584 16.13 -7.21 17.18
N ASP C 585 17.19 -7.46 17.95
CA ASP C 585 17.10 -8.42 19.06
C ASP C 585 18.25 -8.11 20.03
N ASN C 586 17.94 -7.37 21.09
CA ASN C 586 19.01 -6.97 21.99
C ASN C 586 19.32 -8.02 23.05
N ARG C 587 18.54 -9.10 23.11
CA ARG C 587 18.80 -10.25 23.98
C ARG C 587 19.70 -11.32 23.33
N GLN C 588 19.66 -11.49 22.01
CA GLN C 588 20.38 -12.57 21.32
C GLN C 588 20.59 -12.13 19.85
N MET C 589 21.58 -11.26 19.65
CA MET C 589 21.80 -10.60 18.37
C MET C 589 21.88 -11.58 17.20
N VAL C 590 22.52 -12.74 17.43
CA VAL C 590 22.62 -13.80 16.44
C VAL C 590 22.16 -15.11 17.08
N ASP C 591 21.44 -15.93 16.30
CA ASP C 591 21.18 -17.31 16.69
C ASP C 591 22.44 -18.13 16.51
N LEU C 592 22.85 -18.82 17.57
CA LEU C 592 24.09 -19.58 17.52
C LEU C 592 23.97 -20.86 16.69
N ALA C 593 22.75 -21.36 16.45
CA ALA C 593 22.57 -22.49 15.54
C ALA C 593 22.95 -22.12 14.11
N ASP C 594 22.70 -20.87 13.70
CA ASP C 594 22.99 -20.39 12.35
C ASP C 594 23.35 -18.93 12.44
N PRO C 595 24.56 -18.62 12.90
CA PRO C 595 24.94 -17.21 13.10
C PRO C 595 25.09 -16.42 11.81
N SER C 596 25.20 -17.08 10.66
CA SER C 596 25.23 -16.37 9.39
C SER C 596 23.87 -15.81 9.02
N ALA C 597 22.80 -16.47 9.43
CA ALA C 597 21.46 -16.06 9.02
C ALA C 597 21.03 -14.74 9.64
N ALA C 598 21.55 -14.42 10.83
CA ALA C 598 21.17 -13.18 11.48
C ALA C 598 21.82 -11.96 10.85
N LEU C 599 22.87 -12.14 10.06
CA LEU C 599 23.60 -10.99 9.56
C LEU C 599 22.72 -10.15 8.65
N GLN C 600 22.91 -8.83 8.71
CA GLN C 600 22.14 -7.91 7.89
C GLN C 600 23.11 -7.20 6.96
N LEU C 601 23.16 -7.67 5.72
CA LEU C 601 23.99 -7.08 4.68
C LEU C 601 23.17 -6.08 3.89
N VAL C 602 23.62 -4.83 3.88
CA VAL C 602 22.90 -3.72 3.25
C VAL C 602 23.85 -3.05 2.29
N GLY C 603 23.80 -3.45 1.01
CA GLY C 603 24.67 -2.81 0.05
C GLY C 603 26.11 -3.28 0.17
N THR C 604 27.01 -2.48 -0.38
CA THR C 604 28.43 -2.82 -0.44
C THR C 604 29.27 -1.61 -0.10
N LEU C 605 30.54 -1.87 0.22
CA LEU C 605 31.54 -0.86 0.50
C LEU C 605 32.64 -0.94 -0.55
N ARG C 606 33.13 0.22 -1.01
CA ARG C 606 34.33 0.24 -1.84
C ARG C 606 35.52 -0.25 -1.02
N ASN C 607 36.17 -1.28 -1.53
CA ASN C 607 37.31 -1.89 -0.83
C ASN C 607 38.54 -1.01 -0.95
N PRO C 608 39.12 -0.53 0.15
CA PRO C 608 40.35 0.26 0.03
C PRO C 608 41.51 -0.50 -0.61
N LEU C 609 41.54 -1.83 -0.49
CA LEU C 609 42.63 -2.61 -1.07
C LEU C 609 42.52 -2.74 -2.58
N ALA C 610 41.37 -2.41 -3.15
CA ALA C 610 41.21 -2.45 -4.60
C ALA C 610 42.17 -1.45 -5.24
N GLY C 611 42.92 -1.92 -6.23
CA GLY C 611 43.88 -1.07 -6.89
C GLY C 611 45.25 -1.11 -6.23
N LEU C 612 45.29 -0.86 -4.93
CA LEU C 612 46.53 -0.89 -4.16
C LEU C 612 47.13 -2.31 -4.18
N SER D 22 -42.86 -0.49 -52.35
CA SER D 22 -42.54 0.65 -51.48
C SER D 22 -41.06 0.67 -51.13
N LEU D 23 -40.46 1.86 -51.23
CA LEU D 23 -39.05 2.02 -50.88
C LEU D 23 -38.80 1.69 -49.40
N THR D 24 -39.69 2.13 -48.51
CA THR D 24 -39.46 1.92 -47.09
C THR D 24 -39.82 0.49 -46.68
N ASP D 25 -40.84 -0.09 -47.31
CA ASP D 25 -41.23 -1.45 -46.94
C ASP D 25 -40.15 -2.46 -47.32
N ALA D 26 -39.42 -2.21 -48.41
CA ALA D 26 -38.44 -3.18 -48.87
C ALA D 26 -37.33 -3.39 -47.86
N VAL D 27 -36.92 -2.34 -47.14
CA VAL D 27 -35.84 -2.44 -46.17
C VAL D 27 -36.37 -2.46 -44.74
N ALA D 28 -37.69 -2.54 -44.56
CA ALA D 28 -38.28 -2.56 -43.24
C ALA D 28 -37.68 -3.63 -42.33
N HIS D 29 -37.26 -4.76 -42.88
CA HIS D 29 -36.70 -5.81 -42.04
C HIS D 29 -35.38 -5.38 -41.42
N LEU D 30 -34.70 -4.42 -42.01
CA LEU D 30 -33.42 -3.94 -41.51
C LEU D 30 -33.70 -2.93 -40.38
N SER D 31 -33.70 -3.42 -39.15
CA SER D 31 -33.93 -2.64 -37.95
C SER D 31 -32.78 -2.88 -36.99
N PRO D 32 -32.58 -1.98 -36.02
CA PRO D 32 -31.43 -2.17 -35.10
C PRO D 32 -31.51 -3.44 -34.27
N GLU D 33 -32.70 -3.78 -33.77
CA GLU D 33 -32.84 -4.95 -32.89
C GLU D 33 -32.62 -6.24 -33.65
N ARG D 34 -33.23 -6.38 -34.84
CA ARG D 34 -32.98 -7.56 -35.65
C ARG D 34 -31.53 -7.61 -36.13
N TRP D 35 -30.93 -6.46 -36.43
CA TRP D 35 -29.53 -6.48 -36.83
C TRP D 35 -28.62 -6.90 -35.68
N GLU D 36 -28.94 -6.49 -34.46
CA GLU D 36 -28.17 -6.92 -33.29
C GLU D 36 -28.27 -8.42 -33.10
N GLU D 37 -29.49 -8.98 -33.17
CA GLU D 37 -29.64 -10.43 -33.02
C GLU D 37 -28.96 -11.18 -34.17
N ALA D 38 -29.07 -10.66 -35.39
CA ALA D 38 -28.39 -11.31 -36.52
C ALA D 38 -26.89 -11.38 -36.28
N ASN D 39 -26.27 -10.26 -35.90
CA ASN D 39 -24.81 -10.24 -35.71
C ASN D 39 -24.38 -11.16 -34.57
N ARG D 40 -25.15 -11.20 -33.47
CA ARG D 40 -24.80 -12.11 -32.39
C ARG D 40 -24.80 -13.56 -32.88
N LEU D 41 -25.86 -13.98 -33.58
CA LEU D 41 -25.94 -15.37 -34.06
C LEU D 41 -24.83 -15.66 -35.05
N LEU D 42 -24.50 -14.70 -35.92
CA LEU D 42 -23.44 -14.95 -36.89
C LEU D 42 -22.08 -15.03 -36.22
N VAL D 43 -21.83 -14.19 -35.19
CA VAL D 43 -20.54 -14.22 -34.51
C VAL D 43 -20.37 -15.49 -33.69
N ARG D 44 -21.46 -16.01 -33.09
CA ARG D 44 -21.33 -17.27 -32.38
C ARG D 44 -21.04 -18.42 -33.34
N LYS D 45 -21.60 -18.35 -34.55
CA LYS D 45 -21.28 -19.36 -35.56
C LYS D 45 -19.83 -19.23 -36.01
N ALA D 46 -19.38 -17.99 -36.25
CA ALA D 46 -18.00 -17.76 -36.68
C ALA D 46 -17.01 -18.23 -35.61
N LEU D 47 -17.26 -17.92 -34.35
CA LEU D 47 -16.37 -18.39 -33.29
C LEU D 47 -16.34 -19.91 -33.24
N ALA D 48 -17.53 -20.53 -33.25
CA ALA D 48 -17.62 -21.99 -33.09
C ALA D 48 -17.00 -22.74 -34.26
N GLU D 49 -17.27 -22.28 -35.50
CA GLU D 49 -16.77 -23.01 -36.67
C GLU D 49 -15.33 -22.69 -37.00
N PHE D 50 -14.88 -21.44 -36.77
CA PHE D 50 -13.47 -21.14 -37.01
C PHE D 50 -12.58 -21.79 -35.96
N ALA D 51 -13.08 -21.99 -34.74
CA ALA D 51 -12.33 -22.79 -33.78
C ALA D 51 -12.27 -24.25 -34.22
N HIS D 52 -13.39 -24.78 -34.71
CA HIS D 52 -13.44 -26.16 -35.21
C HIS D 52 -12.40 -26.37 -36.32
N GLU D 53 -12.24 -25.39 -37.20
CA GLU D 53 -11.25 -25.47 -38.26
C GLU D 53 -9.88 -25.00 -37.82
N ARG D 54 -9.72 -24.71 -36.53
CA ARG D 54 -8.45 -24.34 -35.92
C ARG D 54 -7.84 -23.11 -36.57
N LEU D 55 -8.68 -22.23 -37.12
CA LEU D 55 -8.20 -20.93 -37.57
C LEU D 55 -7.75 -20.07 -36.40
N PHE D 56 -8.33 -20.32 -35.22
CA PHE D 56 -7.80 -19.83 -33.96
C PHE D 56 -8.15 -20.82 -32.86
N THR D 57 -7.40 -20.75 -31.76
CA THR D 57 -7.58 -21.64 -30.63
C THR D 57 -8.06 -20.86 -29.41
N PRO D 58 -9.34 -20.97 -29.04
CA PRO D 58 -9.83 -20.23 -27.86
C PRO D 58 -9.18 -20.74 -26.58
N GLU D 59 -8.38 -19.83 -25.89
CA GLU D 59 -7.82 -20.15 -24.59
C GLU D 59 -8.84 -19.88 -23.50
N PRO D 60 -8.82 -20.66 -22.41
CA PRO D 60 -9.67 -20.35 -21.26
C PRO D 60 -9.28 -19.04 -20.61
N ALA D 61 -10.26 -18.35 -20.05
CA ALA D 61 -10.09 -17.01 -19.50
C ALA D 61 -10.55 -16.96 -18.05
N ASP D 62 -9.96 -16.01 -17.31
CA ASP D 62 -10.34 -15.66 -15.93
C ASP D 62 -10.63 -16.89 -15.09
N GLY D 63 -9.76 -17.90 -15.20
CA GLY D 63 -9.82 -19.06 -14.34
C GLY D 63 -11.02 -19.98 -14.50
N GLN D 64 -12.07 -19.50 -15.19
CA GLN D 64 -13.28 -20.30 -15.34
C GLN D 64 -13.09 -21.37 -16.40
N ASP D 65 -13.65 -22.55 -16.14
CA ASP D 65 -13.47 -23.66 -17.07
C ASP D 65 -14.33 -23.49 -18.32
N GLY D 66 -15.55 -22.97 -18.17
CA GLY D 66 -16.43 -22.83 -19.31
C GLY D 66 -16.21 -21.58 -20.13
N ARG D 67 -15.46 -20.62 -19.60
CA ARG D 67 -15.17 -19.38 -20.32
C ARG D 67 -13.95 -19.57 -21.22
N TYR D 68 -13.96 -18.87 -22.34
CA TYR D 68 -12.88 -18.92 -23.33
C TYR D 68 -12.70 -17.53 -23.91
N VAL D 69 -11.57 -17.29 -24.58
CA VAL D 69 -11.34 -16.00 -25.22
C VAL D 69 -10.60 -16.17 -26.55
N VAL D 70 -10.95 -15.30 -27.50
CA VAL D 70 -10.30 -15.21 -28.80
C VAL D 70 -10.05 -13.74 -29.06
N ARG D 71 -8.85 -13.41 -29.50
CA ARG D 71 -8.44 -12.01 -29.62
C ARG D 71 -8.15 -11.69 -31.08
N SER D 72 -8.21 -10.40 -31.40
CA SER D 72 -8.05 -9.93 -32.78
C SER D 72 -6.60 -10.09 -33.24
N ASP D 73 -6.35 -9.78 -34.51
CA ASP D 73 -5.00 -9.82 -35.05
C ASP D 73 -4.03 -8.98 -34.21
N ASP D 74 -4.49 -7.82 -33.72
CA ASP D 74 -3.62 -6.93 -32.95
C ASP D 74 -3.69 -7.20 -31.45
N GLY D 75 -4.50 -8.15 -30.99
CA GLY D 75 -4.62 -8.46 -29.58
C GLY D 75 -5.43 -7.49 -28.76
N LEU D 76 -5.86 -6.36 -29.33
CA LEU D 76 -6.51 -5.33 -28.53
C LEU D 76 -7.98 -5.60 -28.31
N THR D 77 -8.65 -6.24 -29.27
CA THR D 77 -10.07 -6.57 -29.16
C THR D 77 -10.19 -8.03 -28.75
N SER D 78 -10.99 -8.28 -27.71
CA SER D 78 -11.16 -9.61 -27.14
C SER D 78 -12.60 -10.08 -27.23
N TYR D 79 -12.81 -11.30 -27.75
CA TYR D 79 -14.13 -11.92 -27.83
C TYR D 79 -14.20 -13.03 -26.77
N ARG D 80 -14.95 -12.77 -25.70
CA ARG D 80 -15.14 -13.71 -24.60
C ARG D 80 -16.51 -14.36 -24.73
N PHE D 81 -16.57 -15.65 -24.45
CA PHE D 81 -17.79 -16.45 -24.61
C PHE D 81 -17.67 -17.73 -23.81
N THR D 82 -18.81 -18.26 -23.37
CA THR D 82 -18.86 -19.60 -22.82
C THR D 82 -19.21 -20.59 -23.94
N ALA D 83 -18.79 -21.84 -23.78
CA ALA D 83 -18.97 -22.85 -24.79
C ALA D 83 -19.01 -24.23 -24.17
N VAL D 84 -19.90 -25.09 -24.68
CA VAL D 84 -19.89 -26.51 -24.38
C VAL D 84 -19.21 -27.22 -25.54
N ARG D 85 -18.16 -27.98 -25.25
CA ARG D 85 -17.40 -28.69 -26.26
C ARG D 85 -17.91 -30.12 -26.36
N ARG D 86 -17.99 -30.63 -27.60
CA ARG D 86 -18.59 -31.94 -27.86
C ARG D 86 -17.79 -32.68 -28.92
N ALA D 87 -18.24 -33.90 -29.23
CA ALA D 87 -17.50 -34.81 -30.09
C ALA D 87 -17.18 -34.17 -31.44
N LEU D 88 -16.11 -34.68 -32.08
CA LEU D 88 -15.61 -34.14 -33.34
C LEU D 88 -15.22 -32.66 -33.22
N ASP D 89 -14.72 -32.23 -32.05
CA ASP D 89 -14.23 -30.87 -31.86
C ASP D 89 -15.32 -29.83 -32.15
N HIS D 90 -16.50 -30.07 -31.60
CA HIS D 90 -17.64 -29.19 -31.80
C HIS D 90 -17.74 -28.21 -30.63
N TRP D 91 -18.04 -26.95 -30.95
CA TRP D 91 -18.08 -25.87 -29.97
C TRP D 91 -19.48 -25.30 -29.91
N GLN D 92 -20.24 -25.65 -28.89
CA GLN D 92 -21.57 -25.03 -28.71
C GLN D 92 -21.39 -23.73 -27.96
N VAL D 93 -21.14 -22.65 -28.70
CA VAL D 93 -20.99 -21.33 -28.14
C VAL D 93 -22.37 -20.76 -27.82
N ASP D 94 -22.53 -20.28 -26.58
CA ASP D 94 -23.76 -19.62 -26.15
C ASP D 94 -23.80 -18.22 -26.74
N ALA D 95 -24.85 -17.91 -27.51
CA ALA D 95 -24.94 -16.62 -28.18
C ALA D 95 -24.95 -15.47 -27.18
N GLY D 96 -25.73 -15.60 -26.11
CA GLY D 96 -25.84 -14.53 -25.14
C GLY D 96 -24.57 -14.28 -24.33
N SER D 97 -23.63 -15.23 -24.33
CA SER D 97 -22.42 -15.10 -23.54
C SER D 97 -21.34 -14.26 -24.22
N ILE D 98 -21.50 -13.92 -25.49
CA ILE D 98 -20.40 -13.30 -26.24
C ILE D 98 -20.26 -11.84 -25.83
N THR D 99 -19.03 -11.42 -25.57
CA THR D 99 -18.74 -10.05 -25.22
C THR D 99 -17.54 -9.60 -26.04
N ARG D 100 -17.61 -8.37 -26.52
CA ARG D 100 -16.55 -7.75 -27.29
C ARG D 100 -15.90 -6.69 -26.40
N THR D 101 -14.61 -6.85 -26.10
CA THR D 101 -13.92 -5.96 -25.17
C THR D 101 -12.70 -5.35 -25.84
N ARG D 102 -12.60 -4.02 -25.76
CA ARG D 102 -11.47 -3.28 -26.29
C ARG D 102 -11.16 -2.14 -25.34
N ASP D 103 -9.90 -2.02 -24.93
CA ASP D 103 -9.46 -1.00 -23.96
C ASP D 103 -10.24 -1.12 -22.66
N GLY D 104 -10.64 -2.35 -22.31
CA GLY D 104 -11.39 -2.59 -21.10
C GLY D 104 -12.88 -2.32 -21.18
N ALA D 105 -13.36 -1.72 -22.27
CA ALA D 105 -14.77 -1.42 -22.45
C ALA D 105 -15.45 -2.44 -23.34
N GLU D 106 -16.73 -2.65 -23.08
CA GLU D 106 -17.56 -3.51 -23.93
C GLU D 106 -18.05 -2.73 -25.15
N LEU D 107 -18.07 -3.42 -26.28
CA LEU D 107 -18.46 -2.88 -27.58
C LEU D 107 -19.56 -3.75 -28.17
N PRO D 108 -20.37 -3.20 -29.07
CA PRO D 108 -21.39 -4.01 -29.75
C PRO D 108 -20.76 -5.07 -30.65
N LEU D 109 -21.45 -6.19 -30.77
CA LEU D 109 -21.03 -7.25 -31.69
C LEU D 109 -21.28 -6.80 -33.12
N ALA D 110 -20.23 -6.72 -33.92
CA ALA D 110 -20.36 -6.39 -35.34
C ALA D 110 -19.57 -7.41 -36.15
N ALA D 111 -20.29 -8.25 -36.89
CA ALA D 111 -19.62 -9.24 -37.71
C ALA D 111 -18.68 -8.60 -38.73
N LEU D 112 -19.05 -7.44 -39.26
CA LEU D 112 -18.15 -6.76 -40.18
C LEU D 112 -16.83 -6.40 -39.51
N ASP D 113 -16.89 -5.85 -38.29
CA ASP D 113 -15.65 -5.53 -37.58
C ASP D 113 -14.90 -6.80 -37.23
N PHE D 114 -15.62 -7.83 -36.80
CA PHE D 114 -15.01 -9.13 -36.51
C PHE D 114 -14.11 -9.59 -37.65
N PHE D 115 -14.60 -9.60 -38.88
CA PHE D 115 -13.77 -10.11 -39.97
C PHE D 115 -12.65 -9.15 -40.36
N ILE D 116 -12.82 -7.84 -40.14
CA ILE D 116 -11.71 -6.94 -40.43
C ILE D 116 -10.63 -7.11 -39.36
N GLU D 117 -11.03 -7.16 -38.08
CA GLU D 117 -10.10 -7.35 -36.97
C GLU D 117 -9.33 -8.66 -37.08
N LEU D 118 -9.78 -9.59 -37.91
CA LEU D 118 -9.18 -10.91 -38.02
C LEU D 118 -8.78 -11.26 -39.44
N ARG D 119 -8.59 -10.23 -40.29
CA ARG D 119 -8.37 -10.46 -41.71
C ARG D 119 -7.11 -11.30 -41.97
N HIS D 120 -6.11 -11.19 -41.11
CA HIS D 120 -4.90 -11.97 -41.35
C HIS D 120 -4.98 -13.36 -40.74
N THR D 121 -5.63 -13.48 -39.57
CA THR D 121 -5.81 -14.80 -38.95
C THR D 121 -6.63 -15.71 -39.84
N LEU D 122 -7.69 -15.16 -40.46
CA LEU D 122 -8.57 -15.90 -41.34
C LEU D 122 -8.03 -16.02 -42.77
N GLY D 123 -6.90 -15.37 -43.08
CA GLY D 123 -6.33 -15.47 -44.40
C GLY D 123 -7.13 -14.77 -45.47
N LEU D 124 -7.82 -13.69 -45.13
CA LEU D 124 -8.62 -12.94 -46.09
C LEU D 124 -7.72 -11.93 -46.80
N SER D 125 -7.54 -12.10 -48.11
CA SER D 125 -6.71 -11.20 -48.90
C SER D 125 -7.40 -9.84 -49.08
N ASP D 126 -6.60 -8.87 -49.55
CA ASP D 126 -7.13 -7.52 -49.79
C ASP D 126 -8.23 -7.55 -50.84
N GLU D 127 -8.09 -8.39 -51.85
CA GLU D 127 -9.05 -8.40 -52.94
C GLU D 127 -10.35 -9.12 -52.57
N ILE D 128 -10.30 -10.05 -51.61
CA ILE D 128 -11.48 -10.83 -51.27
C ILE D 128 -12.27 -10.20 -50.13
N LEU D 129 -11.59 -9.64 -49.12
CA LEU D 129 -12.25 -9.09 -47.94
C LEU D 129 -13.45 -8.19 -48.24
N PRO D 130 -13.36 -7.18 -49.12
CA PRO D 130 -14.56 -6.38 -49.41
C PRO D 130 -15.72 -7.18 -49.97
N VAL D 131 -15.45 -8.18 -50.83
CA VAL D 131 -16.54 -9.01 -51.35
C VAL D 131 -17.01 -9.97 -50.27
N TYR D 132 -16.08 -10.55 -49.50
CA TYR D 132 -16.48 -11.38 -48.36
C TYR D 132 -17.38 -10.60 -47.41
N LEU D 133 -17.10 -9.30 -47.23
CA LEU D 133 -17.94 -8.50 -46.34
C LEU D 133 -19.33 -8.28 -46.91
N GLU D 134 -19.45 -8.14 -48.23
CA GLU D 134 -20.77 -8.07 -48.85
C GLU D 134 -21.58 -9.33 -48.57
N GLU D 135 -20.94 -10.50 -48.71
CA GLU D 135 -21.60 -11.77 -48.43
C GLU D 135 -22.09 -11.82 -46.98
N ILE D 136 -21.24 -11.36 -46.05
CA ILE D 136 -21.63 -11.29 -44.65
C ILE D 136 -22.79 -10.31 -44.45
N SER D 137 -22.72 -9.13 -45.09
CA SER D 137 -23.81 -8.16 -44.96
C SER D 137 -25.11 -8.77 -45.46
N SER D 138 -25.02 -9.55 -46.53
CA SER D 138 -26.22 -10.08 -47.17
C SER D 138 -26.78 -11.27 -46.38
N THR D 139 -25.91 -12.11 -45.81
CA THR D 139 -26.38 -13.16 -44.91
C THR D 139 -27.09 -12.58 -43.68
N LEU D 140 -26.48 -11.56 -43.07
CA LEU D 140 -27.12 -10.85 -41.95
C LEU D 140 -28.46 -10.25 -42.36
N SER D 141 -28.55 -9.67 -43.58
CA SER D 141 -29.85 -9.14 -44.03
C SER D 141 -30.90 -10.24 -44.11
N GLY D 142 -30.54 -11.38 -44.69
CA GLY D 142 -31.47 -12.49 -44.73
C GLY D 142 -31.90 -12.92 -43.34
N THR D 143 -30.96 -12.94 -42.38
CA THR D 143 -31.35 -13.27 -41.01
C THR D 143 -32.40 -12.29 -40.48
N CYS D 144 -32.24 -10.99 -40.81
CA CYS D 144 -33.22 -10.01 -40.37
C CYS D 144 -34.59 -10.27 -41.00
N TYR D 145 -34.63 -10.54 -42.31
CA TYR D 145 -35.91 -10.86 -42.92
C TYR D 145 -36.56 -12.05 -42.23
N LYS D 146 -35.79 -13.10 -41.98
CA LYS D 146 -36.37 -14.29 -41.36
C LYS D 146 -36.89 -13.99 -39.96
N LEU D 147 -36.19 -13.13 -39.21
CA LEU D 147 -36.68 -12.68 -37.90
C LEU D 147 -37.97 -11.86 -37.99
N THR D 148 -38.39 -11.41 -39.19
CA THR D 148 -39.70 -10.78 -39.34
C THR D 148 -40.80 -11.78 -39.62
N LYS D 149 -40.47 -13.02 -39.89
CA LYS D 149 -41.47 -14.02 -40.24
C LYS D 149 -42.21 -14.50 -38.98
N PRO D 150 -43.47 -14.92 -39.13
CA PRO D 150 -44.19 -15.52 -38.00
C PRO D 150 -43.39 -16.64 -37.35
N GLN D 151 -43.37 -16.64 -36.03
CA GLN D 151 -42.77 -17.74 -35.29
C GLN D 151 -43.55 -19.02 -35.55
N VAL D 152 -42.84 -20.12 -35.77
CA VAL D 152 -43.47 -21.41 -36.03
C VAL D 152 -42.66 -22.50 -35.36
N THR D 153 -43.35 -23.44 -34.72
CA THR D 153 -42.70 -24.53 -34.02
C THR D 153 -42.35 -25.65 -34.99
N ALA D 154 -41.50 -26.57 -34.54
CA ALA D 154 -41.24 -27.76 -35.34
C ALA D 154 -42.54 -28.48 -35.68
N ALA D 155 -43.45 -28.59 -34.71
CA ALA D 155 -44.75 -29.19 -34.98
C ALA D 155 -45.52 -28.37 -36.02
N GLY D 156 -45.42 -27.03 -35.94
CA GLY D 156 -46.10 -26.20 -36.91
C GLY D 156 -45.53 -26.36 -38.31
N LEU D 157 -44.21 -26.52 -38.42
CA LEU D 157 -43.58 -26.77 -39.72
C LEU D 157 -44.02 -28.10 -40.30
N LEU D 158 -44.04 -29.16 -39.49
CA LEU D 158 -44.50 -30.45 -39.97
C LEU D 158 -45.95 -30.36 -40.46
N GLU D 159 -46.82 -29.73 -39.68
CA GLU D 159 -48.21 -29.59 -40.09
C GLU D 159 -48.31 -28.84 -41.41
N GLY D 160 -47.50 -27.80 -41.60
CA GLY D 160 -47.55 -27.01 -42.82
C GLY D 160 -47.13 -27.76 -44.07
N GLY D 161 -46.22 -28.71 -43.94
CA GLY D 161 -45.90 -29.59 -45.04
C GLY D 161 -44.51 -29.42 -45.60
N PHE D 162 -44.34 -29.89 -46.83
CA PHE D 162 -43.03 -29.95 -47.48
C PHE D 162 -42.45 -28.54 -47.66
N GLN D 163 -43.16 -27.68 -48.39
CA GLN D 163 -42.64 -26.34 -48.67
C GLN D 163 -42.59 -25.48 -47.41
N ALA D 164 -43.50 -25.67 -46.46
CA ALA D 164 -43.39 -24.96 -45.20
C ALA D 164 -42.08 -25.29 -44.50
N LEU D 165 -41.62 -26.54 -44.59
CA LEU D 165 -40.28 -26.87 -44.10
C LEU D 165 -39.19 -26.27 -44.97
N GLU D 166 -39.33 -26.35 -46.31
CA GLU D 166 -38.31 -25.84 -47.20
C GLU D 166 -38.07 -24.36 -46.97
N SER D 167 -39.13 -23.55 -47.06
CA SER D 167 -39.00 -22.11 -46.87
C SER D 167 -38.93 -21.71 -45.42
N GLY D 168 -39.12 -22.65 -44.49
CA GLY D 168 -39.03 -22.39 -43.07
C GLY D 168 -37.68 -22.66 -42.46
N MET D 169 -36.73 -23.18 -43.24
CA MET D 169 -35.38 -23.33 -42.75
C MET D 169 -34.75 -21.96 -42.55
N THR D 170 -33.89 -21.85 -41.55
CA THR D 170 -33.27 -20.57 -41.26
C THR D 170 -31.75 -20.61 -41.32
N GLU D 171 -31.13 -21.75 -41.05
CA GLU D 171 -29.68 -21.76 -40.89
C GLU D 171 -28.95 -21.68 -42.24
N GLY D 172 -29.39 -22.50 -43.21
CA GLY D 172 -28.55 -22.80 -44.36
C GLY D 172 -27.53 -23.86 -44.00
N HIS D 173 -26.48 -23.93 -44.80
CA HIS D 173 -25.40 -24.86 -44.54
C HIS D 173 -24.85 -24.67 -43.12
N PRO D 174 -24.73 -25.72 -42.30
CA PRO D 174 -24.36 -25.54 -40.89
C PRO D 174 -22.88 -25.23 -40.64
N CYS D 175 -22.00 -25.41 -41.63
CA CYS D 175 -20.57 -25.12 -41.48
C CYS D 175 -20.20 -23.73 -41.98
N PHE D 176 -20.62 -23.38 -43.19
CA PHE D 176 -20.21 -22.12 -43.80
C PHE D 176 -20.82 -20.93 -43.06
N VAL D 177 -19.99 -19.96 -42.70
CA VAL D 177 -20.47 -18.75 -42.07
C VAL D 177 -21.19 -17.85 -43.07
N ALA D 178 -20.49 -17.50 -44.16
CA ALA D 178 -21.05 -16.68 -45.24
C ALA D 178 -21.75 -17.58 -46.26
N ASN D 179 -22.89 -18.12 -45.83
CA ASN D 179 -23.56 -19.16 -46.60
C ASN D 179 -24.78 -18.66 -47.38
N ASN D 180 -25.31 -17.49 -47.08
CA ASN D 180 -26.50 -17.00 -47.74
C ASN D 180 -26.25 -15.60 -48.33
N GLY D 181 -25.20 -15.48 -49.14
CA GLY D 181 -24.85 -14.21 -49.76
C GLY D 181 -25.81 -13.80 -50.87
N ARG D 182 -26.06 -14.71 -51.80
CA ARG D 182 -26.90 -14.43 -52.97
C ARG D 182 -26.52 -13.09 -53.60
N LEU D 183 -25.22 -12.91 -53.86
CA LEU D 183 -24.73 -11.63 -54.36
C LEU D 183 -25.13 -11.41 -55.82
N GLY D 184 -25.87 -10.34 -56.06
CA GLY D 184 -26.40 -10.00 -57.36
C GLY D 184 -27.84 -9.57 -57.18
N PHE D 185 -28.46 -10.07 -56.10
CA PHE D 185 -29.82 -9.70 -55.75
C PHE D 185 -29.85 -8.31 -55.11
N GLY D 186 -30.55 -7.37 -55.74
CA GLY D 186 -30.95 -6.16 -55.04
C GLY D 186 -31.94 -6.51 -53.95
N VAL D 187 -32.24 -5.53 -53.10
CA VAL D 187 -33.15 -5.83 -51.99
C VAL D 187 -34.52 -6.24 -52.52
N ASP D 188 -34.98 -5.64 -53.62
CA ASP D 188 -36.26 -6.04 -54.22
C ASP D 188 -36.18 -7.44 -54.82
N GLU D 189 -35.04 -7.78 -55.42
CA GLU D 189 -34.87 -9.12 -55.95
C GLU D 189 -34.75 -10.15 -54.85
N TYR D 190 -34.13 -9.78 -53.73
CA TYR D 190 -34.08 -10.68 -52.58
C TYR D 190 -35.48 -11.04 -52.11
N LEU D 191 -36.35 -10.04 -51.95
CA LEU D 191 -37.70 -10.30 -51.48
C LEU D 191 -38.50 -11.11 -52.50
N ALA D 192 -38.23 -10.92 -53.79
CA ALA D 192 -38.99 -11.67 -54.80
C ALA D 192 -38.47 -13.10 -54.95
N TYR D 193 -37.17 -13.31 -54.79
CA TYR D 193 -36.57 -14.56 -55.26
C TYR D 193 -35.98 -15.46 -54.18
N ALA D 194 -35.71 -14.96 -52.98
CA ALA D 194 -35.11 -15.81 -51.95
C ALA D 194 -36.07 -16.90 -51.50
N PRO D 195 -35.56 -18.12 -51.26
CA PRO D 195 -36.43 -19.21 -50.80
C PRO D 195 -37.07 -18.98 -49.44
N GLU D 196 -36.43 -18.23 -48.55
CA GLU D 196 -37.03 -17.99 -47.24
C GLU D 196 -38.18 -16.99 -47.30
N THR D 197 -38.28 -16.16 -48.37
CA THR D 197 -39.47 -15.31 -48.51
C THR D 197 -40.66 -16.08 -49.07
N ALA D 198 -40.43 -17.21 -49.73
CA ALA D 198 -41.51 -18.07 -50.25
C ALA D 198 -42.47 -17.30 -51.16
N HIS D 199 -41.93 -16.41 -51.99
CA HIS D 199 -42.90 -15.74 -52.87
C HIS D 199 -42.99 -16.47 -54.21
N PRO D 200 -44.19 -16.64 -54.76
CA PRO D 200 -44.28 -17.34 -56.05
C PRO D 200 -43.57 -16.59 -57.15
N VAL D 201 -42.94 -17.35 -58.03
CA VAL D 201 -42.15 -16.86 -59.15
C VAL D 201 -42.70 -17.49 -60.42
N ARG D 202 -42.86 -16.68 -61.46
CA ARG D 202 -43.19 -17.22 -62.77
C ARG D 202 -41.92 -17.23 -63.60
N LEU D 203 -41.57 -18.40 -64.12
CA LEU D 203 -40.41 -18.52 -64.96
C LEU D 203 -40.63 -17.78 -66.27
N VAL D 204 -39.54 -17.35 -66.88
CA VAL D 204 -39.55 -16.73 -68.20
C VAL D 204 -39.21 -17.82 -69.20
N TRP D 205 -39.96 -17.89 -70.29
CA TRP D 205 -39.77 -18.90 -71.31
C TRP D 205 -39.17 -18.26 -72.55
N LEU D 206 -38.12 -18.87 -73.07
CA LEU D 206 -37.49 -18.42 -74.30
C LEU D 206 -37.62 -19.52 -75.34
N ALA D 207 -37.79 -19.11 -76.58
CA ALA D 207 -37.61 -20.01 -77.70
C ALA D 207 -36.18 -19.83 -78.19
N ALA D 208 -35.45 -20.93 -78.26
CA ALA D 208 -34.04 -20.93 -78.65
C ALA D 208 -33.89 -21.68 -79.97
N HIS D 209 -33.21 -21.05 -80.92
CA HIS D 209 -33.06 -21.63 -82.25
C HIS D 209 -32.20 -22.89 -82.18
N ARG D 210 -32.60 -23.94 -82.92
CA ARG D 210 -31.93 -25.22 -82.83
C ARG D 210 -30.56 -25.24 -83.48
N SER D 211 -30.15 -24.16 -84.14
CA SER D 211 -28.77 -24.02 -84.56
C SER D 211 -27.85 -23.73 -83.38
N ARG D 212 -28.39 -23.27 -82.25
CA ARG D 212 -27.59 -22.98 -81.08
C ARG D 212 -27.98 -23.81 -79.85
N ALA D 213 -29.21 -24.32 -79.79
CA ALA D 213 -29.71 -24.96 -78.57
C ALA D 213 -30.04 -26.42 -78.81
N ALA D 214 -29.75 -27.23 -77.80
CA ALA D 214 -29.96 -28.68 -77.84
C ALA D 214 -30.81 -29.11 -76.66
N PHE D 215 -31.77 -30.01 -76.93
CA PHE D 215 -32.58 -30.66 -75.92
C PHE D 215 -32.04 -32.06 -75.69
N THR D 216 -31.75 -32.40 -74.44
CA THR D 216 -31.26 -33.73 -74.10
C THR D 216 -32.33 -34.46 -73.28
N ALA D 217 -32.71 -35.66 -73.73
CA ALA D 217 -33.82 -36.41 -73.15
C ALA D 217 -33.31 -37.63 -72.42
N GLY D 218 -33.77 -37.83 -71.18
CA GLY D 218 -33.56 -39.09 -70.51
C GLY D 218 -34.41 -40.20 -71.14
N ALA D 219 -34.28 -41.39 -70.58
CA ALA D 219 -34.93 -42.57 -71.13
C ALA D 219 -36.45 -42.44 -70.99
N GLY D 220 -37.17 -42.59 -72.10
CA GLY D 220 -38.61 -42.49 -72.10
C GLY D 220 -39.17 -41.12 -72.46
N ILE D 221 -38.32 -40.12 -72.72
CA ILE D 221 -38.74 -38.73 -72.89
C ILE D 221 -38.73 -38.38 -74.37
N ASP D 222 -39.81 -37.78 -74.84
CA ASP D 222 -39.94 -37.22 -76.17
C ASP D 222 -40.17 -35.72 -76.05
N TYR D 223 -39.49 -34.91 -76.88
CA TYR D 223 -39.58 -33.45 -76.73
C TYR D 223 -41.02 -32.95 -76.84
N ALA D 224 -41.70 -33.32 -77.93
CA ALA D 224 -43.03 -32.77 -78.18
C ALA D 224 -44.00 -33.15 -77.07
N SER D 225 -43.98 -34.41 -76.63
CA SER D 225 -44.89 -34.81 -75.55
C SER D 225 -44.45 -34.24 -74.21
N PHE D 226 -43.15 -34.03 -74.02
CA PHE D 226 -42.64 -33.51 -72.76
C PHE D 226 -43.14 -32.09 -72.51
N VAL D 227 -42.98 -31.20 -73.49
CA VAL D 227 -43.42 -29.83 -73.27
C VAL D 227 -44.93 -29.72 -73.19
N ARG D 228 -45.67 -30.56 -73.92
CA ARG D 228 -47.13 -30.57 -73.77
C ARG D 228 -47.49 -30.94 -72.34
N GLN D 229 -46.82 -31.95 -71.76
CA GLN D 229 -47.11 -32.31 -70.38
C GLN D 229 -46.72 -31.20 -69.41
N GLU D 230 -45.58 -30.52 -69.64
CA GLU D 230 -45.14 -29.57 -68.63
C GLU D 230 -45.87 -28.24 -68.74
N LEU D 231 -46.26 -27.84 -69.96
CA LEU D 231 -46.88 -26.54 -70.17
C LEU D 231 -48.36 -26.61 -70.54
N GLY D 232 -48.81 -27.74 -71.10
CA GLY D 232 -50.16 -27.84 -71.61
C GLY D 232 -50.21 -27.47 -73.06
N GLU D 233 -51.07 -28.15 -73.84
CA GLU D 233 -51.15 -27.89 -75.27
C GLU D 233 -51.53 -26.45 -75.56
N GLU D 234 -52.32 -25.84 -74.68
CA GLU D 234 -52.78 -24.48 -74.93
C GLU D 234 -51.62 -23.49 -74.92
N THR D 235 -50.77 -23.57 -73.89
CA THR D 235 -49.60 -22.69 -73.84
C THR D 235 -48.61 -23.01 -74.96
N VAL D 236 -48.47 -24.28 -75.32
CA VAL D 236 -47.59 -24.61 -76.43
C VAL D 236 -48.11 -23.99 -77.74
N GLU D 237 -49.43 -24.01 -77.95
CA GLU D 237 -49.97 -23.35 -79.14
C GLU D 237 -49.75 -21.84 -79.08
N ARG D 238 -49.99 -21.22 -77.92
CA ARG D 238 -49.72 -19.79 -77.79
C ARG D 238 -48.28 -19.49 -78.14
N PHE D 239 -47.33 -20.27 -77.61
CA PHE D 239 -45.92 -20.02 -77.91
C PHE D 239 -45.63 -20.21 -79.39
N ASP D 240 -46.15 -21.28 -79.99
CA ASP D 240 -46.02 -21.43 -81.44
C ASP D 240 -46.63 -20.23 -82.15
N GLY D 241 -47.75 -19.74 -81.64
CA GLY D 241 -48.38 -18.57 -82.23
C GLY D 241 -47.49 -17.34 -82.19
N VAL D 242 -46.79 -17.12 -81.06
CA VAL D 242 -45.88 -15.99 -80.97
C VAL D 242 -44.84 -16.07 -82.08
N LEU D 243 -44.23 -17.25 -82.25
CA LEU D 243 -43.18 -17.40 -83.25
C LEU D 243 -43.72 -17.20 -84.66
N ARG D 244 -44.93 -17.71 -84.95
CA ARG D 244 -45.51 -17.51 -86.27
C ARG D 244 -45.79 -16.03 -86.50
N GLY D 245 -46.27 -15.34 -85.47
CA GLY D 245 -46.49 -13.91 -85.59
C GLY D 245 -45.24 -13.17 -86.03
N ARG D 246 -44.07 -13.67 -85.68
CA ARG D 246 -42.82 -13.04 -86.06
C ARG D 246 -42.28 -13.62 -87.35
N GLY D 247 -43.05 -14.47 -88.02
CA GLY D 247 -42.61 -15.10 -89.25
C GLY D 247 -41.67 -16.26 -89.09
N LEU D 248 -41.71 -16.96 -87.94
CA LEU D 248 -40.75 -17.99 -87.62
C LEU D 248 -41.41 -19.36 -87.52
N ASP D 249 -40.63 -20.41 -87.78
CA ASP D 249 -41.15 -21.76 -87.78
C ASP D 249 -40.90 -22.37 -86.40
N PRO D 250 -41.96 -22.77 -85.66
CA PRO D 250 -41.75 -23.45 -84.37
C PRO D 250 -40.82 -24.66 -84.47
N ALA D 251 -40.84 -25.37 -85.59
CA ALA D 251 -39.98 -26.56 -85.74
C ALA D 251 -38.49 -26.23 -85.58
N ASP D 252 -38.09 -24.97 -85.78
CA ASP D 252 -36.70 -24.55 -85.67
C ASP D 252 -36.27 -24.17 -84.25
N TYR D 253 -37.17 -24.24 -83.27
CA TYR D 253 -36.93 -23.72 -81.93
C TYR D 253 -37.25 -24.79 -80.91
N LEU D 254 -36.69 -24.61 -79.71
CA LEU D 254 -37.06 -25.37 -78.54
C LEU D 254 -37.19 -24.41 -77.35
N LEU D 255 -37.81 -24.90 -76.27
CA LEU D 255 -38.15 -24.08 -75.11
C LEU D 255 -37.08 -24.17 -74.03
N ILE D 256 -36.65 -23.01 -73.52
CA ILE D 256 -35.72 -22.94 -72.40
C ILE D 256 -36.35 -22.08 -71.32
N PRO D 257 -36.57 -22.59 -70.11
CA PRO D 257 -37.04 -21.73 -69.02
C PRO D 257 -35.86 -21.06 -68.33
N VAL D 258 -36.01 -19.77 -68.00
CA VAL D 258 -34.94 -19.06 -67.31
C VAL D 258 -35.49 -18.35 -66.08
N HIS D 259 -34.58 -18.16 -65.11
CA HIS D 259 -34.87 -17.38 -63.91
C HIS D 259 -35.14 -15.93 -64.30
N PRO D 260 -36.20 -15.30 -63.79
CA PRO D 260 -36.44 -13.88 -64.11
C PRO D 260 -35.24 -12.99 -63.85
N TRP D 261 -34.50 -13.21 -62.76
CA TRP D 261 -33.32 -12.39 -62.50
C TRP D 261 -32.33 -12.52 -63.65
N GLN D 262 -32.12 -13.76 -64.12
CA GLN D 262 -31.16 -14.03 -65.19
C GLN D 262 -31.58 -13.35 -66.47
N TRP D 263 -32.87 -13.41 -66.80
CA TRP D 263 -33.34 -12.76 -68.01
C TRP D 263 -33.15 -11.25 -67.95
N TRP D 264 -33.60 -10.61 -66.86
CA TRP D 264 -33.63 -9.15 -66.81
C TRP D 264 -32.24 -8.53 -66.65
N ASN D 265 -31.36 -9.16 -65.88
CA ASN D 265 -30.08 -8.53 -65.58
C ASN D 265 -28.95 -9.03 -66.47
N LYS D 266 -29.11 -10.21 -67.08
CA LYS D 266 -28.01 -10.81 -67.82
C LYS D 266 -28.37 -11.10 -69.27
N LEU D 267 -29.31 -12.01 -69.52
CA LEU D 267 -29.51 -12.47 -70.89
C LEU D 267 -29.96 -11.34 -71.80
N SER D 268 -30.91 -10.53 -71.34
CA SER D 268 -31.47 -9.48 -72.19
C SER D 268 -30.42 -8.46 -72.63
N VAL D 269 -29.27 -8.44 -71.96
CA VAL D 269 -28.18 -7.51 -72.25
C VAL D 269 -26.98 -8.26 -72.82
N THR D 270 -26.39 -9.16 -72.03
CA THR D 270 -25.24 -9.95 -72.49
C THR D 270 -25.55 -10.73 -73.78
N PHE D 271 -26.77 -11.29 -73.90
CA PHE D 271 -27.15 -12.04 -75.11
C PHE D 271 -28.07 -11.23 -76.04
N ALA D 272 -27.99 -9.90 -75.99
CA ALA D 272 -28.87 -9.06 -76.81
C ALA D 272 -28.74 -9.37 -78.30
N ALA D 273 -27.54 -9.75 -78.77
CA ALA D 273 -27.39 -10.08 -80.19
C ALA D 273 -28.27 -11.27 -80.57
N GLU D 274 -28.29 -12.29 -79.71
CA GLU D 274 -29.12 -13.46 -79.97
C GLU D 274 -30.61 -13.14 -79.85
N VAL D 275 -30.99 -12.17 -79.00
CA VAL D 275 -32.39 -11.77 -78.94
C VAL D 275 -32.78 -11.01 -80.21
N ALA D 276 -31.97 -10.04 -80.60
CA ALA D 276 -32.25 -9.23 -81.78
C ALA D 276 -32.30 -10.10 -83.03
N ARG D 277 -31.31 -10.98 -83.21
CA ARG D 277 -31.28 -11.83 -84.40
C ARG D 277 -32.31 -12.96 -84.36
N GLN D 278 -33.12 -13.04 -83.30
CA GLN D 278 -34.17 -14.04 -83.14
C GLN D 278 -33.62 -15.46 -82.99
N ASN D 279 -32.33 -15.60 -82.66
CA ASN D 279 -31.86 -16.87 -82.11
C ASN D 279 -32.51 -17.17 -80.76
N LEU D 280 -32.83 -16.11 -80.01
CA LEU D 280 -33.68 -16.20 -78.84
C LEU D 280 -34.91 -15.35 -79.06
N VAL D 281 -36.06 -15.85 -78.62
CA VAL D 281 -37.30 -15.10 -78.64
C VAL D 281 -37.92 -15.18 -77.26
N CYS D 282 -38.20 -14.02 -76.67
CA CYS D 282 -38.87 -13.98 -75.39
C CYS D 282 -40.36 -14.24 -75.58
N LEU D 283 -40.86 -15.33 -75.00
CA LEU D 283 -42.24 -15.75 -75.14
C LEU D 283 -43.17 -15.26 -74.05
N GLY D 284 -42.66 -14.98 -72.86
CA GLY D 284 -43.49 -14.55 -71.74
C GLY D 284 -43.29 -15.47 -70.55
N GLU D 285 -44.28 -15.47 -69.67
CA GLU D 285 -44.20 -16.18 -68.39
C GLU D 285 -44.97 -17.50 -68.44
N SER D 286 -44.55 -18.43 -67.58
CA SER D 286 -45.32 -19.64 -67.34
C SER D 286 -46.65 -19.31 -66.67
N ASP D 287 -47.59 -20.21 -66.80
CA ASP D 287 -48.83 -20.07 -66.04
C ASP D 287 -48.70 -20.63 -64.63
N ASP D 288 -47.89 -21.66 -64.42
CA ASP D 288 -47.73 -22.21 -63.09
C ASP D 288 -46.86 -21.28 -62.23
N GLU D 289 -47.05 -21.39 -60.93
CA GLU D 289 -46.30 -20.60 -59.94
C GLU D 289 -45.25 -21.49 -59.30
N TYR D 290 -43.99 -21.02 -59.32
CA TYR D 290 -42.88 -21.78 -58.80
C TYR D 290 -42.34 -21.18 -57.51
N LEU D 291 -41.85 -22.05 -56.62
CA LEU D 291 -41.25 -21.66 -55.36
C LEU D 291 -39.78 -22.04 -55.39
N ALA D 292 -38.91 -21.06 -55.12
CA ALA D 292 -37.49 -21.31 -55.02
C ALA D 292 -37.18 -22.24 -53.85
N GLN D 293 -36.29 -23.19 -54.09
CA GLN D 293 -35.82 -24.10 -53.07
C GLN D 293 -34.53 -23.56 -52.44
N GLN D 294 -33.92 -24.36 -51.57
CA GLN D 294 -32.75 -23.88 -50.84
C GLN D 294 -31.57 -23.59 -51.76
N SER D 295 -31.45 -24.29 -52.88
CA SER D 295 -30.39 -24.00 -53.84
C SER D 295 -30.57 -22.65 -54.53
N ILE D 296 -31.75 -22.03 -54.39
CA ILE D 296 -32.13 -20.74 -54.97
C ILE D 296 -32.45 -20.84 -56.46
N ARG D 297 -31.60 -21.52 -57.24
CA ARG D 297 -31.80 -21.58 -58.69
C ARG D 297 -32.77 -22.69 -59.11
N THR D 298 -33.17 -23.56 -58.20
CA THR D 298 -34.08 -24.66 -58.51
C THR D 298 -35.46 -24.35 -57.94
N PHE D 299 -36.48 -24.70 -58.72
CA PHE D 299 -37.86 -24.31 -58.46
C PHE D 299 -38.78 -25.53 -58.38
N PHE D 300 -39.66 -25.50 -57.38
CA PHE D 300 -40.72 -26.47 -57.20
C PHE D 300 -42.02 -25.89 -57.74
N ASN D 301 -42.84 -26.73 -58.37
CA ASN D 301 -44.09 -26.25 -58.96
C ASN D 301 -45.17 -26.25 -57.88
N ALA D 302 -45.54 -25.07 -57.39
CA ALA D 302 -46.55 -25.00 -56.33
C ALA D 302 -47.97 -25.19 -56.86
N THR D 303 -48.22 -24.81 -58.12
CA THR D 303 -49.52 -25.06 -58.75
C THR D 303 -49.76 -26.55 -58.96
N HIS D 304 -48.75 -27.28 -59.43
CA HIS D 304 -48.85 -28.72 -59.71
C HIS D 304 -47.62 -29.40 -59.12
N PRO D 305 -47.69 -29.78 -57.83
CA PRO D 305 -46.51 -30.36 -57.15
C PRO D 305 -46.00 -31.61 -57.81
N GLU D 306 -46.81 -32.26 -58.63
CA GLU D 306 -46.35 -33.50 -59.24
C GLU D 306 -45.56 -33.24 -60.52
N LYS D 307 -45.56 -32.01 -61.03
CA LYS D 307 -44.75 -31.69 -62.18
C LYS D 307 -43.27 -31.59 -61.79
N HIS D 308 -42.43 -31.41 -62.79
CA HIS D 308 -40.98 -31.43 -62.57
C HIS D 308 -40.52 -30.19 -61.83
N TYR D 309 -39.43 -30.34 -61.07
CA TYR D 309 -38.61 -29.21 -60.69
C TYR D 309 -37.96 -28.62 -61.93
N VAL D 310 -37.75 -27.30 -61.93
CA VAL D 310 -36.96 -26.65 -62.96
C VAL D 310 -35.71 -26.08 -62.31
N LYS D 311 -34.54 -26.52 -62.76
CA LYS D 311 -33.27 -25.97 -62.32
C LYS D 311 -32.79 -24.99 -63.39
N THR D 312 -32.52 -23.75 -62.96
CA THR D 312 -32.18 -22.67 -63.88
C THR D 312 -30.76 -22.20 -63.62
N ALA D 313 -30.21 -21.48 -64.59
CA ALA D 313 -28.89 -20.90 -64.49
C ALA D 313 -29.02 -19.50 -63.89
N LEU D 314 -28.36 -19.29 -62.75
CA LEU D 314 -28.51 -18.04 -61.98
C LEU D 314 -27.11 -17.51 -61.69
N SER D 315 -26.67 -16.54 -62.50
CA SER D 315 -25.32 -15.99 -62.40
C SER D 315 -25.19 -15.13 -61.14
N VAL D 316 -25.31 -15.76 -59.99
CA VAL D 316 -25.28 -15.13 -58.68
C VAL D 316 -24.25 -15.87 -57.85
N LEU D 317 -23.56 -15.16 -56.97
CA LEU D 317 -22.53 -15.75 -56.13
C LEU D 317 -23.15 -16.19 -54.81
N ASN D 318 -23.04 -17.48 -54.50
CA ASN D 318 -23.50 -18.00 -53.21
C ASN D 318 -22.57 -19.12 -52.74
N MET D 319 -22.17 -19.02 -51.47
CA MET D 319 -21.42 -20.04 -50.73
C MET D 319 -20.35 -20.69 -51.60
N GLY D 320 -19.47 -19.85 -52.15
CA GLY D 320 -18.25 -20.29 -52.79
C GLY D 320 -18.33 -20.56 -54.27
N PHE D 321 -19.50 -20.40 -54.90
CA PHE D 321 -19.65 -20.69 -56.32
C PHE D 321 -20.62 -19.71 -56.97
N MET D 322 -20.30 -19.33 -58.21
CA MET D 322 -21.32 -18.79 -59.08
C MET D 322 -22.29 -19.91 -59.43
N ARG D 323 -23.58 -19.63 -59.35
CA ARG D 323 -24.60 -20.66 -59.52
C ARG D 323 -25.21 -20.69 -60.92
N GLY D 324 -24.41 -20.43 -61.95
CA GLY D 324 -24.83 -20.69 -63.33
C GLY D 324 -25.02 -22.18 -63.60
N LEU D 325 -25.11 -22.56 -64.88
CA LEU D 325 -25.38 -23.95 -65.23
C LEU D 325 -24.75 -24.22 -66.59
N SER D 326 -23.89 -25.23 -66.65
CA SER D 326 -23.11 -25.47 -67.87
C SER D 326 -23.99 -26.05 -68.98
N ALA D 327 -24.10 -25.33 -70.10
CA ALA D 327 -24.85 -25.86 -71.24
C ALA D 327 -24.21 -27.15 -71.76
N ALA D 328 -22.88 -27.20 -71.79
CA ALA D 328 -22.19 -28.37 -72.32
C ALA D 328 -22.53 -29.62 -71.51
N TYR D 329 -22.50 -29.50 -70.19
CA TYR D 329 -22.74 -30.66 -69.34
C TYR D 329 -24.19 -31.15 -69.36
N MET D 330 -25.11 -30.39 -69.96
CA MET D 330 -26.49 -30.86 -70.04
C MET D 330 -26.61 -32.12 -70.87
N GLU D 331 -25.81 -32.21 -71.95
CA GLU D 331 -25.91 -33.33 -72.88
C GLU D 331 -25.75 -34.68 -72.19
N ALA D 332 -24.96 -34.73 -71.12
CA ALA D 332 -24.71 -35.97 -70.40
C ALA D 332 -25.54 -36.11 -69.13
N THR D 333 -26.30 -35.10 -68.74
CA THR D 333 -26.92 -35.13 -67.43
C THR D 333 -27.99 -36.21 -67.31
N PRO D 334 -28.98 -36.29 -68.18
CA PRO D 334 -30.00 -37.34 -67.99
C PRO D 334 -29.45 -38.77 -68.06
N ALA D 335 -28.49 -39.06 -68.96
CA ALA D 335 -27.91 -40.41 -69.01
C ALA D 335 -27.31 -40.83 -67.68
N ILE D 336 -26.57 -39.92 -67.03
CA ILE D 336 -25.94 -40.25 -65.75
C ILE D 336 -27.00 -40.62 -64.73
N ASN D 337 -28.14 -39.89 -64.74
CA ASN D 337 -29.25 -40.22 -63.85
C ASN D 337 -29.86 -41.57 -64.22
N ASP D 338 -30.07 -41.82 -65.52
CA ASP D 338 -30.65 -43.10 -65.95
C ASP D 338 -29.79 -44.26 -65.49
N TRP D 339 -28.47 -44.06 -65.53
CA TRP D 339 -27.53 -45.08 -65.09
C TRP D 339 -27.64 -45.34 -63.59
N LEU D 340 -27.60 -44.27 -62.78
CA LEU D 340 -27.65 -44.46 -61.34
C LEU D 340 -28.98 -45.06 -60.90
N ASP D 341 -30.08 -44.65 -61.54
CA ASP D 341 -31.38 -45.20 -61.23
C ASP D 341 -31.38 -46.73 -61.41
N ARG D 342 -30.83 -47.20 -62.54
CA ARG D 342 -30.80 -48.64 -62.81
C ARG D 342 -29.87 -49.36 -61.85
N LEU D 343 -28.73 -48.74 -61.53
CA LEU D 343 -27.82 -49.30 -60.54
C LEU D 343 -28.52 -49.54 -59.21
N ILE D 344 -29.33 -48.58 -58.75
CA ILE D 344 -30.03 -48.74 -57.47
C ILE D 344 -31.12 -49.81 -57.59
N ASP D 345 -31.87 -49.79 -58.68
CA ASP D 345 -32.92 -50.78 -58.88
C ASP D 345 -32.37 -52.20 -58.96
N ASN D 346 -31.13 -52.36 -59.42
CA ASN D 346 -30.52 -53.66 -59.60
C ASN D 346 -29.63 -54.08 -58.44
N ASP D 347 -29.62 -53.35 -57.32
CA ASP D 347 -28.86 -53.72 -56.14
C ASP D 347 -29.80 -53.93 -54.99
N PRO D 348 -29.84 -55.14 -54.44
CA PRO D 348 -30.89 -55.42 -53.39
C PRO D 348 -30.58 -54.82 -52.04
N VAL D 349 -29.29 -54.58 -51.74
CA VAL D 349 -28.96 -53.78 -50.57
C VAL D 349 -29.62 -52.40 -50.66
N LEU D 350 -29.40 -51.70 -51.78
CA LEU D 350 -30.00 -50.38 -51.96
C LEU D 350 -31.52 -50.45 -52.02
N LYS D 351 -32.08 -51.43 -52.75
CA LYS D 351 -33.54 -51.56 -52.83
C LYS D 351 -34.17 -51.84 -51.47
N SER D 352 -33.46 -52.56 -50.60
CA SER D 352 -34.01 -52.80 -49.27
C SER D 352 -33.96 -51.56 -48.39
N THR D 353 -32.95 -50.70 -48.58
CA THR D 353 -32.94 -49.41 -47.89
C THR D 353 -34.08 -48.52 -48.35
N GLY D 354 -34.72 -48.85 -49.48
CA GLY D 354 -35.74 -47.98 -50.02
C GLY D 354 -35.21 -46.75 -50.72
N LEU D 355 -33.91 -46.71 -50.99
CA LEU D 355 -33.31 -45.56 -51.63
C LEU D 355 -33.89 -45.35 -53.01
N SER D 356 -34.04 -44.09 -53.39
CA SER D 356 -34.29 -43.70 -54.77
C SER D 356 -33.65 -42.35 -55.01
N ILE D 357 -33.51 -42.01 -56.28
CA ILE D 357 -33.16 -40.66 -56.70
C ILE D 357 -34.36 -40.09 -57.43
N ILE D 358 -34.52 -38.78 -57.35
CA ILE D 358 -35.37 -38.08 -58.30
C ILE D 358 -34.46 -37.69 -59.45
N ARG D 359 -34.70 -38.28 -60.62
CA ARG D 359 -33.81 -38.12 -61.76
C ARG D 359 -33.91 -36.74 -62.39
N GLU D 360 -32.78 -36.23 -62.85
CA GLU D 360 -32.77 -35.15 -63.83
C GLU D 360 -33.18 -35.78 -65.17
N ARG D 361 -34.39 -35.46 -65.64
CA ARG D 361 -35.00 -36.21 -66.73
C ARG D 361 -34.70 -35.63 -68.10
N ALA D 362 -34.56 -34.31 -68.18
CA ALA D 362 -34.37 -33.66 -69.46
C ALA D 362 -33.57 -32.39 -69.20
N ALA D 363 -32.94 -31.87 -70.24
CA ALA D 363 -32.08 -30.72 -70.07
C ALA D 363 -32.00 -29.97 -71.39
N VAL D 364 -31.73 -28.67 -71.29
CA VAL D 364 -31.55 -27.82 -72.45
C VAL D 364 -30.31 -26.96 -72.23
N GLY D 365 -29.52 -26.80 -73.28
CA GLY D 365 -28.35 -25.95 -73.23
C GLY D 365 -28.24 -25.07 -74.46
N TYR D 366 -27.74 -23.85 -74.29
CA TYR D 366 -27.57 -22.90 -75.39
C TYR D 366 -26.08 -22.67 -75.56
N ARG D 367 -25.58 -22.97 -76.76
CA ARG D 367 -24.17 -22.76 -77.10
C ARG D 367 -24.04 -21.38 -77.73
N HIS D 368 -23.43 -20.45 -77.00
CA HIS D 368 -23.16 -19.10 -77.51
C HIS D 368 -21.82 -19.15 -78.23
N LEU D 369 -21.85 -19.06 -79.57
CA LEU D 369 -20.60 -19.27 -80.31
C LEU D 369 -19.62 -18.14 -80.08
N GLU D 370 -20.10 -16.91 -80.07
CA GLU D 370 -19.19 -15.77 -79.93
C GLU D 370 -18.49 -15.78 -78.58
N TYR D 371 -19.24 -16.04 -77.50
CA TYR D 371 -18.58 -16.05 -76.19
C TYR D 371 -17.73 -17.30 -76.00
N GLU D 372 -18.09 -18.41 -76.66
CA GLU D 372 -17.19 -19.57 -76.67
C GLU D 372 -15.89 -19.26 -77.41
N ALA D 373 -15.99 -18.54 -78.54
CA ALA D 373 -14.78 -18.10 -79.22
C ALA D 373 -13.94 -17.15 -78.37
N ALA D 374 -14.56 -16.44 -77.41
CA ALA D 374 -13.86 -15.40 -76.66
C ALA D 374 -13.46 -15.82 -75.25
N THR D 375 -13.76 -17.05 -74.82
CA THR D 375 -13.48 -17.47 -73.46
C THR D 375 -12.94 -18.90 -73.47
N ASP D 376 -12.56 -19.38 -72.29
CA ASP D 376 -12.06 -20.74 -72.13
C ASP D 376 -13.18 -21.64 -71.59
N ARG D 377 -12.89 -22.94 -71.50
CA ARG D 377 -13.89 -23.92 -71.09
C ARG D 377 -14.49 -23.59 -69.73
N TYR D 378 -13.73 -22.95 -68.86
CA TYR D 378 -14.10 -22.77 -67.46
C TYR D 378 -14.76 -21.42 -67.19
N SER D 379 -15.05 -20.63 -68.23
CA SER D 379 -15.58 -19.27 -68.09
C SER D 379 -17.03 -19.26 -67.62
N PRO D 380 -17.42 -18.32 -66.75
CA PRO D 380 -18.84 -18.21 -66.38
C PRO D 380 -19.73 -17.67 -67.50
N TYR D 381 -19.13 -17.12 -68.57
CA TYR D 381 -19.90 -16.79 -69.77
C TYR D 381 -20.44 -18.04 -70.47
N ARG D 382 -19.89 -19.22 -70.18
CA ARG D 382 -20.42 -20.45 -70.74
C ARG D 382 -21.46 -21.10 -69.85
N LYS D 383 -21.85 -20.45 -68.76
CA LYS D 383 -22.75 -21.02 -67.76
C LYS D 383 -23.98 -20.15 -67.54
N MET D 384 -24.38 -19.37 -68.54
CA MET D 384 -25.42 -18.38 -68.37
C MET D 384 -26.80 -18.78 -68.91
N LEU D 385 -26.90 -19.85 -69.73
CA LEU D 385 -28.20 -20.20 -70.33
C LEU D 385 -28.30 -21.71 -70.54
N ALA D 386 -29.00 -22.37 -69.62
CA ALA D 386 -29.19 -23.82 -69.56
C ALA D 386 -30.20 -24.11 -68.46
N ALA D 387 -30.92 -25.20 -68.62
CA ALA D 387 -31.95 -25.57 -67.67
C ALA D 387 -32.11 -27.08 -67.70
N LEU D 388 -32.63 -27.63 -66.61
CA LEU D 388 -33.01 -29.03 -66.63
C LEU D 388 -34.26 -29.21 -65.78
N TRP D 389 -34.92 -30.35 -65.97
CA TRP D 389 -36.13 -30.72 -65.26
C TRP D 389 -35.84 -31.96 -64.43
N ARG D 390 -36.32 -31.96 -63.19
CA ARG D 390 -36.05 -33.05 -62.26
C ARG D 390 -37.38 -33.59 -61.72
N GLU D 391 -37.53 -34.91 -61.74
CA GLU D 391 -38.72 -35.57 -61.19
C GLU D 391 -39.10 -34.98 -59.84
N SER D 392 -40.37 -34.77 -59.65
CA SER D 392 -40.89 -34.49 -58.33
C SER D 392 -40.97 -35.78 -57.50
N PRO D 393 -40.69 -35.70 -56.20
CA PRO D 393 -40.90 -36.86 -55.31
C PRO D 393 -42.30 -36.97 -54.71
N VAL D 394 -43.24 -36.13 -55.12
CA VAL D 394 -44.57 -36.11 -54.54
C VAL D 394 -45.40 -37.30 -55.02
N PRO D 395 -45.49 -37.61 -56.33
CA PRO D 395 -46.45 -38.66 -56.74
C PRO D 395 -46.14 -40.06 -56.19
N ALA D 396 -44.91 -40.35 -55.77
CA ALA D 396 -44.58 -41.69 -55.30
C ALA D 396 -44.95 -41.93 -53.84
N LEU D 397 -45.46 -40.93 -53.14
CA LEU D 397 -45.84 -41.09 -51.75
C LEU D 397 -47.01 -42.07 -51.62
N ARG D 398 -46.97 -42.90 -50.57
CA ARG D 398 -48.08 -43.75 -50.16
C ARG D 398 -48.90 -43.04 -49.08
N ASP D 399 -49.94 -43.73 -48.60
CA ASP D 399 -50.82 -43.15 -47.59
C ASP D 399 -50.04 -42.81 -46.33
N GLY D 400 -50.33 -41.65 -45.75
CA GLY D 400 -49.69 -41.19 -44.54
C GLY D 400 -48.25 -40.72 -44.67
N GLU D 401 -47.66 -40.75 -45.87
CA GLU D 401 -46.28 -40.35 -46.07
C GLU D 401 -46.16 -38.85 -46.35
N SER D 402 -45.06 -38.25 -45.90
CA SER D 402 -44.77 -36.85 -46.12
C SER D 402 -43.29 -36.66 -46.39
N LEU D 403 -42.94 -35.49 -46.91
CA LEU D 403 -41.61 -35.16 -47.36
C LEU D 403 -41.00 -34.05 -46.51
N THR D 404 -39.69 -34.16 -46.27
CA THR D 404 -38.93 -33.07 -45.69
C THR D 404 -37.48 -33.12 -46.16
N THR D 405 -36.93 -31.95 -46.47
CA THR D 405 -35.48 -31.82 -46.64
C THR D 405 -34.80 -32.31 -45.37
N MET D 406 -33.67 -32.99 -45.53
CA MET D 406 -32.94 -33.50 -44.37
C MET D 406 -32.40 -32.36 -43.52
N ALA D 407 -32.24 -31.16 -44.09
CA ALA D 407 -31.79 -30.01 -43.30
C ALA D 407 -32.73 -29.72 -42.14
N ALA D 408 -33.97 -30.21 -42.18
CA ALA D 408 -34.91 -29.94 -41.10
C ALA D 408 -34.51 -30.63 -39.79
N LEU D 409 -33.78 -31.76 -39.85
CA LEU D 409 -33.39 -32.45 -38.63
C LEU D 409 -32.55 -31.56 -37.71
N VAL D 410 -31.75 -30.65 -38.29
CA VAL D 410 -30.90 -29.77 -37.50
C VAL D 410 -31.48 -28.35 -37.39
N HIS D 411 -32.74 -28.17 -37.77
CA HIS D 411 -33.44 -26.90 -37.57
C HIS D 411 -34.04 -26.86 -36.17
N VAL D 412 -33.68 -25.83 -35.38
CA VAL D 412 -34.23 -25.64 -34.04
C VAL D 412 -35.19 -24.46 -34.06
N ASP D 413 -36.36 -24.61 -33.43
CA ASP D 413 -37.37 -23.56 -33.45
C ASP D 413 -37.14 -22.60 -32.28
N HIS D 414 -38.03 -21.61 -32.15
CA HIS D 414 -37.85 -20.59 -31.12
C HIS D 414 -37.99 -21.12 -29.71
N GLU D 415 -38.56 -22.32 -29.53
CA GLU D 415 -38.67 -22.97 -28.23
C GLU D 415 -37.53 -23.92 -27.92
N GLY D 416 -36.53 -24.04 -28.79
CA GLY D 416 -35.43 -24.95 -28.55
C GLY D 416 -35.66 -26.38 -28.99
N ARG D 417 -36.80 -26.66 -29.63
CA ARG D 417 -37.16 -28.01 -30.10
C ARG D 417 -36.74 -28.16 -31.56
N SER D 418 -36.03 -29.23 -31.87
CA SER D 418 -35.62 -29.47 -33.25
C SER D 418 -36.68 -30.32 -33.95
N VAL D 419 -36.65 -30.34 -35.29
CA VAL D 419 -37.62 -31.16 -36.02
C VAL D 419 -37.32 -32.64 -35.80
N ALA D 420 -36.04 -32.99 -35.62
CA ALA D 420 -35.72 -34.35 -35.19
C ALA D 420 -36.36 -34.67 -33.85
N GLY D 421 -36.37 -33.71 -32.94
CA GLY D 421 -36.97 -33.93 -31.64
C GLY D 421 -38.48 -34.11 -31.72
N GLU D 422 -39.16 -33.26 -32.49
CA GLU D 422 -40.60 -33.41 -32.61
C GLU D 422 -40.98 -34.71 -33.32
N LEU D 423 -40.16 -35.16 -34.27
CA LEU D 423 -40.45 -36.41 -34.93
C LEU D 423 -40.28 -37.58 -33.98
N ILE D 424 -39.20 -37.58 -33.20
CA ILE D 424 -38.95 -38.64 -32.23
C ILE D 424 -40.10 -38.73 -31.23
N ALA D 425 -40.58 -37.56 -30.76
CA ALA D 425 -41.72 -37.54 -29.85
C ALA D 425 -42.98 -38.14 -30.49
N ARG D 426 -43.28 -37.72 -31.72
CA ARG D 426 -44.50 -38.20 -32.38
C ARG D 426 -44.41 -39.66 -32.74
N SER D 427 -43.20 -40.18 -32.96
CA SER D 427 -43.08 -41.56 -33.38
C SER D 427 -43.42 -42.51 -32.25
N GLY D 428 -43.28 -42.06 -31.01
CA GLY D 428 -43.43 -42.91 -29.85
C GLY D 428 -42.29 -43.87 -29.64
N LEU D 429 -41.24 -43.77 -30.44
CA LEU D 429 -40.09 -44.65 -30.34
C LEU D 429 -39.04 -44.09 -29.40
N ALA D 430 -38.23 -45.00 -28.87
CA ALA D 430 -37.02 -44.57 -28.19
C ALA D 430 -36.11 -43.85 -29.20
N PRO D 431 -35.36 -42.84 -28.76
CA PRO D 431 -34.48 -42.11 -29.69
C PRO D 431 -33.53 -42.98 -30.50
N THR D 432 -32.93 -44.02 -29.90
CA THR D 432 -32.05 -44.89 -30.66
C THR D 432 -32.79 -45.64 -31.77
N ALA D 433 -34.05 -46.02 -31.54
CA ALA D 433 -34.80 -46.75 -32.56
C ALA D 433 -35.15 -45.86 -33.73
N TRP D 434 -35.68 -44.67 -33.47
CA TRP D 434 -35.92 -43.69 -34.53
C TRP D 434 -34.65 -43.43 -35.33
N LEU D 435 -33.54 -43.17 -34.64
CA LEU D 435 -32.26 -42.90 -35.30
C LEU D 435 -31.80 -44.07 -36.14
N ARG D 436 -32.03 -45.30 -35.68
CA ARG D 436 -31.66 -46.49 -36.45
C ARG D 436 -32.38 -46.51 -37.80
N HIS D 437 -33.69 -46.23 -37.80
CA HIS D 437 -34.43 -46.16 -39.05
C HIS D 437 -33.91 -45.07 -39.96
N TYR D 438 -33.67 -43.87 -39.42
CA TYR D 438 -33.08 -42.81 -40.22
C TYR D 438 -31.72 -43.23 -40.77
N LEU D 439 -30.90 -43.90 -39.96
CA LEU D 439 -29.57 -44.28 -40.41
C LEU D 439 -29.62 -45.33 -41.51
N ARG D 440 -30.58 -46.25 -41.42
CA ARG D 440 -30.70 -47.29 -42.43
C ARG D 440 -31.18 -46.73 -43.76
N ALA D 441 -31.95 -45.64 -43.71
CA ALA D 441 -32.49 -45.03 -44.91
C ALA D 441 -31.48 -44.13 -45.59
N TYR D 442 -30.72 -43.35 -44.83
CA TYR D 442 -29.82 -42.33 -45.36
C TYR D 442 -28.36 -42.76 -45.38
N TYR D 443 -27.86 -43.31 -44.26
CA TYR D 443 -26.43 -43.55 -44.06
C TYR D 443 -25.95 -44.87 -44.68
N THR D 444 -26.72 -45.95 -44.53
CA THR D 444 -26.32 -47.24 -45.06
C THR D 444 -26.11 -47.24 -46.57
N PRO D 445 -26.98 -46.63 -47.39
CA PRO D 445 -26.69 -46.60 -48.84
C PRO D 445 -25.37 -45.93 -49.18
N LEU D 446 -25.01 -44.87 -48.45
CA LEU D 446 -23.72 -44.23 -48.64
C LEU D 446 -22.57 -45.19 -48.39
N LEU D 447 -22.66 -45.99 -47.33
CA LEU D 447 -21.60 -46.98 -47.06
C LEU D 447 -21.50 -47.99 -48.20
N HIS D 448 -22.63 -48.54 -48.62
CA HIS D 448 -22.63 -49.51 -49.71
C HIS D 448 -22.15 -48.89 -51.01
N SER D 449 -22.62 -47.69 -51.34
CA SER D 449 -22.15 -46.99 -52.53
C SER D 449 -20.63 -46.87 -52.54
N PHE D 450 -20.04 -46.51 -51.39
CA PHE D 450 -18.60 -46.37 -51.33
C PHE D 450 -17.90 -47.71 -51.53
N TYR D 451 -18.29 -48.72 -50.76
CA TYR D 451 -17.54 -49.97 -50.74
C TYR D 451 -17.83 -50.83 -51.97
N ALA D 452 -19.07 -50.84 -52.43
CA ALA D 452 -19.44 -51.70 -53.54
C ALA D 452 -19.18 -51.05 -54.89
N TYR D 453 -19.16 -49.72 -54.97
CA TYR D 453 -19.07 -49.06 -56.27
C TYR D 453 -18.05 -47.93 -56.36
N ASP D 454 -17.37 -47.58 -55.26
CA ASP D 454 -16.44 -46.46 -55.24
C ASP D 454 -17.19 -45.17 -55.53
N LEU D 455 -18.46 -45.12 -55.13
CA LEU D 455 -19.36 -44.04 -55.50
C LEU D 455 -19.59 -43.12 -54.31
N ALA D 456 -19.39 -41.83 -54.52
CA ALA D 456 -19.65 -40.84 -53.50
C ALA D 456 -20.60 -39.77 -54.05
N PHE D 457 -21.36 -39.19 -53.15
CA PHE D 457 -22.30 -38.11 -53.42
C PHE D 457 -21.83 -36.83 -52.73
N MET D 458 -22.69 -35.81 -52.75
CA MET D 458 -22.61 -34.65 -51.88
C MET D 458 -23.87 -34.63 -51.02
N PRO D 459 -23.94 -35.50 -49.97
CA PRO D 459 -25.22 -35.80 -49.30
C PRO D 459 -25.55 -34.88 -48.13
N HIS D 460 -25.40 -33.57 -48.31
CA HIS D 460 -25.74 -32.65 -47.24
C HIS D 460 -27.25 -32.48 -47.14
N GLY D 461 -27.66 -31.64 -46.19
CA GLY D 461 -29.07 -31.45 -45.87
C GLY D 461 -29.92 -30.97 -47.01
N GLU D 462 -29.33 -30.26 -47.99
CA GLU D 462 -30.10 -29.75 -49.12
C GLU D 462 -30.19 -30.76 -50.27
N ASN D 463 -29.24 -31.66 -50.42
CA ASN D 463 -29.29 -32.67 -51.47
C ASN D 463 -30.01 -33.93 -51.04
N THR D 464 -30.67 -33.92 -49.89
CA THR D 464 -31.30 -35.12 -49.34
C THR D 464 -32.69 -34.78 -48.85
N ILE D 465 -33.67 -35.53 -49.33
CA ILE D 465 -35.05 -35.43 -48.89
C ILE D 465 -35.36 -36.72 -48.13
N LEU D 466 -36.16 -36.62 -47.08
CA LEU D 466 -36.59 -37.78 -46.31
C LEU D 466 -38.09 -38.00 -46.48
N VAL D 467 -38.52 -39.27 -46.49
CA VAL D 467 -39.93 -39.64 -46.48
C VAL D 467 -40.31 -40.09 -45.08
N LEU D 468 -41.36 -39.48 -44.54
CA LEU D 468 -41.77 -39.65 -43.15
C LEU D 468 -43.14 -40.32 -43.07
N LYS D 469 -43.26 -41.30 -42.18
CA LYS D 469 -44.55 -41.89 -41.85
C LYS D 469 -44.60 -42.14 -40.35
N ASP D 470 -45.66 -41.65 -39.70
CA ASP D 470 -45.83 -41.80 -38.26
C ASP D 470 -44.62 -41.25 -37.51
N GLY D 471 -44.07 -40.14 -38.02
CA GLY D 471 -42.90 -39.52 -37.44
C GLY D 471 -41.59 -40.25 -37.63
N VAL D 472 -41.58 -41.34 -38.39
CA VAL D 472 -40.40 -42.18 -38.57
C VAL D 472 -39.94 -42.07 -40.02
N VAL D 473 -38.61 -42.08 -40.21
CA VAL D 473 -38.03 -42.00 -41.55
C VAL D 473 -38.21 -43.33 -42.26
N GLN D 474 -38.93 -43.33 -43.38
CA GLN D 474 -39.17 -44.54 -44.16
C GLN D 474 -38.06 -44.80 -45.17
N ARG D 475 -37.63 -43.77 -45.90
CA ARG D 475 -36.66 -43.93 -46.96
C ARG D 475 -36.06 -42.57 -47.27
N ALA D 476 -34.95 -42.58 -48.02
CA ALA D 476 -34.22 -41.38 -48.38
C ALA D 476 -34.26 -41.21 -49.90
N VAL D 477 -34.36 -39.95 -50.33
CA VAL D 477 -34.30 -39.55 -51.74
C VAL D 477 -33.08 -38.67 -51.95
N TYR D 478 -32.23 -39.03 -52.91
CA TYR D 478 -31.05 -38.24 -53.25
C TYR D 478 -31.31 -37.44 -54.53
N LYS D 479 -30.76 -36.23 -54.59
CA LYS D 479 -30.91 -35.37 -55.75
C LYS D 479 -29.63 -34.58 -55.99
N ASP D 480 -29.58 -33.89 -57.14
CA ASP D 480 -28.38 -33.21 -57.61
C ASP D 480 -27.32 -34.27 -57.87
N ILE D 481 -27.40 -34.91 -59.03
CA ILE D 481 -26.68 -36.16 -59.25
C ILE D 481 -25.54 -35.93 -60.25
N ALA D 482 -25.89 -35.49 -61.46
CA ALA D 482 -24.88 -35.39 -62.51
C ALA D 482 -23.73 -34.46 -62.10
N GLU D 483 -24.02 -33.37 -61.37
CA GLU D 483 -22.98 -32.41 -61.02
C GLU D 483 -22.16 -32.80 -59.80
N GLU D 484 -22.66 -33.69 -58.95
CA GLU D 484 -22.01 -33.92 -57.68
C GLU D 484 -21.40 -35.30 -57.51
N ILE D 485 -21.89 -36.34 -58.22
CA ILE D 485 -21.36 -37.68 -57.94
C ILE D 485 -19.95 -37.81 -58.48
N VAL D 486 -19.16 -38.65 -57.82
CA VAL D 486 -17.88 -39.09 -58.34
C VAL D 486 -17.74 -40.59 -58.14
N VAL D 487 -17.17 -41.27 -59.13
CA VAL D 487 -16.70 -42.64 -59.01
C VAL D 487 -15.18 -42.59 -58.85
N MET D 488 -14.69 -42.93 -57.66
CA MET D 488 -13.27 -42.79 -57.34
C MET D 488 -12.50 -44.04 -57.77
N ASP D 489 -12.53 -44.29 -59.09
CA ASP D 489 -11.86 -45.40 -59.74
C ASP D 489 -11.71 -45.05 -61.22
N PRO D 490 -10.55 -44.54 -61.64
CA PRO D 490 -10.40 -44.12 -63.05
C PRO D 490 -10.59 -45.24 -64.05
N ASP D 491 -10.30 -46.49 -63.68
CA ASP D 491 -10.41 -47.61 -64.59
C ASP D 491 -11.75 -48.35 -64.45
N ALA D 492 -12.78 -47.67 -63.94
CA ALA D 492 -14.10 -48.28 -63.81
C ALA D 492 -14.79 -48.36 -65.17
N VAL D 493 -15.57 -49.41 -65.35
CA VAL D 493 -16.25 -49.66 -66.62
C VAL D 493 -17.66 -49.04 -66.53
N LEU D 494 -17.96 -48.14 -67.47
CA LEU D 494 -19.19 -47.32 -67.45
C LEU D 494 -19.63 -47.02 -68.87
N PRO D 495 -20.93 -46.80 -69.09
CA PRO D 495 -21.36 -46.33 -70.41
C PRO D 495 -20.77 -44.95 -70.72
N PRO D 496 -20.53 -44.67 -72.00
CA PRO D 496 -19.67 -43.51 -72.33
C PRO D 496 -20.12 -42.17 -71.76
N GLU D 497 -21.42 -41.84 -71.87
CA GLU D 497 -21.86 -40.55 -71.32
C GLU D 497 -21.68 -40.46 -69.80
N VAL D 498 -21.34 -41.56 -69.13
CA VAL D 498 -21.14 -41.56 -67.69
C VAL D 498 -19.67 -41.57 -67.29
N ARG D 499 -18.76 -41.98 -68.18
CA ARG D 499 -17.36 -42.13 -67.79
C ARG D 499 -16.73 -40.83 -67.30
N ARG D 500 -17.34 -39.66 -67.59
CA ARG D 500 -16.78 -38.38 -67.18
C ARG D 500 -16.83 -38.16 -65.67
N VAL D 501 -17.59 -38.97 -64.92
CA VAL D 501 -17.70 -38.77 -63.47
C VAL D 501 -16.63 -39.51 -62.69
N ARG D 502 -15.73 -40.25 -63.36
CA ARG D 502 -14.64 -40.93 -62.69
C ARG D 502 -13.52 -39.94 -62.35
N ALA D 503 -12.80 -40.22 -61.27
CA ALA D 503 -11.76 -39.30 -60.82
C ALA D 503 -10.71 -40.04 -60.01
N GLU D 504 -9.50 -39.49 -60.01
CA GLU D 504 -8.39 -40.03 -59.22
C GLU D 504 -8.33 -39.26 -57.91
N VAL D 505 -8.79 -39.89 -56.84
CA VAL D 505 -8.66 -39.37 -55.49
C VAL D 505 -7.57 -40.19 -54.80
N PRO D 506 -6.64 -39.58 -54.05
CA PRO D 506 -5.67 -40.39 -53.31
C PRO D 506 -6.39 -41.38 -52.40
N GLU D 507 -5.69 -42.47 -52.05
CA GLU D 507 -6.37 -43.56 -51.35
C GLU D 507 -6.85 -43.12 -49.99
N ASP D 508 -5.99 -42.48 -49.22
CA ASP D 508 -6.48 -41.60 -48.16
C ASP D 508 -7.25 -40.46 -48.80
N MET D 509 -8.19 -39.90 -48.06
CA MET D 509 -9.14 -38.86 -48.51
C MET D 509 -10.40 -39.45 -49.17
N LYS D 510 -10.32 -40.66 -49.73
CA LYS D 510 -11.50 -41.27 -50.33
C LYS D 510 -12.57 -41.50 -49.27
N LEU D 511 -12.17 -42.03 -48.12
CA LEU D 511 -13.12 -42.25 -47.05
C LEU D 511 -13.60 -40.93 -46.41
N LEU D 512 -13.00 -39.80 -46.76
CA LEU D 512 -13.53 -38.53 -46.26
C LEU D 512 -14.94 -38.26 -46.76
N SER D 513 -15.34 -38.88 -47.86
CA SER D 513 -16.71 -38.69 -48.32
C SER D 513 -17.71 -39.13 -47.27
N ILE D 514 -17.33 -40.07 -46.41
CA ILE D 514 -18.13 -40.40 -45.23
C ILE D 514 -17.76 -39.54 -44.04
N PHE D 515 -16.46 -39.43 -43.74
CA PHE D 515 -16.02 -38.77 -42.51
C PHE D 515 -16.34 -37.29 -42.53
N THR D 516 -16.00 -36.60 -43.63
CA THR D 516 -16.24 -35.17 -43.77
C THR D 516 -17.73 -34.89 -44.00
N ASP D 517 -18.25 -35.38 -45.12
CA ASP D 517 -19.56 -34.97 -45.59
C ASP D 517 -20.67 -35.43 -44.65
N VAL D 518 -20.58 -36.65 -44.10
CA VAL D 518 -21.64 -37.19 -43.25
C VAL D 518 -21.38 -36.88 -41.77
N PHE D 519 -20.24 -37.33 -41.24
CA PHE D 519 -19.97 -37.22 -39.80
C PHE D 519 -19.66 -35.78 -39.39
N ASP D 520 -18.62 -35.19 -39.99
CA ASP D 520 -18.14 -33.87 -39.59
C ASP D 520 -19.09 -32.76 -40.04
N CYS D 521 -19.80 -32.96 -41.15
CA CYS D 521 -20.62 -31.89 -41.71
C CYS D 521 -22.10 -32.01 -41.41
N PHE D 522 -22.56 -33.11 -40.83
CA PHE D 522 -23.97 -33.21 -40.48
C PHE D 522 -24.19 -33.88 -39.11
N PHE D 523 -23.64 -35.07 -38.91
CA PHE D 523 -23.89 -35.80 -37.67
C PHE D 523 -23.35 -35.05 -36.45
N ARG D 524 -22.20 -34.39 -36.60
CA ARG D 524 -21.71 -33.50 -35.56
C ARG D 524 -22.82 -32.58 -35.07
N PHE D 525 -23.57 -31.99 -36.00
CA PHE D 525 -24.62 -31.07 -35.60
C PHE D 525 -25.86 -31.79 -35.08
N LEU D 526 -26.18 -32.96 -35.64
CA LEU D 526 -27.37 -33.68 -35.19
C LEU D 526 -27.14 -34.26 -33.80
N ALA D 527 -26.00 -34.91 -33.59
CA ALA D 527 -25.69 -35.46 -32.27
C ALA D 527 -25.65 -34.36 -31.21
N ALA D 528 -24.92 -33.27 -31.48
CA ALA D 528 -24.84 -32.18 -30.52
C ALA D 528 -26.22 -31.58 -30.23
N GLY D 529 -27.03 -31.40 -31.27
CA GLY D 529 -28.33 -30.78 -31.07
C GLY D 529 -29.27 -31.65 -30.25
N LEU D 530 -29.31 -32.95 -30.53
CA LEU D 530 -30.17 -33.85 -29.75
C LEU D 530 -29.66 -34.03 -28.33
N ALA D 531 -28.35 -33.92 -28.11
CA ALA D 531 -27.79 -33.98 -26.76
C ALA D 531 -28.21 -32.77 -25.94
N THR D 532 -27.92 -31.56 -26.45
CA THR D 532 -28.31 -30.33 -25.77
C THR D 532 -29.81 -30.27 -25.52
N GLU D 533 -30.61 -30.73 -26.49
CA GLU D 533 -32.06 -30.80 -26.40
C GLU D 533 -32.54 -31.77 -25.33
N GLU D 534 -31.63 -32.60 -24.79
CA GLU D 534 -31.92 -33.62 -23.77
C GLU D 534 -32.79 -34.75 -24.33
N VAL D 535 -32.50 -35.16 -25.57
CA VAL D 535 -33.24 -36.20 -26.26
C VAL D 535 -32.42 -37.46 -26.43
N LEU D 536 -31.13 -37.32 -26.74
CA LEU D 536 -30.26 -38.47 -26.99
C LEU D 536 -28.84 -38.04 -26.67
N ALA D 537 -28.17 -38.81 -25.80
CA ALA D 537 -26.78 -38.49 -25.47
C ALA D 537 -25.88 -38.84 -26.65
N GLU D 538 -24.73 -38.15 -26.71
CA GLU D 538 -23.78 -38.39 -27.79
C GLU D 538 -23.39 -39.85 -27.87
N ASP D 539 -23.03 -40.44 -26.73
CA ASP D 539 -22.56 -41.83 -26.73
C ASP D 539 -23.61 -42.76 -27.31
N ASP D 540 -24.89 -42.50 -27.00
CA ASP D 540 -25.97 -43.28 -27.59
C ASP D 540 -26.09 -43.04 -29.09
N PHE D 541 -25.92 -41.79 -29.53
CA PHE D 541 -25.96 -41.51 -30.96
C PHE D 541 -24.87 -42.27 -31.70
N TRP D 542 -23.62 -42.15 -31.25
CA TRP D 542 -22.54 -42.77 -32.00
C TRP D 542 -22.49 -44.28 -31.81
N ARG D 543 -23.03 -44.79 -30.70
CA ARG D 543 -23.18 -46.23 -30.57
C ARG D 543 -24.10 -46.76 -31.66
N THR D 544 -25.19 -46.04 -31.92
CA THR D 544 -26.14 -46.49 -32.95
C THR D 544 -25.53 -46.44 -34.34
N VAL D 545 -24.67 -45.43 -34.59
CA VAL D 545 -23.98 -45.34 -35.88
C VAL D 545 -23.00 -46.50 -36.03
N ALA D 546 -22.29 -46.84 -34.95
CA ALA D 546 -21.40 -48.00 -34.99
C ALA D 546 -22.18 -49.29 -35.17
N GLU D 547 -23.29 -49.44 -34.44
CA GLU D 547 -24.15 -50.61 -34.57
C GLU D 547 -24.63 -50.76 -36.01
N VAL D 548 -25.10 -49.67 -36.63
CA VAL D 548 -25.58 -49.75 -38.00
C VAL D 548 -24.44 -50.02 -38.99
N THR D 549 -23.23 -49.51 -38.70
CA THR D 549 -22.12 -49.79 -39.60
C THR D 549 -21.72 -51.27 -39.55
N ARG D 550 -21.68 -51.87 -38.35
CA ARG D 550 -21.37 -53.28 -38.24
C ARG D 550 -22.48 -54.15 -38.80
N GLU D 551 -23.74 -53.78 -38.54
CA GLU D 551 -24.87 -54.47 -39.14
C GLU D 551 -24.72 -54.56 -40.65
N TYR D 552 -24.26 -53.47 -41.29
CA TYR D 552 -23.99 -53.53 -42.73
C TYR D 552 -22.80 -54.43 -43.06
N GLN D 553 -21.69 -54.25 -42.35
CA GLN D 553 -20.46 -54.95 -42.71
C GLN D 553 -20.56 -56.45 -42.43
N GLU D 554 -21.23 -56.84 -41.34
CA GLU D 554 -21.35 -58.26 -41.02
C GLU D 554 -22.22 -59.00 -42.03
N ALA D 555 -23.10 -58.29 -42.72
CA ALA D 555 -23.94 -58.94 -43.73
C ALA D 555 -23.25 -59.09 -45.08
N HIS D 556 -22.02 -58.60 -45.24
CA HIS D 556 -21.32 -58.64 -46.52
C HIS D 556 -19.84 -58.96 -46.31
N PRO D 557 -19.52 -60.21 -45.97
CA PRO D 557 -18.11 -60.59 -45.79
C PRO D 557 -17.30 -60.62 -47.08
N GLU D 558 -17.94 -60.62 -48.24
CA GLU D 558 -17.22 -60.58 -49.51
C GLU D 558 -16.47 -59.27 -49.70
N LEU D 559 -16.82 -58.21 -48.96
CA LEU D 559 -16.14 -56.93 -49.03
C LEU D 559 -15.22 -56.70 -47.84
N ASP D 560 -14.88 -57.75 -47.10
CA ASP D 560 -14.10 -57.59 -45.86
C ASP D 560 -12.76 -56.92 -46.13
N ASP D 561 -12.14 -57.24 -47.26
CA ASP D 561 -10.88 -56.60 -47.62
C ASP D 561 -11.02 -55.09 -47.65
N ARG D 562 -12.08 -54.61 -48.29
CA ARG D 562 -12.27 -53.16 -48.42
C ARG D 562 -12.65 -52.53 -47.09
N PHE D 563 -13.39 -53.24 -46.24
CA PHE D 563 -13.70 -52.71 -44.90
C PHE D 563 -12.43 -52.49 -44.09
N ARG D 564 -11.44 -53.39 -44.26
CA ARG D 564 -10.14 -53.23 -43.61
C ARG D 564 -9.28 -52.19 -44.30
N GLN D 565 -9.43 -52.01 -45.61
CA GLN D 565 -8.64 -51.02 -46.35
C GLN D 565 -9.12 -49.60 -46.07
N TYR D 566 -10.41 -49.43 -45.80
CA TYR D 566 -10.99 -48.13 -45.46
C TYR D 566 -11.68 -48.30 -44.12
N ASP D 567 -10.95 -48.03 -43.04
CA ASP D 567 -11.44 -48.34 -41.70
C ASP D 567 -12.28 -47.18 -41.17
N LEU D 568 -13.60 -47.40 -41.09
CA LEU D 568 -14.51 -46.45 -40.44
C LEU D 568 -14.34 -46.38 -38.95
N PHE D 569 -13.64 -47.35 -38.35
CA PHE D 569 -13.47 -47.40 -36.90
C PHE D 569 -12.07 -46.98 -36.46
N ALA D 570 -11.21 -46.53 -37.39
CA ALA D 570 -9.88 -46.00 -37.15
C ALA D 570 -9.95 -44.96 -36.06
N PRO D 571 -8.89 -44.84 -35.26
CA PRO D 571 -8.99 -43.86 -34.11
C PRO D 571 -9.11 -42.40 -34.54
N GLU D 572 -8.54 -42.03 -35.69
CA GLU D 572 -8.56 -40.63 -36.10
C GLU D 572 -8.81 -40.57 -37.60
N PHE D 573 -9.25 -39.40 -38.07
CA PHE D 573 -9.24 -39.10 -39.49
C PHE D 573 -8.94 -37.62 -39.67
N ALA D 574 -8.60 -37.24 -40.91
CA ALA D 574 -8.18 -35.87 -41.19
C ALA D 574 -9.33 -34.89 -40.95
N LEU D 575 -8.99 -33.74 -40.36
CA LEU D 575 -9.94 -32.62 -40.25
C LEU D 575 -9.91 -31.84 -41.56
N SER D 576 -11.01 -31.92 -42.33
CA SER D 576 -11.16 -31.23 -43.60
C SER D 576 -11.92 -29.94 -43.35
N CYS D 577 -11.26 -28.80 -43.55
CA CYS D 577 -11.84 -27.50 -43.24
C CYS D 577 -12.60 -26.94 -44.43
N LEU D 578 -13.83 -26.48 -44.19
CA LEU D 578 -14.65 -25.98 -45.27
C LEU D 578 -14.51 -24.47 -45.46
N ASN D 579 -14.82 -23.69 -44.41
CA ASN D 579 -14.71 -22.23 -44.45
C ASN D 579 -13.37 -21.77 -45.03
N ARG D 580 -12.29 -22.49 -44.72
CA ARG D 580 -10.98 -22.16 -45.25
C ARG D 580 -10.99 -22.09 -46.77
N LEU D 581 -11.78 -22.95 -47.41
CA LEU D 581 -11.85 -22.92 -48.87
C LEU D 581 -12.49 -21.62 -49.37
N GLN D 582 -13.56 -21.19 -48.69
CA GLN D 582 -14.25 -19.97 -49.09
C GLN D 582 -13.43 -18.73 -48.81
N LEU D 583 -12.70 -18.71 -47.68
CA LEU D 583 -11.82 -17.59 -47.37
C LEU D 583 -10.71 -17.43 -48.39
N ARG D 584 -10.17 -18.55 -48.92
CA ARG D 584 -9.10 -18.46 -49.90
C ARG D 584 -9.61 -18.06 -51.27
N ASP D 585 -10.84 -18.43 -51.61
CA ASP D 585 -11.42 -18.10 -52.92
C ASP D 585 -12.94 -18.19 -52.78
N ASN D 586 -13.60 -17.05 -52.66
CA ASN D 586 -15.06 -17.07 -52.45
C ASN D 586 -15.84 -17.15 -53.76
N ARG D 587 -15.16 -17.01 -54.92
CA ARG D 587 -15.76 -17.19 -56.24
C ARG D 587 -15.73 -18.64 -56.71
N GLN D 588 -14.72 -19.42 -56.32
CA GLN D 588 -14.55 -20.79 -56.83
C GLN D 588 -13.75 -21.57 -55.80
N MET D 589 -14.46 -22.09 -54.78
CA MET D 589 -13.81 -22.77 -53.66
C MET D 589 -12.90 -23.92 -54.10
N VAL D 590 -13.35 -24.72 -55.06
CA VAL D 590 -12.59 -25.87 -55.54
C VAL D 590 -12.51 -25.81 -57.06
N ASP D 591 -11.34 -26.17 -57.61
CA ASP D 591 -11.23 -26.39 -59.05
C ASP D 591 -11.98 -27.68 -59.37
N LEU D 592 -12.93 -27.59 -60.31
CA LEU D 592 -13.72 -28.76 -60.63
C LEU D 592 -12.91 -29.81 -61.39
N ALA D 593 -11.81 -29.40 -62.03
CA ALA D 593 -10.93 -30.35 -62.69
C ALA D 593 -10.18 -31.21 -61.67
N ASP D 594 -9.77 -30.63 -60.54
CA ASP D 594 -9.04 -31.35 -59.50
C ASP D 594 -9.59 -30.96 -58.13
N PRO D 595 -10.76 -31.50 -57.75
CA PRO D 595 -11.41 -31.02 -56.53
C PRO D 595 -10.72 -31.45 -55.25
N SER D 596 -9.99 -32.55 -55.25
CA SER D 596 -9.28 -32.97 -54.05
C SER D 596 -8.12 -32.03 -53.71
N ALA D 597 -7.55 -31.38 -54.73
CA ALA D 597 -6.37 -30.53 -54.51
C ALA D 597 -6.68 -29.33 -53.61
N ALA D 598 -7.82 -28.68 -53.83
CA ALA D 598 -8.10 -27.46 -53.08
C ALA D 598 -8.37 -27.72 -51.60
N LEU D 599 -8.64 -28.97 -51.21
CA LEU D 599 -8.96 -29.27 -49.81
C LEU D 599 -7.82 -28.86 -48.88
N GLN D 600 -8.18 -28.49 -47.65
CA GLN D 600 -7.23 -28.02 -46.66
C GLN D 600 -7.39 -28.89 -45.42
N LEU D 601 -6.47 -29.82 -45.23
CA LEU D 601 -6.48 -30.72 -44.08
C LEU D 601 -5.60 -30.14 -42.99
N VAL D 602 -6.15 -30.03 -41.78
CA VAL D 602 -5.46 -29.37 -40.69
C VAL D 602 -5.55 -30.28 -39.45
N GLY D 603 -4.64 -31.24 -39.36
CA GLY D 603 -4.67 -32.13 -38.21
C GLY D 603 -5.62 -33.29 -38.35
N THR D 604 -6.13 -33.80 -37.23
CA THR D 604 -7.04 -34.94 -37.26
C THR D 604 -8.08 -34.78 -36.16
N LEU D 605 -9.16 -35.55 -36.30
CA LEU D 605 -10.24 -35.60 -35.33
C LEU D 605 -10.27 -36.97 -34.68
N ARG D 606 -10.59 -37.00 -33.40
CA ARG D 606 -10.90 -38.25 -32.74
C ARG D 606 -12.22 -38.79 -33.30
N ASN D 607 -12.16 -39.96 -33.95
CA ASN D 607 -13.34 -40.64 -34.51
C ASN D 607 -14.22 -41.20 -33.41
N PRO D 608 -15.49 -40.80 -33.30
CA PRO D 608 -16.36 -41.34 -32.24
C PRO D 608 -16.63 -42.84 -32.38
N LEU D 609 -16.58 -43.39 -33.60
CA LEU D 609 -16.88 -44.81 -33.78
C LEU D 609 -15.78 -45.69 -33.19
N ALA D 610 -14.57 -45.15 -33.06
CA ALA D 610 -13.42 -45.94 -32.62
C ALA D 610 -13.68 -46.48 -31.22
N GLY D 611 -13.55 -47.80 -31.07
CA GLY D 611 -13.85 -48.47 -29.81
C GLY D 611 -15.31 -48.73 -29.55
N LEU D 612 -16.21 -48.39 -30.47
CA LEU D 612 -17.65 -48.48 -30.21
C LEU D 612 -18.31 -49.62 -30.99
N MET E 21 25.37 -9.81 53.94
CA MET E 21 26.33 -9.88 55.05
C MET E 21 27.38 -10.98 54.83
N SER E 22 27.43 -11.96 55.72
CA SER E 22 28.34 -13.10 55.57
C SER E 22 27.81 -14.04 54.51
N LEU E 23 28.69 -14.48 53.60
CA LEU E 23 28.30 -15.44 52.57
C LEU E 23 27.62 -16.66 53.16
N THR E 24 28.24 -17.29 54.17
CA THR E 24 27.73 -18.58 54.62
C THR E 24 26.47 -18.40 55.46
N ASP E 25 26.40 -17.34 56.25
CA ASP E 25 25.21 -17.14 57.08
C ASP E 25 23.98 -16.81 56.24
N ALA E 26 24.16 -16.13 55.10
CA ALA E 26 23.02 -15.77 54.28
C ALA E 26 22.24 -17.01 53.83
N VAL E 27 22.91 -18.13 53.59
CA VAL E 27 22.21 -19.31 53.11
C VAL E 27 22.14 -20.40 54.18
N ALA E 28 22.43 -20.05 55.43
CA ALA E 28 22.37 -21.03 56.52
C ALA E 28 20.97 -21.61 56.68
N HIS E 29 19.93 -20.86 56.32
CA HIS E 29 18.59 -21.43 56.44
C HIS E 29 18.32 -22.50 55.39
N LEU E 30 19.15 -22.58 54.35
CA LEU E 30 18.95 -23.58 53.30
C LEU E 30 19.67 -24.87 53.70
N SER E 31 18.98 -25.77 54.39
CA SER E 31 19.54 -27.04 54.83
C SER E 31 18.71 -28.20 54.31
N PRO E 32 19.29 -29.40 54.19
CA PRO E 32 18.54 -30.51 53.59
C PRO E 32 17.25 -30.83 54.33
N GLU E 33 17.24 -30.73 55.66
CA GLU E 33 16.06 -31.11 56.43
C GLU E 33 14.94 -30.11 56.27
N ARG E 34 15.26 -28.82 56.42
CA ARG E 34 14.26 -27.79 56.15
C ARG E 34 13.80 -27.82 54.70
N TRP E 35 14.71 -28.11 53.77
CA TRP E 35 14.29 -28.19 52.37
C TRP E 35 13.28 -29.32 52.15
N GLU E 36 13.55 -30.50 52.73
CA GLU E 36 12.60 -31.60 52.66
C GLU E 36 11.25 -31.21 53.22
N GLU E 37 11.23 -30.63 54.41
CA GLU E 37 9.97 -30.24 55.01
C GLU E 37 9.24 -29.20 54.14
N ALA E 38 9.95 -28.18 53.66
CA ALA E 38 9.34 -27.20 52.78
C ALA E 38 8.69 -27.86 51.55
N ASN E 39 9.42 -28.79 50.91
CA ASN E 39 8.89 -29.49 49.74
C ASN E 39 7.64 -30.31 50.08
N ARG E 40 7.64 -31.01 51.22
CA ARG E 40 6.45 -31.75 51.62
C ARG E 40 5.26 -30.83 51.81
N LEU E 41 5.44 -29.67 52.45
CA LEU E 41 4.31 -28.76 52.67
C LEU E 41 3.80 -28.16 51.37
N LEU E 42 4.69 -27.81 50.43
CA LEU E 42 4.27 -27.18 49.18
C LEU E 42 3.62 -28.19 48.24
N VAL E 43 4.14 -29.42 48.19
CA VAL E 43 3.47 -30.45 47.40
C VAL E 43 2.10 -30.80 47.99
N ARG E 44 1.94 -30.80 49.34
CA ARG E 44 0.58 -31.02 49.85
C ARG E 44 -0.33 -29.88 49.47
N LYS E 45 0.16 -28.64 49.49
CA LYS E 45 -0.69 -27.53 49.11
C LYS E 45 -1.05 -27.60 47.62
N ALA E 46 -0.07 -27.90 46.78
CA ALA E 46 -0.33 -27.99 45.35
C ALA E 46 -1.34 -29.10 45.04
N LEU E 47 -1.22 -30.25 45.71
CA LEU E 47 -2.18 -31.32 45.51
C LEU E 47 -3.58 -30.88 45.91
N ALA E 48 -3.68 -30.26 47.09
CA ALA E 48 -4.99 -29.84 47.58
C ALA E 48 -5.62 -28.82 46.66
N GLU E 49 -4.89 -27.76 46.33
CA GLU E 49 -5.45 -26.65 45.59
C GLU E 49 -5.59 -26.96 44.11
N PHE E 50 -4.70 -27.77 43.52
CA PHE E 50 -4.94 -28.11 42.12
C PHE E 50 -6.11 -29.08 41.99
N ALA E 51 -6.32 -29.93 43.01
CA ALA E 51 -7.50 -30.77 43.05
C ALA E 51 -8.76 -29.93 43.13
N HIS E 52 -8.75 -28.92 44.02
CA HIS E 52 -9.90 -28.01 44.13
C HIS E 52 -10.25 -27.38 42.80
N GLU E 53 -9.23 -26.91 42.08
CA GLU E 53 -9.44 -26.26 40.78
C GLU E 53 -9.59 -27.26 39.65
N ARG E 54 -9.66 -28.56 39.96
CA ARG E 54 -9.94 -29.60 38.98
C ARG E 54 -8.91 -29.64 37.87
N LEU E 55 -7.69 -29.16 38.14
CA LEU E 55 -6.58 -29.36 37.23
C LEU E 55 -6.24 -30.83 37.08
N PHE E 56 -6.49 -31.60 38.13
CA PHE E 56 -6.50 -33.05 38.04
C PHE E 56 -7.55 -33.57 39.01
N THR E 57 -7.98 -34.81 38.78
CA THR E 57 -9.05 -35.43 39.55
C THR E 57 -8.48 -36.66 40.22
N PRO E 58 -8.10 -36.56 41.50
CA PRO E 58 -7.49 -37.71 42.18
C PRO E 58 -8.45 -38.88 42.20
N GLU E 59 -7.94 -40.08 41.71
CA GLU E 59 -8.85 -41.21 41.80
C GLU E 59 -8.58 -42.00 43.07
N PRO E 60 -9.62 -42.59 43.65
CA PRO E 60 -9.42 -43.48 44.80
C PRO E 60 -8.45 -44.59 44.47
N ALA E 61 -7.65 -44.97 45.46
CA ALA E 61 -6.56 -45.90 45.23
C ALA E 61 -6.60 -47.04 46.23
N ASP E 62 -6.16 -48.22 45.76
CA ASP E 62 -5.83 -49.37 46.61
C ASP E 62 -6.95 -49.71 47.60
N GLY E 63 -8.20 -49.50 47.19
CA GLY E 63 -9.33 -49.85 48.03
C GLY E 63 -9.46 -49.11 49.35
N GLN E 64 -8.41 -48.40 49.78
CA GLN E 64 -8.40 -47.76 51.10
C GLN E 64 -9.26 -46.50 51.13
N ASP E 65 -9.96 -46.31 52.25
CA ASP E 65 -10.88 -45.19 52.39
C ASP E 65 -10.10 -43.92 52.67
N GLY E 66 -10.31 -42.89 51.84
CA GLY E 66 -9.58 -41.65 51.94
C GLY E 66 -8.22 -41.61 51.27
N ARG E 67 -7.81 -42.69 50.62
CA ARG E 67 -6.56 -42.73 49.87
C ARG E 67 -6.83 -42.36 48.41
N TYR E 68 -5.90 -41.60 47.82
CA TYR E 68 -6.04 -41.12 46.46
C TYR E 68 -4.70 -41.15 45.74
N VAL E 69 -4.75 -41.06 44.42
CA VAL E 69 -3.54 -40.98 43.61
C VAL E 69 -3.72 -39.93 42.51
N VAL E 70 -2.63 -39.26 42.18
CA VAL E 70 -2.55 -38.27 41.11
C VAL E 70 -1.30 -38.58 40.31
N ARG E 71 -1.42 -38.67 38.99
CA ARG E 71 -0.32 -39.14 38.16
C ARG E 71 0.27 -38.01 37.32
N SER E 72 1.52 -38.21 36.90
CA SER E 72 2.22 -37.27 36.05
C SER E 72 1.61 -37.23 34.64
N ASP E 73 2.05 -36.27 33.84
CA ASP E 73 1.58 -36.17 32.44
C ASP E 73 1.65 -37.52 31.74
N ASP E 74 2.78 -38.22 31.86
CA ASP E 74 2.98 -39.47 31.15
C ASP E 74 2.45 -40.69 31.90
N GLY E 75 1.84 -40.51 33.08
CA GLY E 75 1.32 -41.63 33.84
C GLY E 75 2.33 -42.43 34.65
N LEU E 76 3.64 -42.20 34.48
CA LEU E 76 4.62 -43.11 35.06
C LEU E 76 5.00 -42.76 36.49
N THR E 77 4.72 -41.55 36.94
CA THR E 77 5.01 -41.16 38.31
C THR E 77 3.70 -40.95 39.04
N SER E 78 3.59 -41.54 40.23
CA SER E 78 2.37 -41.46 41.02
C SER E 78 2.64 -40.71 42.30
N TYR E 79 1.70 -39.85 42.66
CA TYR E 79 1.68 -39.17 43.94
C TYR E 79 0.46 -39.73 44.67
N ARG E 80 0.70 -40.46 45.74
CA ARG E 80 -0.34 -41.03 46.58
C ARG E 80 -0.38 -40.28 47.90
N PHE E 81 -1.58 -40.13 48.45
CA PHE E 81 -1.78 -39.31 49.63
C PHE E 81 -3.15 -39.64 50.22
N THR E 82 -3.32 -39.31 51.49
CA THR E 82 -4.64 -39.39 52.11
C THR E 82 -5.22 -37.98 52.25
N ALA E 83 -6.54 -37.88 52.20
CA ALA E 83 -7.17 -36.56 52.22
C ALA E 83 -8.58 -36.65 52.78
N VAL E 84 -8.94 -35.64 53.58
CA VAL E 84 -10.27 -35.49 54.15
C VAL E 84 -11.01 -34.45 53.32
N ARG E 85 -12.13 -34.84 52.74
CA ARG E 85 -12.84 -33.96 51.82
C ARG E 85 -13.88 -33.16 52.59
N ARG E 86 -13.91 -31.85 52.33
CA ARG E 86 -14.79 -30.95 53.08
C ARG E 86 -15.49 -30.02 52.11
N ALA E 87 -16.34 -29.14 52.66
CA ALA E 87 -17.23 -28.34 51.85
C ALA E 87 -16.44 -27.42 50.90
N LEU E 88 -17.14 -27.01 49.82
CA LEU E 88 -16.57 -26.23 48.72
C LEU E 88 -15.41 -26.97 48.05
N ASP E 89 -15.57 -28.28 47.86
CA ASP E 89 -14.55 -29.10 47.18
C ASP E 89 -13.18 -28.90 47.83
N HIS E 90 -13.16 -28.88 49.15
CA HIS E 90 -11.90 -28.68 49.86
C HIS E 90 -11.23 -30.02 50.08
N TRP E 91 -9.91 -30.05 49.88
CA TRP E 91 -9.08 -31.24 50.06
C TRP E 91 -8.08 -30.95 51.19
N GLN E 92 -8.31 -31.54 52.35
CA GLN E 92 -7.32 -31.52 53.45
C GLN E 92 -6.34 -32.65 53.21
N VAL E 93 -5.34 -32.40 52.40
CA VAL E 93 -4.33 -33.41 52.11
C VAL E 93 -3.38 -33.51 53.30
N ASP E 94 -3.13 -34.73 53.78
CA ASP E 94 -2.19 -34.95 54.87
C ASP E 94 -0.76 -34.88 54.33
N ALA E 95 0.05 -33.99 54.89
CA ALA E 95 1.43 -33.82 54.42
C ALA E 95 2.26 -35.09 54.61
N GLY E 96 2.16 -35.71 55.80
CA GLY E 96 2.96 -36.89 56.06
C GLY E 96 2.60 -38.09 55.21
N SER E 97 1.41 -38.10 54.61
CA SER E 97 0.94 -39.25 53.84
C SER E 97 1.48 -39.30 52.42
N ILE E 98 2.06 -38.21 51.92
CA ILE E 98 2.38 -38.11 50.50
C ILE E 98 3.57 -38.99 50.17
N THR E 99 3.42 -39.81 49.12
CA THR E 99 4.52 -40.65 48.65
C THR E 99 4.62 -40.50 47.13
N ARG E 100 5.83 -40.57 46.61
CA ARG E 100 6.08 -40.43 45.18
C ARG E 100 6.65 -41.74 44.68
N THR E 101 6.04 -42.29 43.62
CA THR E 101 6.33 -43.65 43.18
C THR E 101 6.49 -43.70 41.67
N ARG E 102 7.52 -44.41 41.21
CA ARG E 102 7.75 -44.61 39.78
C ARG E 102 8.15 -46.05 39.56
N ASP E 103 7.34 -46.79 38.81
CA ASP E 103 7.58 -48.22 38.60
C ASP E 103 7.62 -48.99 39.92
N GLY E 104 6.79 -48.56 40.88
CA GLY E 104 6.79 -49.13 42.22
C GLY E 104 7.96 -48.74 43.11
N ALA E 105 8.90 -47.93 42.61
CA ALA E 105 10.07 -47.52 43.38
C ALA E 105 9.83 -46.16 44.03
N GLU E 106 10.14 -46.06 45.33
CA GLU E 106 10.04 -44.80 46.05
C GLU E 106 10.99 -43.76 45.47
N LEU E 107 10.53 -42.52 45.39
CA LEU E 107 11.30 -41.36 44.97
C LEU E 107 11.07 -40.22 45.95
N PRO E 108 12.04 -39.33 46.13
CA PRO E 108 11.87 -38.23 47.08
C PRO E 108 10.88 -37.18 46.58
N LEU E 109 10.18 -36.54 47.51
CA LEU E 109 9.27 -35.44 47.17
C LEU E 109 10.05 -34.20 46.76
N ALA E 110 9.89 -33.79 45.51
CA ALA E 110 10.54 -32.58 44.99
C ALA E 110 9.50 -31.77 44.23
N ALA E 111 9.13 -30.63 44.80
CA ALA E 111 8.25 -29.68 44.11
C ALA E 111 8.68 -29.46 42.66
N LEU E 112 9.97 -29.17 42.43
CA LEU E 112 10.39 -28.82 41.07
C LEU E 112 10.11 -29.96 40.10
N ASP E 113 10.37 -31.22 40.52
CA ASP E 113 10.04 -32.34 39.67
C ASP E 113 8.53 -32.48 39.49
N PHE E 114 7.79 -32.22 40.57
CA PHE E 114 6.34 -32.27 40.52
C PHE E 114 5.80 -31.39 39.40
N PHE E 115 6.25 -30.12 39.33
CA PHE E 115 5.71 -29.22 38.33
C PHE E 115 6.21 -29.56 36.93
N ILE E 116 7.45 -30.01 36.80
CA ILE E 116 7.91 -30.44 35.49
C ILE E 116 7.11 -31.65 35.01
N GLU E 117 6.87 -32.63 35.90
CA GLU E 117 6.13 -33.83 35.51
C GLU E 117 4.68 -33.54 35.16
N LEU E 118 4.14 -32.42 35.62
CA LEU E 118 2.76 -32.04 35.36
C LEU E 118 2.68 -30.78 34.50
N ARG E 119 3.76 -30.45 33.78
CA ARG E 119 3.80 -29.18 33.04
C ARG E 119 2.60 -29.04 32.12
N HIS E 120 2.19 -30.12 31.44
CA HIS E 120 1.10 -30.00 30.49
C HIS E 120 -0.27 -30.06 31.18
N THR E 121 -0.41 -30.93 32.19
CA THR E 121 -1.66 -30.97 32.97
C THR E 121 -1.95 -29.59 33.57
N LEU E 122 -0.95 -28.96 34.16
CA LEU E 122 -1.10 -27.62 34.71
C LEU E 122 -1.11 -26.51 33.67
N GLY E 123 -0.84 -26.80 32.40
CA GLY E 123 -0.88 -25.76 31.38
C GLY E 123 0.24 -24.75 31.49
N LEU E 124 1.41 -25.18 31.96
CA LEU E 124 2.61 -24.33 32.02
C LEU E 124 3.31 -24.34 30.66
N SER E 125 3.40 -23.17 30.02
CA SER E 125 4.08 -23.05 28.75
C SER E 125 5.59 -23.17 28.92
N ASP E 126 6.28 -23.35 27.79
CA ASP E 126 7.74 -23.41 27.82
C ASP E 126 8.33 -22.10 28.35
N GLU E 127 7.74 -20.98 27.95
CA GLU E 127 8.20 -19.66 28.41
C GLU E 127 7.96 -19.49 29.91
N ILE E 128 6.81 -19.93 30.40
CA ILE E 128 6.48 -19.64 31.79
C ILE E 128 7.16 -20.61 32.74
N LEU E 129 7.19 -21.91 32.42
CA LEU E 129 7.71 -22.94 33.34
C LEU E 129 9.01 -22.57 34.05
N PRO E 130 10.08 -22.11 33.38
CA PRO E 130 11.33 -21.84 34.12
C PRO E 130 11.17 -20.76 35.18
N VAL E 131 10.38 -19.71 34.89
CA VAL E 131 10.23 -18.62 35.86
C VAL E 131 9.34 -19.07 37.01
N TYR E 132 8.24 -19.76 36.71
CA TYR E 132 7.41 -20.36 37.74
C TYR E 132 8.25 -21.27 38.66
N LEU E 133 9.21 -21.99 38.10
CA LEU E 133 10.07 -22.81 38.95
C LEU E 133 10.92 -21.94 39.87
N GLU E 134 11.34 -20.76 39.41
CA GLU E 134 12.01 -19.81 40.27
C GLU E 134 11.08 -19.33 41.39
N GLU E 135 9.81 -19.04 41.05
CA GLU E 135 8.85 -18.65 42.08
C GLU E 135 8.65 -19.76 43.09
N ILE E 136 8.65 -21.02 42.62
CA ILE E 136 8.51 -22.15 43.54
C ILE E 136 9.74 -22.27 44.42
N SER E 137 10.94 -22.20 43.83
CA SER E 137 12.17 -22.29 44.63
C SER E 137 12.22 -21.18 45.68
N SER E 138 11.82 -19.97 45.31
CA SER E 138 11.91 -18.86 46.23
C SER E 138 10.87 -19.00 47.36
N THR E 139 9.67 -19.50 47.03
CA THR E 139 8.69 -19.81 48.08
C THR E 139 9.23 -20.86 49.04
N LEU E 140 9.88 -21.90 48.52
CA LEU E 140 10.45 -22.92 49.38
C LEU E 140 11.53 -22.33 50.28
N SER E 141 12.37 -21.45 49.74
CA SER E 141 13.43 -20.85 50.55
C SER E 141 12.84 -20.01 51.67
N GLY E 142 11.77 -19.25 51.36
CA GLY E 142 11.09 -18.53 52.40
C GLY E 142 10.61 -19.45 53.51
N THR E 143 10.08 -20.61 53.12
CA THR E 143 9.65 -21.59 54.11
C THR E 143 10.83 -22.05 54.96
N CYS E 144 12.02 -22.21 54.35
CA CYS E 144 13.16 -22.65 55.15
C CYS E 144 13.58 -21.58 56.13
N TYR E 145 13.58 -20.32 55.70
CA TYR E 145 13.89 -19.27 56.66
C TYR E 145 12.88 -19.28 57.79
N LYS E 146 11.60 -19.40 57.45
CA LYS E 146 10.58 -19.37 58.49
C LYS E 146 10.76 -20.52 59.47
N LEU E 147 11.24 -21.67 59.00
CA LEU E 147 11.50 -22.82 59.87
C LEU E 147 12.70 -22.59 60.81
N THR E 148 13.55 -21.59 60.56
CA THR E 148 14.63 -21.34 61.50
C THR E 148 14.23 -20.36 62.58
N LYS E 149 13.07 -19.77 62.49
CA LYS E 149 12.67 -18.79 63.48
C LYS E 149 12.26 -19.52 64.76
N PRO E 150 12.35 -18.86 65.91
CA PRO E 150 11.85 -19.47 67.14
C PRO E 150 10.39 -19.83 66.99
N GLN E 151 10.04 -21.05 67.40
CA GLN E 151 8.66 -21.48 67.41
C GLN E 151 7.83 -20.60 68.35
N VAL E 152 6.71 -20.10 67.84
CA VAL E 152 5.82 -19.26 68.63
C VAL E 152 4.42 -19.85 68.53
N THR E 153 3.71 -19.93 69.66
CA THR E 153 2.35 -20.45 69.64
C THR E 153 1.37 -19.33 69.27
N ALA E 154 0.12 -19.73 69.00
CA ALA E 154 -0.90 -18.74 68.72
C ALA E 154 -1.05 -17.75 69.89
N ALA E 155 -1.08 -18.28 71.11
CA ALA E 155 -0.98 -17.44 72.30
C ALA E 155 0.27 -16.58 72.27
N GLY E 156 1.39 -17.16 71.85
CA GLY E 156 2.63 -16.38 71.78
C GLY E 156 2.52 -15.20 70.84
N LEU E 157 2.00 -15.43 69.63
CA LEU E 157 1.80 -14.35 68.68
C LEU E 157 0.88 -13.28 69.25
N LEU E 158 -0.21 -13.69 69.87
CA LEU E 158 -1.13 -12.70 70.43
C LEU E 158 -0.42 -11.86 71.49
N GLU E 159 0.39 -12.48 72.34
CA GLU E 159 1.11 -11.70 73.34
C GLU E 159 2.15 -10.79 72.71
N GLY E 160 2.71 -11.19 71.57
CA GLY E 160 3.67 -10.34 70.87
C GLY E 160 3.04 -9.06 70.32
N GLY E 161 1.82 -9.14 69.82
CA GLY E 161 1.18 -7.94 69.31
C GLY E 161 1.03 -7.86 67.81
N PHE E 162 0.66 -6.67 67.33
CA PHE E 162 0.31 -6.44 65.93
C PHE E 162 1.40 -6.91 64.98
N GLN E 163 2.62 -6.40 65.14
CA GLN E 163 3.72 -6.74 64.24
C GLN E 163 4.24 -8.15 64.47
N ALA E 164 4.14 -8.66 65.70
CA ALA E 164 4.44 -10.06 65.94
C ALA E 164 3.54 -10.96 65.14
N LEU E 165 2.25 -10.60 65.02
CA LEU E 165 1.33 -11.37 64.20
C LEU E 165 1.64 -11.19 62.72
N GLU E 166 1.93 -9.96 62.29
CA GLU E 166 2.15 -9.68 60.88
C GLU E 166 3.32 -10.45 60.31
N SER E 167 4.47 -10.41 60.99
CA SER E 167 5.66 -11.11 60.55
C SER E 167 5.67 -12.57 61.00
N GLY E 168 4.75 -12.96 61.87
CA GLY E 168 4.66 -14.36 62.26
C GLY E 168 3.84 -15.21 61.33
N MET E 169 3.13 -14.59 60.39
CA MET E 169 2.38 -15.34 59.39
C MET E 169 3.32 -16.15 58.51
N THR E 170 2.91 -17.37 58.18
CA THR E 170 3.75 -18.28 57.42
C THR E 170 3.16 -18.69 56.08
N GLU E 171 1.84 -18.76 55.95
CA GLU E 171 1.26 -19.34 54.75
C GLU E 171 1.31 -18.40 53.56
N GLY E 172 1.01 -17.12 53.78
CA GLY E 172 0.67 -16.25 52.69
C GLY E 172 -0.71 -16.57 52.18
N HIS E 173 -1.00 -16.09 50.98
CA HIS E 173 -2.29 -16.34 50.37
C HIS E 173 -2.60 -17.84 50.39
N PRO E 174 -3.79 -18.25 50.86
CA PRO E 174 -4.05 -19.69 51.06
C PRO E 174 -4.34 -20.46 49.79
N CYS E 175 -4.69 -19.78 48.69
CA CYS E 175 -4.99 -20.46 47.44
C CYS E 175 -3.74 -20.65 46.58
N PHE E 176 -2.98 -19.58 46.37
CA PHE E 176 -1.87 -19.64 45.42
C PHE E 176 -0.73 -20.49 45.97
N VAL E 177 -0.26 -21.43 45.15
CA VAL E 177 0.86 -22.27 45.54
C VAL E 177 2.17 -21.51 45.41
N ALA E 178 2.36 -20.83 44.29
CA ALA E 178 3.56 -20.02 44.07
C ALA E 178 3.28 -18.59 44.52
N ASN E 179 3.08 -18.43 45.83
CA ASN E 179 2.52 -17.20 46.38
C ASN E 179 3.57 -16.27 47.00
N ASN E 180 4.77 -16.75 47.28
CA ASN E 180 5.77 -15.96 47.99
C ASN E 180 7.09 -15.96 47.21
N GLY E 181 7.03 -15.65 45.91
CA GLY E 181 8.24 -15.63 45.10
C GLY E 181 9.14 -14.45 45.41
N ARG E 182 8.58 -13.25 45.40
CA ARG E 182 9.36 -12.01 45.57
C ARG E 182 10.53 -11.96 44.58
N LEU E 183 10.28 -12.39 43.35
CA LEU E 183 11.35 -12.46 42.36
C LEU E 183 11.96 -11.10 42.11
N GLY E 184 13.29 -11.05 42.21
CA GLY E 184 14.05 -9.81 42.16
C GLY E 184 14.91 -9.63 43.39
N PHE E 185 14.47 -10.20 44.52
CA PHE E 185 15.28 -10.23 45.72
C PHE E 185 16.42 -11.23 45.57
N GLY E 186 17.66 -10.76 45.73
CA GLY E 186 18.75 -11.68 46.02
C GLY E 186 18.62 -12.22 47.42
N VAL E 187 19.44 -13.22 47.79
CA VAL E 187 19.27 -13.81 49.11
C VAL E 187 19.54 -12.77 50.18
N ASP E 188 20.49 -11.86 49.95
CA ASP E 188 20.69 -10.79 50.93
C ASP E 188 19.47 -9.88 51.00
N GLU E 189 18.89 -9.52 49.86
CA GLU E 189 17.75 -8.60 49.89
C GLU E 189 16.53 -9.28 50.51
N TYR E 190 16.38 -10.58 50.29
CA TYR E 190 15.33 -11.33 50.98
C TYR E 190 15.47 -11.17 52.48
N LEU E 191 16.68 -11.36 53.00
CA LEU E 191 16.91 -11.23 54.43
C LEU E 191 16.61 -9.80 54.92
N ALA E 192 16.92 -8.79 54.12
CA ALA E 192 16.71 -7.41 54.54
C ALA E 192 15.23 -6.99 54.49
N TYR E 193 14.50 -7.43 53.45
CA TYR E 193 13.22 -6.82 53.07
C TYR E 193 11.99 -7.72 53.19
N ALA E 194 12.14 -9.03 53.35
CA ALA E 194 10.97 -9.91 53.45
C ALA E 194 10.23 -9.68 54.77
N PRO E 195 8.90 -9.55 54.74
CA PRO E 195 8.15 -9.30 56.00
C PRO E 195 8.38 -10.33 57.08
N GLU E 196 8.59 -11.60 56.72
CA GLU E 196 8.78 -12.64 57.72
C GLU E 196 10.09 -12.50 58.47
N THR E 197 11.07 -11.75 57.95
CA THR E 197 12.32 -11.57 58.70
C THR E 197 12.24 -10.41 59.69
N ALA E 198 11.28 -9.51 59.48
CA ALA E 198 11.01 -8.39 60.40
C ALA E 198 12.26 -7.58 60.71
N HIS E 199 13.13 -7.39 59.69
CA HIS E 199 14.29 -6.52 59.89
C HIS E 199 13.92 -5.08 59.57
N PRO E 200 14.25 -4.13 60.44
CA PRO E 200 13.89 -2.73 60.17
C PRO E 200 14.48 -2.24 58.86
N VAL E 201 13.75 -1.31 58.22
CA VAL E 201 14.13 -0.75 56.93
C VAL E 201 14.03 0.77 57.02
N ARG E 202 15.04 1.45 56.51
CA ARG E 202 15.01 2.91 56.40
C ARG E 202 14.71 3.26 54.95
N LEU E 203 13.62 3.99 54.75
CA LEU E 203 13.22 4.40 53.41
C LEU E 203 14.20 5.44 52.86
N VAL E 204 14.40 5.38 51.54
CA VAL E 204 15.18 6.38 50.82
C VAL E 204 14.24 7.48 50.38
N TRP E 205 14.67 8.73 50.54
CA TRP E 205 13.86 9.91 50.28
C TRP E 205 14.40 10.63 49.07
N LEU E 206 13.52 10.91 48.11
CA LEU E 206 13.93 11.63 46.92
C LEU E 206 13.20 12.96 46.85
N ALA E 207 13.88 13.96 46.30
CA ALA E 207 13.23 15.20 45.91
C ALA E 207 12.90 15.09 44.43
N ALA E 208 11.64 15.32 44.08
CA ALA E 208 11.14 15.13 42.73
C ALA E 208 10.62 16.45 42.19
N HIS E 209 11.19 16.91 41.08
CA HIS E 209 10.82 18.21 40.54
C HIS E 209 9.34 18.23 40.14
N ARG E 210 8.68 19.36 40.44
CA ARG E 210 7.24 19.47 40.26
C ARG E 210 6.79 19.45 38.81
N SER E 211 7.71 19.60 37.86
CA SER E 211 7.35 19.45 36.45
C SER E 211 7.12 18.00 36.07
N ARG E 212 7.56 17.05 36.90
CA ARG E 212 7.30 15.64 36.68
C ARG E 212 6.50 14.98 37.79
N ALA E 213 6.50 15.54 38.99
CA ALA E 213 5.85 14.92 40.14
C ALA E 213 4.67 15.76 40.60
N ALA E 214 3.68 15.09 41.18
CA ALA E 214 2.53 15.77 41.74
C ALA E 214 2.15 15.11 43.05
N PHE E 215 1.93 15.92 44.07
CA PHE E 215 1.44 15.50 45.37
C PHE E 215 -0.06 15.76 45.41
N THR E 216 -0.81 14.76 45.85
CA THR E 216 -2.26 14.85 45.98
C THR E 216 -2.64 14.59 47.43
N ALA E 217 -3.42 15.51 47.98
CA ALA E 217 -3.81 15.49 49.38
C ALA E 217 -5.29 15.15 49.50
N GLY E 218 -5.62 14.32 50.50
CA GLY E 218 -7.01 14.09 50.81
C GLY E 218 -7.57 15.24 51.62
N ALA E 219 -8.88 15.21 51.81
CA ALA E 219 -9.56 16.27 52.55
C ALA E 219 -8.87 16.54 53.88
N GLY E 220 -8.51 17.80 54.11
CA GLY E 220 -7.90 18.21 55.37
C GLY E 220 -6.41 17.93 55.50
N ILE E 221 -5.72 17.67 54.39
CA ILE E 221 -4.29 17.45 54.38
C ILE E 221 -3.65 18.63 53.65
N ASP E 222 -2.56 19.12 54.21
CA ASP E 222 -1.76 20.17 53.60
C ASP E 222 -0.34 19.64 53.45
N TYR E 223 0.26 19.83 52.26
CA TYR E 223 1.56 19.22 52.00
C TYR E 223 2.60 19.61 53.03
N ALA E 224 2.69 20.90 53.36
CA ALA E 224 3.78 21.39 54.21
C ALA E 224 3.69 20.84 55.62
N SER E 225 2.50 20.87 56.23
CA SER E 225 2.32 20.29 57.56
C SER E 225 2.42 18.77 57.53
N PHE E 226 2.02 18.14 56.42
CA PHE E 226 2.04 16.68 56.35
C PHE E 226 3.46 16.14 56.49
N VAL E 227 4.39 16.73 55.73
CA VAL E 227 5.76 16.25 55.74
C VAL E 227 6.46 16.65 57.04
N ARG E 228 6.05 17.75 57.65
CA ARG E 228 6.63 18.09 58.94
C ARG E 228 6.15 17.12 60.02
N GLN E 229 4.89 16.67 59.94
CA GLN E 229 4.40 15.66 60.87
C GLN E 229 5.09 14.32 60.65
N GLU E 230 5.27 13.92 59.40
CA GLU E 230 5.80 12.58 59.13
C GLU E 230 7.31 12.54 59.36
N LEU E 231 8.01 13.63 59.09
CA LEU E 231 9.46 13.65 59.11
C LEU E 231 10.07 14.47 60.23
N GLY E 232 9.37 15.48 60.75
CA GLY E 232 9.91 16.41 61.72
C GLY E 232 10.61 17.59 61.07
N GLU E 233 10.40 18.80 61.62
CA GLU E 233 10.97 20.01 61.02
C GLU E 233 12.47 19.86 60.79
N GLU E 234 13.17 19.25 61.74
CA GLU E 234 14.62 19.16 61.67
C GLU E 234 15.08 18.41 60.42
N THR E 235 14.39 17.32 60.07
CA THR E 235 14.78 16.54 58.90
C THR E 235 14.36 17.23 57.60
N VAL E 236 13.20 17.89 57.59
CA VAL E 236 12.83 18.67 56.41
C VAL E 236 13.84 19.78 56.16
N GLU E 237 14.28 20.46 57.22
CA GLU E 237 15.32 21.46 57.07
C GLU E 237 16.57 20.84 56.48
N ARG E 238 16.93 19.64 56.92
CA ARG E 238 18.08 18.93 56.35
C ARG E 238 17.89 18.72 54.86
N PHE E 239 16.69 18.32 54.43
CA PHE E 239 16.48 18.03 53.01
C PHE E 239 16.49 19.30 52.18
N ASP E 240 15.83 20.36 52.65
CA ASP E 240 15.92 21.64 51.98
C ASP E 240 17.36 22.09 51.84
N GLY E 241 18.15 21.93 52.89
CA GLY E 241 19.56 22.27 52.82
C GLY E 241 20.28 21.56 51.70
N VAL E 242 20.00 20.26 51.53
CA VAL E 242 20.60 19.50 50.43
C VAL E 242 20.23 20.13 49.09
N LEU E 243 18.96 20.53 48.91
CA LEU E 243 18.57 21.15 47.65
C LEU E 243 19.25 22.50 47.45
N ARG E 244 19.34 23.32 48.51
CA ARG E 244 20.04 24.60 48.40
C ARG E 244 21.51 24.39 48.06
N GLY E 245 22.13 23.37 48.65
CA GLY E 245 23.52 23.10 48.36
C GLY E 245 23.78 22.75 46.91
N ARG E 246 22.78 22.22 46.21
CA ARG E 246 22.88 21.99 44.78
C ARG E 246 22.43 23.22 43.99
N GLY E 247 22.13 24.31 44.69
CA GLY E 247 21.65 25.50 44.02
C GLY E 247 20.23 25.37 43.52
N LEU E 248 19.37 24.70 44.29
CA LEU E 248 18.02 24.42 43.84
C LEU E 248 17.01 24.98 44.82
N ASP E 249 15.83 25.30 44.31
CA ASP E 249 14.77 25.88 45.12
C ASP E 249 13.89 24.77 45.68
N PRO E 250 13.88 24.54 47.01
CA PRO E 250 13.00 23.51 47.59
C PRO E 250 11.54 23.65 47.16
N ALA E 251 11.11 24.87 46.83
CA ALA E 251 9.73 25.10 46.41
C ALA E 251 9.40 24.40 45.11
N ASP E 252 10.42 24.04 44.32
CA ASP E 252 10.23 23.33 43.07
C ASP E 252 10.21 21.81 43.22
N TYR E 253 10.35 21.28 44.45
CA TYR E 253 10.49 19.85 44.64
C TYR E 253 9.46 19.33 45.63
N LEU E 254 9.10 18.06 45.46
CA LEU E 254 8.24 17.32 46.37
C LEU E 254 9.00 16.09 46.86
N LEU E 255 8.66 15.64 48.06
CA LEU E 255 9.33 14.48 48.63
C LEU E 255 8.62 13.20 48.20
N ILE E 256 9.40 12.21 47.77
CA ILE E 256 8.86 10.87 47.53
C ILE E 256 9.67 9.81 48.25
N PRO E 257 9.03 8.98 49.09
CA PRO E 257 9.73 7.85 49.70
C PRO E 257 9.75 6.64 48.77
N VAL E 258 10.89 5.94 48.74
CA VAL E 258 11.07 4.80 47.85
C VAL E 258 11.68 3.63 48.60
N HIS E 259 11.31 2.43 48.17
CA HIS E 259 11.88 1.22 48.73
C HIS E 259 13.36 1.17 48.37
N PRO E 260 14.24 0.92 49.35
CA PRO E 260 15.69 0.87 49.04
C PRO E 260 15.99 -0.03 47.86
N TRP E 261 15.27 -1.15 47.75
CA TRP E 261 15.49 -2.06 46.63
C TRP E 261 15.19 -1.36 45.32
N GLN E 262 14.09 -0.61 45.27
CA GLN E 262 13.70 0.11 44.07
C GLN E 262 14.75 1.16 43.70
N TRP E 263 15.30 1.85 44.70
CA TRP E 263 16.31 2.85 44.42
C TRP E 263 17.59 2.22 43.87
N TRP E 264 18.16 1.25 44.62
CA TRP E 264 19.49 0.74 44.28
C TRP E 264 19.48 -0.05 42.97
N ASN E 265 18.44 -0.85 42.74
CA ASN E 265 18.41 -1.75 41.60
C ASN E 265 17.68 -1.17 40.39
N LYS E 266 16.80 -0.18 40.58
CA LYS E 266 15.96 0.28 39.46
C LYS E 266 16.12 1.76 39.16
N LEU E 267 15.80 2.64 40.11
CA LEU E 267 15.70 4.06 39.83
C LEU E 267 17.06 4.67 39.52
N SER E 268 18.08 4.31 40.29
CA SER E 268 19.40 4.88 40.04
C SER E 268 19.96 4.50 38.67
N VAL E 269 19.41 3.49 38.00
CA VAL E 269 19.84 3.11 36.65
C VAL E 269 18.78 3.48 35.62
N THR E 270 17.57 2.91 35.73
CA THR E 270 16.51 3.18 34.75
C THR E 270 16.21 4.68 34.65
N PHE E 271 16.15 5.36 35.79
CA PHE E 271 15.81 6.78 35.81
C PHE E 271 17.05 7.66 35.92
N ALA E 272 18.21 7.16 35.51
CA ALA E 272 19.46 7.89 35.70
C ALA E 272 19.41 9.26 35.03
N ALA E 273 18.85 9.33 33.81
CA ALA E 273 18.62 10.64 33.18
C ALA E 273 17.91 11.61 34.13
N GLU E 274 16.86 11.14 34.82
CA GLU E 274 16.13 12.05 35.70
C GLU E 274 16.96 12.42 36.93
N VAL E 275 17.77 11.47 37.43
CA VAL E 275 18.62 11.76 38.58
C VAL E 275 19.70 12.76 38.21
N ALA E 276 20.43 12.49 37.12
CA ALA E 276 21.52 13.35 36.70
C ALA E 276 21.05 14.79 36.47
N ARG E 277 19.95 14.96 35.73
CA ARG E 277 19.44 16.29 35.42
C ARG E 277 18.84 16.99 36.63
N GLN E 278 18.73 16.29 37.76
CA GLN E 278 18.20 16.81 39.01
C GLN E 278 16.69 16.97 39.00
N ASN E 279 15.98 16.26 38.12
CA ASN E 279 14.55 16.08 38.32
C ASN E 279 14.26 15.16 39.49
N LEU E 280 15.20 14.29 39.83
CA LEU E 280 15.19 13.56 41.09
C LEU E 280 16.50 13.87 41.80
N VAL E 281 16.42 14.07 43.11
CA VAL E 281 17.61 14.27 43.92
C VAL E 281 17.52 13.30 45.09
N CYS E 282 18.59 12.54 45.30
CA CYS E 282 18.66 11.57 46.40
C CYS E 282 19.00 12.30 47.70
N LEU E 283 18.04 12.36 48.62
CA LEU E 283 18.26 13.07 49.87
C LEU E 283 18.94 12.23 50.96
N GLY E 284 18.68 10.91 51.01
CA GLY E 284 19.19 10.07 52.08
C GLY E 284 18.06 9.29 52.71
N GLU E 285 18.21 8.97 53.99
CA GLU E 285 17.32 8.05 54.70
C GLU E 285 16.49 8.77 55.76
N SER E 286 15.34 8.18 56.10
CA SER E 286 14.53 8.62 57.24
C SER E 286 15.26 8.34 58.53
N ASP E 287 14.91 9.07 59.58
CA ASP E 287 15.35 8.77 60.93
C ASP E 287 14.37 7.86 61.67
N ASP E 288 13.47 7.20 60.95
CA ASP E 288 12.52 6.25 61.50
C ASP E 288 12.77 4.88 60.89
N GLU E 289 12.40 3.85 61.62
CA GLU E 289 12.66 2.47 61.23
C GLU E 289 11.34 1.83 60.83
N TYR E 290 11.29 1.21 59.65
CA TYR E 290 10.07 0.69 59.07
C TYR E 290 10.10 -0.84 59.00
N LEU E 291 8.92 -1.44 59.07
CA LEU E 291 8.73 -2.89 59.00
C LEU E 291 7.84 -3.23 57.81
N ALA E 292 8.34 -4.10 56.93
CA ALA E 292 7.57 -4.56 55.78
C ALA E 292 6.34 -5.31 56.25
N GLN E 293 5.19 -4.97 55.68
CA GLN E 293 3.95 -5.69 55.95
C GLN E 293 3.81 -6.84 54.97
N GLN E 294 2.70 -7.58 55.07
CA GLN E 294 2.58 -8.80 54.28
C GLN E 294 2.56 -8.52 52.78
N SER E 295 2.21 -7.30 52.36
CA SER E 295 2.23 -6.93 50.95
C SER E 295 3.63 -6.60 50.46
N ILE E 296 4.62 -6.58 51.36
CA ILE E 296 6.04 -6.44 51.08
C ILE E 296 6.38 -4.97 50.80
N ARG E 297 5.58 -4.31 49.96
CA ARG E 297 5.90 -2.96 49.51
C ARG E 297 5.36 -1.86 50.44
N THR E 298 4.58 -2.24 51.45
CA THR E 298 3.94 -1.31 52.37
C THR E 298 4.60 -1.46 53.74
N PHE E 299 4.91 -0.32 54.37
CA PHE E 299 5.74 -0.30 55.56
C PHE E 299 4.99 0.31 56.75
N PHE E 300 5.04 -0.39 57.87
CA PHE E 300 4.54 0.11 59.14
C PHE E 300 5.69 0.82 59.83
N ASN E 301 5.40 1.94 60.50
CA ASN E 301 6.44 2.73 61.17
C ASN E 301 6.63 2.17 62.57
N ALA E 302 7.69 1.37 62.74
CA ALA E 302 7.94 0.74 64.04
C ALA E 302 8.31 1.77 65.09
N THR E 303 9.09 2.78 64.71
CA THR E 303 9.55 3.78 65.66
C THR E 303 8.39 4.61 66.20
N HIS E 304 7.44 4.96 65.34
CA HIS E 304 6.27 5.74 65.73
C HIS E 304 5.04 5.11 65.11
N PRO E 305 4.46 4.10 65.77
CA PRO E 305 3.31 3.39 65.19
C PRO E 305 2.12 4.27 64.89
N GLU E 306 2.04 5.47 65.46
CA GLU E 306 0.94 6.37 65.18
C GLU E 306 1.04 7.00 63.81
N LYS E 307 2.24 7.06 63.23
CA LYS E 307 2.44 7.69 61.93
C LYS E 307 1.88 6.81 60.82
N HIS E 308 1.79 7.37 59.62
CA HIS E 308 1.19 6.68 58.49
C HIS E 308 2.02 5.48 58.04
N TYR E 309 1.33 4.47 57.53
CA TYR E 309 1.98 3.50 56.65
C TYR E 309 2.49 4.23 55.40
N VAL E 310 3.59 3.73 54.84
CA VAL E 310 4.10 4.21 53.56
C VAL E 310 4.05 3.05 52.59
N LYS E 311 3.32 3.23 51.49
CA LYS E 311 3.24 2.26 50.41
C LYS E 311 4.15 2.72 49.29
N THR E 312 5.08 1.84 48.88
CA THR E 312 6.13 2.16 47.92
C THR E 312 6.01 1.30 46.68
N ALA E 313 6.57 1.79 45.58
CA ALA E 313 6.62 1.05 44.34
C ALA E 313 7.79 0.08 44.38
N LEU E 314 7.53 -1.18 44.03
CA LEU E 314 8.50 -2.26 44.18
C LEU E 314 8.40 -3.15 42.95
N SER E 315 9.29 -2.95 41.98
CA SER E 315 9.24 -3.69 40.73
C SER E 315 9.77 -5.11 40.95
N VAL E 316 8.99 -5.86 41.69
CA VAL E 316 9.26 -7.24 42.05
C VAL E 316 8.06 -8.07 41.63
N LEU E 317 8.32 -9.28 41.13
CA LEU E 317 7.25 -10.19 40.74
C LEU E 317 6.82 -10.98 41.96
N ASN E 318 5.55 -10.85 42.35
CA ASN E 318 5.03 -11.65 43.43
C ASN E 318 3.58 -12.01 43.13
N MET E 319 3.27 -13.30 43.19
CA MET E 319 1.92 -13.82 43.12
C MET E 319 1.12 -13.17 41.99
N GLY E 320 1.65 -13.32 40.77
CA GLY E 320 0.90 -13.00 39.58
C GLY E 320 0.94 -11.56 39.10
N PHE E 321 1.62 -10.66 39.81
CA PHE E 321 1.69 -9.24 39.44
C PHE E 321 3.06 -8.68 39.81
N MET E 322 3.57 -7.77 38.97
CA MET E 322 4.61 -6.86 39.40
C MET E 322 4.00 -5.91 40.42
N ARG E 323 4.73 -5.60 41.48
CA ARG E 323 4.16 -4.82 42.57
C ARG E 323 4.66 -3.38 42.59
N GLY E 324 4.79 -2.78 41.40
CA GLY E 324 5.01 -1.37 41.31
C GLY E 324 3.73 -0.64 41.67
N LEU E 325 3.78 0.68 41.51
CA LEU E 325 2.66 1.52 41.91
C LEU E 325 2.44 2.59 40.84
N SER E 326 1.24 2.64 40.29
CA SER E 326 0.96 3.51 39.15
C SER E 326 0.97 4.98 39.56
N ALA E 327 1.85 5.77 38.94
CA ALA E 327 1.86 7.20 39.21
C ALA E 327 0.55 7.87 38.78
N ALA E 328 -0.08 7.37 37.73
CA ALA E 328 -1.32 7.99 37.24
C ALA E 328 -2.42 7.94 38.29
N TYR E 329 -2.76 6.75 38.79
CA TYR E 329 -3.90 6.61 39.69
C TYR E 329 -3.70 7.30 41.04
N MET E 330 -2.54 7.88 41.32
CA MET E 330 -2.36 8.56 42.60
C MET E 330 -3.23 9.79 42.74
N GLU E 331 -3.53 10.45 41.62
CA GLU E 331 -4.24 11.72 41.70
C GLU E 331 -5.65 11.57 42.26
N ALA E 332 -6.30 10.43 42.02
CA ALA E 332 -7.64 10.24 42.54
C ALA E 332 -7.69 9.33 43.75
N THR E 333 -6.54 8.88 44.25
CA THR E 333 -6.57 7.89 45.32
C THR E 333 -7.08 8.48 46.63
N PRO E 334 -6.56 9.60 47.14
CA PRO E 334 -7.18 10.17 48.36
C PRO E 334 -8.66 10.49 48.21
N ALA E 335 -9.08 11.02 47.06
CA ALA E 335 -10.49 11.36 46.91
C ALA E 335 -11.38 10.13 47.06
N ILE E 336 -10.94 9.00 46.49
CA ILE E 336 -11.75 7.79 46.51
C ILE E 336 -11.90 7.27 47.93
N ASN E 337 -10.83 7.36 48.73
CA ASN E 337 -10.91 7.05 50.15
C ASN E 337 -11.86 8.03 50.87
N ASP E 338 -11.73 9.34 50.60
CA ASP E 338 -12.58 10.33 51.25
C ASP E 338 -14.05 10.04 50.96
N TRP E 339 -14.35 9.74 49.70
CA TRP E 339 -15.69 9.34 49.30
C TRP E 339 -16.17 8.14 50.11
N LEU E 340 -15.37 7.06 50.13
CA LEU E 340 -15.80 5.83 50.79
C LEU E 340 -15.94 6.02 52.29
N ASP E 341 -15.05 6.83 52.88
CA ASP E 341 -15.14 7.13 54.30
C ASP E 341 -16.47 7.79 54.63
N ARG E 342 -16.86 8.79 53.84
CA ARG E 342 -18.14 9.46 54.09
C ARG E 342 -19.32 8.54 53.85
N LEU E 343 -19.26 7.72 52.80
CA LEU E 343 -20.34 6.78 52.53
C LEU E 343 -20.56 5.83 53.70
N ILE E 344 -19.49 5.42 54.39
CA ILE E 344 -19.66 4.56 55.56
C ILE E 344 -20.28 5.35 56.71
N ASP E 345 -19.75 6.54 57.00
CA ASP E 345 -20.23 7.31 58.13
C ASP E 345 -21.68 7.76 57.93
N ASN E 346 -22.13 7.93 56.69
CA ASN E 346 -23.49 8.38 56.45
C ASN E 346 -24.47 7.24 56.28
N ASP E 347 -24.02 5.99 56.40
CA ASP E 347 -24.94 4.85 56.28
C ASP E 347 -24.98 4.11 57.60
N PRO E 348 -26.13 4.05 58.27
CA PRO E 348 -26.19 3.50 59.63
C PRO E 348 -26.01 2.00 59.68
N VAL E 349 -26.40 1.29 58.62
CA VAL E 349 -26.09 -0.14 58.55
C VAL E 349 -24.58 -0.37 58.66
N LEU E 350 -23.77 0.44 57.95
CA LEU E 350 -22.33 0.27 58.02
C LEU E 350 -21.72 0.84 59.29
N LYS E 351 -22.26 1.97 59.79
CA LYS E 351 -21.79 2.47 61.08
C LYS E 351 -22.03 1.44 62.19
N SER E 352 -23.20 0.78 62.18
CA SER E 352 -23.53 -0.11 63.28
C SER E 352 -22.60 -1.32 63.34
N THR E 353 -22.07 -1.77 62.20
CA THR E 353 -21.08 -2.83 62.22
C THR E 353 -19.74 -2.37 62.78
N GLY E 354 -19.54 -1.07 62.99
CA GLY E 354 -18.24 -0.59 63.39
C GLY E 354 -17.23 -0.46 62.26
N LEU E 355 -17.62 -0.78 61.02
CA LEU E 355 -16.67 -0.76 59.91
C LEU E 355 -15.96 0.59 59.82
N SER E 356 -14.67 0.55 59.52
CA SER E 356 -13.95 1.74 59.12
C SER E 356 -12.96 1.33 58.04
N ILE E 357 -12.37 2.32 57.39
CA ILE E 357 -11.20 2.09 56.55
C ILE E 357 -10.07 2.89 57.17
N ILE E 358 -8.85 2.37 57.06
CA ILE E 358 -7.69 3.25 57.22
C ILE E 358 -7.50 3.93 55.87
N ARG E 359 -7.78 5.23 55.83
CA ARG E 359 -7.76 5.97 54.57
C ARG E 359 -6.35 6.09 54.02
N GLU E 360 -6.24 6.01 52.69
CA GLU E 360 -5.05 6.47 51.99
C GLU E 360 -5.15 7.99 51.91
N ARG E 361 -4.28 8.69 52.65
CA ARG E 361 -4.50 10.09 52.96
C ARG E 361 -3.81 11.04 51.98
N ALA E 362 -2.66 10.63 51.46
CA ALA E 362 -1.90 11.44 50.52
C ALA E 362 -1.15 10.51 49.59
N ALA E 363 -0.74 11.03 48.43
CA ALA E 363 -0.05 10.24 47.42
C ALA E 363 0.82 11.15 46.56
N VAL E 364 1.92 10.60 46.04
CA VAL E 364 2.79 11.29 45.09
C VAL E 364 3.01 10.38 43.90
N GLY E 365 3.01 10.96 42.71
CA GLY E 365 3.31 10.23 41.50
C GLY E 365 4.35 10.99 40.71
N TYR E 366 5.15 10.25 39.96
CA TYR E 366 6.20 10.79 39.10
C TYR E 366 5.93 10.33 37.67
N ARG E 367 5.64 11.27 36.77
CA ARG E 367 5.36 10.92 35.39
C ARG E 367 6.66 10.96 34.59
N HIS E 368 7.16 9.79 34.21
CA HIS E 368 8.37 9.71 33.39
C HIS E 368 7.95 9.90 31.94
N LEU E 369 8.26 11.06 31.36
CA LEU E 369 7.75 11.41 30.04
C LEU E 369 8.33 10.49 28.96
N GLU E 370 9.62 10.19 29.04
CA GLU E 370 10.24 9.37 28.00
C GLU E 370 9.74 7.93 28.05
N TYR E 371 9.70 7.32 29.25
CA TYR E 371 9.17 5.97 29.34
C TYR E 371 7.68 5.90 29.03
N GLU E 372 6.94 6.97 29.31
CA GLU E 372 5.53 6.98 28.90
C GLU E 372 5.39 6.98 27.39
N ALA E 373 6.23 7.75 26.70
CA ALA E 373 6.22 7.76 25.23
C ALA E 373 6.58 6.40 24.65
N ALA E 374 7.52 5.69 25.26
CA ALA E 374 7.99 4.43 24.70
C ALA E 374 7.12 3.24 25.08
N THR E 375 6.04 3.44 25.85
CA THR E 375 5.23 2.32 26.32
C THR E 375 3.75 2.62 26.15
N ASP E 376 2.91 1.65 26.51
CA ASP E 376 1.47 1.84 26.54
C ASP E 376 1.03 2.00 27.99
N ARG E 377 -0.28 2.20 28.21
CA ARG E 377 -0.77 2.41 29.57
C ARG E 377 -0.58 1.21 30.47
N TYR E 378 -0.44 0.01 29.92
CA TYR E 378 -0.35 -1.19 30.76
C TYR E 378 1.07 -1.50 31.22
N SER E 379 2.07 -0.72 30.82
CA SER E 379 3.46 -1.13 31.00
C SER E 379 3.92 -0.99 32.46
N PRO E 380 4.71 -1.94 32.96
CA PRO E 380 5.31 -1.75 34.29
C PRO E 380 6.35 -0.63 34.35
N TYR E 381 6.80 -0.10 33.22
CA TYR E 381 7.69 1.06 33.25
C TYR E 381 6.99 2.31 33.73
N ARG E 382 5.65 2.35 33.69
CA ARG E 382 4.90 3.46 34.23
C ARG E 382 4.58 3.31 35.70
N LYS E 383 5.05 2.24 36.35
CA LYS E 383 4.66 1.94 37.72
C LYS E 383 5.86 1.87 38.66
N MET E 384 6.94 2.57 38.34
CA MET E 384 8.21 2.41 39.06
C MET E 384 8.48 3.46 40.12
N LEU E 385 7.69 4.54 40.19
CA LEU E 385 7.98 5.60 41.16
C LEU E 385 6.69 6.30 41.56
N ALA E 386 6.16 5.94 42.72
CA ALA E 386 4.98 6.55 43.28
C ALA E 386 4.93 6.07 44.73
N ALA E 387 4.15 6.78 45.55
CA ALA E 387 4.04 6.40 46.96
C ALA E 387 2.74 6.94 47.50
N LEU E 388 2.24 6.30 48.54
CA LEU E 388 1.08 6.85 49.25
C LEU E 388 1.24 6.58 50.74
N TRP E 389 0.52 7.37 51.52
CA TRP E 389 0.50 7.25 52.97
C TRP E 389 -0.88 6.84 53.41
N ARG E 390 -0.94 5.88 54.34
CA ARG E 390 -2.17 5.34 54.85
C ARG E 390 -2.21 5.53 56.36
N GLU E 391 -3.35 5.96 56.88
CA GLU E 391 -3.53 6.11 58.32
C GLU E 391 -3.12 4.85 59.06
N SER E 392 -2.57 5.04 60.24
CA SER E 392 -2.33 3.91 61.12
C SER E 392 -3.58 3.57 61.90
N PRO E 393 -3.87 2.29 62.11
CA PRO E 393 -5.05 1.92 62.90
C PRO E 393 -4.80 1.93 64.40
N VAL E 394 -3.60 2.29 64.82
CA VAL E 394 -3.18 2.16 66.22
C VAL E 394 -3.77 3.26 67.08
N PRO E 395 -3.73 4.53 66.69
CA PRO E 395 -4.31 5.56 67.57
C PRO E 395 -5.81 5.42 67.83
N ALA E 396 -6.58 4.75 66.98
CA ALA E 396 -8.03 4.66 67.21
C ALA E 396 -8.42 3.63 68.27
N LEU E 397 -7.46 2.99 68.93
CA LEU E 397 -7.79 1.88 69.81
C LEU E 397 -8.31 2.37 71.15
N ARG E 398 -9.31 1.68 71.66
CA ARG E 398 -9.82 1.95 72.99
C ARG E 398 -9.06 1.08 73.98
N ASP E 399 -9.43 1.19 75.25
CA ASP E 399 -8.77 0.42 76.30
C ASP E 399 -9.02 -1.08 76.09
N GLY E 400 -7.94 -1.87 76.16
CA GLY E 400 -8.03 -3.31 76.02
C GLY E 400 -8.12 -3.84 74.60
N GLU E 401 -8.12 -2.97 73.58
CA GLU E 401 -8.26 -3.40 72.19
C GLU E 401 -6.89 -3.69 71.57
N SER E 402 -6.87 -4.62 70.62
CA SER E 402 -5.65 -4.98 69.93
C SER E 402 -5.95 -5.21 68.44
N LEU E 403 -4.90 -5.30 67.63
CA LEU E 403 -5.04 -5.40 66.18
C LEU E 403 -4.42 -6.68 65.68
N THR E 404 -5.11 -7.33 64.74
CA THR E 404 -4.48 -8.41 64.00
C THR E 404 -4.91 -8.39 62.54
N THR E 405 -3.95 -8.69 61.65
CA THR E 405 -4.32 -9.07 60.30
C THR E 405 -5.33 -10.21 60.37
N MET E 406 -6.34 -10.17 59.51
CA MET E 406 -7.29 -11.27 59.42
C MET E 406 -6.64 -12.58 58.95
N ALA E 407 -5.49 -12.52 58.26
CA ALA E 407 -4.80 -13.77 57.90
C ALA E 407 -4.44 -14.59 59.14
N ALA E 408 -4.33 -13.97 60.32
CA ALA E 408 -4.06 -14.74 61.54
C ALA E 408 -5.12 -15.80 61.80
N LEU E 409 -6.38 -15.57 61.36
CA LEU E 409 -7.44 -16.53 61.69
C LEU E 409 -7.18 -17.90 61.08
N VAL E 410 -6.47 -17.96 59.96
CA VAL E 410 -6.13 -19.22 59.32
C VAL E 410 -4.64 -19.52 59.46
N HIS E 411 -3.97 -18.89 60.41
CA HIS E 411 -2.62 -19.29 60.79
C HIS E 411 -2.69 -20.37 61.87
N VAL E 412 -2.00 -21.48 61.63
CA VAL E 412 -1.93 -22.62 62.57
C VAL E 412 -0.49 -22.75 63.04
N ASP E 413 -0.29 -22.79 64.36
CA ASP E 413 1.06 -22.89 64.92
C ASP E 413 1.54 -24.34 64.88
N HIS E 414 2.72 -24.61 65.48
CA HIS E 414 3.34 -25.93 65.46
C HIS E 414 2.62 -26.94 66.35
N GLU E 415 1.71 -26.50 67.20
CA GLU E 415 0.93 -27.40 68.05
C GLU E 415 -0.42 -27.75 67.43
N GLY E 416 -0.73 -27.21 66.24
CA GLY E 416 -2.03 -27.41 65.62
C GLY E 416 -3.10 -26.45 66.05
N ARG E 417 -2.75 -25.43 66.83
CA ARG E 417 -3.71 -24.43 67.31
C ARG E 417 -3.73 -23.25 66.35
N SER E 418 -4.92 -22.82 65.96
CA SER E 418 -5.06 -21.64 65.13
C SER E 418 -5.25 -20.42 66.01
N VAL E 419 -4.94 -19.24 65.46
CA VAL E 419 -5.18 -18.02 66.21
C VAL E 419 -6.68 -17.81 66.42
N ALA E 420 -7.51 -18.27 65.49
CA ALA E 420 -8.95 -18.23 65.73
C ALA E 420 -9.31 -19.15 66.89
N GLY E 421 -8.78 -20.38 66.88
CA GLY E 421 -8.97 -21.27 68.02
C GLY E 421 -8.54 -20.67 69.34
N GLU E 422 -7.33 -20.08 69.38
CA GLU E 422 -6.88 -19.45 70.62
C GLU E 422 -7.77 -18.29 71.03
N LEU E 423 -8.31 -17.54 70.07
CA LEU E 423 -9.19 -16.43 70.43
C LEU E 423 -10.55 -16.92 70.91
N ILE E 424 -11.09 -17.96 70.28
CA ILE E 424 -12.33 -18.56 70.77
C ILE E 424 -12.16 -19.03 72.21
N ALA E 425 -11.04 -19.71 72.50
CA ALA E 425 -10.77 -20.20 73.86
C ALA E 425 -10.66 -19.05 74.86
N ARG E 426 -9.87 -18.00 74.52
CA ARG E 426 -9.71 -16.85 75.42
C ARG E 426 -11.00 -16.09 75.63
N SER E 427 -11.91 -16.10 74.67
CA SER E 427 -13.13 -15.32 74.84
C SER E 427 -14.09 -15.96 75.84
N GLY E 428 -13.96 -17.26 76.08
CA GLY E 428 -14.96 -17.98 76.86
C GLY E 428 -16.30 -18.13 76.20
N LEU E 429 -16.43 -17.75 74.93
CA LEU E 429 -17.71 -17.86 74.23
C LEU E 429 -17.83 -19.21 73.56
N ALA E 430 -19.07 -19.63 73.33
CA ALA E 430 -19.30 -20.74 72.42
C ALA E 430 -18.73 -20.38 71.05
N PRO E 431 -18.23 -21.36 70.30
CA PRO E 431 -17.68 -21.05 68.96
C PRO E 431 -18.64 -20.31 68.02
N THR E 432 -19.93 -20.67 67.96
CA THR E 432 -20.81 -19.96 67.04
C THR E 432 -21.05 -18.54 67.51
N ALA E 433 -21.02 -18.29 68.83
CA ALA E 433 -21.14 -16.92 69.32
C ALA E 433 -19.92 -16.10 68.95
N TRP E 434 -18.73 -16.67 69.07
CA TRP E 434 -17.54 -15.93 68.68
C TRP E 434 -17.57 -15.63 67.19
N LEU E 435 -17.86 -16.66 66.39
CA LEU E 435 -17.91 -16.53 64.95
C LEU E 435 -18.90 -15.45 64.53
N ARG E 436 -20.10 -15.49 65.11
CA ARG E 436 -21.15 -14.52 64.79
C ARG E 436 -20.64 -13.10 64.90
N HIS E 437 -19.91 -12.79 65.97
CA HIS E 437 -19.36 -11.44 66.13
C HIS E 437 -18.39 -11.11 65.01
N TYR E 438 -17.49 -12.04 64.70
CA TYR E 438 -16.57 -11.83 63.59
C TYR E 438 -17.33 -11.57 62.30
N LEU E 439 -18.34 -12.40 62.01
CA LEU E 439 -19.10 -12.24 60.78
C LEU E 439 -19.85 -10.93 60.74
N ARG E 440 -20.26 -10.40 61.90
CA ARG E 440 -20.96 -9.12 61.88
C ARG E 440 -20.00 -7.99 61.60
N ALA E 441 -18.77 -8.10 62.08
CA ALA E 441 -17.76 -7.08 61.84
C ALA E 441 -17.29 -7.07 60.40
N TYR E 442 -17.12 -8.26 59.82
CA TYR E 442 -16.37 -8.41 58.58
C TYR E 442 -17.24 -8.73 57.39
N TYR E 443 -18.24 -9.61 57.56
CA TYR E 443 -19.00 -10.13 56.43
C TYR E 443 -20.23 -9.27 56.13
N THR E 444 -20.92 -8.81 57.17
CA THR E 444 -22.12 -8.00 56.97
C THR E 444 -21.85 -6.73 56.17
N PRO E 445 -20.78 -5.96 56.43
CA PRO E 445 -20.53 -4.79 55.57
C PRO E 445 -20.31 -5.14 54.11
N LEU E 446 -19.81 -6.35 53.80
CA LEU E 446 -19.69 -6.76 52.40
C LEU E 446 -21.07 -7.02 51.77
N LEU E 447 -21.96 -7.68 52.51
CA LEU E 447 -23.31 -7.89 51.99
C LEU E 447 -23.97 -6.57 51.69
N HIS E 448 -23.92 -5.64 52.65
CA HIS E 448 -24.59 -4.36 52.44
C HIS E 448 -23.95 -3.59 51.29
N SER E 449 -22.60 -3.56 51.24
CA SER E 449 -21.92 -2.87 50.16
C SER E 449 -22.35 -3.40 48.80
N PHE E 450 -22.48 -4.73 48.69
CA PHE E 450 -22.94 -5.30 47.43
C PHE E 450 -24.38 -4.90 47.14
N TYR E 451 -25.32 -5.17 48.04
CA TYR E 451 -26.73 -5.05 47.70
C TYR E 451 -27.18 -3.59 47.63
N ALA E 452 -26.65 -2.73 48.50
CA ALA E 452 -27.06 -1.34 48.52
C ALA E 452 -26.18 -0.43 47.66
N TYR E 453 -25.02 -0.89 47.20
CA TYR E 453 -24.14 0.02 46.47
C TYR E 453 -23.46 -0.61 45.27
N ASP E 454 -23.78 -1.86 44.91
CA ASP E 454 -23.01 -2.57 43.88
C ASP E 454 -21.51 -2.52 44.14
N LEU E 455 -21.12 -2.40 45.40
CA LEU E 455 -19.74 -2.14 45.77
C LEU E 455 -19.04 -3.41 46.23
N ALA E 456 -17.86 -3.68 45.64
CA ALA E 456 -17.08 -4.86 45.99
C ALA E 456 -15.65 -4.44 46.33
N PHE E 457 -15.02 -5.23 47.20
CA PHE E 457 -13.64 -5.06 47.64
C PHE E 457 -12.81 -6.25 47.16
N MET E 458 -11.52 -6.24 47.54
CA MET E 458 -10.68 -7.44 47.57
C MET E 458 -10.42 -7.80 49.03
N PRO E 459 -11.39 -8.35 49.74
CA PRO E 459 -11.28 -8.45 51.20
C PRO E 459 -10.67 -9.74 51.74
N HIS E 460 -9.45 -10.10 51.34
CA HIS E 460 -8.85 -11.32 51.88
C HIS E 460 -8.15 -10.99 53.20
N GLY E 461 -7.30 -11.92 53.68
CA GLY E 461 -6.71 -11.77 54.99
C GLY E 461 -5.72 -10.63 55.09
N GLU E 462 -5.06 -10.29 53.97
CA GLU E 462 -4.05 -9.23 53.99
C GLU E 462 -4.67 -7.86 53.89
N ASN E 463 -5.87 -7.74 53.31
CA ASN E 463 -6.52 -6.45 53.14
C ASN E 463 -7.50 -6.14 54.27
N THR E 464 -7.59 -7.01 55.26
CA THR E 464 -8.48 -6.82 56.39
C THR E 464 -7.71 -6.93 57.68
N ILE E 465 -7.90 -5.95 58.56
CA ILE E 465 -7.38 -5.95 59.92
C ILE E 465 -8.56 -6.04 60.87
N LEU E 466 -8.41 -6.81 61.94
CA LEU E 466 -9.47 -6.99 62.93
C LEU E 466 -9.07 -6.37 64.26
N VAL E 467 -10.03 -5.70 64.92
CA VAL E 467 -9.85 -5.15 66.25
C VAL E 467 -10.39 -6.17 67.25
N LEU E 468 -9.56 -6.57 68.20
CA LEU E 468 -9.89 -7.59 69.18
C LEU E 468 -10.00 -6.97 70.57
N LYS E 469 -10.96 -7.43 71.34
CA LYS E 469 -11.06 -7.12 72.75
C LYS E 469 -11.61 -8.34 73.46
N ASP E 470 -10.95 -8.75 74.55
CA ASP E 470 -11.35 -9.94 75.30
C ASP E 470 -11.44 -11.15 74.38
N GLY E 471 -10.52 -11.22 73.42
CA GLY E 471 -10.51 -12.31 72.47
C GLY E 471 -11.60 -12.29 71.42
N VAL E 472 -12.42 -11.23 71.37
CA VAL E 472 -13.60 -11.19 70.51
C VAL E 472 -13.42 -10.07 69.49
N VAL E 473 -13.75 -10.35 68.23
CA VAL E 473 -13.68 -9.35 67.18
C VAL E 473 -14.71 -8.26 67.47
N GLN E 474 -14.24 -7.03 67.71
CA GLN E 474 -15.10 -5.87 67.95
C GLN E 474 -15.53 -5.19 66.67
N ARG E 475 -14.59 -5.04 65.72
CA ARG E 475 -14.85 -4.37 64.46
C ARG E 475 -13.76 -4.76 63.47
N ALA E 476 -14.04 -4.52 62.20
CA ALA E 476 -13.12 -4.77 61.11
C ALA E 476 -12.63 -3.45 60.51
N VAL E 477 -11.39 -3.47 60.02
CA VAL E 477 -10.80 -2.35 59.28
C VAL E 477 -10.38 -2.84 57.91
N TYR E 478 -10.83 -2.15 56.85
CA TYR E 478 -10.49 -2.46 55.45
C TYR E 478 -9.42 -1.51 54.95
N LYS E 479 -8.50 -2.04 54.16
CA LYS E 479 -7.45 -1.23 53.59
C LYS E 479 -7.24 -1.66 52.15
N ASP E 480 -6.33 -0.97 51.45
CA ASP E 480 -6.09 -1.16 50.01
C ASP E 480 -7.38 -0.87 49.23
N ILE E 481 -7.73 0.41 49.20
CA ILE E 481 -9.06 0.81 48.76
C ILE E 481 -9.08 1.25 47.31
N ALA E 482 -8.30 2.29 46.99
CA ALA E 482 -8.41 2.90 45.67
C ALA E 482 -8.08 1.92 44.55
N GLU E 483 -7.07 1.06 44.76
CA GLU E 483 -6.68 0.10 43.73
C GLU E 483 -7.66 -1.06 43.60
N GLU E 484 -8.50 -1.32 44.60
CA GLU E 484 -9.21 -2.59 44.63
C GLU E 484 -10.72 -2.50 44.50
N ILE E 485 -11.35 -1.41 44.93
CA ILE E 485 -12.81 -1.38 44.93
C ILE E 485 -13.34 -1.26 43.51
N VAL E 486 -14.55 -1.77 43.32
CA VAL E 486 -15.26 -1.68 42.04
C VAL E 486 -16.73 -1.46 42.36
N VAL E 487 -17.35 -0.51 41.66
CA VAL E 487 -18.78 -0.28 41.72
C VAL E 487 -19.36 -0.90 40.46
N MET E 488 -20.02 -2.04 40.62
CA MET E 488 -20.50 -2.85 39.48
C MET E 488 -21.80 -2.26 38.92
N ASP E 489 -21.68 -1.03 38.44
CA ASP E 489 -22.76 -0.24 37.87
C ASP E 489 -22.12 0.85 37.01
N PRO E 490 -22.04 0.65 35.70
CA PRO E 490 -21.45 1.69 34.84
C PRO E 490 -22.15 3.03 34.94
N ASP E 491 -23.47 3.03 35.16
CA ASP E 491 -24.27 4.24 35.18
C ASP E 491 -24.42 4.82 36.57
N ALA E 492 -23.66 4.33 37.55
CA ALA E 492 -23.82 4.78 38.93
C ALA E 492 -23.43 6.24 39.09
N VAL E 493 -24.14 6.94 39.96
CA VAL E 493 -23.92 8.36 40.18
C VAL E 493 -22.87 8.54 41.27
N LEU E 494 -21.73 9.08 40.87
CA LEU E 494 -20.58 9.27 41.73
C LEU E 494 -19.94 10.61 41.42
N PRO E 495 -19.17 11.17 42.35
CA PRO E 495 -18.36 12.34 42.02
C PRO E 495 -17.31 11.99 40.98
N PRO E 496 -16.91 12.96 40.16
CA PRO E 496 -15.98 12.66 39.05
C PRO E 496 -14.72 11.93 39.46
N GLU E 497 -14.01 12.40 40.50
CA GLU E 497 -12.76 11.75 40.90
C GLU E 497 -12.94 10.26 41.19
N VAL E 498 -14.17 9.80 41.37
CA VAL E 498 -14.46 8.43 41.75
C VAL E 498 -14.99 7.58 40.59
N ARG E 499 -15.45 8.19 39.49
CA ARG E 499 -16.19 7.42 38.50
C ARG E 499 -15.35 6.35 37.83
N ARG E 500 -14.02 6.41 37.95
CA ARG E 500 -13.18 5.40 37.31
C ARG E 500 -13.33 4.01 37.94
N VAL E 501 -13.84 3.92 39.18
CA VAL E 501 -14.03 2.62 39.83
C VAL E 501 -15.23 1.86 39.30
N ARG E 502 -16.08 2.50 38.51
CA ARG E 502 -17.22 1.81 37.90
C ARG E 502 -16.74 0.84 36.83
N ALA E 503 -17.43 -0.30 36.74
CA ALA E 503 -17.06 -1.34 35.78
C ALA E 503 -18.31 -2.10 35.36
N GLU E 504 -18.25 -2.67 34.16
CA GLU E 504 -19.31 -3.54 33.65
C GLU E 504 -18.91 -4.97 33.95
N VAL E 505 -19.61 -5.59 34.88
CA VAL E 505 -19.39 -6.99 35.26
C VAL E 505 -20.61 -7.79 34.84
N PRO E 506 -20.45 -8.92 34.17
CA PRO E 506 -21.61 -9.74 33.79
C PRO E 506 -22.52 -10.07 34.97
N GLU E 507 -23.83 -10.06 34.70
CA GLU E 507 -24.84 -10.31 35.72
C GLU E 507 -24.55 -11.58 36.52
N ASP E 508 -24.37 -12.71 35.83
CA ASP E 508 -24.08 -13.98 36.49
C ASP E 508 -22.67 -14.01 37.15
N MET E 509 -21.89 -12.92 37.20
CA MET E 509 -20.59 -12.92 37.86
C MET E 509 -20.45 -11.89 38.98
N LYS E 510 -21.39 -10.96 39.15
CA LYS E 510 -21.23 -9.93 40.17
C LYS E 510 -21.19 -10.54 41.56
N LEU E 511 -21.98 -11.59 41.80
CA LEU E 511 -22.06 -12.18 43.14
C LEU E 511 -20.82 -13.00 43.47
N LEU E 512 -19.97 -13.30 42.50
CA LEU E 512 -18.70 -13.97 42.78
C LEU E 512 -17.80 -13.13 43.65
N SER E 513 -18.07 -11.84 43.77
CA SER E 513 -17.31 -11.03 44.72
C SER E 513 -17.53 -11.50 46.15
N ILE E 514 -18.67 -12.13 46.44
CA ILE E 514 -18.88 -12.79 47.72
C ILE E 514 -18.52 -14.27 47.64
N PHE E 515 -19.09 -14.97 46.65
CA PHE E 515 -18.87 -16.41 46.51
C PHE E 515 -17.39 -16.74 46.42
N THR E 516 -16.66 -16.01 45.58
CA THR E 516 -15.25 -16.35 45.36
C THR E 516 -14.37 -15.77 46.44
N ASP E 517 -14.43 -14.44 46.63
CA ASP E 517 -13.42 -13.78 47.45
C ASP E 517 -13.58 -14.12 48.93
N VAL E 518 -14.82 -14.24 49.41
CA VAL E 518 -15.09 -14.52 50.81
C VAL E 518 -15.25 -16.02 51.06
N PHE E 519 -16.28 -16.64 50.47
CA PHE E 519 -16.55 -18.06 50.73
C PHE E 519 -15.40 -18.96 50.27
N ASP E 520 -15.18 -19.05 48.96
CA ASP E 520 -14.26 -20.06 48.45
C ASP E 520 -12.80 -19.72 48.71
N CYS E 521 -12.47 -18.47 48.99
CA CYS E 521 -11.07 -18.11 49.11
C CYS E 521 -10.65 -17.83 50.53
N PHE E 522 -11.58 -17.76 51.48
CA PHE E 522 -11.21 -17.56 52.87
C PHE E 522 -12.04 -18.44 53.82
N PHE E 523 -13.37 -18.45 53.68
CA PHE E 523 -14.17 -19.25 54.61
C PHE E 523 -13.89 -20.74 54.43
N ARG E 524 -13.68 -21.18 53.19
CA ARG E 524 -13.36 -22.59 52.95
C ARG E 524 -12.25 -23.03 53.89
N PHE E 525 -11.19 -22.25 53.96
CA PHE E 525 -10.05 -22.61 54.80
C PHE E 525 -10.38 -22.46 56.28
N LEU E 526 -11.06 -21.37 56.64
CA LEU E 526 -11.37 -21.12 58.04
C LEU E 526 -12.31 -22.20 58.59
N ALA E 527 -13.36 -22.54 57.83
CA ALA E 527 -14.25 -23.63 58.24
C ALA E 527 -13.50 -24.95 58.34
N ALA E 528 -12.74 -25.31 57.29
CA ALA E 528 -12.00 -26.57 57.34
C ALA E 528 -11.04 -26.59 58.53
N GLY E 529 -10.33 -25.48 58.76
CA GLY E 529 -9.39 -25.44 59.86
C GLY E 529 -10.06 -25.65 61.20
N LEU E 530 -11.11 -24.87 61.47
CA LEU E 530 -11.79 -25.01 62.76
C LEU E 530 -12.36 -26.41 62.94
N ALA E 531 -12.76 -27.07 61.85
CA ALA E 531 -13.29 -28.42 61.99
C ALA E 531 -12.19 -29.41 62.39
N THR E 532 -11.09 -29.45 61.62
CA THR E 532 -9.94 -30.28 61.97
C THR E 532 -9.46 -30.03 63.39
N GLU E 533 -9.42 -28.77 63.79
CA GLU E 533 -8.99 -28.41 65.13
C GLU E 533 -9.95 -28.91 66.22
N GLU E 534 -11.09 -29.49 65.83
CA GLU E 534 -12.11 -29.93 66.78
C GLU E 534 -12.60 -28.76 67.63
N VAL E 535 -12.79 -27.62 66.96
CA VAL E 535 -13.32 -26.42 67.59
C VAL E 535 -14.75 -26.16 67.18
N LEU E 536 -15.04 -26.32 65.90
CA LEU E 536 -16.34 -26.01 65.34
C LEU E 536 -16.54 -26.92 64.14
N ALA E 537 -17.68 -27.60 64.09
CA ALA E 537 -17.97 -28.43 62.94
C ALA E 537 -18.34 -27.55 61.75
N GLU E 538 -18.03 -28.06 60.55
CA GLU E 538 -18.35 -27.34 59.31
C GLU E 538 -19.79 -26.89 59.28
N ASP E 539 -20.73 -27.83 59.47
CA ASP E 539 -22.14 -27.49 59.38
C ASP E 539 -22.48 -26.33 60.30
N ASP E 540 -21.92 -26.31 61.51
CA ASP E 540 -22.17 -25.21 62.43
C ASP E 540 -21.57 -23.91 61.93
N PHE E 541 -20.38 -23.97 61.32
CA PHE E 541 -19.81 -22.79 60.69
C PHE E 541 -20.76 -22.22 59.64
N TRP E 542 -21.19 -23.05 58.69
CA TRP E 542 -21.93 -22.53 57.55
C TRP E 542 -23.35 -22.12 57.93
N ARG E 543 -23.95 -22.81 58.90
CA ARG E 543 -25.25 -22.38 59.41
C ARG E 543 -25.15 -20.99 60.05
N THR E 544 -24.06 -20.71 60.76
CA THR E 544 -23.85 -19.38 61.31
C THR E 544 -23.72 -18.34 60.21
N VAL E 545 -23.00 -18.68 59.12
CA VAL E 545 -22.90 -17.79 57.98
C VAL E 545 -24.27 -17.55 57.37
N ALA E 546 -25.01 -18.64 57.14
CA ALA E 546 -26.39 -18.52 56.69
C ALA E 546 -27.20 -17.66 57.64
N GLU E 547 -26.97 -17.80 58.96
CA GLU E 547 -27.78 -17.04 59.91
C GLU E 547 -27.46 -15.56 59.84
N VAL E 548 -26.18 -15.21 59.72
CA VAL E 548 -25.82 -13.79 59.66
C VAL E 548 -26.32 -13.18 58.35
N THR E 549 -26.39 -13.99 57.28
CA THR E 549 -26.92 -13.50 56.00
C THR E 549 -28.40 -13.16 56.12
N ARG E 550 -29.20 -14.07 56.69
CA ARG E 550 -30.61 -13.79 56.94
C ARG E 550 -30.78 -12.62 57.88
N GLU E 551 -29.91 -12.52 58.88
CA GLU E 551 -30.00 -11.41 59.82
C GLU E 551 -29.89 -10.08 59.10
N TYR E 552 -29.02 -10.00 58.09
CA TYR E 552 -28.94 -8.78 57.30
C TYR E 552 -30.17 -8.64 56.40
N GLN E 553 -30.52 -9.70 55.65
CA GLN E 553 -31.56 -9.55 54.64
C GLN E 553 -32.92 -9.26 55.27
N GLU E 554 -33.30 -9.99 56.31
CA GLU E 554 -34.62 -9.76 56.92
C GLU E 554 -34.73 -8.34 57.48
N ALA E 555 -33.60 -7.68 57.75
CA ALA E 555 -33.66 -6.32 58.26
C ALA E 555 -33.92 -5.29 57.16
N HIS E 556 -33.88 -5.69 55.89
CA HIS E 556 -34.01 -4.76 54.76
C HIS E 556 -34.89 -5.35 53.68
N PRO E 557 -36.20 -5.42 53.92
CA PRO E 557 -37.12 -5.94 52.88
C PRO E 557 -37.21 -5.06 51.65
N GLU E 558 -36.81 -3.78 51.72
CA GLU E 558 -36.78 -2.89 50.56
C GLU E 558 -35.75 -3.32 49.51
N LEU E 559 -34.89 -4.28 49.82
CA LEU E 559 -33.93 -4.81 48.86
C LEU E 559 -34.24 -6.24 48.45
N ASP E 560 -35.45 -6.74 48.74
CA ASP E 560 -35.78 -8.13 48.44
C ASP E 560 -35.61 -8.45 46.96
N ASP E 561 -35.88 -7.48 46.08
CA ASP E 561 -35.72 -7.71 44.66
C ASP E 561 -34.29 -8.08 44.31
N ARG E 562 -33.34 -7.32 44.87
CA ARG E 562 -31.93 -7.61 44.66
C ARG E 562 -31.49 -8.84 45.42
N PHE E 563 -32.17 -9.19 46.52
CA PHE E 563 -31.84 -10.43 47.21
C PHE E 563 -32.22 -11.62 46.35
N ARG E 564 -33.34 -11.53 45.63
CA ARG E 564 -33.73 -12.60 44.71
C ARG E 564 -32.89 -12.56 43.44
N GLN E 565 -32.55 -11.37 42.96
CA GLN E 565 -31.75 -11.24 41.74
C GLN E 565 -30.36 -11.85 41.91
N TYR E 566 -29.71 -11.58 43.03
CA TYR E 566 -28.40 -12.13 43.38
C TYR E 566 -28.58 -13.02 44.61
N ASP E 567 -28.86 -14.30 44.37
CA ASP E 567 -29.28 -15.23 45.41
C ASP E 567 -28.07 -15.88 46.08
N LEU E 568 -27.72 -15.39 47.28
CA LEU E 568 -26.68 -16.03 48.08
C LEU E 568 -27.04 -17.43 48.56
N PHE E 569 -28.29 -17.86 48.41
CA PHE E 569 -28.72 -19.18 48.84
C PHE E 569 -28.96 -20.12 47.65
N ALA E 570 -28.51 -19.72 46.45
CA ALA E 570 -28.61 -20.59 45.29
C ALA E 570 -27.92 -21.93 45.56
N PRO E 571 -28.40 -23.02 44.93
CA PRO E 571 -27.78 -24.33 45.19
C PRO E 571 -26.33 -24.42 44.72
N GLU E 572 -25.97 -23.74 43.64
CA GLU E 572 -24.61 -23.81 43.12
C GLU E 572 -24.14 -22.43 42.72
N PHE E 573 -22.82 -22.28 42.68
CA PHE E 573 -22.22 -21.13 42.01
C PHE E 573 -20.94 -21.59 41.33
N ALA E 574 -20.38 -20.70 40.51
CA ALA E 574 -19.27 -21.10 39.67
C ALA E 574 -17.98 -21.23 40.47
N LEU E 575 -17.21 -22.27 40.15
CA LEU E 575 -15.86 -22.43 40.68
C LEU E 575 -14.91 -21.55 39.88
N SER E 576 -14.44 -20.47 40.51
CA SER E 576 -13.49 -19.53 39.90
C SER E 576 -12.08 -19.87 40.41
N CYS E 577 -11.20 -20.29 39.51
CA CYS E 577 -9.94 -20.90 39.91
C CYS E 577 -8.82 -19.87 39.94
N LEU E 578 -8.05 -19.87 41.01
CA LEU E 578 -7.03 -18.83 41.19
C LEU E 578 -5.66 -19.24 40.65
N ASN E 579 -5.16 -20.45 40.99
CA ASN E 579 -3.88 -20.89 40.46
C ASN E 579 -3.88 -20.91 38.92
N ARG E 580 -5.00 -21.27 38.30
CA ARG E 580 -5.07 -21.27 36.84
C ARG E 580 -4.74 -19.91 36.24
N LEU E 581 -5.11 -18.82 36.91
CA LEU E 581 -4.76 -17.50 36.39
C LEU E 581 -3.24 -17.32 36.38
N GLN E 582 -2.59 -17.62 37.51
CA GLN E 582 -1.14 -17.48 37.60
C GLN E 582 -0.41 -18.44 36.68
N LEU E 583 -0.94 -19.65 36.47
CA LEU E 583 -0.26 -20.58 35.57
C LEU E 583 -0.39 -20.15 34.11
N ARG E 584 -1.51 -19.53 33.73
CA ARG E 584 -1.66 -19.02 32.36
C ARG E 584 -0.76 -17.81 32.14
N ASP E 585 -0.64 -16.94 33.15
CA ASP E 585 0.16 -15.72 33.03
C ASP E 585 0.65 -15.32 34.41
N ASN E 586 1.92 -15.62 34.70
CA ASN E 586 2.43 -15.31 36.03
C ASN E 586 2.96 -13.89 36.13
N ARG E 587 3.06 -13.16 35.01
CA ARG E 587 3.42 -11.75 35.02
C ARG E 587 2.23 -10.83 35.31
N GLN E 588 1.03 -11.25 34.93
CA GLN E 588 -0.13 -10.36 34.95
C GLN E 588 -1.38 -11.25 34.87
N MET E 589 -1.76 -11.84 36.03
CA MET E 589 -2.85 -12.81 36.09
C MET E 589 -4.13 -12.33 35.44
N VAL E 590 -4.49 -11.07 35.64
CA VAL E 590 -5.72 -10.51 35.11
C VAL E 590 -5.38 -9.21 34.39
N ASP E 591 -6.01 -9.01 33.24
CA ASP E 591 -5.99 -7.70 32.60
C ASP E 591 -6.79 -6.73 33.45
N LEU E 592 -6.17 -5.63 33.87
CA LEU E 592 -6.92 -4.65 34.64
C LEU E 592 -7.91 -3.86 33.78
N ALA E 593 -7.78 -3.92 32.45
CA ALA E 593 -8.77 -3.32 31.55
C ALA E 593 -10.07 -4.10 31.53
N ASP E 594 -10.00 -5.44 31.51
CA ASP E 594 -11.19 -6.31 31.48
C ASP E 594 -10.97 -7.49 32.43
N PRO E 595 -11.00 -7.24 33.74
CA PRO E 595 -10.66 -8.31 34.71
C PRO E 595 -11.63 -9.48 34.71
N SER E 596 -12.86 -9.31 34.25
CA SER E 596 -13.77 -10.45 34.18
C SER E 596 -13.33 -11.45 33.12
N ALA E 597 -12.61 -10.99 32.09
CA ALA E 597 -12.25 -11.86 30.98
C ALA E 597 -11.20 -12.88 31.38
N ALA E 598 -10.30 -12.52 32.31
CA ALA E 598 -9.25 -13.44 32.74
C ALA E 598 -9.81 -14.61 33.55
N LEU E 599 -10.91 -14.39 34.27
CA LEU E 599 -11.38 -15.43 35.18
C LEU E 599 -11.61 -16.73 34.40
N GLN E 600 -11.38 -17.86 35.08
CA GLN E 600 -11.54 -19.18 34.48
C GLN E 600 -12.52 -19.97 35.36
N LEU E 601 -13.76 -20.07 34.91
CA LEU E 601 -14.81 -20.75 35.64
C LEU E 601 -14.88 -22.18 35.13
N VAL E 602 -14.70 -23.14 36.03
CA VAL E 602 -14.63 -24.55 35.66
C VAL E 602 -15.71 -25.28 36.46
N GLY E 603 -16.92 -25.35 35.89
CA GLY E 603 -17.97 -26.02 36.61
C GLY E 603 -18.51 -25.22 37.80
N THR E 604 -19.15 -25.94 38.70
CA THR E 604 -19.88 -25.34 39.81
C THR E 604 -19.45 -25.99 41.12
N LEU E 605 -19.67 -25.24 42.20
CA LEU E 605 -19.54 -25.72 43.56
C LEU E 605 -20.92 -25.83 44.20
N ARG E 606 -21.08 -26.80 45.08
CA ARG E 606 -22.26 -26.90 45.93
C ARG E 606 -22.19 -25.81 47.00
N ASN E 607 -23.20 -24.96 47.06
CA ASN E 607 -23.22 -23.83 47.98
C ASN E 607 -23.54 -24.32 49.40
N PRO E 608 -22.67 -24.11 50.38
CA PRO E 608 -23.00 -24.51 51.75
C PRO E 608 -24.24 -23.84 52.30
N LEU E 609 -24.54 -22.61 51.85
CA LEU E 609 -25.70 -21.91 52.40
C LEU E 609 -27.03 -22.44 51.89
N ALA E 610 -27.04 -23.26 50.84
CA ALA E 610 -28.30 -23.72 50.27
C ALA E 610 -29.03 -24.64 51.25
N GLY E 611 -30.28 -24.32 51.53
CA GLY E 611 -31.05 -25.03 52.56
C GLY E 611 -30.56 -24.82 53.96
N LEU E 612 -30.10 -23.61 54.28
CA LEU E 612 -29.52 -23.36 55.61
C LEU E 612 -30.06 -22.07 56.26
#